data_8XC7
#
_entry.id   8XC7
#
loop_
_entity.id
_entity.type
_entity.pdbx_description
1 polymer "DNA (5'-D(*AP*AP*CP*CP*2''F-GP*2''F-GP*TP*T)-3')"
2 non-polymer LL-D49194alpha1
#
_entity_poly.entity_id   1
_entity_poly.type   'polydeoxyribonucleotide'
_entity_poly.pdbx_seq_one_letter_code
;(3D1)(DA)(DC)(DC)(GF2)(GF2)(DT)(DT)
;
_entity_poly.pdbx_strand_id   A,B
#
loop_
_chem_comp.id
_chem_comp.type
_chem_comp.name
_chem_comp.formula
3D1 non-polymer (2R,3S,5R)-5-(6-amino-9H-purin-9-yl)-tetrahydro-2-(hydroxymethyl)furan-3-ol 'C10 H13 N5 O3'
A1LVV non-polymer LL-D49194alpha1 'C48 H66 O22'
DA DNA linking 2'-DEOXYADENOSINE-5'-MONOPHOSPHATE 'C10 H14 N5 O6 P'
DC DNA linking 2'-DEOXYCYTIDINE-5'-MONOPHOSPHATE 'C9 H14 N3 O7 P'
DT DNA linking THYMIDINE-5'-MONOPHOSPHATE 'C10 H15 N2 O8 P'
GF2 DNA linking '2'-deoxy-2'-fluoroguanosine 5'-(dihydrogen phosphate)' 'C10 H13 F N5 O7 P'
#
# COMPACT_ATOMS: atom_id res chain seq x y z
O5' 3D1 A 1 3.45 9.27 -10.70
C5' 3D1 A 1 2.30 9.51 -11.51
C4' 3D1 A 1 1.90 8.26 -12.29
O4' 3D1 A 1 2.94 7.85 -13.16
C1' 3D1 A 1 2.81 6.45 -13.39
N9 3D1 A 1 4.16 5.87 -13.41
C4 3D1 A 1 4.53 4.73 -14.07
N3 3D1 A 1 3.77 4.04 -14.97
C2 3D1 A 1 4.44 2.99 -15.42
N1 3D1 A 1 5.66 2.57 -15.11
C6 3D1 A 1 6.39 3.27 -14.23
N6 3D1 A 1 7.61 2.86 -13.91
C5 3D1 A 1 5.79 4.42 -13.67
N7 3D1 A 1 6.24 5.35 -12.74
C8 3D1 A 1 5.25 6.19 -12.62
C2' 3D1 A 1 1.90 5.86 -12.31
C3' 3D1 A 1 1.58 7.05 -11.41
O3' 3D1 A 1 0.19 7.06 -11.09
H5'1 3D1 A 1 2.51 10.33 -12.19
H5'2 3D1 A 1 1.47 9.80 -10.86
H4' 3D1 A 1 1.03 8.49 -12.89
H1' 3D1 A 1 2.34 6.30 -14.37
H2 3D1 A 1 3.90 2.38 -16.14
HN61 3D1 A 1 7.99 2.03 -14.34
HN62 3D1 A 1 8.17 3.38 -13.24
H8 3D1 A 1 5.27 7.05 -11.96
H2'1 3D1 A 1 2.43 5.10 -11.74
H2'2 3D1 A 1 0.99 5.46 -12.74
H3' 3D1 A 1 2.21 7.05 -10.52
HO5' 3D1 A 1 4.22 9.36 -11.26
F GF2 A 5 -2.82 -7.76 3.50
P GF2 A 5 -3.14 -8.04 -2.17
N1 GF2 A 5 0.23 -2.32 2.38
C2 GF2 A 5 0.55 -3.39 3.21
N2 GF2 A 5 1.29 -3.10 4.29
N3 GF2 A 5 0.16 -4.64 2.98
C4 GF2 A 5 -0.59 -4.75 1.85
C5 GF2 A 5 -0.96 -3.75 0.99
C6 GF2 A 5 -0.53 -2.42 1.23
O6 GF2 A 5 -0.76 -1.41 0.56
N7 GF2 A 5 -1.72 -4.28 -0.05
C8 GF2 A 5 -1.79 -5.56 0.23
N9 GF2 A 5 -1.13 -5.91 1.38
C1' GF2 A 5 -0.99 -7.24 1.99
OP2 GF2 A 5 -3.88 -6.76 -2.15
C2' GF2 A 5 -2.32 -7.95 2.24
OP1 GF2 A 5 -3.86 -9.31 -2.42
C3' GF2 A 5 -1.97 -9.40 1.93
O3' GF2 A 5 -1.42 -10.01 3.11
C4' GF2 A 5 -0.90 -9.29 0.86
O4' GF2 A 5 -0.21 -8.04 1.10
C5' GF2 A 5 -1.45 -9.28 -0.56
O5' GF2 A 5 -2.34 -8.17 -0.79
HN1 GF2 A 5 0.57 -1.40 2.62
HN2 GF2 A 5 1.59 -2.15 4.46
HN2A GF2 A 5 1.55 -3.84 4.92
H8 GF2 A 5 -2.34 -6.27 -0.39
H1' GF2 A 5 -0.46 -7.13 2.94
H2' GF2 A 5 -3.05 -7.60 1.52
H3' GF2 A 5 -2.84 -9.94 1.57
H4' GF2 A 5 -0.20 -10.10 0.97
H5' GF2 A 5 -0.63 -9.23 -1.27
H5'A GF2 A 5 -2.01 -10.21 -0.73
F GF2 A 6 -4.76 -6.61 8.46
P GF2 A 6 -2.41 -10.55 4.27
N1 GF2 A 6 -4.10 -0.70 6.18
C2 GF2 A 6 -3.49 -1.35 7.23
N2 GF2 A 6 -3.02 -0.59 8.22
N3 GF2 A 6 -3.38 -2.68 7.30
C4 GF2 A 6 -3.91 -3.31 6.23
C5 GF2 A 6 -4.53 -2.73 5.14
C6 GF2 A 6 -4.66 -1.32 5.07
O6 GF2 A 6 -5.17 -0.64 4.18
N7 GF2 A 6 -4.95 -3.72 4.25
C8 GF2 A 6 -4.58 -4.84 4.80
N9 GF2 A 6 -3.94 -4.67 6.00
C1' GF2 A 6 -3.25 -5.68 6.84
OP2 GF2 A 6 -3.73 -10.87 3.69
C2' GF2 A 6 -4.09 -6.91 7.30
OP1 GF2 A 6 -1.69 -11.57 5.07
C3' GF2 A 6 -2.92 -7.90 7.62
O3' GF2 A 6 -2.47 -7.76 8.97
C4' GF2 A 6 -1.78 -7.48 6.69
O4' GF2 A 6 -2.22 -6.29 6.04
C5' GF2 A 6 -1.41 -8.55 5.67
O5' GF2 A 6 -2.57 -9.23 5.17
HN1 GF2 A 6 -4.15 0.31 6.20
HN2 GF2 A 6 -3.11 0.42 8.16
HN2A GF2 A 6 -2.57 -1.01 9.01
H8 GF2 A 6 -4.76 -5.81 4.36
H1' GF2 A 6 -2.77 -5.17 7.68
H2' GF2 A 6 -4.81 -7.29 6.53
H3' GF2 A 6 -3.20 -8.93 7.42
H4' GF2 A 6 -0.91 -7.24 7.30
H5' GF2 A 6 -0.90 -8.08 4.84
H5'A GF2 A 6 -0.75 -9.28 6.14
O5' 3D1 B 1 -13.94 3.61 6.09
C5' 3D1 B 1 -14.42 4.61 5.19
C4' 3D1 B 1 -13.44 5.77 5.06
O4' 3D1 B 1 -13.37 6.45 6.31
C1' 3D1 B 1 -12.13 6.14 6.96
N9 3D1 B 1 -12.44 5.31 8.14
C4 3D1 B 1 -12.40 5.74 9.45
N3 3D1 B 1 -12.26 7.01 9.87
C2 3D1 B 1 -12.26 7.07 11.19
N1 3D1 B 1 -12.38 6.07 12.07
C6 3D1 B 1 -12.52 4.82 11.61
N6 3D1 B 1 -12.64 3.82 12.49
C5 3D1 B 1 -12.54 4.62 10.23
N7 3D1 B 1 -12.66 3.49 9.43
C8 3D1 B 1 -12.60 3.95 8.22
C2' 3D1 B 1 -11.21 5.45 5.95
C3' 3D1 B 1 -12.03 5.35 4.68
O3' 3D1 B 1 -11.53 6.26 3.70
H5'1 3D1 B 1 -15.39 4.97 5.55
H5'2 3D1 B 1 -14.57 4.15 4.21
H4' 3D1 B 1 -13.81 6.46 4.32
H1' 3D1 B 1 -11.66 7.07 7.29
H2 3D1 B 1 -12.14 8.06 11.62
HN61 3D1 B 1 -12.63 4.01 13.49
HN62 3D1 B 1 -12.75 2.87 12.17
H8 3D1 B 1 -12.65 3.31 7.33
H2'1 3D1 B 1 -10.94 4.45 6.30
H2'2 3D1 B 1 -10.32 6.05 5.77
H3' 3D1 B 1 -12.03 4.33 4.30
HO5' 3D1 B 1 -13.54 2.92 5.57
F GF2 B 5 8.70 1.41 0.88
P GF2 B 5 6.76 4.57 5.61
N1 GF2 B 5 3.11 -0.87 -0.53
C2 GF2 B 5 4.28 -1.52 -0.21
N2 GF2 B 5 4.45 -2.74 -0.72
N3 GF2 B 5 5.21 -1.00 0.59
C4 GF2 B 5 4.90 0.24 1.02
C5 GF2 B 5 3.77 0.96 0.74
C6 GF2 B 5 2.77 0.41 -0.11
O6 GF2 B 5 1.71 0.91 -0.47
N7 GF2 B 5 3.82 2.20 1.37
C8 GF2 B 5 4.96 2.18 2.01
N9 GF2 B 5 5.67 1.02 1.84
C1' GF2 B 5 6.98 0.64 2.40
OP2 GF2 B 5 6.20 5.56 4.67
C2' GF2 B 5 8.11 1.62 2.10
OP1 GF2 B 5 7.88 4.95 6.50
C3' GF2 B 5 9.01 1.39 3.29
O3' GF2 B 5 9.91 0.31 3.01
C4' GF2 B 5 8.07 1.01 4.42
O4' GF2 B 5 6.84 0.59 3.83
C5' GF2 B 5 7.80 2.14 5.41
O5' GF2 B 5 7.22 3.27 4.76
HN1 GF2 B 5 2.45 -1.33 -1.14
HN2 GF2 B 5 3.74 -3.14 -1.32
HN2A GF2 B 5 5.27 -3.27 -0.50
H8 GF2 B 5 5.32 3.01 2.61
H1' GF2 B 5 7.24 -0.35 2.03
H2' GF2 B 5 7.71 2.63 2.13
H3' GF2 B 5 9.57 2.30 3.55
H4' GF2 B 5 8.49 0.17 4.96
H5' GF2 B 5 7.11 1.78 6.17
H5'A GF2 B 5 8.74 2.44 5.87
F GF2 B 6 10.77 -0.42 -4.09
P GF2 B 6 11.17 0.52 2.04
N1 GF2 B 6 4.63 -0.02 -5.74
C2 GF2 B 6 5.52 -1.08 -5.70
N2 GF2 B 6 5.24 -2.10 -6.51
N3 GF2 B 6 6.59 -1.12 -4.91
C4 GF2 B 6 6.72 0.01 -4.15
C5 GF2 B 6 5.89 1.10 -4.14
C6 GF2 B 6 4.75 1.14 -4.98
O6 GF2 B 6 3.91 2.03 -5.08
N7 GF2 B 6 6.36 2.04 -3.23
C8 GF2 B 6 7.45 1.50 -2.73
N9 GF2 B 6 7.72 0.26 -3.25
C1' GF2 B 6 8.75 -0.72 -2.82
OP2 GF2 B 6 11.52 1.95 1.91
C2' GF2 B 6 10.22 -0.24 -2.83
OP1 GF2 B 6 12.19 -0.45 2.51
C3' GF2 B 6 10.85 -1.28 -1.86
O3' GF2 B 6 11.27 -2.46 -2.54
C4' GF2 B 6 9.71 -1.66 -0.92
O4' GF2 B 6 8.54 -1.01 -1.43
C5' GF2 B 6 9.94 -1.27 0.53
O5' GF2 B 6 10.60 0.00 0.63
HN1 GF2 B 6 3.84 -0.06 -6.37
HN2 GF2 B 6 4.43 -2.07 -7.11
HN2A GF2 B 6 5.84 -2.91 -6.53
H8 GF2 B 6 8.08 1.99 -1.98
H1' GF2 B 6 8.62 -1.63 -3.39
H2' GF2 B 6 10.37 0.82 -2.51
H3' GF2 B 6 11.67 -0.87 -1.29
H4' GF2 B 6 9.56 -2.74 -0.97
H5' GF2 B 6 8.99 -1.22 1.04
H5'A GF2 B 6 10.57 -2.02 1.01
C14 A1LVV C . 1.58 1.68 13.06
C11 A1LVV C . -0.53 -0.52 11.54
C7 A1LVV C . -5.38 2.49 10.24
C9 A1LVV C . -2.39 1.22 10.98
C10 A1LVV C . -2.02 -0.16 11.51
C12 A1LVV C . -0.16 -1.08 12.90
C13 A1LVV C . 0.38 0.69 11.23
C3 A1LVV C . -5.41 0.23 9.20
C15 A1LVV C . 1.46 1.26 14.48
C17 A1LVV C . 0.80 2.55 9.59
C20 A1LVV C . -7.03 -2.27 6.12
C24 A1LVV C . -7.89 -4.70 3.22
C26 A1LVV C . -8.19 -8.13 2.66
C28 A1LVV C . -6.17 -5.70 -1.10
C16 A1LVV C . -0.13 1.41 9.98
C18 A1LVV C . -6.15 0.03 6.89
C23 A1LVV C . -9.00 -3.33 4.53
C25 A1LVV C . -7.75 -5.89 2.27
C27 A1LVV C . -7.34 -5.63 -0.11
C29 A1LVV C . -6.63 -6.31 -2.42
O10 A1LVV C . -7.10 -1.73 4.85
O21 A1LVV C . -7.53 -5.11 4.55
O22 A1LVV C . -7.50 -2.98 1.55
C1 A1LVV C . -4.31 -2.48 10.65
O1 A1LVV C . -5.49 -1.68 10.69
O2 A1LVV C . -5.60 2.75 6.58
O3 A1LVV C . -5.74 4.39 8.83
O4 A1LVV C . -3.42 1.06 10.02
O5 A1LVV C . -0.29 -1.51 10.53
O7 A1LVV C . 2.60 2.08 12.47
O8 A1LVV C . -1.45 1.91 10.14
O9 A1LVV C . -6.42 0.47 5.63
O11 A1LVV C . -8.46 -1.30 3.19
O12 A1LVV C . -9.26 -4.23 3.42
O13 A1LVV C . -7.35 -7.03 3.01
O14 A1LVV C . -6.83 -5.75 1.22
O15 A1LVV C . -6.35 -7.72 -2.39
O16 A1LVV C . -8.47 -4.70 -2.55
O17 A1LVV C . -8.72 -1.82 -2.49
O18 A1LVV C . -9.50 -1.10 -5.96
C19 A1LVV C . -6.47 -1.42 7.11
O19 A1LVV C . -7.62 -3.63 -4.22
O20 A1LVV C . -8.14 -6.82 -0.21
C21 A1LVV C . -7.92 -2.38 3.90
C22 A1LVV C . -9.47 -0.54 3.84
O29 A1LVV C . 0.40 1.57 12.36
C30 A1LVV C . -5.89 -5.68 -3.59
C31 A1LVV C . -8.16 -6.10 -2.56
C32 A1LVV C . -8.83 -4.28 -3.87
C33 A1LVV C . -10.03 -3.33 -3.83
C34 A1LVV C . -9.52 -1.90 -3.67
C35 A1LVV C . -10.69 -0.93 -3.56
C36 A1LVV C . -8.66 -1.53 -4.91
C37 A1LVV C . -7.82 -2.75 -5.32
C38 A1LVV C . -8.45 -3.49 -6.49
C39 A1LVV C . -8.92 -6.80 -1.42
C40 A1LVV C . -10.28 -6.18 -1.17
C41 A1LVV C . -8.29 -4.31 5.49
C42 A1LVV C . -7.42 -3.56 6.44
C43 A1LVV C . -7.20 -4.08 7.74
C44 A1LVV C . -7.55 -5.48 8.05
C45 A1LVV C . -6.62 -3.27 8.71
C46 A1LVV C . -6.25 -1.94 8.40
C47 A1LVV C . -7.16 -3.34 2.87
C48 A1LVV C . -5.64 -3.54 2.90
C49 A1LVV C . -4.80 1.08 10.29
C55 A1LVV C . -5.69 0.82 7.93
C56 A1LVV C . -5.70 -1.11 9.44
C57 A1LVV C . -5.07 3.14 8.89
C58 A1LVV C . -5.48 2.24 7.72
H7 A1LVV C . -4.90 3.11 11.04
H6 A1LVV C . -6.48 2.46 10.41
H9 A1LVV C . -2.71 1.91 11.81
H11 A1LVV C . -2.43 -0.28 12.54
H10 A1LVV C . -2.53 -0.92 10.86
H13 A1LVV C . 0.94 -1.02 13.07
H14 A1LVV C . -0.47 -2.15 12.97
H12 A1LVV C . -0.67 -0.50 13.71
H16 A1LVV C . 1.42 0.31 11.02
H18 A1LVV C . 2.02 1.98 15.12
H19 A1LVV C . 1.89 0.24 14.60
H17 A1LVV C . 0.37 1.25 14.77
H87 A1LVV C . 1.85 2.17 9.57
H88 A1LVV C . 0.71 3.38 10.33
H89 A1LVV C . 0.52 2.92 8.57
H30 A1LVV C . -7.88 -9.03 3.25
H31 A1LVV C . -8.07 -8.34 1.57
H32 A1LVV C . -9.25 -7.87 2.89
H34 A1LVV C . -5.35 -6.31 -0.64
H35 A1LVV C . -5.78 -4.66 -1.28
H20 A1LVV C . -0.23 0.65 9.15
H28 A1LVV C . -9.96 -2.89 4.84
H29 A1LVV C . -8.74 -6.02 1.73
H33 A1LVV C . -7.98 -4.72 -0.25
H63 A1LVV C . -6.71 -2.63 1.09
H3 A1LVV C . -3.73 -2.33 11.59
H98 A1LVV C . -3.68 -2.17 9.77
H2 A1LVV C . -4.60 -3.56 10.54
H5 A1LVV C . -5.10 5.09 8.63
H15 A1LVV C . -0.95 -1.43 9.83
H24 A1LVV C . -6.72 1.39 5.66
H39 A1LVV C . -5.38 -7.86 -2.37
H47 A1LVV C . -8.17 -2.62 -2.42
H49 A1LVV C . -9.34 -0.16 -6.15
H27 A1LVV C . -9.22 0.55 3.78
H25 A1LVV C . -9.54 -0.84 4.92
H26 A1LVV C . -10.46 -0.72 3.34
H38 A1LVV C . -5.00 -6.31 -3.86
H36 A1LVV C . -5.54 -4.65 -3.31
H37 A1LVV C . -6.58 -5.62 -4.46
H40 A1LVV C . -8.48 -6.55 -3.53
H41 A1LVV C . -9.05 -5.14 -4.57
H42 A1LVV C . -10.71 -3.59 -2.98
H43 A1LVV C . -10.60 -3.43 -4.80
H45 A1LVV C . -11.18 -1.04 -2.56
H46 A1LVV C . -11.44 -1.15 -4.37
H44 A1LVV C . -10.31 0.11 -3.68
H48 A1LVV C . -7.95 -0.69 -4.62
H50 A1LVV C . -6.77 -2.41 -5.60
H52 A1LVV C . -9.45 -3.91 -6.18
H53 A1LVV C . -7.79 -4.33 -6.82
H51 A1LVV C . -8.61 -2.80 -7.35
H54 A1LVV C . -9.04 -7.89 -1.68
H56 A1LVV C . -10.17 -5.07 -0.99
H57 A1LVV C . -10.77 -6.65 -0.28
H55 A1LVV C . -10.94 -6.32 -2.07
H58 A1LVV C . -9.01 -5.01 5.99
H59 A1LVV C . -7.12 -5.77 9.05
H60 A1LVV C . -7.13 -6.16 7.28
H61 A1LVV C . -8.66 -5.60 8.09
H62 A1LVV C . -6.46 -3.66 9.73
H1 A1LVV C . -5.17 -2.66 2.38
H64 A1LVV C . -5.39 -4.49 2.31
H66 A1LVV C . -4.99 0.61 11.31
H4 A1LVV C . -3.95 3.31 8.81
C14 A1LVV D . 4.44 -8.86 -8.41
C11 A1LVV D . 6.10 -6.10 -7.31
C7 A1LVV D . 4.46 -1.67 -10.77
C9 A1LVV D . 4.96 -4.41 -8.96
C10 A1LVV D . 6.24 -4.92 -8.29
C12 A1LVV D . 7.13 -7.16 -7.64
C13 A1LVV D . 4.69 -6.72 -7.34
C3 A1LVV D . 5.79 -0.86 -8.85
C15 A1LVV D . 5.53 -9.58 -9.13
C17 A1LVV D . 2.23 -6.22 -7.18
C20 A1LVV D . 6.76 2.48 -6.33
C24 A1LVV D . 7.54 5.07 -3.56
C26 A1LVV D . 10.13 5.90 -1.37
C28 A1LVV D . 5.66 6.38 0.61
C16 A1LVV D . 3.62 -5.63 -7.25
C18 A1LVV D . 5.02 1.14 -7.67
C23 A1LVV D . 7.41 5.07 -5.75
C25 A1LVV D . 7.98 5.63 -2.20
C27 A1LVV D . 6.45 6.72 -0.65
C29 A1LVV D . 5.64 7.58 1.56
O10 A1LVV D . 5.71 3.24 -5.88
O21 A1LVV D . 8.42 4.02 -3.96
O22 A1LVV D . 5.19 5.64 -3.30
C1 A1LVV D . 8.38 -2.40 -7.59
O1 A1LVV D . 8.10 -1.54 -8.70
O2 A1LVV D . 2.49 0.67 -8.77
O3 A1LVV D . 2.32 -0.69 -11.19
O4 A1LVV D . 4.92 -3.00 -8.79
O5 A1LVV D . 6.33 -5.60 -5.99
O7 A1LVV D . 3.54 -9.35 -7.75
O8 A1LVV D . 3.71 -4.70 -8.33
O9 A1LVV D . 4.11 2.07 -7.27
O11 A1LVV D . 4.92 5.30 -5.81
O12 A1LVV D . 7.67 6.01 -4.67
O13 A1LVV D . 9.16 4.95 -1.79
O14 A1LVV D . 7.07 5.52 -1.14
O15 A1LVV D . 6.70 7.45 2.49
O16 A1LVV D . 4.82 9.02 -0.25
O17 A1LVV D . 2.63 8.95 -2.10
O18 A1LVV D . 0.44 11.51 -0.77
C19 A1LVV D . 6.39 1.35 -7.13
O19 A1LVV D . 2.88 9.25 0.65
O20 A1LVV D . 7.61 7.49 -0.33
C21 A1LVV D . 6.00 4.52 -5.34
C22 A1LVV D . 4.94 5.65 -7.19
O29 A1LVV D . 4.53 -7.49 -8.53
C30 A1LVV D . 4.32 7.65 2.31
C31 A1LVV D . 5.86 8.88 0.71
C32 A1LVV D . 3.93 10.07 0.14
C33 A1LVV D . 3.51 10.93 -1.05
C34 A1LVV D . 2.30 10.28 -1.72
C35 A1LVV D . 1.92 11.09 -2.96
C36 A1LVV D . 1.11 10.27 -0.71
C37 A1LVV D . 1.65 9.99 0.70
C38 A1LVV D . 1.85 11.28 1.48
C39 A1LVV D . 7.22 8.84 0.01
C40 A1LVV D . 7.24 9.72 -1.23
C41 A1LVV D . 8.47 4.00 -5.42
C42 A1LVV D . 8.09 2.69 -5.98
C43 A1LVV D . 9.09 1.77 -6.38
C44 A1LVV D . 10.49 1.97 -5.95
C45 A1LVV D . 8.74 0.66 -7.15
C46 A1LVV D . 7.41 0.45 -7.53
C47 A1LVV D . 6.03 4.60 -3.74
C48 A1LVV D . 5.77 3.38 -2.84
C49 A1LVV D . 5.47 -2.05 -9.70
C55 A1LVV D . 4.76 0.08 -8.53
C56 A1LVV D . 7.08 -0.66 -8.37
C57 A1LVV D . 3.16 -1.16 -10.16
C58 A1LVV D . 3.43 -0.07 -9.12
H7 A1LVV D . 4.22 -2.58 -11.40
H6 A1LVV D . 4.90 -0.89 -11.45
H9 A1LVV D . 4.90 -4.70 -10.04
H11 A1LVV D . 6.97 -5.20 -9.09
H10 A1LVV D . 6.69 -4.06 -7.72
H13 A1LVV D . 6.82 -8.15 -7.20
H14 A1LVV D . 8.13 -6.88 -7.22
H12 A1LVV D . 7.21 -7.28 -8.75
H16 A1LVV D . 4.58 -7.40 -6.44
H18 A1LVV D . 5.10 -10.46 -9.67
H19 A1LVV D . 6.30 -9.92 -8.39
H17 A1LVV D . 6.01 -8.88 -9.87
H87 A1LVV D . 2.20 -7.02 -6.39
H88 A1LVV D . 1.96 -6.65 -8.17
H89 A1LVV D . 1.50 -5.41 -6.91
H30 A1LVV D . 11.06 5.37 -1.06
H31 A1LVV D . 9.72 6.49 -0.51
H32 A1LVV D . 10.36 6.59 -2.23
H34 A1LVV D . 6.14 5.51 1.12
H35 A1LVV D . 4.61 6.09 0.35
H20 A1LVV D . 3.85 -4.99 -6.34
H28 A1LVV D . 7.49 5.61 -6.70
H29 A1LVV D . 8.11 6.74 -2.31
H33 A1LVV D . 5.84 7.23 -1.43
H63 A1LVV D . 4.44 5.26 -2.81
H3 A1LVV D . 7.49 -2.40 -6.91
H98 A1LVV D . 8.58 -3.44 -7.97
H2 A1LVV D . 9.28 -2.01 -7.05
H5 A1LVV D . 1.46 -1.13 -11.14
H15 A1LVV D . 6.11 -4.66 -5.95
H24 A1LVV D . 3.47 2.22 -7.99
H39 A1LVV D . 6.58 6.64 3.02
H47 A1LVV D . 3.13 8.52 -1.39
H49 A1LVV D . -0.47 11.38 -1.11
H27 A1LVV D . 5.06 4.72 -7.80
H25 A1LVV D . 3.98 6.16 -7.45
H26 A1LVV D . 5.80 6.34 -7.39
H38 A1LVV D . 4.43 7.13 3.30
H36 A1LVV D . 3.51 7.15 1.72
H37 A1LVV D . 4.05 8.72 2.49
H40 A1LVV D . 5.85 9.76 1.42
H41 A1LVV D . 4.34 10.73 0.96
H42 A1LVV D . 4.35 10.99 -1.79
H43 A1LVV D . 3.25 11.96 -0.68
H45 A1LVV D . 2.65 10.89 -3.77
H46 A1LVV D . 1.93 12.18 -2.71
H44 A1LVV D . 0.90 10.78 -3.30
H48 A1LVV D . 0.41 9.43 -1.00
H50 A1LVV D . 0.95 9.29 1.24
H52 A1LVV D . 2.64 11.91 0.99
H53 A1LVV D . 2.16 11.05 2.53
H51 A1LVV D . 0.89 11.86 1.50
H54 A1LVV D . 8.02 9.19 0.73
H56 A1LVV D . 6.42 9.44 -1.93
H57 A1LVV D . 8.23 9.62 -1.77
H55 A1LVV D . 7.11 10.80 -0.94
H58 A1LVV D . 9.51 4.34 -5.70
H59 A1LVV D . 11.10 1.05 -6.17
H60 A1LVV D . 10.53 2.16 -4.85
H61 A1LVV D . 10.95 2.85 -6.48
H62 A1LVV D . 9.52 -0.03 -7.47
H1 A1LVV D . 4.65 3.25 -2.78
H64 A1LVV D . 6.16 3.61 -1.81
H66 A1LVV D . 6.41 -2.47 -10.17
H4 A1LVV D . 2.65 -2.02 -9.62
O5' 3D1 A 1 3.33 9.22 -11.07
C5' 3D1 A 1 2.16 9.40 -11.87
C4' 3D1 A 1 1.78 8.10 -12.59
O4' 3D1 A 1 2.81 7.66 -13.44
C1' 3D1 A 1 2.65 6.25 -13.64
N9 3D1 A 1 4.01 5.65 -13.73
C4 3D1 A 1 4.32 4.49 -14.40
N3 3D1 A 1 3.49 3.80 -15.22
C2 3D1 A 1 4.12 2.73 -15.69
N1 3D1 A 1 5.36 2.31 -15.45
C6 3D1 A 1 6.15 3.02 -14.63
N6 3D1 A 1 7.39 2.61 -14.39
C5 3D1 A 1 5.60 4.18 -14.06
N7 3D1 A 1 6.12 5.14 -13.18
C8 3D1 A 1 5.13 5.97 -13.03
C2' 3D1 A 1 1.82 5.70 -12.48
C3' 3D1 A 1 1.49 6.94 -11.65
O3' 3D1 A 1 0.10 6.94 -11.31
H5'1 3D1 A 1 2.37 10.18 -12.61
H5'2 3D1 A 1 1.34 9.71 -11.23
H4' 3D1 A 1 0.90 8.29 -13.20
H1' 3D1 A 1 2.13 6.08 -14.57
H2 3D1 A 1 3.53 2.10 -16.36
HN61 3D1 A 1 7.73 1.76 -14.82
HN62 3D1 A 1 7.99 3.13 -13.76
H8 3D1 A 1 5.21 6.86 -12.38
H2'1 3D1 A 1 2.40 5.00 -11.88
H2'2 3D1 A 1 0.91 5.23 -12.84
H3' 3D1 A 1 2.11 7.00 -10.76
HO5' 3D1 A 1 3.04 8.91 -10.20
F GF2 A 5 -2.74 -7.61 3.48
P GF2 A 5 -3.12 -7.98 -2.19
N1 GF2 A 5 0.25 -2.22 2.59
C2 GF2 A 5 0.52 -3.30 3.41
N2 GF2 A 5 1.17 -3.04 4.54
N3 GF2 A 5 0.16 -4.55 3.12
C4 GF2 A 5 -0.49 -4.64 1.94
C5 GF2 A 5 -0.80 -3.63 1.07
C6 GF2 A 5 -0.42 -2.29 1.38
O6 GF2 A 5 -0.60 -1.26 0.72
N7 GF2 A 5 -1.48 -4.13 -0.04
C8 GF2 A 5 -1.57 -5.41 0.21
N9 GF2 A 5 -0.98 -5.78 1.39
C1' GF2 A 5 -0.88 -7.13 1.97
OP2 GF2 A 5 -3.83 -6.68 -2.19
C2' GF2 A 5 -2.23 -7.81 2.22
OP1 GF2 A 5 -3.87 -9.24 -2.36
C3' GF2 A 5 -1.90 -9.27 1.92
O3' GF2 A 5 -1.38 -9.89 3.09
C4' GF2 A 5 -0.84 -9.17 0.84
O4' GF2 A 5 -0.13 -7.95 1.07
C5' GF2 A 5 -1.39 -9.19 -0.58
O5' GF2 A 5 -2.27 -8.09 -0.82
HN1 GF2 A 5 0.56 -1.31 2.88
HN2 GF2 A 5 1.44 -2.09 4.77
HN2A GF2 A 5 1.39 -3.80 5.19
H8 GF2 A 5 -2.05 -6.10 -0.47
H1' GF2 A 5 -0.35 -7.07 2.92
H2' GF2 A 5 -2.95 -7.44 1.49
H3' GF2 A 5 -2.79 -9.79 1.55
H4' GF2 A 5 -0.14 -10.00 0.96
H5' GF2 A 5 -0.56 -9.14 -1.29
H5'A GF2 A 5 -1.95 -10.11 -0.74
F GF2 A 6 -4.74 -6.53 8.46
P GF2 A 6 -2.37 -10.44 4.24
N1 GF2 A 6 -4.03 -0.61 6.25
C2 GF2 A 6 -3.44 -1.27 7.30
N2 GF2 A 6 -2.97 -0.52 8.30
N3 GF2 A 6 -3.32 -2.61 7.35
C4 GF2 A 6 -3.86 -3.20 6.26
C5 GF2 A 6 -4.46 -2.62 5.18
C6 GF2 A 6 -4.58 -1.20 5.13
O6 GF2 A 6 -5.09 -0.51 4.24
N7 GF2 A 6 -4.87 -3.59 4.27
C8 GF2 A 6 -4.52 -4.72 4.82
N9 GF2 A 6 -3.88 -4.57 6.03
C1' GF2 A 6 -3.21 -5.59 6.86
OP2 GF2 A 6 -3.68 -10.74 3.64
C2' GF2 A 6 -4.05 -6.83 7.30
OP1 GF2 A 6 -1.67 -11.47 5.03
C3' GF2 A 6 -2.90 -7.82 7.62
O3' GF2 A 6 -2.46 -7.70 8.97
C4' GF2 A 6 -1.75 -7.41 6.71
O4' GF2 A 6 -2.18 -6.20 6.06
C5' GF2 A 6 -1.38 -8.46 5.67
O5' GF2 A 6 -2.53 -9.12 5.15
HN1 GF2 A 6 -4.08 0.41 6.28
HN2 GF2 A 6 -3.06 0.49 8.25
HN2A GF2 A 6 -2.53 -0.96 9.10
H8 GF2 A 6 -4.71 -5.69 4.36
H1' GF2 A 6 -2.75 -5.10 7.71
H2' GF2 A 6 -4.77 -7.19 6.52
H3' GF2 A 6 -3.18 -8.85 7.41
H4' GF2 A 6 -0.88 -7.18 7.32
H5' GF2 A 6 -0.85 -7.97 4.85
H5'A GF2 A 6 -0.72 -9.20 6.14
O5' 3D1 B 1 -13.63 2.67 3.04
C5' 3D1 B 1 -13.88 4.06 2.86
C4' 3D1 B 1 -13.18 4.90 3.93
O4' 3D1 B 1 -13.64 4.56 5.23
C1' 3D1 B 1 -12.61 4.86 6.17
N9 3D1 B 1 -12.59 3.77 7.17
C4 3D1 B 1 -12.16 3.89 8.47
N3 3D1 B 1 -11.86 5.05 9.11
C2 3D1 B 1 -11.48 4.79 10.35
N1 3D1 B 1 -11.37 3.63 10.98
C6 3D1 B 1 -11.68 2.50 10.31
N6 3D1 B 1 -11.58 1.32 10.94
C5 3D1 B 1 -12.10 2.63 8.98
N7 3D1 B 1 -12.48 1.69 8.02
C8 3D1 B 1 -12.76 2.42 6.97
C2' 3D1 B 1 -11.29 5.02 5.41
C3' 3D1 B 1 -11.67 4.72 3.96
O3' 3D1 B 1 -11.05 5.67 3.09
H5'1 3D1 B 1 -14.96 4.24 2.90
H5'2 3D1 B 1 -13.51 4.37 1.88
H4' 3D1 B 1 -13.40 5.95 3.76
H1' 3D1 B 1 -12.85 5.79 6.68
H2 3D1 B 1 -11.22 5.67 10.95
HN61 3D1 B 1 -11.27 1.30 11.90
HN62 3D1 B 1 -11.80 0.47 10.45
H8 3D1 B 1 -13.10 2.00 6.02
H2'1 3D1 B 1 -10.55 4.30 5.77
H2'2 3D1 B 1 -10.92 6.04 5.51
H3' 3D1 B 1 -11.40 3.70 3.70
HO5' 3D1 B 1 -14.48 2.26 3.27
F GF2 B 5 8.57 1.38 0.90
P GF2 B 5 6.83 4.51 5.75
N1 GF2 B 5 3.10 -0.90 -0.70
C2 GF2 B 5 4.27 -1.55 -0.34
N2 GF2 B 5 4.47 -2.75 -0.88
N3 GF2 B 5 5.17 -1.03 0.50
C4 GF2 B 5 4.81 0.19 0.95
C5 GF2 B 5 3.68 0.90 0.65
C6 GF2 B 5 2.71 0.35 -0.24
O6 GF2 B 5 1.65 0.85 -0.62
N7 GF2 B 5 3.68 2.12 1.32
C8 GF2 B 5 4.80 2.10 2.00
N9 GF2 B 5 5.54 0.96 1.82
C1' GF2 B 5 6.83 0.59 2.41
OP2 GF2 B 5 6.28 5.55 4.86
C2' GF2 B 5 7.96 1.57 2.13
OP1 GF2 B 5 7.99 4.81 6.61
C3' GF2 B 5 8.87 1.31 3.32
O3' GF2 B 5 9.74 0.22 3.03
C4' GF2 B 5 7.92 0.92 4.45
O4' GF2 B 5 6.67 0.56 3.84
C5' GF2 B 5 7.69 2.02 5.47
O5' GF2 B 5 7.17 3.22 4.85
HN1 GF2 B 5 2.48 -1.36 -1.34
HN2 GF2 B 5 3.80 -3.14 -1.53
HN2A GF2 B 5 5.32 -3.27 -0.66
H8 GF2 B 5 5.12 2.92 2.63
H1' GF2 B 5 7.11 -0.40 2.06
H2' GF2 B 5 7.59 2.59 2.17
H3' GF2 B 5 9.43 2.21 3.59
H4' GF2 B 5 8.31 0.04 4.94
H5' GF2 B 5 6.98 1.67 6.21
H5'A GF2 B 5 8.64 2.26 5.95
F GF2 B 6 10.70 -0.45 -4.08
P GF2 B 6 11.03 0.43 2.08
N1 GF2 B 6 4.59 -0.10 -5.80
C2 GF2 B 6 5.48 -1.15 -5.75
N2 GF2 B 6 5.22 -2.18 -6.58
N3 GF2 B 6 6.54 -1.19 -4.95
C4 GF2 B 6 6.65 -0.07 -4.18
C5 GF2 B 6 5.81 1.02 -4.16
C6 GF2 B 6 4.68 1.05 -5.02
O6 GF2 B 6 3.82 1.93 -5.13
N7 GF2 B 6 6.26 1.95 -3.24
C8 GF2 B 6 7.35 1.42 -2.74
N9 GF2 B 6 7.64 0.18 -3.26
C1' GF2 B 6 8.67 -0.79 -2.83
OP2 GF2 B 6 11.36 1.86 1.95
C2' GF2 B 6 10.15 -0.29 -2.82
OP1 GF2 B 6 12.05 -0.53 2.54
C3' GF2 B 6 10.77 -1.33 -1.85
O3' GF2 B 6 11.22 -2.49 -2.54
C4' GF2 B 6 9.62 -1.73 -0.93
O4' GF2 B 6 8.45 -1.10 -1.44
C5' GF2 B 6 9.84 -1.35 0.52
O5' GF2 B 6 10.47 -0.07 0.64
HN1 GF2 B 6 3.80 -0.15 -6.43
HN2 GF2 B 6 4.41 -2.15 -7.18
HN2A GF2 B 6 5.84 -2.97 -6.59
H8 GF2 B 6 7.95 1.91 -1.98
H1' GF2 B 6 8.56 -1.69 -3.41
H2' GF2 B 6 10.28 0.78 -2.50
H3' GF2 B 6 11.58 -0.92 -1.26
H4' GF2 B 6 9.48 -2.81 -0.99
H5' GF2 B 6 8.88 -1.32 1.03
H5'A GF2 B 6 10.46 -2.10 1.00
C14 A1LVV C . 1.60 1.66 13.21
C11 A1LVV C . -0.51 -0.50 11.64
C7 A1LVV C . -5.33 2.54 10.34
C9 A1LVV C . -2.36 1.26 11.09
C10 A1LVV C . -2.00 -0.15 11.61
C12 A1LVV C . -0.16 -1.08 13.00
C13 A1LVV C . 0.40 0.70 11.36
C3 A1LVV C . -5.37 0.30 9.28
C15 A1LVV C . 1.46 1.22 14.63
C17 A1LVV C . 0.85 2.57 9.74
C20 A1LVV C . -6.98 -2.16 6.14
C24 A1LVV C . -7.81 -4.55 3.22
C26 A1LVV C . -8.12 -7.97 2.61
C28 A1LVV C . -6.06 -5.50 -1.10
C16 A1LVV C . -0.08 1.45 10.12
C18 A1LVV C . -6.09 0.13 6.95
C23 A1LVV C . -8.92 -3.18 4.53
C25 A1LVV C . -7.68 -5.72 2.24
C27 A1LVV C . -7.24 -5.45 -0.13
C29 A1LVV C . -6.50 -6.09 -2.44
O10 A1LVV C . -7.02 -1.60 4.89
O21 A1LVV C . -7.47 -4.97 4.54
O22 A1LVV C . -7.40 -2.81 1.56
C1 A1LVV C . -4.30 -2.44 10.70
O1 A1LVV C . -5.47 -1.63 10.73
O2 A1LVV C . -5.52 2.85 6.69
O3 A1LVV C . -5.68 4.46 8.95
O4 A1LVV C . -3.38 1.10 10.12
O5 A1LVV C . -0.26 -1.49 10.63
O7 A1LVV C . 2.62 2.06 12.65
O8 A1LVV C . -1.41 1.94 10.28
O9 A1LVV C . -6.34 0.58 5.69
O11 A1LVV C . -8.37 -1.14 3.21
O12 A1LVV C . -9.18 -4.08 3.40
O13 A1LVV C . -7.29 -6.88 2.97
O14 A1LVV C . -6.74 -5.59 1.20
O15 A1LVV C . -6.23 -7.50 -2.43
O16 A1LVV C . -8.34 -4.48 -2.57
O17 A1LVV C . -8.58 -1.59 -2.47
O18 A1LVV C . -9.32 -0.83 -5.94
C19 A1LVV C . -6.40 -1.32 7.15
O19 A1LVV C . -7.46 -3.39 -4.21
O20 A1LVV C . -8.04 -6.62 -0.25
C21 A1LVV C . -7.84 -2.23 3.92
C22 A1LVV C . -9.39 -0.38 3.87
O29 A1LVV C . 0.42 1.57 12.50
C30 A1LVV C . -5.75 -5.45 -3.60
C31 A1LVV C . -8.03 -5.88 -2.59
C32 A1LVV C . -8.70 -4.04 -3.88
C33 A1LVV C . -9.89 -3.09 -3.85
C34 A1LVV C . -9.37 -1.65 -3.66
C35 A1LVV C . -10.53 -0.69 -3.56
C36 A1LVV C . -8.48 -1.27 -4.88
C37 A1LVV C . -7.65 -2.49 -5.31
C38 A1LVV C . -8.28 -3.22 -6.49
C39 A1LVV C . -8.81 -6.58 -1.46
C40 A1LVV C . -10.17 -5.95 -1.22
C41 A1LVV C . -8.23 -4.18 5.49
C42 A1LVV C . -7.37 -3.46 6.44
C43 A1LVV C . -7.16 -3.98 7.74
C44 A1LVV C . -7.52 -5.38 8.04
C45 A1LVV C . -6.59 -3.19 8.72
C46 A1LVV C . -6.21 -1.86 8.45
C47 A1LVV C . -7.08 -3.19 2.88
C48 A1LVV C . -5.55 -3.41 2.92
C49 A1LVV C . -4.77 1.13 10.38
C55 A1LVV C . -5.63 0.90 8.01
C56 A1LVV C . -5.67 -1.04 9.49
C57 A1LVV C . -5.01 3.21 9.01
C58 A1LVV C . -5.41 2.33 7.82
H7 A1LVV C . -4.87 3.15 11.15
H6 A1LVV C . -6.43 2.51 10.50
H9 A1LVV C . -2.68 1.94 11.93
H11 A1LVV C . -2.43 -0.27 12.63
H10 A1LVV C . -2.50 -0.89 10.94
H13 A1LVV C . 0.95 -1.03 13.18
H14 A1LVV C . -0.47 -2.16 13.06
H12 A1LVV C . -0.68 -0.52 13.82
H16 A1LVV C . 1.44 0.32 11.16
H18 A1LVV C . 2.01 1.94 15.29
H19 A1LVV C . 1.89 0.19 14.74
H17 A1LVV C . 0.37 1.21 14.91
H87 A1LVV C . 1.90 2.20 9.72
H88 A1LVV C . 0.77 3.40 10.49
H89 A1LVV C . 0.58 2.97 8.73
H30 A1LVV C . -7.83 -8.87 3.19
H31 A1LVV C . -8.00 -8.17 1.51
H32 A1LVV C . -9.19 -7.71 2.83
H34 A1LVV C . -5.25 -6.13 -0.65
H35 A1LVV C . -5.65 -4.46 -1.26
H20 A1LVV C . -0.19 0.70 9.28
H28 A1LVV C . -9.88 -2.75 4.84
H29 A1LVV C . -8.65 -5.84 1.70
H33 A1LVV C . -7.87 -4.53 -0.26
H63 A1LVV C . -6.62 -2.46 1.12
H3 A1LVV C . -3.73 -2.31 11.65
H98 A1LVV C . -3.65 -2.12 9.83
H2 A1LVV C . -4.59 -3.51 10.57
H5 A1LVV C . -5.03 5.16 8.77
H15 A1LVV C . -0.92 -1.39 9.93
H24 A1LVV C . -6.64 1.50 5.73
H39 A1LVV C . -5.27 -7.64 -2.39
H47 A1LVV C . -8.03 -2.40 -2.41
H49 A1LVV C . -9.15 0.11 -6.12
H27 A1LVV C . -9.12 0.71 3.82
H25 A1LVV C . -9.46 -0.70 4.94
H26 A1LVV C . -10.37 -0.55 3.36
H38 A1LVV C . -4.87 -6.08 -3.86
H36 A1LVV C . -5.41 -4.43 -3.30
H37 A1LVV C . -6.43 -5.37 -4.48
H40 A1LVV C . -8.36 -6.32 -3.57
H41 A1LVV C . -8.91 -4.89 -4.60
H42 A1LVV C . -10.57 -3.34 -3.00
H43 A1LVV C . -10.45 -3.16 -4.82
H45 A1LVV C . -11.03 -0.81 -2.55
H46 A1LVV C . -11.27 -0.89 -4.36
H44 A1LVV C . -10.16 0.36 -3.65
H48 A1LVV C . -7.78 -0.44 -4.58
H50 A1LVV C . -6.60 -2.15 -5.56
H52 A1LVV C . -9.27 -3.63 -6.19
H53 A1LVV C . -7.62 -4.06 -6.83
H51 A1LVV C . -8.42 -2.50 -7.34
H54 A1LVV C . -8.94 -7.67 -1.74
H56 A1LVV C . -10.06 -4.86 -1.02
H57 A1LVV C . -10.67 -6.44 -0.34
H55 A1LVV C . -10.82 -6.08 -2.12
H58 A1LVV C . -8.96 -4.89 5.97
H59 A1LVV C . -7.10 -5.69 9.03
H60 A1LVV C . -7.10 -6.06 7.26
H61 A1LVV C . -8.64 -5.51 8.06
H62 A1LVV C . -6.44 -3.60 9.74
H1 A1LVV C . -5.07 -2.51 2.42
H64 A1LVV C . -5.31 -4.33 2.33
H66 A1LVV C . -4.97 0.65 11.38
H4 A1LVV C . -3.90 3.38 8.93
C14 A1LVV D . 4.53 -8.92 -8.56
C11 A1LVV D . 6.14 -6.15 -7.41
C7 A1LVV D . 4.49 -1.71 -10.85
C9 A1LVV D . 5.00 -4.45 -9.05
C10 A1LVV D . 6.28 -4.96 -8.37
C12 A1LVV D . 7.19 -7.20 -7.73
C13 A1LVV D . 4.74 -6.79 -7.45
C3 A1LVV D . 5.78 -0.90 -8.90
C15 A1LVV D . 5.65 -9.62 -9.27
C17 A1LVV D . 2.28 -6.33 -7.32
C20 A1LVV D . 6.68 2.42 -6.33
C24 A1LVV D . 7.40 5.01 -3.52
C26 A1LVV D . 9.95 5.84 -1.30
C28 A1LVV D . 5.46 6.25 0.64
C16 A1LVV D . 3.66 -5.71 -7.37
C18 A1LVV D . 4.97 1.08 -7.70
C23 A1LVV D . 7.30 5.01 -5.72
C25 A1LVV D . 7.82 5.55 -2.16
C27 A1LVV D . 6.26 6.60 -0.62
C29 A1LVV D . 5.41 7.44 1.59
O10 A1LVV D . 5.61 3.17 -5.88
O21 A1LVV D . 8.30 3.96 -3.94
O22 A1LVV D . 5.04 5.53 -3.29
C1 A1LVV D . 8.37 -2.42 -7.63
O1 A1LVV D . 8.11 -1.55 -8.73
O2 A1LVV D . 2.47 0.59 -8.84
O3 A1LVV D . 2.34 -0.74 -11.27
O4 A1LVV D . 4.95 -3.05 -8.87
O5 A1LVV D . 6.35 -5.66 -6.08
O7 A1LVV D . 3.63 -9.43 -7.90
O8 A1LVV D . 3.75 -4.77 -8.43
O9 A1LVV D . 4.05 2.00 -7.31
O11 A1LVV D . 4.81 5.22 -5.80
O12 A1LVV D . 7.53 5.95 -4.63
O13 A1LVV D . 9.00 4.87 -1.74
O14 A1LVV D . 6.89 5.42 -1.11
O15 A1LVV D . 6.47 7.30 2.54
O16 A1LVV D . 4.59 8.88 -0.23
O17 A1LVV D . 2.43 8.80 -2.10
O18 A1LVV D . 0.19 11.32 -0.76
C19 A1LVV D . 6.34 1.31 -7.16
O19 A1LVV D . 2.63 9.08 0.66
O20 A1LVV D . 7.40 7.40 -0.27
C21 A1LVV D . 5.88 4.45 -5.33
C22 A1LVV D . 4.83 5.58 -7.19
O29 A1LVV D . 4.60 -7.54 -8.66
C30 A1LVV D . 4.09 7.48 2.33
C31 A1LVV D . 5.62 8.74 0.76
C32 A1LVV D . 3.69 9.92 0.18
C33 A1LVV D . 3.27 10.79 -1.01
C34 A1LVV D . 2.08 10.13 -1.71
C35 A1LVV D . 1.70 10.94 -2.94
C36 A1LVV D . 0.88 10.09 -0.72
C37 A1LVV D . 1.41 9.80 0.70
C38 A1LVV D . 1.57 11.09 1.51
C39 A1LVV D . 7.00 8.73 0.06
C40 A1LVV D . 7.02 9.63 -1.16
C41 A1LVV D . 8.37 3.96 -5.38
C42 A1LVV D . 8.00 2.65 -5.97
C43 A1LVV D . 9.01 1.75 -6.36
C44 A1LVV D . 10.41 1.96 -5.91
C45 A1LVV D . 8.71 0.64 -7.15
C46 A1LVV D . 7.37 0.42 -7.55
C47 A1LVV D . 5.91 4.51 -3.74
C48 A1LVV D . 5.64 3.28 -2.85
C49 A1LVV D . 5.49 -2.09 -9.76
C55 A1LVV D . 4.74 0.03 -8.58
C56 A1LVV D . 7.06 -0.69 -8.40
C57 A1LVV D . 3.18 -1.22 -10.24
C58 A1LVV D . 3.42 -0.14 -9.19
H7 A1LVV D . 4.27 -2.61 -11.48
H6 A1LVV D . 4.93 -0.92 -11.50
H9 A1LVV D . 4.97 -4.74 -10.13
H11 A1LVV D . 7.02 -5.23 -9.16
H10 A1LVV D . 6.71 -4.10 -7.79
H13 A1LVV D . 6.89 -8.19 -7.31
H14 A1LVV D . 8.17 -6.91 -7.31
H12 A1LVV D . 7.30 -7.31 -8.85
H16 A1LVV D . 4.63 -7.48 -6.57
H18 A1LVV D . 5.23 -10.50 -9.81
H19 A1LVV D . 6.40 -9.95 -8.52
H17 A1LVV D . 6.11 -8.91 -10.00
H87 A1LVV D . 2.25 -7.13 -6.55
H88 A1LVV D . 2.02 -6.75 -8.32
H89 A1LVV D . 1.54 -5.52 -7.05
H30 A1LVV D . 10.89 5.31 -0.99
H31 A1LVV D . 9.53 6.42 -0.45
H32 A1LVV D . 10.18 6.54 -2.15
H34 A1LVV D . 5.95 5.37 1.14
H35 A1LVV D . 4.41 5.95 0.34
H20 A1LVV D . 3.87 -5.09 -6.45
H28 A1LVV D . 7.39 5.56 -6.67
H29 A1LVV D . 7.94 6.67 -2.25
H33 A1LVV D . 5.64 7.12 -1.40
H63 A1LVV D . 4.29 5.14 -2.81
H3 A1LVV D . 7.49 -2.45 -6.95
H98 A1LVV D . 8.59 -3.45 -8.01
H2 A1LVV D . 9.26 -2.03 -7.07
H5 A1LVV D . 1.48 -1.20 -11.24
H15 A1LVV D . 6.12 -4.72 -6.03
H24 A1LVV D . 3.41 2.14 -8.03
H39 A1LVV D . 6.34 6.49 3.05
H47 A1LVV D . 2.92 8.37 -1.38
H49 A1LVV D . -0.71 11.18 -1.11
H27 A1LVV D . 4.96 4.66 -7.81
H25 A1LVV D . 3.86 6.08 -7.45
H26 A1LVV D . 5.69 6.28 -7.36
H38 A1LVV D . 4.18 6.96 3.31
H36 A1LVV D . 3.29 6.98 1.72
H37 A1LVV D . 3.80 8.55 2.51
H40 A1LVV D . 5.60 9.61 1.48
H41 A1LVV D . 4.09 10.57 1.01
H42 A1LVV D . 4.12 10.87 -1.74
H43 A1LVV D . 2.99 11.80 -0.64
H45 A1LVV D . 2.45 10.75 -3.74
H46 A1LVV D . 1.69 12.03 -2.68
H44 A1LVV D . 0.68 10.62 -3.29
H48 A1LVV D . 0.18 9.24 -1.01
H50 A1LVV D . 0.69 9.10 1.23
H52 A1LVV D . 2.37 11.72 1.04
H53 A1LVV D . 1.88 10.84 2.55
H51 A1LVV D . 0.61 11.65 1.52
H54 A1LVV D . 7.78 9.08 0.80
H56 A1LVV D . 6.20 9.34 -1.86
H57 A1LVV D . 8.00 9.54 -1.69
H55 A1LVV D . 6.87 10.70 -0.86
H58 A1LVV D . 9.40 4.30 -5.65
H59 A1LVV D . 11.03 1.05 -6.14
H60 A1LVV D . 10.44 2.13 -4.81
H61 A1LVV D . 10.87 2.85 -6.44
H62 A1LVV D . 9.49 -0.05 -7.47
H1 A1LVV D . 4.52 3.14 -2.80
H64 A1LVV D . 6.02 3.51 -1.81
H66 A1LVV D . 6.44 -2.49 -10.21
H4 A1LVV D . 2.68 -2.09 -9.72
O5' 3D1 A 1 3.30 9.35 -10.94
C5' 3D1 A 1 2.10 9.53 -11.70
C4' 3D1 A 1 1.70 8.24 -12.40
O4' 3D1 A 1 2.71 7.79 -13.28
C1' 3D1 A 1 2.58 6.37 -13.45
N9 3D1 A 1 3.94 5.81 -13.51
C4 3D1 A 1 4.28 4.64 -14.14
N3 3D1 A 1 3.49 3.91 -14.95
C2 3D1 A 1 4.13 2.83 -15.38
N1 3D1 A 1 5.37 2.44 -15.12
C6 3D1 A 1 6.14 3.19 -14.32
N6 3D1 A 1 7.40 2.80 -14.05
C5 3D1 A 1 5.57 4.36 -13.79
N7 3D1 A 1 6.06 5.35 -12.93
C8 3D1 A 1 5.06 6.17 -12.81
C2' 3D1 A 1 1.75 5.83 -12.28
C3' 3D1 A 1 1.44 7.08 -11.45
O3' 3D1 A 1 0.06 7.07 -11.06
H5'1 3D1 A 1 2.28 10.31 -12.45
H5'2 3D1 A 1 1.30 9.85 -11.05
H4' 3D1 A 1 0.79 8.42 -12.98
H1' 3D1 A 1 2.07 6.17 -14.38
H2 3D1 A 1 3.57 2.18 -16.04
HN61 3D1 A 1 7.75 1.95 -14.46
HN62 3D1 A 1 7.98 3.36 -13.44
H8 3D1 A 1 5.11 7.07 -12.19
H2'1 3D1 A 1 2.33 5.11 -11.69
H2'2 3D1 A 1 0.83 5.38 -12.65
H3' 3D1 A 1 2.09 7.13 -10.58
HO5' 3D1 A 1 4.04 9.59 -11.49
F GF2 A 5 -2.96 -7.83 3.60
P GF2 A 5 -3.18 -8.09 -2.09
N1 GF2 A 5 0.25 -2.44 2.35
C2 GF2 A 5 0.57 -3.49 3.18
N2 GF2 A 5 1.36 -3.21 4.22
N3 GF2 A 5 0.14 -4.74 2.99
C4 GF2 A 5 -0.65 -4.85 1.91
C5 GF2 A 5 -1.03 -3.86 1.02
C6 GF2 A 5 -0.57 -2.54 1.22
O6 GF2 A 5 -0.81 -1.53 0.55
N7 GF2 A 5 -1.85 -4.38 0.04
C8 GF2 A 5 -1.95 -5.65 0.34
N9 GF2 A 5 -1.24 -6.00 1.46
C1' GF2 A 5 -1.11 -7.33 2.11
OP2 GF2 A 5 -3.91 -6.81 -2.06
C2' GF2 A 5 -2.45 -8.04 2.34
OP1 GF2 A 5 -3.90 -9.35 -2.37
C3' GF2 A 5 -2.10 -9.48 2.05
O3' GF2 A 5 -1.57 -10.10 3.23
C4' GF2 A 5 -1.01 -9.38 0.99
O4' GF2 A 5 -0.32 -8.15 1.23
C5' GF2 A 5 -1.56 -9.37 -0.44
O5' GF2 A 5 -2.43 -8.26 -0.68
HN1 GF2 A 5 0.61 -1.52 2.56
HN2 GF2 A 5 1.69 -2.27 4.37
HN2A GF2 A 5 1.63 -3.94 4.86
H8 GF2 A 5 -2.53 -6.36 -0.24
H1' GF2 A 5 -0.59 -7.22 3.05
H2' GF2 A 5 -3.17 -7.69 1.61
H3' GF2 A 5 -2.96 -10.02 1.68
H4' GF2 A 5 -0.33 -10.20 1.11
H5' GF2 A 5 -0.72 -9.33 -1.14
H5'A GF2 A 5 -2.12 -10.30 -0.61
F GF2 A 6 -4.88 -6.58 8.52
P GF2 A 6 -2.56 -10.61 4.40
N1 GF2 A 6 -4.12 -0.72 6.19
C2 GF2 A 6 -3.54 -1.37 7.25
N2 GF2 A 6 -3.05 -0.60 8.23
N3 GF2 A 6 -3.43 -2.70 7.33
C4 GF2 A 6 -3.97 -3.33 6.26
C5 GF2 A 6 -4.57 -2.75 5.16
C6 GF2 A 6 -4.68 -1.34 5.07
O6 GF2 A 6 -5.18 -0.67 4.18
N7 GF2 A 6 -5.00 -3.74 4.28
C8 GF2 A 6 -4.65 -4.87 4.85
N9 GF2 A 6 -4.02 -4.69 6.05
C1' GF2 A 6 -3.34 -5.71 6.90
OP2 GF2 A 6 -3.88 -10.92 3.80
C2' GF2 A 6 -4.20 -6.92 7.37
OP1 GF2 A 6 -1.86 -11.63 5.21
C3' GF2 A 6 -3.06 -7.92 7.72
O3' GF2 A 6 -2.61 -7.77 9.06
C4' GF2 A 6 -1.91 -7.53 6.79
O4' GF2 A 6 -2.32 -6.33 6.11
C5' GF2 A 6 -1.55 -8.61 5.78
O5' GF2 A 6 -2.71 -9.28 5.28
HN1 GF2 A 6 -4.17 0.29 6.19
HN2 GF2 A 6 -3.13 0.40 8.16
HN2A GF2 A 6 -2.61 -1.02 9.04
H8 GF2 A 6 -4.85 -5.84 4.41
H1' GF2 A 6 -2.87 -5.19 7.74
H2' GF2 A 6 -4.93 -7.29 6.61
H3' GF2 A 6 -3.35 -8.94 7.53
H4' GF2 A 6 -1.04 -7.31 7.39
H5' GF2 A 6 -1.01 -8.15 4.95
H5'A GF2 A 6 -0.90 -9.34 6.26
O5' 3D1 B 1 -13.66 2.51 2.95
C5' 3D1 B 1 -13.92 3.90 2.72
C4' 3D1 B 1 -13.22 4.78 3.75
O4' 3D1 B 1 -13.67 4.48 5.06
C1' 3D1 B 1 -12.63 4.83 5.99
N9 3D1 B 1 -12.61 3.79 7.04
C4 3D1 B 1 -12.17 3.98 8.32
N3 3D1 B 1 -11.87 5.16 8.91
C2 3D1 B 1 -11.48 4.97 10.16
N1 3D1 B 1 -11.37 3.84 10.84
C6 3D1 B 1 -11.68 2.68 10.24
N6 3D1 B 1 -11.57 1.54 10.92
C5 3D1 B 1 -12.11 2.74 8.90
N7 3D1 B 1 -12.50 1.77 8.00
C8 3D1 B 1 -12.78 2.44 6.91
C2' 3D1 B 1 -11.32 4.95 5.22
C3' 3D1 B 1 -11.70 4.61 3.79
O3' 3D1 B 1 -11.10 5.53 2.88
H5'1 3D1 B 1 -15.00 4.08 2.75
H5'2 3D1 B 1 -13.56 4.17 1.72
H4' 3D1 B 1 -13.44 5.82 3.55
H1' 3D1 B 1 -12.88 5.79 6.44
H2 3D1 B 1 -11.21 5.88 10.71
HN61 3D1 B 1 -11.25 1.55 11.88
HN62 3D1 B 1 -11.80 0.66 10.48
H8 3D1 B 1 -13.12 1.97 5.99
H2'1 3D1 B 1 -10.58 4.26 5.60
H2'2 3D1 B 1 -10.94 5.98 5.27
H3' 3D1 B 1 -11.43 3.57 3.56
HO5' 3D1 B 1 -12.74 2.36 2.75
F GF2 B 5 8.89 1.44 0.82
P GF2 B 5 6.85 4.52 5.53
N1 GF2 B 5 3.16 -0.94 -0.31
C2 GF2 B 5 4.32 -1.61 0.01
N2 GF2 B 5 4.42 -2.86 -0.44
N3 GF2 B 5 5.30 -1.07 0.73
C4 GF2 B 5 5.04 0.20 1.10
C5 GF2 B 5 3.91 0.94 0.82
C6 GF2 B 5 2.86 0.37 0.05
O6 GF2 B 5 1.79 0.87 -0.28
N7 GF2 B 5 4.03 2.21 1.38
C8 GF2 B 5 5.19 2.20 1.97
N9 GF2 B 5 5.86 1.01 1.84
C1' GF2 B 5 7.18 0.63 2.35
OP2 GF2 B 5 6.26 5.48 4.58
C2' GF2 B 5 8.30 1.62 2.05
OP1 GF2 B 5 7.95 4.94 6.43
C3' GF2 B 5 9.23 1.41 3.23
O3' GF2 B 5 10.13 0.33 2.93
C4' GF2 B 5 8.30 1.00 4.37
O4' GF2 B 5 7.08 0.54 3.79
C5' GF2 B 5 7.99 2.14 5.34
O5' GF2 B 5 7.36 3.24 4.68
HN1 GF2 B 5 2.45 -1.41 -0.86
HN2 GF2 B 5 3.68 -3.27 -0.98
HN2A GF2 B 5 5.26 -3.40 -0.23
H8 GF2 B 5 5.59 3.05 2.50
H1' GF2 B 5 7.45 -0.35 1.96
H2' GF2 B 5 7.89 2.64 2.08
H3' GF2 B 5 9.77 2.31 3.47
H4' GF2 B 5 8.75 0.17 4.91
H5' GF2 B 5 7.34 1.76 6.13
H5'A GF2 B 5 8.93 2.48 5.78
F GF2 B 6 10.84 -0.35 -4.19
P GF2 B 6 11.37 0.56 1.93
N1 GF2 B 6 4.68 0.02 -5.72
C2 GF2 B 6 5.57 -1.04 -5.70
N2 GF2 B 6 5.28 -2.06 -6.51
N3 GF2 B 6 6.66 -1.07 -4.93
C4 GF2 B 6 6.80 0.04 -4.17
C5 GF2 B 6 5.96 1.14 -4.13
C6 GF2 B 6 4.80 1.17 -4.95
O6 GF2 B 6 3.95 2.07 -5.04
N7 GF2 B 6 6.46 2.08 -3.23
C8 GF2 B 6 7.55 1.54 -2.76
N9 GF2 B 6 7.82 0.30 -3.28
C1' GF2 B 6 8.86 -0.67 -2.87
OP2 GF2 B 6 11.71 1.99 1.79
C2' GF2 B 6 10.34 -0.18 -2.93
OP1 GF2 B 6 12.41 -0.41 2.38
C3' GF2 B 6 10.98 -1.22 -1.96
O3' GF2 B 6 11.40 -2.41 -2.66
C4' GF2 B 6 9.86 -1.62 -1.00
O4' GF2 B 6 8.68 -0.97 -1.49
C5' GF2 B 6 10.12 -1.23 0.44
O5' GF2 B 6 10.78 0.05 0.54
HN1 GF2 B 6 3.88 -0.03 -6.32
HN2 GF2 B 6 4.46 -2.03 -7.08
HN2A GF2 B 6 5.89 -2.87 -6.54
H8 GF2 B 6 8.19 2.03 -2.02
H1' GF2 B 6 8.72 -1.59 -3.45
H2' GF2 B 6 10.49 0.88 -2.60
H3' GF2 B 6 11.82 -0.81 -1.40
H4' GF2 B 6 9.72 -2.69 -1.05
H5' GF2 B 6 9.18 -1.19 0.98
H5'A GF2 B 6 10.76 -1.99 0.91
C14 A1LVV C . 1.55 1.66 13.07
C11 A1LVV C . -0.58 -0.53 11.56
C7 A1LVV C . -5.38 2.53 10.21
C9 A1LVV C . -2.42 1.23 10.98
C10 A1LVV C . -2.07 -0.16 11.52
C12 A1LVV C . -0.23 -1.08 12.94
C13 A1LVV C . 0.34 0.66 11.25
C3 A1LVV C . -5.45 0.26 9.19
C15 A1LVV C . 1.41 1.25 14.51
C17 A1LVV C . 0.80 2.50 9.59
C20 A1LVV C . -7.08 -2.25 6.12
C24 A1LVV C . -7.96 -4.70 3.25
C26 A1LVV C . -8.29 -8.13 2.72
C28 A1LVV C . -6.22 -5.75 -1.05
C16 A1LVV C . -0.15 1.38 9.99
C18 A1LVV C . -6.17 0.04 6.87
C23 A1LVV C . -9.04 -3.30 4.54
C25 A1LVV C . -7.83 -5.90 2.30
C27 A1LVV C . -7.39 -5.67 -0.08
C29 A1LVV C . -6.67 -6.39 -2.37
O10 A1LVV C . -7.12 -1.72 4.85
O21 A1LVV C . -7.61 -5.09 4.58
O22 A1LVV C . -7.53 -3.00 1.56
C1 A1LVV C . -4.39 -2.45 10.67
O1 A1LVV C . -5.55 -1.63 10.69
O2 A1LVV C . -5.59 2.75 6.55
O3 A1LVV C . -5.71 4.41 8.77
O4 A1LVV C . -3.44 1.07 10.00
O5 A1LVV C . -0.35 -1.54 10.57
O7 A1LVV C . 2.57 2.03 12.50
O8 A1LVV C . -1.47 1.89 10.14
O9 A1LVV C . -6.43 0.47 5.61
O11 A1LVV C . -8.47 -1.28 3.17
O12 A1LVV C . -9.32 -4.21 3.43
O13 A1LVV C . -7.44 -7.04 3.06
O14 A1LVV C . -6.90 -5.78 1.26
O15 A1LVV C . -6.41 -7.79 -2.32
O16 A1LVV C . -8.50 -4.75 -2.53
O17 A1LVV C . -8.71 -1.87 -2.50
O18 A1LVV C . -9.45 -1.18 -5.99
C19 A1LVV C . -6.49 -1.39 7.11
O19 A1LVV C . -7.61 -3.71 -4.20
O20 A1LVV C . -8.21 -6.85 -0.16
C21 A1LVV C . -7.95 -2.37 3.89
C22 A1LVV C . -9.48 -0.50 3.82
O29 A1LVV C . 0.37 1.55 12.37
C30 A1LVV C . -5.92 -5.78 -3.54
C31 A1LVV C . -8.21 -6.15 -2.52
C32 A1LVV C . -8.85 -4.35 -3.85
C33 A1LVV C . -10.03 -3.37 -3.84
C34 A1LVV C . -9.50 -1.95 -3.69
C35 A1LVV C . -10.66 -0.96 -3.59
C36 A1LVV C . -8.62 -1.61 -4.92
C37 A1LVV C . -7.79 -2.84 -5.32
C38 A1LVV C . -8.44 -3.58 -6.48
C39 A1LVV C . -8.97 -6.83 -1.38
C40 A1LVV C . -10.34 -6.18 -1.14
C41 A1LVV C . -8.36 -4.27 5.51
C42 A1LVV C . -7.49 -3.54 6.45
C43 A1LVV C . -7.27 -4.03 7.76
C44 A1LVV C . -7.66 -5.43 8.09
C45 A1LVV C . -6.70 -3.22 8.73
C46 A1LVV C . -6.31 -1.91 8.41
C47 A1LVV C . -7.20 -3.36 2.89
C48 A1LVV C . -5.69 -3.58 2.92
C49 A1LVV C . -4.83 1.11 10.28
C55 A1LVV C . -5.71 0.84 7.92
C56 A1LVV C . -5.75 -1.07 9.44
C57 A1LVV C . -5.06 3.16 8.85
C58 A1LVV C . -5.47 2.26 7.69
H7 A1LVV C . -4.91 3.16 11.00
H6 A1LVV C . -6.48 2.52 10.36
H9 A1LVV C . -2.73 1.93 11.80
H11 A1LVV C . -2.50 -0.26 12.55
H10 A1LVV C . -2.58 -0.91 10.88
H13 A1LVV C . 0.87 -1.03 13.11
H14 A1LVV C . -0.56 -2.15 13.02
H12 A1LVV C . -0.75 -0.49 13.73
H16 A1LVV C . 1.38 0.26 11.05
H18 A1LVV C . 1.97 1.98 15.15
H19 A1LVV C . 1.83 0.22 14.64
H17 A1LVV C . 0.33 1.25 14.78
H87 A1LVV C . 1.85 2.10 9.58
H88 A1LVV C . 0.72 3.34 10.32
H89 A1LVV C . 0.53 2.86 8.56
H30 A1LVV C . -8.00 -9.03 3.33
H31 A1LVV C . -8.18 -8.36 1.63
H32 A1LVV C . -9.36 -7.85 2.94
H34 A1LVV C . -5.41 -6.39 -0.58
H35 A1LVV C . -5.81 -4.74 -1.23
H20 A1LVV C . -0.26 0.62 9.17
H28 A1LVV C . -10.00 -2.84 4.84
H29 A1LVV C . -8.81 -6.02 1.76
H33 A1LVV C . -8.02 -4.75 -0.23
H63 A1LVV C . -6.74 -2.67 1.11
H3 A1LVV C . -3.82 -2.30 11.62
H98 A1LVV C . -3.75 -2.17 9.80
H2 A1LVV C . -4.70 -3.52 10.57
H5 A1LVV C . -5.06 5.11 8.57
H15 A1LVV C . -1.01 -1.45 9.86
H24 A1LVV C . -6.71 1.40 5.63
H39 A1LVV C . -5.45 -7.95 -2.28
H47 A1LVV C . -8.17 -2.67 -2.42
H49 A1LVV C . -9.27 -0.24 -6.19
H27 A1LVV C . -9.20 0.58 3.74
H25 A1LVV C . -9.55 -0.80 4.89
H26 A1LVV C . -10.47 -0.67 3.31
H38 A1LVV C . -5.05 -6.43 -3.80
H36 A1LVV C . -5.57 -4.75 -3.27
H37 A1LVV C . -6.61 -5.72 -4.42
H40 A1LVV C . -8.53 -6.62 -3.50
H41 A1LVV C . -9.07 -5.21 -4.55
H42 A1LVV C . -10.71 -3.61 -2.99
H43 A1LVV C . -10.59 -3.48 -4.81
H45 A1LVV C . -11.15 -1.06 -2.59
H46 A1LVV C . -11.40 -1.19 -4.41
H44 A1LVV C . -10.27 0.08 -3.72
H48 A1LVV C . -7.91 -0.77 -4.64
H50 A1LVV C . -6.74 -2.52 -5.58
H52 A1LVV C . -9.43 -3.99 -6.17
H53 A1LVV C . -7.78 -4.43 -6.79
H51 A1LVV C . -8.58 -2.89 -7.35
H54 A1LVV C . -9.13 -7.92 -1.63
H56 A1LVV C . -10.22 -5.09 -0.97
H57 A1LVV C . -10.84 -6.64 -0.25
H55 A1LVV C . -10.99 -6.33 -2.04
H58 A1LVV C . -9.10 -4.96 6.01
H59 A1LVV C . -7.23 -5.71 9.09
H60 A1LVV C . -7.24 -6.13 7.32
H61 A1LVV C . -8.77 -5.54 8.12
H62 A1LVV C . -6.54 -3.61 9.75
H1 A1LVV C . -5.19 -2.71 2.41
H64 A1LVV C . -5.45 -4.53 2.35
H66 A1LVV C . -5.04 0.66 11.29
H4 A1LVV C . -3.94 3.32 8.78
C14 A1LVV D . 4.49 -8.81 -8.42
C11 A1LVV D . 6.14 -6.05 -7.34
C7 A1LVV D . 4.41 -1.62 -10.75
C9 A1LVV D . 4.97 -4.36 -8.95
C10 A1LVV D . 6.27 -4.87 -8.31
C12 A1LVV D . 7.17 -7.11 -7.69
C13 A1LVV D . 4.74 -6.68 -7.33
C3 A1LVV D . 5.78 -0.81 -8.85
C15 A1LVV D . 5.57 -9.52 -9.16
C17 A1LVV D . 2.28 -6.19 -7.13
C20 A1LVV D . 6.78 2.52 -6.33
C24 A1LVV D . 7.60 5.11 -3.57
C26 A1LVV D . 10.23 5.95 -1.44
C28 A1LVV D . 5.80 6.40 0.64
C16 A1LVV D . 3.68 -5.60 -7.22
C18 A1LVV D . 5.02 1.18 -7.64
C23 A1LVV D . 7.42 5.12 -5.76
C25 A1LVV D . 8.07 5.67 -2.22
C27 A1LVV D . 6.57 6.74 -0.64
C29 A1LVV D . 5.79 7.59 1.59
O10 A1LVV D . 5.73 3.29 -5.86
O21 A1LVV D . 8.48 4.07 -4.00
O22 A1LVV D . 5.25 5.66 -3.27
C1 A1LVV D . 8.40 -2.33 -7.65
O1 A1LVV D . 8.11 -1.47 -8.76
O2 A1LVV D . 2.47 0.70 -8.69
O3 A1LVV D . 2.26 -0.64 -11.12
O4 A1LVV D . 4.92 -2.95 -8.78
O5 A1LVV D . 6.40 -5.55 -6.02
O7 A1LVV D . 3.59 -9.31 -7.73
O8 A1LVV D . 3.73 -4.67 -8.30
O9 A1LVV D . 4.11 2.11 -7.23
O11 A1LVV D . 4.94 5.33 -5.76
O12 A1LVV D . 7.69 6.06 -4.68
O13 A1LVV D . 9.25 4.99 -1.85
O14 A1LVV D . 7.17 5.55 -1.14
O15 A1LVV D . 6.88 7.47 2.51
O16 A1LVV D . 4.93 9.04 -0.20
O17 A1LVV D . 2.69 8.96 -2.00
O18 A1LVV D . 0.52 11.50 -0.61
C19 A1LVV D . 6.40 1.40 -7.14
O19 A1LVV D . 3.00 9.24 0.74
O20 A1LVV D . 7.72 7.53 -0.33
C21 A1LVV D . 6.03 4.56 -5.32
C22 A1LVV D . 4.93 5.69 -7.15
O29 A1LVV D . 4.57 -7.44 -8.54
C30 A1LVV D . 4.49 7.66 2.37
C31 A1LVV D . 5.98 8.90 0.75
C32 A1LVV D . 4.04 10.08 0.22
C33 A1LVV D . 3.59 10.94 -0.96
C34 A1LVV D . 2.37 10.29 -1.61
C35 A1LVV D . 1.96 11.10 -2.84
C36 A1LVV D . 1.21 10.27 -0.58
C37 A1LVV D . 1.77 9.98 0.82
C38 A1LVV D . 1.98 11.27 1.60
C39 A1LVV D . 7.34 8.87 0.01
C40 A1LVV D . 7.33 9.76 -1.22
C41 A1LVV D . 8.51 4.06 -5.45
C42 A1LVV D . 8.11 2.75 -6.01
C43 A1LVV D . 9.11 1.84 -6.43
C44 A1LVV D . 10.52 2.04 -6.03
C45 A1LVV D . 8.76 0.73 -7.20
C46 A1LVV D . 7.41 0.51 -7.56
C47 A1LVV D . 6.10 4.63 -3.72
C48 A1LVV D . 5.85 3.42 -2.83
C49 A1LVV D . 5.44 -2.00 -9.70
C55 A1LVV D . 4.75 0.13 -8.51
C56 A1LVV D . 7.08 -0.61 -8.40
C57 A1LVV D . 3.13 -1.12 -10.11
C58 A1LVV D . 3.41 -0.03 -9.07
H7 A1LVV D . 4.17 -2.52 -11.37
H6 A1LVV D . 4.83 -0.83 -11.42
H9 A1LVV D . 4.89 -4.65 -10.03
H11 A1LVV D . 6.98 -5.15 -9.13
H10 A1LVV D . 6.72 -4.01 -7.75
H13 A1LVV D . 6.88 -8.09 -7.25
H14 A1LVV D . 8.19 -6.82 -7.30
H12 A1LVV D . 7.25 -7.23 -8.80
H16 A1LVV D . 4.66 -7.36 -6.44
H18 A1LVV D . 5.13 -10.41 -9.68
H19 A1LVV D . 6.35 -9.87 -8.43
H17 A1LVV D . 6.02 -8.82 -9.91
H87 A1LVV D . 2.29 -7.00 -6.35
H88 A1LVV D . 1.99 -6.62 -8.11
H89 A1LVV D . 1.56 -5.39 -6.84
H30 A1LVV D . 11.18 5.42 -1.15
H31 A1LVV D . 9.84 6.54 -0.56
H32 A1LVV D . 10.44 6.64 -2.29
H34 A1LVV D . 6.30 5.53 1.13
H35 A1LVV D . 4.75 6.11 0.38
H20 A1LVV D . 3.91 -4.97 -6.32
H28 A1LVV D . 7.49 5.66 -6.72
H29 A1LVV D . 8.19 6.79 -2.32
H33 A1LVV D . 5.92 7.25 -1.40
H63 A1LVV D . 4.51 5.27 -2.76
H3 A1LVV D . 7.53 -2.35 -6.95
H98 A1LVV D . 8.60 -3.37 -8.03
H2 A1LVV D . 9.31 -1.95 -7.13
H5 A1LVV D . 1.40 -1.09 -11.05
H15 A1LVV D . 6.18 -4.62 -5.97
H24 A1LVV D . 3.45 2.25 -7.92
H39 A1LVV D . 6.77 6.65 3.03
H47 A1LVV D . 3.21 8.53 -1.30
H49 A1LVV D . -0.39 11.37 -0.93
H27 A1LVV D . 5.02 4.77 -7.77
H25 A1LVV D . 3.95 6.20 -7.38
H26 A1LVV D . 5.77 6.39 -7.36
H38 A1LVV D . 4.62 7.14 3.36
H36 A1LVV D . 3.67 7.15 1.79
H37 A1LVV D . 4.21 8.73 2.55
H40 A1LVV D . 5.98 9.77 1.46
H41 A1LVV D . 4.47 10.73 1.04
H42 A1LVV D . 4.42 11.02 -1.72
H43 A1LVV D . 3.33 11.96 -0.58
H45 A1LVV D . 2.68 10.89 -3.67
H46 A1LVV D . 1.96 12.18 -2.58
H44 A1LVV D . 0.93 10.78 -3.16
H48 A1LVV D . 0.49 9.42 -0.85
H50 A1LVV D . 1.07 9.28 1.37
H52 A1LVV D . 2.75 11.90 1.10
H53 A1LVV D . 2.31 11.03 2.65
H51 A1LVV D . 1.01 11.85 1.64
H54 A1LVV D . 8.14 9.22 0.72
H56 A1LVV D . 6.49 9.47 -1.89
H57 A1LVV D . 8.29 9.66 -1.78
H55 A1LVV D . 7.20 10.83 -0.92
H58 A1LVV D . 9.53 4.40 -5.75
H59 A1LVV D . 11.12 1.13 -6.28
H60 A1LVV D . 10.58 2.22 -4.93
H61 A1LVV D . 10.96 2.92 -6.57
H62 A1LVV D . 9.54 0.04 -7.54
H1 A1LVV D . 4.74 3.28 -2.74
H64 A1LVV D . 6.27 3.65 -1.79
H66 A1LVV D . 6.38 -2.41 -10.18
H4 A1LVV D . 2.63 -1.98 -9.56
O5' 3D1 A 1 4.33 7.39 -13.92
C5' 3D1 A 1 3.21 8.20 -14.27
C4' 3D1 A 1 1.91 7.39 -14.28
O4' 3D1 A 1 1.98 6.44 -15.35
C1' 3D1 A 1 2.20 5.13 -14.81
N9 3D1 A 1 3.58 4.72 -15.17
C4 3D1 A 1 3.90 3.80 -16.14
N3 3D1 A 1 3.06 3.25 -17.04
C2 3D1 A 1 3.71 2.40 -17.82
N1 3D1 A 1 4.99 2.07 -17.81
C6 3D1 A 1 5.81 2.64 -16.89
N6 3D1 A 1 7.10 2.30 -16.87
C5 3D1 A 1 5.24 3.55 -16.00
N7 3D1 A 1 5.77 4.31 -14.96
C8 3D1 A 1 4.75 4.97 -14.50
C2' 3D1 A 1 1.94 5.18 -13.30
C3' 3D1 A 1 1.64 6.63 -13.00
O3' 3D1 A 1 0.25 6.78 -12.66
H5'1 3D1 A 1 3.38 8.65 -15.26
H5'2 3D1 A 1 3.10 9.01 -13.54
H4' 3D1 A 1 1.08 8.06 -14.49
H1' 3D1 A 1 1.50 4.43 -15.27
H2 3D1 A 1 3.11 1.91 -18.58
HN61 3D1 A 1 7.45 1.62 -17.54
HN62 3D1 A 1 7.72 2.71 -16.19
H8 3D1 A 1 4.81 5.67 -13.67
H2'1 3D1 A 1 2.84 4.86 -12.76
H2'2 3D1 A 1 1.09 4.55 -13.04
H3' 3D1 A 1 2.29 7.01 -12.20
HO5' 3D1 A 1 4.78 7.83 -13.20
F GF2 A 5 -2.69 -7.54 3.36
P GF2 A 5 -3.16 -7.86 -2.31
N1 GF2 A 5 0.13 -2.07 2.52
C2 GF2 A 5 0.44 -3.16 3.32
N2 GF2 A 5 1.09 -2.89 4.45
N3 GF2 A 5 0.11 -4.41 3.01
C4 GF2 A 5 -0.56 -4.50 1.84
C5 GF2 A 5 -0.90 -3.47 0.99
C6 GF2 A 5 -0.55 -2.14 1.31
O6 GF2 A 5 -0.77 -1.11 0.67
N7 GF2 A 5 -1.58 -3.98 -0.12
C8 GF2 A 5 -1.62 -5.26 0.10
N9 GF2 A 5 -1.02 -5.65 1.26
C1' GF2 A 5 -0.88 -7.00 1.84
OP2 GF2 A 5 -3.89 -6.58 -2.29
C2' GF2 A 5 -2.20 -7.72 2.09
OP1 GF2 A 5 -3.90 -9.13 -2.47
C3' GF2 A 5 -1.85 -9.16 1.77
O3' GF2 A 5 -1.28 -9.78 2.93
C4' GF2 A 5 -0.80 -9.03 0.67
O4' GF2 A 5 -0.13 -7.79 0.90
C5' GF2 A 5 -1.39 -9.05 -0.74
O5' GF2 A 5 -2.29 -7.95 -0.95
HN1 GF2 A 5 0.42 -1.15 2.82
HN2 GF2 A 5 1.34 -1.95 4.69
HN2A GF2 A 5 1.33 -3.65 5.08
H8 GF2 A 5 -2.10 -5.97 -0.58
H1' GF2 A 5 -0.32 -6.94 2.77
H2' GF2 A 5 -2.94 -7.36 1.38
H3' GF2 A 5 -2.73 -9.70 1.41
H4' GF2 A 5 -0.09 -9.85 0.78
H5' GF2 A 5 -0.57 -8.97 -1.46
H5'A GF2 A 5 -1.92 -9.99 -0.89
F GF2 A 6 -4.60 -6.52 8.39
P GF2 A 6 -2.24 -10.35 4.09
N1 GF2 A 6 -4.04 -0.56 6.22
C2 GF2 A 6 -3.41 -1.23 7.24
N2 GF2 A 6 -2.94 -0.48 8.24
N3 GF2 A 6 -3.28 -2.56 7.28
C4 GF2 A 6 -3.82 -3.17 6.20
C5 GF2 A 6 -4.45 -2.59 5.14
C6 GF2 A 6 -4.60 -1.17 5.09
O6 GF2 A 6 -5.14 -0.48 4.23
N7 GF2 A 6 -4.87 -3.55 4.23
C8 GF2 A 6 -4.48 -4.68 4.76
N9 GF2 A 6 -3.83 -4.53 5.96
C1' GF2 A 6 -3.11 -5.54 6.76
OP2 GF2 A 6 -3.55 -10.68 3.52
C2' GF2 A 6 -3.93 -6.79 7.21
OP1 GF2 A 6 -1.50 -11.38 4.86
C3' GF2 A 6 -2.75 -7.78 7.51
O3' GF2 A 6 -2.28 -7.65 8.85
C4' GF2 A 6 -1.64 -7.32 6.57
O4' GF2 A 6 -2.08 -6.13 5.94
C5' GF2 A 6 -1.25 -8.36 5.52
O5' GF2 A 6 -2.40 -9.05 5.02
HN1 GF2 A 6 -4.10 0.44 6.26
HN2 GF2 A 6 -3.05 0.53 8.20
HN2A GF2 A 6 -2.47 -0.91 9.02
H8 GF2 A 6 -4.65 -5.65 4.29
H1' GF2 A 6 -2.64 -5.05 7.60
H2' GF2 A 6 -4.65 -7.17 6.45
H3' GF2 A 6 -3.02 -8.81 7.30
H4' GF2 A 6 -0.75 -7.09 7.17
H5' GF2 A 6 -0.75 -7.86 4.70
H5'A GF2 A 6 -0.58 -9.09 5.97
O5' 3D1 B 1 -13.71 2.42 3.21
C5' 3D1 B 1 -14.01 3.80 3.02
C4' 3D1 B 1 -13.33 4.67 4.08
O4' 3D1 B 1 -13.78 4.31 5.38
C1' 3D1 B 1 -12.74 4.63 6.32
N9 3D1 B 1 -12.67 3.53 7.30
C4 3D1 B 1 -12.25 3.65 8.60
N3 3D1 B 1 -12.00 4.80 9.26
C2 3D1 B 1 -11.61 4.54 10.49
N1 3D1 B 1 -11.44 3.38 11.10
C6 3D1 B 1 -11.70 2.24 10.42
N6 3D1 B 1 -11.54 1.06 11.02
C5 3D1 B 1 -12.12 2.37 9.09
N7 3D1 B 1 -12.47 1.45 8.11
C8 3D1 B 1 -12.79 2.18 7.08
C2' 3D1 B 1 -11.44 4.86 5.55
C3' 3D1 B 1 -11.82 4.55 4.12
O3' 3D1 B 1 -11.24 5.52 3.23
H5'1 3D1 B 1 -15.09 3.95 3.06
H5'2 3D1 B 1 -13.66 4.12 2.04
H4' 3D1 B 1 -13.60 5.71 3.91
H1' 3D1 B 1 -13.03 5.55 6.84
H2 3D1 B 1 -11.38 5.42 11.11
HN61 3D1 B 1 -11.22 1.03 11.98
HN62 3D1 B 1 -11.72 0.21 10.52
H8 3D1 B 1 -13.10 1.75 6.12
H2'1 3D1 B 1 -10.67 4.19 5.91
H2'2 3D1 B 1 -11.12 5.90 5.65
H3' 3D1 B 1 -11.50 3.54 3.85
HO5' 3D1 B 1 -13.56 2.29 4.14
F GF2 B 5 8.48 1.33 0.99
P GF2 B 5 6.70 4.55 5.78
N1 GF2 B 5 3.05 -0.77 -0.80
C2 GF2 B 5 4.19 -1.44 -0.42
N2 GF2 B 5 4.40 -2.63 -0.99
N3 GF2 B 5 5.06 -0.96 0.46
C4 GF2 B 5 4.71 0.26 0.92
C5 GF2 B 5 3.59 0.99 0.60
C6 GF2 B 5 2.66 0.48 -0.33
O6 GF2 B 5 1.62 0.99 -0.74
N7 GF2 B 5 3.59 2.20 1.30
C8 GF2 B 5 4.69 2.16 2.01
N9 GF2 B 5 5.41 1.01 1.83
C1' GF2 B 5 6.68 0.61 2.47
OP2 GF2 B 5 6.19 5.60 4.87
C2' GF2 B 5 7.85 1.56 2.20
OP1 GF2 B 5 7.87 4.84 6.65
C3' GF2 B 5 8.71 1.29 3.42
O3' GF2 B 5 9.57 0.17 3.15
C4' GF2 B 5 7.73 0.93 4.51
O4' GF2 B 5 6.48 0.60 3.88
C5' GF2 B 5 7.51 2.05 5.52
O5' GF2 B 5 7.04 3.24 4.90
HN1 GF2 B 5 2.43 -1.21 -1.47
HN2 GF2 B 5 3.73 -3.00 -1.65
HN2A GF2 B 5 5.22 -3.16 -0.74
H8 GF2 B 5 4.99 2.96 2.68
H1' GF2 B 5 6.94 -0.40 2.13
H2' GF2 B 5 7.49 2.58 2.22
H3' GF2 B 5 9.29 2.17 3.70
H4' GF2 B 5 8.09 0.04 5.04
H5' GF2 B 5 6.77 1.72 6.27
H5'A GF2 B 5 8.45 2.27 6.03
F GF2 B 6 10.68 -0.57 -3.92
P GF2 B 6 10.88 0.34 2.23
N1 GF2 B 6 4.61 -0.08 -5.78
C2 GF2 B 6 5.48 -1.16 -5.72
N2 GF2 B 6 5.22 -2.18 -6.54
N3 GF2 B 6 6.52 -1.21 -4.89
C4 GF2 B 6 6.64 -0.09 -4.13
C5 GF2 B 6 5.83 1.02 -4.14
C6 GF2 B 6 4.72 1.07 -5.01
O6 GF2 B 6 3.89 1.97 -5.15
N7 GF2 B 6 6.29 1.95 -3.20
C8 GF2 B 6 7.34 1.39 -2.68
N9 GF2 B 6 7.62 0.14 -3.18
C1' GF2 B 6 8.61 -0.85 -2.72
OP2 GF2 B 6 11.26 1.77 2.11
C2' GF2 B 6 10.11 -0.39 -2.68
OP1 GF2 B 6 11.86 -0.64 2.73
C3' GF2 B 6 10.67 -1.44 -1.68
O3' GF2 B 6 11.11 -2.62 -2.36
C4' GF2 B 6 9.49 -1.81 -0.79
O4' GF2 B 6 8.35 -1.14 -1.34
C5' GF2 B 6 9.68 -1.42 0.67
O5' GF2 B 6 10.35 -0.17 0.80
HN1 GF2 B 6 3.84 -0.12 -6.44
HN2 GF2 B 6 4.42 -2.13 -7.17
HN2A GF2 B 6 5.82 -2.99 -6.54
H8 GF2 B 6 7.94 1.86 -1.90
H1' GF2 B 6 8.49 -1.76 -3.30
H2' GF2 B 6 10.26 0.67 -2.36
H3' GF2 B 6 11.48 -1.04 -1.08
H4' GF2 B 6 9.33 -2.89 -0.85
H5' GF2 B 6 8.71 -1.36 1.15
H5'A GF2 B 6 10.27 -2.19 1.17
C14 A1LVV C . 1.69 1.76 13.06
C11 A1LVV C . -0.40 -0.44 11.53
C7 A1LVV C . -5.31 2.53 10.35
C9 A1LVV C . -2.31 1.30 11.03
C10 A1LVV C . -1.90 -0.10 11.52
C12 A1LVV C . -0.02 -1.03 12.88
C13 A1LVV C . 0.48 0.78 11.23
C3 A1LVV C . -5.33 0.28 9.27
C15 A1LVV C . 1.59 1.31 14.49
C17 A1LVV C . 0.86 2.68 9.63
C20 A1LVV C . -6.96 -2.18 6.15
C24 A1LVV C . -7.81 -4.56 3.23
C26 A1LVV C . -8.07 -7.98 2.59
C28 A1LVV C . -6.13 -5.44 -1.14
C16 A1LVV C . -0.05 1.53 10.01
C18 A1LVV C . -6.10 0.12 6.95
C23 A1LVV C . -8.92 -3.23 4.57
C25 A1LVV C . -7.67 -5.73 2.24
C27 A1LVV C . -7.29 -5.42 -0.14
C29 A1LVV C . -6.59 -6.05 -2.47
O10 A1LVV C . -7.04 -1.62 4.90
O21 A1LVV C . -7.43 -4.98 4.53
O22 A1LVV C . -7.46 -2.80 1.58
C1 A1LVV C . -4.17 -2.44 10.65
O1 A1LVV C . -5.37 -1.65 10.72
O2 A1LVV C . -5.58 2.85 6.71
O3 A1LVV C . -5.72 4.44 8.98
O4 A1LVV C . -3.34 1.13 10.08
O5 A1LVV C . -0.16 -1.41 10.50
O7 A1LVV C . 2.70 2.18 12.48
O8 A1LVV C . -1.38 2.00 10.20
O9 A1LVV C . -6.38 0.57 5.71
O11 A1LVV C . -8.43 -1.17 3.25
O12 A1LVV C . -9.18 -4.12 3.45
O13 A1LVV C . -7.24 -6.87 2.95
O14 A1LVV C . -6.76 -5.56 1.18
O15 A1LVV C . -6.29 -7.45 -2.47
O16 A1LVV C . -8.46 -4.46 -2.54
O17 A1LVV C . -8.75 -1.58 -2.42
O18 A1LVV C . -9.58 -0.81 -5.88
C19 A1LVV C . -6.38 -1.34 7.16
O19 A1LVV C . -7.63 -3.34 -4.19
O20 A1LVV C . -8.07 -6.61 -0.26
C21 A1LVV C . -7.87 -2.25 3.94
C22 A1LVV C . -9.45 -0.43 3.94
O29 A1LVV C . 0.51 1.64 12.38
C30 A1LVV C . -5.88 -5.38 -3.63
C31 A1LVV C . -8.12 -5.85 -2.58
C32 A1LVV C . -8.85 -4.02 -3.84
C33 A1LVV C . -10.06 -3.08 -3.79
C34 A1LVV C . -9.57 -1.65 -3.60
C35 A1LVV C . -10.74 -0.70 -3.45
C36 A1LVV C . -8.71 -1.24 -4.83
C37 A1LVV C . -7.86 -2.44 -5.29
C38 A1LVV C . -8.50 -3.18 -6.46
C39 A1LVV C . -8.86 -6.58 -1.45
C40 A1LVV C . -10.23 -5.99 -1.17
C41 A1LVV C . -8.20 -4.21 5.50
C42 A1LVV C . -7.32 -3.48 6.45
C43 A1LVV C . -7.08 -4.01 7.75
C44 A1LVV C . -7.40 -5.42 8.04
C45 A1LVV C . -6.49 -3.22 8.72
C46 A1LVV C . -6.15 -1.88 8.44
C47 A1LVV C . -7.10 -3.18 2.88
C48 A1LVV C . -5.58 -3.37 2.89
C49 A1LVV C . -4.72 1.13 10.37
C55 A1LVV C . -5.64 0.89 8.01
C56 A1LVV C . -5.60 -1.06 9.49
C57 A1LVV C . -5.03 3.21 9.01
C58 A1LVV C . -5.44 2.34 7.83
H7 A1LVV C . -4.84 3.14 11.16
H6 A1LVV C . -6.41 2.48 10.53
H9 A1LVV C . -2.62 1.96 11.88
H11 A1LVV C . -2.30 -0.24 12.56
H10 A1LVV C . -2.41 -0.85 10.87
H13 A1LVV C . 1.09 -0.94 13.03
H14 A1LVV C . -0.30 -2.10 12.94
H12 A1LVV C . -0.52 -0.47 13.70
H16 A1LVV C . 1.53 0.42 11.01
H18 A1LVV C . 2.14 2.03 15.14
H19 A1LVV C . 2.04 0.29 14.58
H17 A1LVV C . 0.52 1.28 14.78
H87 A1LVV C . 1.91 2.33 9.58
H88 A1LVV C . 0.77 3.50 10.38
H89 A1LVV C . 0.55 3.07 8.63
H30 A1LVV C . -7.74 -8.89 3.17
H31 A1LVV C . -7.97 -8.17 1.49
H32 A1LVV C . -9.14 -7.74 2.85
H34 A1LVV C . -5.30 -6.06 -0.71
H35 A1LVV C . -5.75 -4.40 -1.30
H20 A1LVV C . -0.15 0.78 9.17
H28 A1LVV C . -9.88 -2.81 4.91
H29 A1LVV C . -8.66 -5.86 1.72
H33 A1LVV C . -7.94 -4.51 -0.25
H63 A1LVV C . -6.69 -2.44 1.13
H3 A1LVV C . -3.59 -2.30 11.59
H98 A1LVV C . -3.56 -2.10 9.77
H2 A1LVV C . -4.46 -3.52 10.53
H5 A1LVV C . -5.09 5.16 8.79
H15 A1LVV C . -0.84 -1.32 9.82
H24 A1LVV C . -6.69 1.50 5.77
H39 A1LVV C . -5.33 -7.57 -2.45
H47 A1LVV C . -8.18 -2.37 -2.37
H49 A1LVV C . -9.43 0.14 -6.05
H27 A1LVV C . -9.20 0.67 3.89
H25 A1LVV C . -9.48 -0.76 5.01
H26 A1LVV C . -10.43 -0.61 3.45
H38 A1LVV C . -4.98 -5.99 -3.92
H36 A1LVV C . -5.55 -4.35 -3.34
H37 A1LVV C . -6.59 -5.30 -4.50
H40 A1LVV C . -8.46 -6.30 -3.57
H41 A1LVV C . -9.06 -4.86 -4.57
H42 A1LVV C . -10.71 -3.36 -2.92
H43 A1LVV C . -10.64 -3.17 -4.74
H45 A1LVV C . -11.22 -0.84 -2.45
H46 A1LVV C . -11.49 -0.92 -4.26
H44 A1LVV C . -10.38 0.35 -3.56
H48 A1LVV C . -8.01 -0.40 -4.54
H50 A1LVV C . -6.82 -2.09 -5.56
H52 A1LVV C . -9.48 -3.61 -6.14
H53 A1LVV C . -7.83 -3.99 -6.81
H51 A1LVV C . -8.68 -2.46 -7.30
H54 A1LVV C . -8.98 -7.67 -1.73
H56 A1LVV C . -10.14 -4.88 -0.96
H57 A1LVV C . -10.71 -6.47 -0.29
H55 A1LVV C . -10.90 -6.12 -2.06
H58 A1LVV C . -8.90 -4.94 6.00
H59 A1LVV C . -6.96 -5.72 9.02
H60 A1LVV C . -6.98 -6.08 7.24
H61 A1LVV C . -8.51 -5.57 8.08
H62 A1LVV C . -6.32 -3.63 9.73
H1 A1LVV C . -5.12 -2.47 2.39
H64 A1LVV C . -5.33 -4.29 2.29
H66 A1LVV C . -4.89 0.63 11.37
H4 A1LVV C . -3.92 3.40 8.92
C14 A1LVV D . 4.40 -8.91 -8.49
C11 A1LVV D . 6.05 -6.18 -7.31
C7 A1LVV D . 4.60 -1.72 -10.83
C9 A1LVV D . 5.00 -4.47 -9.00
C10 A1LVV D . 6.25 -5.00 -8.28
C12 A1LVV D . 7.07 -7.26 -7.62
C13 A1LVV D . 4.64 -6.78 -7.40
C3 A1LVV D . 5.87 -0.92 -8.85
C15 A1LVV D . 5.50 -9.64 -9.17
C17 A1LVV D . 2.18 -6.25 -7.32
C20 A1LVV D . 6.79 2.38 -6.28
C24 A1LVV D . 7.51 4.97 -3.48
C26 A1LVV D . 10.04 5.75 -1.21
C28 A1LVV D . 5.50 6.29 0.62
C16 A1LVV D . 3.59 -5.67 -7.35
C18 A1LVV D . 5.08 1.08 -7.70
C23 A1LVV D . 7.46 4.97 -5.69
C25 A1LVV D . 7.91 5.51 -2.11
C27 A1LVV D . 6.34 6.61 -0.61
C29 A1LVV D . 5.46 7.49 1.56
O10 A1LVV D . 5.73 3.16 -5.87
O21 A1LVV D . 8.39 3.90 -3.86
O22 A1LVV D . 5.15 5.56 -3.32
C1 A1LVV D . 8.40 -2.51 -7.51
O1 A1LVV D . 8.17 -1.64 -8.63
O2 A1LVV D . 2.59 0.64 -8.88
O3 A1LVV D . 2.50 -0.70 -11.32
O4 A1LVV D . 4.97 -3.06 -8.82
O5 A1LVV D . 6.25 -5.69 -5.98
O7 A1LVV D . 3.47 -9.39 -7.85
O8 A1LVV D . 3.72 -4.75 -8.41
O9 A1LVV D . 4.17 2.02 -7.33
O11 A1LVV D . 4.98 5.23 -5.82
O12 A1LVV D . 7.69 5.91 -4.59
O13 A1LVV D . 9.06 4.81 -1.66
O14 A1LVV D . 6.96 5.41 -1.09
O15 A1LVV D . 6.49 7.34 2.55
O16 A1LVV D . 4.73 8.95 -0.27
O17 A1LVV D . 2.61 8.90 -2.20
O18 A1LVV D . 0.41 11.50 -0.93
C19 A1LVV D . 6.44 1.27 -7.10
O19 A1LVV D . 2.76 9.19 0.56
O20 A1LVV D . 7.49 7.38 -0.25
C21 A1LVV D . 6.02 4.44 -5.33
C22 A1LVV D . 5.04 5.58 -7.21
O29 A1LVV D . 4.51 -7.54 -8.60
C30 A1LVV D . 4.12 7.57 2.28
C31 A1LVV D . 5.73 8.78 0.74
C32 A1LVV D . 3.84 10.00 0.10
C33 A1LVV D . 3.48 10.88 -1.11
C34 A1LVV D . 2.29 10.25 -1.82
C35 A1LVV D . 1.96 11.05 -3.07
C36 A1LVV D . 1.06 10.23 -0.86
C37 A1LVV D . 1.54 9.96 0.57
C38 A1LVV D . 1.73 11.24 1.36
C39 A1LVV D . 7.12 8.73 0.07
C40 A1LVV D . 7.20 9.62 -1.15
C41 A1LVV D . 8.50 3.89 -5.31
C42 A1LVV D . 8.11 2.58 -5.89
C43 A1LVV D . 9.11 1.65 -6.26
C44 A1LVV D . 10.50 1.83 -5.78
C45 A1LVV D . 8.78 0.55 -7.04
C46 A1LVV D . 7.46 0.36 -7.47
C47 A1LVV D . 6.01 4.51 -3.72
C48 A1LVV D . 5.69 3.30 -2.84
C49 A1LVV D . 5.56 -2.11 -9.72
C55 A1LVV D . 4.84 0.03 -8.57
C56 A1LVV D . 7.15 -0.75 -8.33
C57 A1LVV D . 3.29 -1.20 -10.25
C58 A1LVV D . 3.53 -0.11 -9.21
H7 A1LVV D . 4.37 -2.62 -11.45
H6 A1LVV D . 5.07 -0.94 -11.48
H9 A1LVV D . 4.97 -4.76 -10.08
H11 A1LVV D . 7.00 -5.30 -9.06
H10 A1LVV D . 6.69 -4.15 -7.70
H13 A1LVV D . 6.74 -8.24 -7.19
H14 A1LVV D . 8.06 -7.00 -7.16
H12 A1LVV D . 7.21 -7.38 -8.72
H16 A1LVV D . 4.49 -7.46 -6.50
H18 A1LVV D . 5.07 -10.52 -9.72
H19 A1LVV D . 6.24 -10.00 -8.39
H17 A1LVV D . 6.01 -8.96 -9.89
H87 A1LVV D . 2.12 -7.05 -6.55
H88 A1LVV D . 1.93 -6.68 -8.33
H89 A1LVV D . 1.45 -5.43 -7.08
H30 A1LVV D . 10.94 5.20 -0.87
H31 A1LVV D . 9.60 6.34 -0.36
H32 A1LVV D . 10.30 6.44 -2.05
H34 A1LVV D . 5.95 5.40 1.14
H35 A1LVV D . 4.47 6.02 0.31
H20 A1LVV D . 3.79 -5.05 -6.43
H28 A1LVV D . 7.59 5.51 -6.63
H29 A1LVV D . 8.07 6.62 -2.21
H33 A1LVV D . 5.76 7.14 -1.41
H63 A1LVV D . 4.39 5.18 -2.85
H3 A1LVV D . 7.48 -2.50 -6.86
H98 A1LVV D . 8.59 -3.55 -7.89
H2 A1LVV D . 9.28 -2.14 -6.93
H5 A1LVV D . 1.62 -1.14 -11.29
H15 A1LVV D . 6.03 -4.74 -5.96
H24 A1LVV D . 3.55 2.17 -8.06
H39 A1LVV D . 6.34 6.53 3.05
H47 A1LVV D . 3.07 8.46 -1.47
H49 A1LVV D . -0.49 11.38 -1.30
H27 A1LVV D . 5.17 4.66 -7.82
H25 A1LVV D . 4.10 6.11 -7.49
H26 A1LVV D . 5.92 6.27 -7.37
H38 A1LVV D . 4.19 7.05 3.27
H36 A1LVV D . 3.34 7.09 1.65
H37 A1LVV D . 3.86 8.65 2.44
H40 A1LVV D . 5.71 9.66 1.45
H41 A1LVV D . 4.24 10.65 0.94
H42 A1LVV D . 4.34 10.93 -1.81
H43 A1LVV D . 3.21 11.89 -0.74
H45 A1LVV D . 2.72 10.84 -3.86
H46 A1LVV D . 1.97 12.15 -2.83
H44 A1LVV D . 0.94 10.76 -3.45
H48 A1LVV D . 0.35 9.42 -1.17
H50 A1LVV D . 0.80 9.26 1.08
H52 A1LVV D . 2.55 11.85 0.91
H53 A1LVV D . 1.99 11.00 2.42
H51 A1LVV D . 0.78 11.83 1.35
H54 A1LVV D . 7.90 9.06 0.83
H56 A1LVV D . 6.39 9.34 -1.89
H57 A1LVV D . 8.19 9.50 -1.67
H55 A1LVV D . 7.07 10.69 -0.87
H58 A1LVV D . 9.54 4.21 -5.55
H59 A1LVV D . 11.10 0.90 -5.98
H60 A1LVV D . 10.51 2.01 -4.68
H61 A1LVV D . 10.99 2.69 -6.29
H62 A1LVV D . 9.57 -0.16 -7.33
H1 A1LVV D . 4.57 3.17 -2.82
H64 A1LVV D . 6.04 3.52 -1.78
H66 A1LVV D . 6.51 -2.55 -10.14
H4 A1LVV D . 2.75 -2.05 -9.74
O5' 3D1 A 1 3.15 9.29 -10.82
C5' 3D1 A 1 1.98 9.46 -11.62
C4' 3D1 A 1 1.61 8.18 -12.36
O4' 3D1 A 1 2.66 7.78 -13.24
C1' 3D1 A 1 2.57 6.36 -13.42
N9 3D1 A 1 3.95 5.83 -13.44
C4 3D1 A 1 4.36 4.69 -14.08
N3 3D1 A 1 3.63 3.96 -14.95
C2 3D1 A 1 4.33 2.92 -15.38
N1 3D1 A 1 5.57 2.56 -15.07
C6 3D1 A 1 6.27 3.32 -14.20
N6 3D1 A 1 7.52 2.96 -13.89
C5 3D1 A 1 5.64 4.45 -13.67
N7 3D1 A 1 6.07 5.43 -12.78
C8 3D1 A 1 5.02 6.22 -12.67
C2' 3D1 A 1 1.71 5.77 -12.30
C3' 3D1 A 1 1.36 6.98 -11.45
O3' 3D1 A 1 -0.02 6.94 -11.09
H5'1 3D1 A 1 2.15 10.26 -12.33
H5'2 3D1 A 1 1.15 9.74 -10.97
H4' 3D1 A 1 0.72 8.35 -12.96
H1' 3D1 A 1 2.11 6.15 -14.39
H2 3D1 A 1 3.82 2.26 -16.08
HN61 3D1 A 1 7.93 2.13 -14.30
HN62 3D1 A 1 8.06 3.52 -13.24
H8 3D1 A 1 5.02 7.11 -12.03
H2'1 3D1 A 1 2.27 5.04 -11.73
H2'2 3D1 A 1 0.80 5.33 -12.73
H3' 3D1 A 1 2.00 7.02 -10.57
HO5' 3D1 A 1 3.55 10.16 -10.70
F GF2 A 5 -2.89 -7.73 3.59
P GF2 A 5 -3.14 -8.04 -2.09
N1 GF2 A 5 0.31 -2.38 2.46
C2 GF2 A 5 0.58 -3.44 3.30
N2 GF2 A 5 1.31 -3.16 4.38
N3 GF2 A 5 0.17 -4.68 3.08
C4 GF2 A 5 -0.55 -4.78 1.95
C5 GF2 A 5 -0.89 -3.79 1.06
C6 GF2 A 5 -0.44 -2.47 1.29
O6 GF2 A 5 -0.64 -1.46 0.61
N7 GF2 A 5 -1.65 -4.31 0.02
C8 GF2 A 5 -1.76 -5.58 0.31
N9 GF2 A 5 -1.12 -5.94 1.45
C1' GF2 A 5 -1.02 -7.26 2.09
OP2 GF2 A 5 -3.84 -6.74 -2.08
C2' GF2 A 5 -2.37 -7.94 2.31
OP1 GF2 A 5 -3.88 -9.30 -2.33
C3' GF2 A 5 -2.05 -9.40 2.03
O3' GF2 A 5 -1.54 -10.02 3.21
C4' GF2 A 5 -0.96 -9.31 0.98
O4' GF2 A 5 -0.24 -8.10 1.23
C5' GF2 A 5 -1.49 -9.31 -0.45
O5' GF2 A 5 -2.35 -8.19 -0.70
HN1 GF2 A 5 0.66 -1.46 2.70
HN2 GF2 A 5 1.62 -2.21 4.56
HN2A GF2 A 5 1.55 -3.89 5.04
H8 GF2 A 5 -2.31 -6.28 -0.32
H1' GF2 A 5 -0.51 -7.16 3.05
H2' GF2 A 5 -3.08 -7.57 1.59
H3' GF2 A 5 -2.93 -9.92 1.65
H4' GF2 A 5 -0.28 -10.16 1.10
H5' GF2 A 5 -0.65 -9.27 -1.14
H5'A GF2 A 5 -2.06 -10.23 -0.63
F GF2 A 6 -4.89 -6.55 8.52
P GF2 A 6 -2.55 -10.53 4.36
N1 GF2 A 6 -4.07 -0.66 6.26
C2 GF2 A 6 -3.50 -1.33 7.32
N2 GF2 A 6 -3.03 -0.57 8.31
N3 GF2 A 6 -3.41 -2.66 7.39
C4 GF2 A 6 -3.94 -3.27 6.30
C5 GF2 A 6 -4.53 -2.68 5.21
C6 GF2 A 6 -4.61 -1.26 5.14
O6 GF2 A 6 -5.10 -0.58 4.24
N7 GF2 A 6 -4.94 -3.65 4.30
C8 GF2 A 6 -4.61 -4.78 4.87
N9 GF2 A 6 -3.99 -4.64 6.08
C1' GF2 A 6 -3.33 -5.66 6.92
OP2 GF2 A 6 -3.86 -10.83 3.76
C2' GF2 A 6 -4.20 -6.87 7.37
OP1 GF2 A 6 -1.87 -11.57 5.17
C3' GF2 A 6 -3.07 -7.88 7.71
O3' GF2 A 6 -2.64 -7.76 9.07
C4' GF2 A 6 -1.91 -7.50 6.81
O4' GF2 A 6 -2.30 -6.28 6.14
C5' GF2 A 6 -1.54 -8.56 5.78
O5' GF2 A 6 -2.70 -9.22 5.27
HN1 GF2 A 6 -4.10 0.35 6.28
HN2 GF2 A 6 -3.10 0.43 8.26
HN2A GF2 A 6 -2.59 -1.01 9.12
H8 GF2 A 6 -4.81 -5.75 4.42
H1' GF2 A 6 -2.87 -5.16 7.77
H2' GF2 A 6 -4.92 -7.23 6.59
H3' GF2 A 6 -3.37 -8.91 7.51
H4' GF2 A 6 -1.04 -7.28 7.42
H5' GF2 A 6 -0.99 -8.09 4.97
H5'A GF2 A 6 -0.90 -9.31 6.26
O5' 3D1 B 1 -13.38 2.55 2.81
C5' 3D1 B 1 -13.66 3.92 2.59
C4' 3D1 B 1 -13.03 4.80 3.67
O4' 3D1 B 1 -13.55 4.47 4.95
C1' 3D1 B 1 -12.58 4.82 5.94
N9 3D1 B 1 -12.57 3.75 6.94
C4 3D1 B 1 -12.20 3.91 8.26
N3 3D1 B 1 -11.97 5.08 8.89
C2 3D1 B 1 -11.63 4.85 10.16
N1 3D1 B 1 -11.52 3.70 10.80
C6 3D1 B 1 -11.76 2.55 10.15
N6 3D1 B 1 -11.64 1.38 10.79
C5 3D1 B 1 -12.12 2.65 8.79
N7 3D1 B 1 -12.44 1.69 7.83
C8 3D1 B 1 -12.69 2.39 6.77
C2' 3D1 B 1 -11.23 5.02 5.23
C3' 3D1 B 1 -11.53 4.68 3.78
O3' 3D1 B 1 -10.91 5.63 2.91
H5'1 3D1 B 1 -14.75 4.08 2.57
H5'2 3D1 B 1 -13.27 4.22 1.62
H4' 3D1 B 1 -13.30 5.85 3.47
H1' 3D1 B 1 -12.87 5.75 6.41
H2 3D1 B 1 -11.42 5.74 10.75
HN61 3D1 B 1 -11.38 1.37 11.77
HN62 3D1 B 1 -11.82 0.52 10.31
H8 3D1 B 1 -12.97 1.94 5.81
H2'1 3D1 B 1 -10.48 4.34 5.64
H2'2 3D1 B 1 -10.90 6.06 5.32
H3' 3D1 B 1 -11.22 3.66 3.55
HO5' 3D1 B 1 -14.18 2.05 2.61
F GF2 B 5 8.76 1.43 0.83
P GF2 B 5 6.92 4.50 5.66
N1 GF2 B 5 3.18 -0.92 -0.53
C2 GF2 B 5 4.35 -1.56 -0.21
N2 GF2 B 5 4.52 -2.78 -0.73
N3 GF2 B 5 5.30 -1.04 0.58
C4 GF2 B 5 4.97 0.19 1.01
C5 GF2 B 5 3.83 0.92 0.74
C6 GF2 B 5 2.83 0.36 -0.09
O6 GF2 B 5 1.76 0.85 -0.44
N7 GF2 B 5 3.88 2.16 1.37
C8 GF2 B 5 5.03 2.14 2.00
N9 GF2 B 5 5.74 0.98 1.82
C1' GF2 B 5 7.06 0.61 2.36
OP2 GF2 B 5 6.34 5.51 4.75
C2' GF2 B 5 8.17 1.62 2.06
OP1 GF2 B 5 8.04 4.86 6.54
C3' GF2 B 5 9.11 1.37 3.24
O3' GF2 B 5 10.00 0.29 2.93
C4' GF2 B 5 8.18 0.96 4.37
O4' GF2 B 5 6.94 0.55 3.79
C5' GF2 B 5 7.93 2.07 5.39
O5' GF2 B 5 7.35 3.22 4.77
HN1 GF2 B 5 2.51 -1.38 -1.13
HN2 GF2 B 5 3.81 -3.18 -1.32
HN2A GF2 B 5 5.36 -3.31 -0.53
H8 GF2 B 5 5.39 2.97 2.60
H1' GF2 B 5 7.33 -0.36 1.98
H2' GF2 B 5 7.77 2.62 2.11
H3' GF2 B 5 9.65 2.27 3.50
H4' GF2 B 5 8.61 0.10 4.89
H5' GF2 B 5 7.25 1.70 6.15
H5'A GF2 B 5 8.87 2.35 5.86
F GF2 B 6 10.79 -0.36 -4.20
P GF2 B 6 11.25 0.53 1.94
N1 GF2 B 6 4.64 -0.07 -5.77
C2 GF2 B 6 5.54 -1.11 -5.75
N2 GF2 B 6 5.27 -2.13 -6.57
N3 GF2 B 6 6.63 -1.14 -4.97
C4 GF2 B 6 6.73 -0.01 -4.22
C5 GF2 B 6 5.89 1.07 -4.17
C6 GF2 B 6 4.73 1.09 -5.00
O6 GF2 B 6 3.87 1.96 -5.09
N7 GF2 B 6 6.35 2.01 -3.26
C8 GF2 B 6 7.44 1.48 -2.79
N9 GF2 B 6 7.75 0.25 -3.31
C1' GF2 B 6 8.80 -0.71 -2.90
OP2 GF2 B 6 11.57 1.97 1.82
C2' GF2 B 6 10.27 -0.20 -2.93
OP1 GF2 B 6 12.29 -0.42 2.39
C3' GF2 B 6 10.92 -1.23 -1.97
O3' GF2 B 6 11.36 -2.40 -2.67
C4' GF2 B 6 9.80 -1.65 -1.03
O4' GF2 B 6 8.61 -1.02 -1.51
C5' GF2 B 6 10.05 -1.26 0.42
O5' GF2 B 6 10.67 0.02 0.53
HN1 GF2 B 6 3.84 -0.13 -6.39
HN2 GF2 B 6 4.45 -2.12 -7.16
HN2A GF2 B 6 5.90 -2.92 -6.60
H8 GF2 B 6 8.07 1.98 -2.04
H1' GF2 B 6 8.68 -1.62 -3.49
H2' GF2 B 6 10.39 0.87 -2.61
H3' GF2 B 6 11.74 -0.81 -1.41
H4' GF2 B 6 9.67 -2.73 -1.08
H5' GF2 B 6 9.10 -1.23 0.96
H5'A GF2 B 6 10.69 -2.01 0.90
C14 A1LVV C . 1.54 1.59 13.25
C11 A1LVV C . -0.59 -0.57 11.68
C7 A1LVV C . -5.35 2.54 10.30
C9 A1LVV C . -2.41 1.22 11.10
C10 A1LVV C . -2.07 -0.19 11.63
C12 A1LVV C . -0.26 -1.14 13.05
C13 A1LVV C . 0.35 0.62 11.39
C3 A1LVV C . -5.42 0.29 9.26
C15 A1LVV C . 1.38 1.16 14.67
C17 A1LVV C . 0.84 2.47 9.76
C20 A1LVV C . -7.04 -2.17 6.14
C24 A1LVV C . -7.88 -4.57 3.23
C26 A1LVV C . -8.25 -8.00 2.65
C28 A1LVV C . -6.11 -5.59 -1.06
C16 A1LVV C . -0.12 1.36 10.14
C18 A1LVV C . -6.12 0.11 6.93
C23 A1LVV C . -8.98 -3.18 4.52
C25 A1LVV C . -7.76 -5.77 2.27
C27 A1LVV C . -7.30 -5.51 -0.10
C29 A1LVV C . -6.55 -6.20 -2.39
O10 A1LVV C . -7.06 -1.63 4.87
O21 A1LVV C . -7.56 -4.99 4.56
O22 A1LVV C . -7.43 -2.86 1.56
C1 A1LVV C . -4.40 -2.45 10.72
O1 A1LVV C . -5.56 -1.62 10.73
O2 A1LVV C . -5.50 2.82 6.65
O3 A1LVV C . -5.65 4.46 8.89
O4 A1LVV C . -3.42 1.07 10.11
O5 A1LVV C . -0.35 -1.56 10.69
O7 A1LVV C . 2.57 1.96 12.68
O8 A1LVV C . -1.44 1.88 10.28
O9 A1LVV C . -6.36 0.56 5.67
O11 A1LVV C . -8.39 -1.16 3.18
O12 A1LVV C . -9.25 -4.07 3.41
O13 A1LVV C . -7.40 -6.91 3.01
O14 A1LVV C . -6.81 -5.65 1.23
O15 A1LVV C . -6.31 -7.61 -2.37
O16 A1LVV C . -8.36 -4.55 -2.56
O17 A1LVV C . -8.56 -1.67 -2.49
O18 A1LVV C . -9.25 -0.93 -5.98
C19 A1LVV C . -6.46 -1.33 7.15
O19 A1LVV C . -7.45 -3.50 -4.21
O20 A1LVV C . -8.12 -6.68 -0.21
C21 A1LVV C . -7.88 -2.26 3.90
C22 A1LVV C . -9.40 -0.38 3.83
O29 A1LVV C . 0.37 1.50 12.53
C30 A1LVV C . -5.78 -5.58 -3.56
C31 A1LVV C . -8.08 -5.96 -2.56
C32 A1LVV C . -8.69 -4.12 -3.88
C33 A1LVV C . -9.87 -3.15 -3.87
C34 A1LVV C . -9.34 -1.73 -3.69
C35 A1LVV C . -10.48 -0.74 -3.60
C36 A1LVV C . -8.44 -1.37 -4.91
C37 A1LVV C . -7.61 -2.61 -5.32
C38 A1LVV C . -8.25 -3.34 -6.49
C39 A1LVV C . -8.87 -6.64 -1.43
C40 A1LVV C . -10.23 -5.99 -1.21
C41 A1LVV C . -8.33 -4.18 5.49
C42 A1LVV C . -7.46 -3.46 6.45
C43 A1LVV C . -7.26 -3.97 7.76
C44 A1LVV C . -7.65 -5.36 8.07
C45 A1LVV C . -6.68 -3.18 8.74
C46 A1LVV C . -6.29 -1.86 8.44
C47 A1LVV C . -7.13 -3.23 2.89
C48 A1LVV C . -5.61 -3.47 2.95
C49 A1LVV C . -4.81 1.12 10.36
C55 A1LVV C . -5.66 0.88 7.99
C56 A1LVV C . -5.73 -1.04 9.49
C57 A1LVV C . -5.01 3.20 8.96
C58 A1LVV C . -5.41 2.31 7.79
H7 A1LVV C . -4.88 3.16 11.11
H6 A1LVV C . -6.46 2.54 10.44
H9 A1LVV C . -2.73 1.92 11.92
H11 A1LVV C . -2.51 -0.29 12.65
H10 A1LVV C . -2.59 -0.92 10.97
H13 A1LVV C . 0.85 -1.10 13.23
H14 A1LVV C . -0.59 -2.21 13.12
H12 A1LVV C . -0.78 -0.55 13.85
H16 A1LVV C . 1.39 0.22 11.20
H18 A1LVV C . 1.94 1.88 15.32
H19 A1LVV C . 1.79 0.14 14.79
H17 A1LVV C . 0.29 1.18 14.92
H87 A1LVV C . 1.89 2.08 9.76
H88 A1LVV C . 0.76 3.30 10.51
H89 A1LVV C . 0.58 2.86 8.74
H30 A1LVV C . -7.97 -8.90 3.24
H31 A1LVV C . -8.13 -8.21 1.56
H32 A1LVV C . -9.31 -7.72 2.86
H34 A1LVV C . -5.32 -6.23 -0.60
H35 A1LVV C . -5.68 -4.57 -1.23
H20 A1LVV C . -0.23 0.61 9.30
H28 A1LVV C . -9.94 -2.72 4.81
H29 A1LVV C . -8.74 -5.87 1.71
H33 A1LVV C . -7.91 -4.59 -0.25
H63 A1LVV C . -6.63 -2.53 1.12
H3 A1LVV C . -3.84 -2.31 11.67
H98 A1LVV C . -3.75 -2.15 9.86
H2 A1LVV C . -4.71 -3.52 10.60
H5 A1LVV C . -4.99 5.14 8.71
H15 A1LVV C . -1.00 -1.46 9.97
H24 A1LVV C . -6.64 1.48 5.70
H39 A1LVV C . -5.35 -7.78 -2.32
H47 A1LVV C . -8.01 -2.48 -2.42
H49 A1LVV C . -9.06 0.01 -6.16
H27 A1LVV C . -9.11 0.71 3.77
H25 A1LVV C . -9.48 -0.69 4.91
H26 A1LVV C . -10.38 -0.54 3.31
H38 A1LVV C . -4.90 -6.23 -3.80
H36 A1LVV C . -5.43 -4.57 -3.26
H37 A1LVV C . -6.46 -5.50 -4.45
H40 A1LVV C . -8.40 -6.41 -3.55
H41 A1LVV C . -8.91 -4.97 -4.59
H42 A1LVV C . -10.56 -3.39 -3.02
H43 A1LVV C . -10.42 -3.23 -4.84
H45 A1LVV C . -10.99 -0.84 -2.60
H46 A1LVV C . -11.22 -0.94 -4.42
H44 A1LVV C . -10.09 0.30 -3.71
H48 A1LVV C . -7.71 -0.55 -4.61
H50 A1LVV C . -6.56 -2.29 -5.57
H52 A1LVV C . -9.25 -3.74 -6.20
H53 A1LVV C . -7.59 -4.19 -6.81
H51 A1LVV C . -8.37 -2.63 -7.36
H54 A1LVV C . -9.02 -7.73 -1.71
H56 A1LVV C . -10.10 -4.90 -1.02
H57 A1LVV C . -10.74 -6.46 -0.33
H55 A1LVV C . -10.87 -6.12 -2.12
H58 A1LVV C . -9.07 -4.86 5.97
H59 A1LVV C . -7.25 -5.67 9.06
H60 A1LVV C . -7.23 -6.06 7.29
H61 A1LVV C . -8.76 -5.47 8.08
H62 A1LVV C . -6.56 -3.58 9.75
H1 A1LVV C . -5.11 -2.59 2.44
H64 A1LVV C . -5.37 -4.40 2.36
H66 A1LVV C . -5.03 0.66 11.36
H4 A1LVV C . -3.89 3.35 8.90
C14 A1LVV D . 4.60 -8.89 -8.52
C11 A1LVV D . 6.20 -6.10 -7.41
C7 A1LVV D . 4.44 -1.69 -10.82
C9 A1LVV D . 5.02 -4.42 -9.03
C10 A1LVV D . 6.32 -4.91 -8.38
C12 A1LVV D . 7.26 -7.15 -7.76
C13 A1LVV D . 4.81 -6.75 -7.43
C3 A1LVV D . 5.78 -0.86 -8.90
C15 A1LVV D . 5.70 -9.58 -9.26
C17 A1LVV D . 2.34 -6.30 -7.23
C20 A1LVV D . 6.70 2.47 -6.36
C24 A1LVV D . 7.46 5.07 -3.57
C26 A1LVV D . 10.06 5.92 -1.42
C28 A1LVV D . 5.60 6.29 0.63
C16 A1LVV D . 3.73 -5.69 -7.32
C18 A1LVV D . 4.97 1.11 -7.69
C23 A1LVV D . 7.30 5.08 -5.76
C25 A1LVV D . 7.91 5.62 -2.22
C27 A1LVV D . 6.37 6.66 -0.64
C29 A1LVV D . 5.56 7.48 1.58
O10 A1LVV D . 5.63 3.22 -5.88
O21 A1LVV D . 8.35 4.04 -4.00
O22 A1LVV D . 5.09 5.57 -3.29
C1 A1LVV D . 8.40 -2.35 -7.69
O1 A1LVV D . 8.10 -1.49 -8.79
O2 A1LVV D . 2.44 0.60 -8.78
O3 A1LVV D . 2.27 -0.74 -11.21
O4 A1LVV D . 4.95 -3.01 -8.85
O5 A1LVV D . 6.45 -5.62 -6.09
O7 A1LVV D . 3.71 -9.40 -7.85
O8 A1LVV D . 3.78 -4.75 -8.39
O9 A1LVV D . 4.05 2.03 -7.28
O11 A1LVV D . 4.82 5.25 -5.79
O12 A1LVV D . 7.55 6.01 -4.69
O13 A1LVV D . 9.09 4.95 -1.83
O14 A1LVV D . 7.00 5.48 -1.15
O15 A1LVV D . 6.65 7.36 2.51
O16 A1LVV D . 4.69 8.92 -0.21
O17 A1LVV D . 2.48 8.82 -2.03
O18 A1LVV D . 0.25 11.32 -0.65
C19 A1LVV D . 6.34 1.35 -7.18
O19 A1LVV D . 2.75 9.10 0.71
O20 A1LVV D . 7.51 7.46 -0.32
C21 A1LVV D . 5.90 4.50 -5.34
C22 A1LVV D . 4.80 5.62 -7.18
O29 A1LVV D . 4.66 -7.51 -8.63
C30 A1LVV D . 4.25 7.53 2.36
C31 A1LVV D . 5.75 8.79 0.75
C32 A1LVV D . 3.78 9.95 0.21
C33 A1LVV D . 3.34 10.81 -0.97
C34 A1LVV D . 2.14 10.15 -1.64
C35 A1LVV D . 1.72 10.95 -2.86
C36 A1LVV D . 0.96 10.09 -0.62
C37 A1LVV D . 1.51 9.82 0.79
C38 A1LVV D . 1.70 11.11 1.58
C39 A1LVV D . 7.10 8.79 0.03
C40 A1LVV D . 7.08 9.69 -1.20
C41 A1LVV D . 8.40 4.03 -5.45
C42 A1LVV D . 8.03 2.71 -6.03
C43 A1LVV D . 9.04 1.82 -6.45
C44 A1LVV D . 10.44 2.05 -6.03
C45 A1LVV D . 8.71 0.71 -7.22
C46 A1LVV D . 7.37 0.47 -7.59
C47 A1LVV D . 5.96 4.56 -3.75
C48 A1LVV D . 5.73 3.33 -2.86
C49 A1LVV D . 5.46 -2.05 -9.76
C55 A1LVV D . 4.72 0.06 -8.56
C56 A1LVV D . 7.06 -0.64 -8.43
C57 A1LVV D . 3.15 -1.20 -10.18
C58 A1LVV D . 3.39 -0.12 -9.15
H7 A1LVV D . 4.21 -2.59 -11.45
H6 A1LVV D . 4.86 -0.89 -11.49
H9 A1LVV D . 4.95 -4.71 -10.11
H11 A1LVV D . 7.04 -5.18 -9.20
H10 A1LVV D . 6.75 -4.05 -7.82
H13 A1LVV D . 6.97 -8.15 -7.33
H14 A1LVV D . 8.26 -6.85 -7.36
H12 A1LVV D . 7.34 -7.26 -8.88
H16 A1LVV D . 4.73 -7.44 -6.54
H18 A1LVV D . 5.28 -10.47 -9.79
H19 A1LVV D . 6.48 -9.91 -8.53
H17 A1LVV D . 6.14 -8.87 -10.00
H87 A1LVV D . 2.35 -7.12 -6.46
H88 A1LVV D . 2.07 -6.74 -8.23
H89 A1LVV D . 1.60 -5.52 -6.95
H30 A1LVV D . 11.00 5.41 -1.12
H31 A1LVV D . 9.65 6.50 -0.55
H32 A1LVV D . 10.26 6.63 -2.27
H34 A1LVV D . 6.11 5.43 1.12
H35 A1LVV D . 4.56 5.98 0.36
H20 A1LVV D . 3.95 -5.06 -6.40
H28 A1LVV D . 7.37 5.63 -6.71
H29 A1LVV D . 8.01 6.74 -2.32
H33 A1LVV D . 5.73 7.16 -1.40
H63 A1LVV D . 4.36 5.17 -2.79
H3 A1LVV D . 7.53 -2.38 -6.99
H98 A1LVV D . 8.63 -3.38 -8.08
H2 A1LVV D . 9.31 -1.95 -7.15
H5 A1LVV D . 1.43 -1.20 -11.14
H15 A1LVV D . 6.20 -4.68 -6.04
H24 A1LVV D . 3.39 2.16 -7.98
H39 A1LVV D . 6.54 6.55 3.02
H47 A1LVV D . 3.00 8.40 -1.33
H49 A1LVV D . -0.65 11.18 -0.98
H27 A1LVV D . 4.92 4.70 -7.80
H25 A1LVV D . 3.83 6.11 -7.41
H26 A1LVV D . 5.64 6.33 -7.38
H38 A1LVV D . 4.38 7.01 3.33
H36 A1LVV D . 3.46 7.01 1.76
H37 A1LVV D . 3.96 8.59 2.53
H40 A1LVV D . 5.73 9.66 1.46
H41 A1LVV D . 4.19 10.61 1.03
H42 A1LVV D . 4.17 10.91 -1.72
H43 A1LVV D . 3.06 11.83 -0.59
H45 A1LVV D . 2.46 10.77 -3.69
H46 A1LVV D . 1.71 12.04 -2.61
H44 A1LVV D . 0.70 10.63 -3.19
H48 A1LVV D . 0.27 9.25 -0.91
H50 A1LVV D . 0.83 9.10 1.33
H52 A1LVV D . 2.47 11.75 1.09
H53 A1LVV D . 2.01 10.87 2.63
H51 A1LVV D . 0.72 11.66 1.62
H54 A1LVV D . 7.90 9.15 0.74
H56 A1LVV D . 6.26 9.39 -1.89
H57 A1LVV D . 8.06 9.61 -1.76
H55 A1LVV D . 6.94 10.76 -0.90
H58 A1LVV D . 9.42 4.38 -5.75
H59 A1LVV D . 11.06 1.14 -6.27
H60 A1LVV D . 10.50 2.22 -4.93
H61 A1LVV D . 10.88 2.93 -6.56
H62 A1LVV D . 9.50 0.03 -7.56
H1 A1LVV D . 4.61 3.17 -2.79
H64 A1LVV D . 6.12 3.56 -1.82
H66 A1LVV D . 6.41 -2.45 -10.24
H4 A1LVV D . 2.66 -2.07 -9.65
O5' 3D1 A 1 3.52 9.23 -10.76
C5' 3D1 A 1 2.39 9.48 -11.58
C4' 3D1 A 1 2.00 8.22 -12.38
O4' 3D1 A 1 3.06 7.81 -13.22
C1' 3D1 A 1 2.92 6.40 -13.46
N9 3D1 A 1 4.28 5.81 -13.45
C4 3D1 A 1 4.66 4.67 -14.11
N3 3D1 A 1 3.92 4.00 -15.01
C2 3D1 A 1 4.59 2.94 -15.45
N1 3D1 A 1 5.80 2.52 -15.12
C6 3D1 A 1 6.51 3.22 -14.22
N6 3D1 A 1 7.74 2.80 -13.88
C5 3D1 A 1 5.91 4.37 -13.68
N7 3D1 A 1 6.35 5.30 -12.74
C8 3D1 A 1 5.35 6.14 -12.64
C2' 3D1 A 1 2.00 5.83 -12.38
C3' 3D1 A 1 1.67 7.03 -11.51
O3' 3D1 A 1 0.27 7.03 -11.19
H5'1 3D1 A 1 2.61 10.29 -12.28
H5'2 3D1 A 1 1.55 9.78 -10.96
H4' 3D1 A 1 1.14 8.45 -12.99
H1' 3D1 A 1 2.48 6.25 -14.44
H2 3D1 A 1 4.06 2.33 -16.18
HN61 3D1 A 1 8.11 1.97 -14.30
HN62 3D1 A 1 8.27 3.32 -13.21
H8 3D1 A 1 5.35 7.00 -11.98
H2'1 3D1 A 1 2.52 5.05 -11.80
H2'2 3D1 A 1 1.09 5.41 -12.83
H3' 3D1 A 1 2.28 7.02 -10.60
HO5' 3D1 A 1 4.30 9.26 -11.33
F GF2 A 5 -2.71 -7.60 3.44
P GF2 A 5 -3.14 -7.95 -2.24
N1 GF2 A 5 0.17 -2.16 2.56
C2 GF2 A 5 0.46 -3.24 3.37
N2 GF2 A 5 1.10 -2.98 4.51
N3 GF2 A 5 0.11 -4.49 3.07
C4 GF2 A 5 -0.54 -4.59 1.89
C5 GF2 A 5 -0.87 -3.58 1.03
C6 GF2 A 5 -0.50 -2.23 1.35
O6 GF2 A 5 -0.72 -1.21 0.70
N7 GF2 A 5 -1.55 -4.08 -0.08
C8 GF2 A 5 -1.60 -5.37 0.16
N9 GF2 A 5 -1.02 -5.74 1.33
C1' GF2 A 5 -0.88 -7.09 1.92
OP2 GF2 A 5 -3.87 -6.66 -2.23
C2' GF2 A 5 -2.21 -7.79 2.17
OP1 GF2 A 5 -3.87 -9.22 -2.41
C3' GF2 A 5 -1.88 -9.24 1.86
O3' GF2 A 5 -1.33 -9.87 3.02
C4' GF2 A 5 -0.82 -9.13 0.77
O4' GF2 A 5 -0.14 -7.90 0.99
C5' GF2 A 5 -1.39 -9.15 -0.64
O5' GF2 A 5 -2.28 -8.05 -0.87
HN1 GF2 A 5 0.45 -1.24 2.85
HN2 GF2 A 5 1.36 -2.03 4.74
HN2A GF2 A 5 1.33 -3.74 5.13
H8 GF2 A 5 -2.09 -6.07 -0.53
H1' GF2 A 5 -0.33 -7.02 2.85
H2' GF2 A 5 -2.95 -7.43 1.44
H3' GF2 A 5 -2.76 -9.77 1.50
H4' GF2 A 5 -0.11 -9.95 0.88
H5' GF2 A 5 -0.57 -9.09 -1.36
H5'A GF2 A 5 -1.93 -10.08 -0.80
F GF2 A 6 -4.65 -6.53 8.43
P GF2 A 6 -2.29 -10.43 4.19
N1 GF2 A 6 -4.04 -0.60 6.21
C2 GF2 A 6 -3.42 -1.27 7.25
N2 GF2 A 6 -2.95 -0.51 8.24
N3 GF2 A 6 -3.30 -2.60 7.30
C4 GF2 A 6 -3.84 -3.21 6.22
C5 GF2 A 6 -4.46 -2.62 5.14
C6 GF2 A 6 -4.60 -1.21 5.09
O6 GF2 A 6 -5.12 -0.53 4.21
N7 GF2 A 6 -4.87 -3.60 4.25
C8 GF2 A 6 -4.50 -4.72 4.79
N9 GF2 A 6 -3.85 -4.57 5.99
C1' GF2 A 6 -3.15 -5.59 6.81
OP2 GF2 A 6 -3.61 -10.74 3.60
C2' GF2 A 6 -3.99 -6.83 7.26
OP1 GF2 A 6 -1.58 -11.44 4.97
C3' GF2 A 6 -2.81 -7.81 7.57
O3' GF2 A 6 -2.36 -7.68 8.92
C4' GF2 A 6 -1.68 -7.38 6.64
O4' GF2 A 6 -2.12 -6.18 5.99
C5' GF2 A 6 -1.31 -8.43 5.60
O5' GF2 A 6 -2.46 -9.11 5.10
HN1 GF2 A 6 -4.09 0.41 6.25
HN2 GF2 A 6 -3.05 0.50 8.20
HN2A GF2 A 6 -2.49 -0.94 9.03
H8 GF2 A 6 -4.68 -5.69 4.33
H1' GF2 A 6 -2.68 -5.08 7.64
H2' GF2 A 6 -4.70 -7.20 6.49
H3' GF2 A 6 -3.09 -8.85 7.37
H4' GF2 A 6 -0.81 -7.15 7.24
H5' GF2 A 6 -0.79 -7.94 4.77
H5'A GF2 A 6 -0.64 -9.16 6.06
O5' 3D1 B 1 -13.49 2.34 2.93
C5' 3D1 B 1 -13.81 3.72 2.71
C4' 3D1 B 1 -13.20 4.61 3.80
O4' 3D1 B 1 -13.69 4.24 5.07
C1' 3D1 B 1 -12.72 4.58 6.07
N9 3D1 B 1 -12.66 3.48 7.03
C4 3D1 B 1 -12.30 3.60 8.36
N3 3D1 B 1 -12.10 4.75 9.03
C2 3D1 B 1 -11.75 4.49 10.28
N1 3D1 B 1 -11.59 3.32 10.89
C6 3D1 B 1 -11.78 2.19 10.18
N6 3D1 B 1 -11.62 1.01 10.78
C5 3D1 B 1 -12.16 2.33 8.84
N7 3D1 B 1 -12.44 1.40 7.84
C8 3D1 B 1 -12.73 2.13 6.80
C2' 3D1 B 1 -11.39 4.86 5.36
C3' 3D1 B 1 -11.69 4.52 3.90
O3' 3D1 B 1 -11.09 5.50 3.05
H5'1 3D1 B 1 -14.90 3.83 2.71
H5'2 3D1 B 1 -13.41 4.03 1.74
H4' 3D1 B 1 -13.48 5.64 3.61
H1' 3D1 B 1 -13.04 5.49 6.58
H2 3D1 B 1 -11.58 5.37 10.90
HN61 3D1 B 1 -11.35 0.97 11.76
HN62 3D1 B 1 -11.77 0.15 10.27
H8 3D1 B 1 -13.00 1.70 5.83
H2'1 3D1 B 1 -10.60 4.20 5.75
H2'2 3D1 B 1 -11.11 5.90 5.46
H3' 3D1 B 1 -11.34 3.52 3.66
HO5' 3D1 B 1 -14.27 1.91 3.25
F GF2 B 5 8.53 1.36 0.94
P GF2 B 5 6.75 4.53 5.75
N1 GF2 B 5 3.06 -0.84 -0.75
C2 GF2 B 5 4.22 -1.50 -0.39
N2 GF2 B 5 4.44 -2.68 -0.95
N3 GF2 B 5 5.12 -1.00 0.48
C4 GF2 B 5 4.76 0.22 0.94
C5 GF2 B 5 3.63 0.95 0.63
C6 GF2 B 5 2.68 0.42 -0.28
O6 GF2 B 5 1.62 0.92 -0.66
N7 GF2 B 5 3.63 2.16 1.33
C8 GF2 B 5 4.74 2.12 2.01
N9 GF2 B 5 5.47 0.98 1.83
C1' GF2 B 5 6.75 0.60 2.44
OP2 GF2 B 5 6.23 5.58 4.84
C2' GF2 B 5 7.91 1.56 2.15
OP1 GF2 B 5 7.92 4.84 6.62
C3' GF2 B 5 8.80 1.31 3.36
O3' GF2 B 5 9.66 0.21 3.08
C4' GF2 B 5 7.83 0.93 4.47
O4' GF2 B 5 6.58 0.58 3.85
C5' GF2 B 5 7.60 2.05 5.49
O5' GF2 B 5 7.10 3.23 4.87
HN1 GF2 B 5 2.44 -1.28 -1.41
HN2 GF2 B 5 3.76 -3.06 -1.59
HN2A GF2 B 5 5.27 -3.20 -0.71
H8 GF2 B 5 5.05 2.94 2.67
H1' GF2 B 5 7.02 -0.40 2.10
H2' GF2 B 5 7.53 2.59 2.18
H3' GF2 B 5 9.36 2.20 3.63
H4' GF2 B 5 8.21 0.05 4.98
H5' GF2 B 5 6.88 1.70 6.23
H5'A GF2 B 5 8.54 2.27 5.98
F GF2 B 6 10.67 -0.49 -4.01
P GF2 B 6 10.96 0.40 2.14
N1 GF2 B 6 4.58 -0.08 -5.78
C2 GF2 B 6 5.45 -1.14 -5.73
N2 GF2 B 6 5.20 -2.16 -6.55
N3 GF2 B 6 6.51 -1.19 -4.92
C4 GF2 B 6 6.63 -0.07 -4.16
C5 GF2 B 6 5.80 1.03 -4.15
C6 GF2 B 6 4.67 1.08 -5.01
O6 GF2 B 6 3.84 1.97 -5.13
N7 GF2 B 6 6.27 1.96 -3.22
C8 GF2 B 6 7.32 1.41 -2.71
N9 GF2 B 6 7.62 0.18 -3.22
C1' GF2 B 6 8.63 -0.81 -2.78
OP2 GF2 B 6 11.31 1.83 2.01
C2' GF2 B 6 10.11 -0.33 -2.76
OP1 GF2 B 6 11.96 -0.57 2.62
C3' GF2 B 6 10.71 -1.37 -1.77
O3' GF2 B 6 11.15 -2.55 -2.46
C4' GF2 B 6 9.55 -1.76 -0.86
O4' GF2 B 6 8.39 -1.11 -1.40
C5' GF2 B 6 9.75 -1.37 0.59
O5' GF2 B 6 10.41 -0.11 0.71
HN1 GF2 B 6 3.79 -0.12 -6.42
HN2 GF2 B 6 4.39 -2.13 -7.16
HN2A GF2 B 6 5.80 -2.97 -6.56
H8 GF2 B 6 7.94 1.90 -1.94
H1' GF2 B 6 8.50 -1.72 -3.35
H2' GF2 B 6 10.26 0.73 -2.44
H3' GF2 B 6 11.52 -0.96 -1.18
H4' GF2 B 6 9.39 -2.84 -0.93
H5' GF2 B 6 8.79 -1.32 1.08
H5'A GF2 B 6 10.37 -2.13 1.07
C14 A1LVV C . 1.66 1.73 13.09
C11 A1LVV C . -0.44 -0.46 11.56
C7 A1LVV C . -5.31 2.53 10.31
C9 A1LVV C . -2.32 1.28 11.03
C10 A1LVV C . -1.93 -0.12 11.54
C12 A1LVV C . -0.06 -1.04 12.91
C13 A1LVV C . 0.45 0.75 11.25
C3 A1LVV C . -5.34 0.28 9.25
C15 A1LVV C . 1.54 1.30 14.51
C17 A1LVV C . 0.86 2.64 9.64
C20 A1LVV C . -6.97 -2.19 6.14
C24 A1LVV C . -7.82 -4.59 3.22
C26 A1LVV C . -8.11 -8.02 2.62
C28 A1LVV C . -6.11 -5.53 -1.12
C16 A1LVV C . -0.06 1.49 10.03
C18 A1LVV C . -6.10 0.10 6.93
C23 A1LVV C . -8.93 -3.24 4.55
C25 A1LVV C . -7.68 -5.77 2.25
C27 A1LVV C . -7.28 -5.48 -0.13
C29 A1LVV C . -6.56 -6.13 -2.44
O10 A1LVV C . -7.04 -1.64 4.88
O21 A1LVV C . -7.44 -5.01 4.54
O22 A1LVV C . -7.44 -2.84 1.57
C1 A1LVV C . -4.22 -2.44 10.66
O1 A1LVV C . -5.40 -1.64 10.72
O2 A1LVV C . -5.56 2.84 6.66
O3 A1LVV C . -5.70 4.44 8.93
O4 A1LVV C . -3.35 1.12 10.07
O5 A1LVV C . -0.20 -1.44 10.54
O7 A1LVV C . 2.67 2.14 12.52
O8 A1LVV C . -1.39 1.97 10.20
O9 A1LVV C . -6.37 0.56 5.68
O11 A1LVV C . -8.41 -1.19 3.22
O12 A1LVV C . -9.18 -4.13 3.43
O13 A1LVV C . -7.26 -6.91 2.98
O14 A1LVV C . -6.76 -5.62 1.20
O15 A1LVV C . -6.28 -7.53 -2.44
O16 A1LVV C . -8.43 -4.53 -2.55
O17 A1LVV C . -8.68 -1.65 -2.45
O18 A1LVV C . -9.48 -0.90 -5.92
C19 A1LVV C . -6.39 -1.34 7.14
O19 A1LVV C . -7.57 -3.44 -4.21
O20 A1LVV C . -8.07 -6.67 -0.24
C21 A1LVV C . -7.86 -2.28 3.92
C22 A1LVV C . -9.43 -0.44 3.90
O29 A1LVV C . 0.48 1.61 12.39
C30 A1LVV C . -5.83 -5.48 -3.61
C31 A1LVV C . -8.10 -5.92 -2.57
C32 A1LVV C . -8.79 -4.10 -3.86
C33 A1LVV C . -10.00 -3.15 -3.81
C34 A1LVV C . -9.49 -1.72 -3.63
C35 A1LVV C . -10.66 -0.76 -3.51
C36 A1LVV C . -8.63 -1.33 -4.87
C37 A1LVV C . -7.79 -2.55 -5.31
C38 A1LVV C . -8.43 -3.28 -6.48
C39 A1LVV C . -8.85 -6.65 -1.44
C40 A1LVV C . -10.21 -6.03 -1.18
C41 A1LVV C . -8.21 -4.23 5.50
C42 A1LVV C . -7.35 -3.49 6.44
C43 A1LVV C . -7.11 -4.01 7.74
C44 A1LVV C . -7.45 -5.41 8.04
C45 A1LVV C . -6.53 -3.21 8.72
C46 A1LVV C . -6.17 -1.89 8.43
C47 A1LVV C . -7.09 -3.22 2.88
C48 A1LVV C . -5.57 -3.42 2.91
C49 A1LVV C . -4.74 1.12 10.35
C55 A1LVV C . -5.63 0.88 7.98
C56 A1LVV C . -5.63 -1.06 9.47
C57 A1LVV C . -5.02 3.20 8.97
C58 A1LVV C . -5.43 2.31 7.80
H7 A1LVV C . -4.84 3.15 11.12
H6 A1LVV C . -6.42 2.49 10.49
H9 A1LVV C . -2.64 1.95 11.86
H11 A1LVV C . -2.35 -0.24 12.57
H10 A1LVV C . -2.45 -0.87 10.87
H13 A1LVV C . 1.04 -0.96 13.07
H14 A1LVV C . -0.38 -2.11 12.97
H12 A1LVV C . -0.58 -0.48 13.73
H16 A1LVV C . 1.50 0.38 11.04
H18 A1LVV C . 2.10 2.01 15.16
H19 A1LVV C . 1.98 0.27 14.61
H17 A1LVV C . 0.46 1.27 14.80
H87 A1LVV C . 1.91 2.27 9.60
H88 A1LVV C . 0.77 3.46 10.39
H89 A1LVV C . 0.57 3.02 8.63
H30 A1LVV C . -7.78 -8.92 3.21
H31 A1LVV C . -7.99 -8.22 1.52
H32 A1LVV C . -9.17 -7.76 2.86
H34 A1LVV C . -5.29 -6.14 -0.68
H35 A1LVV C . -5.71 -4.49 -1.28
H20 A1LVV C . -0.16 0.74 9.18
H28 A1LVV C . -9.88 -2.81 4.88
H29 A1LVV C . -8.67 -5.91 1.72
H33 A1LVV C . -7.92 -4.57 -0.26
H63 A1LVV C . -6.66 -2.49 1.11
H3 A1LVV C . -3.64 -2.30 11.61
H98 A1LVV C . -3.60 -2.11 9.78
H2 A1LVV C . -4.51 -3.52 10.54
H5 A1LVV C . -5.06 5.15 8.73
H15 A1LVV C . -0.87 -1.35 9.84
H24 A1LVV C . -6.67 1.48 5.73
H39 A1LVV C . -5.32 -7.67 -2.41
H47 A1LVV C . -8.13 -2.45 -2.40
H49 A1LVV C . -9.33 0.04 -6.10
H27 A1LVV C . -9.17 0.65 3.84
H25 A1LVV C . -9.48 -0.76 4.97
H26 A1LVV C . -10.41 -0.63 3.40
H38 A1LVV C . -4.94 -6.10 -3.89
H36 A1LVV C . -5.50 -4.46 -3.31
H37 A1LVV C . -6.53 -5.41 -4.49
H40 A1LVV C . -8.43 -6.38 -3.56
H41 A1LVV C . -9.00 -4.95 -4.57
H42 A1LVV C . -10.66 -3.42 -2.96
H43 A1LVV C . -10.56 -3.24 -4.78
H45 A1LVV C . -11.15 -0.89 -2.51
H46 A1LVV C . -11.41 -0.99 -4.31
H44 A1LVV C . -10.30 0.29 -3.62
H48 A1LVV C . -7.93 -0.50 -4.58
H50 A1LVV C . -6.75 -2.19 -5.57
H52 A1LVV C . -9.41 -3.70 -6.17
H53 A1LVV C . -7.75 -4.11 -6.81
H51 A1LVV C . -8.59 -2.57 -7.32
H54 A1LVV C . -8.98 -7.73 -1.72
H56 A1LVV C . -10.11 -4.93 -0.97
H57 A1LVV C . -10.70 -6.51 -0.29
H55 A1LVV C . -10.87 -6.16 -2.07
H58 A1LVV C . -8.92 -4.94 5.99
H59 A1LVV C . -7.01 -5.72 9.03
H60 A1LVV C . -7.04 -6.10 7.25
H61 A1LVV C . -8.56 -5.56 8.09
H62 A1LVV C . -6.37 -3.62 9.73
H1 A1LVV C . -5.10 -2.53 2.40
H64 A1LVV C . -5.32 -4.35 2.30
H66 A1LVV C . -4.92 0.65 11.35
H4 A1LVV C . -3.91 3.37 8.89
C14 A1LVV D . 4.42 -8.91 -8.50
C11 A1LVV D . 6.06 -6.16 -7.35
C7 A1LVV D . 4.50 -1.71 -10.83
C9 A1LVV D . 4.96 -4.45 -9.01
C10 A1LVV D . 6.22 -4.97 -8.32
C12 A1LVV D . 7.09 -7.23 -7.66
C13 A1LVV D . 4.65 -6.77 -7.41
C3 A1LVV D . 5.79 -0.90 -8.87
C15 A1LVV D . 5.52 -9.62 -9.20
C17 A1LVV D . 2.19 -6.27 -7.30
C20 A1LVV D . 6.72 2.41 -6.31
C24 A1LVV D . 7.45 5.00 -3.51
C26 A1LVV D . 10.00 5.81 -1.27
C28 A1LVV D . 5.48 6.29 0.63
C16 A1LVV D . 3.59 -5.68 -7.34
C18 A1LVV D . 4.99 1.09 -7.69
C23 A1LVV D . 7.36 5.00 -5.71
C25 A1LVV D . 7.86 5.55 -2.14
C27 A1LVV D . 6.30 6.62 -0.62
C29 A1LVV D . 5.45 7.48 1.58
O10 A1LVV D . 5.65 3.19 -5.88
O21 A1LVV D . 8.33 3.94 -3.90
O22 A1LVV D . 5.08 5.56 -3.31
C1 A1LVV D . 8.36 -2.46 -7.57
O1 A1LVV D . 8.10 -1.59 -8.69
O2 A1LVV D . 2.49 0.63 -8.85
O3 A1LVV D . 2.37 -0.71 -11.28
O4 A1LVV D . 4.93 -3.04 -8.84
O5 A1LVV D . 6.27 -5.66 -6.02
O7 A1LVV D . 3.50 -9.40 -7.85
O8 A1LVV D . 3.69 -4.75 -8.41
O9 A1LVV D . 4.08 2.02 -7.31
O11 A1LVV D . 4.88 5.24 -5.81
O12 A1LVV D . 7.60 5.94 -4.63
O13 A1LVV D . 9.02 4.85 -1.71
O14 A1LVV D . 6.92 5.43 -1.10
O15 A1LVV D . 6.49 7.35 2.54
O16 A1LVV D . 4.67 8.93 -0.25
O17 A1LVV D . 2.51 8.87 -2.14
O18 A1LVV D . 0.30 11.44 -0.83
C19 A1LVV D . 6.37 1.30 -7.13
O19 A1LVV D . 2.71 9.16 0.61
O20 A1LVV D . 7.45 7.41 -0.26
C21 A1LVV D . 5.94 4.46 -5.32
C22 A1LVV D . 4.92 5.60 -7.20
O29 A1LVV D . 4.52 -7.53 -8.60
C30 A1LVV D . 4.12 7.55 2.31
C31 A1LVV D . 5.69 8.78 0.75
C32 A1LVV D . 3.77 9.99 0.14
C33 A1LVV D . 3.38 10.85 -1.06
C34 A1LVV D . 2.19 10.21 -1.76
C35 A1LVV D . 1.83 11.02 -3.00
C36 A1LVV D . 0.97 10.19 -0.78
C37 A1LVV D . 1.48 9.90 0.64
C38 A1LVV D . 1.66 11.19 1.44
C39 A1LVV D . 7.07 8.75 0.07
C40 A1LVV D . 7.12 9.64 -1.17
C41 A1LVV D . 8.42 3.93 -5.36
C42 A1LVV D . 8.04 2.63 -5.94
C43 A1LVV D . 9.04 1.70 -6.32
C44 A1LVV D . 10.43 1.90 -5.86
C45 A1LVV D . 8.72 0.60 -7.10
C46 A1LVV D . 7.38 0.40 -7.51
C47 A1LVV D . 5.95 4.53 -3.73
C48 A1LVV D . 5.66 3.31 -2.84
C49 A1LVV D . 5.48 -2.09 -9.74
C55 A1LVV D . 4.76 0.03 -8.57
C56 A1LVV D . 7.07 -0.72 -8.36
C57 A1LVV D . 3.20 -1.20 -10.23
C58 A1LVV D . 3.44 -0.11 -9.19
H7 A1LVV D . 4.27 -2.61 -11.45
H6 A1LVV D . 4.96 -0.92 -11.49
H9 A1LVV D . 4.93 -4.74 -10.10
H11 A1LVV D . 6.96 -5.26 -9.11
H10 A1LVV D . 6.66 -4.12 -7.74
H13 A1LVV D . 6.78 -8.21 -7.24
H14 A1LVV D . 8.08 -6.94 -7.23
H12 A1LVV D . 7.21 -7.33 -8.77
H16 A1LVV D . 4.53 -7.46 -6.52
H18 A1LVV D . 5.10 -10.50 -9.75
H19 A1LVV D . 6.28 -9.97 -8.45
H17 A1LVV D . 6.01 -8.93 -9.92
H87 A1LVV D . 2.15 -7.07 -6.52
H88 A1LVV D . 1.94 -6.70 -8.29
H89 A1LVV D . 1.46 -5.46 -7.04
H30 A1LVV D . 10.92 5.27 -0.95
H31 A1LVV D . 9.57 6.39 -0.41
H32 A1LVV D . 10.23 6.50 -2.12
H34 A1LVV D . 5.96 5.41 1.13
H35 A1LVV D . 4.45 6.01 0.33
H20 A1LVV D . 3.80 -5.05 -6.42
H28 A1LVV D . 7.46 5.55 -6.66
H29 A1LVV D . 8.01 6.66 -2.24
H33 A1LVV D . 5.70 7.14 -1.40
H63 A1LVV D . 4.33 5.18 -2.83
H3 A1LVV D . 7.46 -2.46 -6.90
H98 A1LVV D . 8.55 -3.49 -7.95
H2 A1LVV D . 9.24 -2.07 -7.01
H5 A1LVV D . 1.51 -1.15 -11.25
H15 A1LVV D . 6.04 -4.72 -5.98
H24 A1LVV D . 3.46 2.17 -8.03
H39 A1LVV D . 6.36 6.52 3.05
H47 A1LVV D . 3.00 8.44 -1.42
H49 A1LVV D . -0.59 11.31 -1.19
H27 A1LVV D . 5.05 4.68 -7.82
H25 A1LVV D . 3.97 6.11 -7.46
H26 A1LVV D . 5.79 6.29 -7.37
H38 A1LVV D . 4.20 7.03 3.30
H36 A1LVV D . 3.32 7.06 1.69
H37 A1LVV D . 3.84 8.63 2.47
H40 A1LVV D . 5.67 9.65 1.46
H41 A1LVV D . 4.17 10.63 0.97
H42 A1LVV D . 4.23 10.92 -1.78
H43 A1LVV D . 3.11 11.87 -0.68
H45 A1LVV D . 2.58 10.81 -3.81
H46 A1LVV D . 1.83 12.10 -2.75
H44 A1LVV D . 0.81 10.72 -3.36
H48 A1LVV D . 0.27 9.36 -1.08
H50 A1LVV D . 0.76 9.21 1.17
H52 A1LVV D . 2.47 11.81 0.97
H53 A1LVV D . 1.95 10.95 2.49
H51 A1LVV D . 0.71 11.77 1.45
H54 A1LVV D . 7.85 9.09 0.81
H56 A1LVV D . 6.29 9.36 -1.89
H57 A1LVV D . 8.10 9.54 -1.69
H55 A1LVV D . 6.98 10.71 -0.87
H58 A1LVV D . 9.45 4.27 -5.61
H59 A1LVV D . 11.04 0.99 -6.08
H60 A1LVV D . 10.46 2.08 -4.75
H61 A1LVV D . 10.90 2.78 -6.38
H62 A1LVV D . 9.50 -0.09 -7.41
H1 A1LVV D . 4.53 3.18 -2.80
H64 A1LVV D . 6.03 3.53 -1.79
H66 A1LVV D . 6.43 -2.51 -10.18
H4 A1LVV D . 2.67 -2.06 -9.71
O5' 3D1 A 1 3.40 9.26 -10.77
C5' 3D1 A 1 2.25 9.49 -11.58
C4' 3D1 A 1 1.87 8.22 -12.37
O4' 3D1 A 1 2.94 7.83 -13.22
C1' 3D1 A 1 2.82 6.41 -13.45
N9 3D1 A 1 4.18 5.85 -13.45
C4 3D1 A 1 4.57 4.71 -14.10
N3 3D1 A 1 3.84 4.00 -14.99
C2 3D1 A 1 4.52 2.96 -15.43
N1 3D1 A 1 5.74 2.56 -15.10
C6 3D1 A 1 6.44 3.27 -14.21
N6 3D1 A 1 7.68 2.88 -13.88
C5 3D1 A 1 5.84 4.42 -13.68
N7 3D1 A 1 6.26 5.36 -12.74
C8 3D1 A 1 5.25 6.18 -12.65
C2' 3D1 A 1 1.91 5.82 -12.37
C3' 3D1 A 1 1.56 7.02 -11.49
O3' 3D1 A 1 0.17 7.01 -11.17
H5'1 3D1 A 1 2.46 10.30 -12.28
H5'2 3D1 A 1 1.41 9.77 -10.96
H4' 3D1 A 1 1.01 8.44 -12.99
H1' 3D1 A 1 2.37 6.24 -14.42
H2 3D1 A 1 4.00 2.33 -16.15
HN61 3D1 A 1 8.07 2.04 -14.29
HN62 3D1 A 1 8.22 3.41 -13.21
H8 3D1 A 1 5.25 7.05 -11.99
H2'1 3D1 A 1 2.44 5.07 -11.79
H2'2 3D1 A 1 1.01 5.41 -12.82
H3' 3D1 A 1 2.18 7.02 -10.59
HO5' 3D1 A 1 3.67 8.35 -10.89
F GF2 A 5 -2.67 -7.61 3.43
P GF2 A 5 -3.09 -7.98 -2.24
N1 GF2 A 5 0.20 -2.18 2.58
C2 GF2 A 5 0.49 -3.26 3.39
N2 GF2 A 5 1.13 -3.00 4.52
N3 GF2 A 5 0.16 -4.52 3.08
C4 GF2 A 5 -0.50 -4.60 1.90
C5 GF2 A 5 -0.83 -3.58 1.04
C6 GF2 A 5 -0.46 -2.25 1.36
O6 GF2 A 5 -0.67 -1.22 0.72
N7 GF2 A 5 -1.50 -4.08 -0.06
C8 GF2 A 5 -1.55 -5.37 0.16
N9 GF2 A 5 -0.97 -5.76 1.33
C1' GF2 A 5 -0.84 -7.10 1.91
OP2 GF2 A 5 -3.83 -6.70 -2.24
C2' GF2 A 5 -2.17 -7.80 2.16
OP1 GF2 A 5 -3.83 -9.25 -2.42
C3' GF2 A 5 -1.83 -9.25 1.86
O3' GF2 A 5 -1.28 -9.87 3.02
C4' GF2 A 5 -0.78 -9.14 0.77
O4' GF2 A 5 -0.09 -7.90 0.98
C5' GF2 A 5 -1.35 -9.16 -0.65
O5' GF2 A 5 -2.24 -8.07 -0.87
HN1 GF2 A 5 0.49 -1.26 2.88
HN2 GF2 A 5 1.39 -2.05 4.76
HN2A GF2 A 5 1.37 -3.76 5.15
H8 GF2 A 5 -2.04 -6.07 -0.53
H1' GF2 A 5 -0.29 -7.03 2.85
H2' GF2 A 5 -2.90 -7.45 1.44
H3' GF2 A 5 -2.71 -9.79 1.49
H4' GF2 A 5 -0.07 -9.96 0.89
H5' GF2 A 5 -0.53 -9.11 -1.36
H5'A GF2 A 5 -1.89 -10.10 -0.79
F GF2 A 6 -4.61 -6.54 8.42
P GF2 A 6 -2.24 -10.43 4.19
N1 GF2 A 6 -4.02 -0.61 6.20
C2 GF2 A 6 -3.40 -1.27 7.24
N2 GF2 A 6 -2.93 -0.50 8.23
N3 GF2 A 6 -3.27 -2.60 7.30
C4 GF2 A 6 -3.81 -3.22 6.21
C5 GF2 A 6 -4.43 -2.64 5.14
C6 GF2 A 6 -4.58 -1.23 5.08
O6 GF2 A 6 -5.10 -0.54 4.21
N7 GF2 A 6 -4.85 -3.61 4.24
C8 GF2 A 6 -4.46 -4.74 4.78
N9 GF2 A 6 -3.83 -4.58 5.99
C1' GF2 A 6 -3.12 -5.59 6.80
OP2 GF2 A 6 -3.56 -10.74 3.60
C2' GF2 A 6 -3.95 -6.83 7.26
OP1 GF2 A 6 -1.52 -11.45 4.97
C3' GF2 A 6 -2.77 -7.81 7.57
O3' GF2 A 6 -2.32 -7.69 8.92
C4' GF2 A 6 -1.65 -7.38 6.65
O4' GF2 A 6 -2.09 -6.17 6.00
C5' GF2 A 6 -1.26 -8.42 5.61
O5' GF2 A 6 -2.41 -9.11 5.10
HN1 GF2 A 6 -4.08 0.40 6.23
HN2 GF2 A 6 -3.04 0.50 8.19
HN2A GF2 A 6 -2.47 -0.93 9.03
H8 GF2 A 6 -4.65 -5.71 4.33
H1' GF2 A 6 -2.65 -5.08 7.65
H2' GF2 A 6 -4.66 -7.22 6.50
H3' GF2 A 6 -3.04 -8.84 7.36
H4' GF2 A 6 -0.77 -7.14 7.25
H5' GF2 A 6 -0.75 -7.94 4.78
H5'A GF2 A 6 -0.59 -9.15 6.06
O5' 3D1 B 1 -13.98 3.91 6.52
C5' 3D1 B 1 -14.47 4.93 5.65
C4' 3D1 B 1 -13.46 6.07 5.49
O4' 3D1 B 1 -13.31 6.72 6.75
C1' 3D1 B 1 -12.06 6.37 7.35
N9 3D1 B 1 -12.34 5.53 8.52
C4 3D1 B 1 -12.23 5.94 9.84
N3 3D1 B 1 -12.02 7.20 10.26
C2 3D1 B 1 -11.96 7.23 11.58
N1 3D1 B 1 -12.08 6.23 12.45
C6 3D1 B 1 -12.29 4.99 11.99
N6 3D1 B 1 -12.40 3.98 12.86
C5 3D1 B 1 -12.37 4.82 10.60
N7 3D1 B 1 -12.57 3.70 9.80
C8 3D1 B 1 -12.54 4.18 8.59
C2' 3D1 B 1 -11.20 5.66 6.29
C3' 3D1 B 1 -12.08 5.61 5.04
O3' 3D1 B 1 -11.59 6.52 4.06
H5'1 3D1 B 1 -15.41 5.33 6.04
H5'2 3D1 B 1 -14.67 4.50 4.66
H4' 3D1 B 1 -13.84 6.79 4.78
H1' 3D1 B 1 -11.55 7.28 7.67
H2 3D1 B 1 -11.79 8.21 12.02
HN61 3D1 B 1 -12.34 4.16 13.85
HN62 3D1 B 1 -12.56 3.03 12.53
H8 3D1 B 1 -12.67 3.55 7.70
H2'1 3D1 B 1 -10.95 4.66 6.61
H2'2 3D1 B 1 -10.30 6.24 6.07
H3' 3D1 B 1 -12.13 4.59 4.65
HO5' 3D1 B 1 -14.12 3.07 6.08
F GF2 B 5 8.51 1.34 0.95
P GF2 B 5 6.77 4.50 5.78
N1 GF2 B 5 3.08 -0.86 -0.77
C2 GF2 B 5 4.25 -1.51 -0.41
N2 GF2 B 5 4.47 -2.69 -0.97
N3 GF2 B 5 5.14 -1.02 0.46
C4 GF2 B 5 4.76 0.20 0.94
C5 GF2 B 5 3.63 0.92 0.63
C6 GF2 B 5 2.68 0.39 -0.29
O6 GF2 B 5 1.63 0.88 -0.67
N7 GF2 B 5 3.62 2.12 1.34
C8 GF2 B 5 4.72 2.09 2.03
N9 GF2 B 5 5.47 0.95 1.83
C1' GF2 B 5 6.76 0.58 2.44
OP2 GF2 B 5 6.25 5.55 4.88
C2' GF2 B 5 7.90 1.54 2.16
OP1 GF2 B 5 7.94 4.78 6.64
C3' GF2 B 5 8.79 1.28 3.37
O3' GF2 B 5 9.67 0.18 3.08
C4' GF2 B 5 7.83 0.90 4.47
O4' GF2 B 5 6.58 0.55 3.86
C5' GF2 B 5 7.60 2.00 5.50
O5' GF2 B 5 7.10 3.20 4.89
HN1 GF2 B 5 2.46 -1.30 -1.43
HN2 GF2 B 5 3.80 -3.07 -1.63
HN2A GF2 B 5 5.31 -3.21 -0.75
H8 GF2 B 5 5.03 2.89 2.70
H1' GF2 B 5 7.02 -0.42 2.09
H2' GF2 B 5 7.52 2.56 2.19
H3' GF2 B 5 9.35 2.17 3.64
H4' GF2 B 5 8.21 0.00 4.98
H5' GF2 B 5 6.88 1.66 6.24
H5'A GF2 B 5 8.55 2.22 6.00
F GF2 B 6 10.67 -0.48 -4.02
P GF2 B 6 10.95 0.39 2.13
N1 GF2 B 6 4.57 -0.09 -5.78
C2 GF2 B 6 5.45 -1.15 -5.74
N2 GF2 B 6 5.21 -2.17 -6.57
N3 GF2 B 6 6.52 -1.19 -4.93
C4 GF2 B 6 6.62 -0.08 -4.16
C5 GF2 B 6 5.80 1.02 -4.15
C6 GF2 B 6 4.66 1.06 -5.01
O6 GF2 B 6 3.82 1.95 -5.12
N7 GF2 B 6 6.25 1.95 -3.21
C8 GF2 B 6 7.32 1.41 -2.70
N9 GF2 B 6 7.61 0.17 -3.23
C1' GF2 B 6 8.63 -0.81 -2.79
OP2 GF2 B 6 11.30 1.81 2.01
C2' GF2 B 6 10.11 -0.32 -2.77
OP1 GF2 B 6 11.97 -0.58 2.61
C3' GF2 B 6 10.71 -1.37 -1.79
O3' GF2 B 6 11.16 -2.54 -2.48
C4' GF2 B 6 9.56 -1.77 -0.88
O4' GF2 B 6 8.39 -1.11 -1.40
C5' GF2 B 6 9.76 -1.38 0.58
O5' GF2 B 6 10.41 -0.12 0.71
HN1 GF2 B 6 3.79 -0.13 -6.43
HN2 GF2 B 6 4.40 -2.13 -7.18
HN2A GF2 B 6 5.81 -2.97 -6.57
H8 GF2 B 6 7.93 1.89 -1.94
H1' GF2 B 6 8.51 -1.71 -3.38
H2' GF2 B 6 10.25 0.74 -2.44
H3' GF2 B 6 11.52 -0.96 -1.20
H4' GF2 B 6 9.41 -2.84 -0.95
H5' GF2 B 6 8.80 -1.34 1.08
H5'A GF2 B 6 10.38 -2.15 1.06
C14 A1LVV C . 1.67 1.75 13.09
C11 A1LVV C . -0.42 -0.45 11.55
C7 A1LVV C . -5.30 2.52 10.29
C9 A1LVV C . -2.31 1.29 11.01
C10 A1LVV C . -1.92 -0.11 11.53
C12 A1LVV C . -0.05 -1.02 12.91
C13 A1LVV C . 0.47 0.76 11.25
C3 A1LVV C . -5.33 0.28 9.23
C15 A1LVV C . 1.55 1.31 14.50
C17 A1LVV C . 0.87 2.64 9.63
C20 A1LVV C . -6.94 -2.21 6.13
C24 A1LVV C . -7.78 -4.62 3.21
C26 A1LVV C . -8.05 -8.04 2.62
C28 A1LVV C . -6.07 -5.55 -1.11
C16 A1LVV C . -0.05 1.50 10.02
C18 A1LVV C . -6.08 0.09 6.92
C23 A1LVV C . -8.89 -3.26 4.55
C25 A1LVV C . -7.65 -5.79 2.25
C27 A1LVV C . -7.24 -5.51 -0.13
C29 A1LVV C . -6.52 -6.16 -2.44
O10 A1LVV C . -7.01 -1.66 4.87
O21 A1LVV C . -7.41 -5.02 4.54
O22 A1LVV C . -7.42 -2.87 1.56
C1 A1LVV C . -4.20 -2.44 10.65
O1 A1LVV C . -5.38 -1.65 10.70
O2 A1LVV C . -5.55 2.82 6.65
O3 A1LVV C . -5.70 4.43 8.91
O4 A1LVV C . -3.34 1.12 10.06
O5 A1LVV C . -0.18 -1.43 10.53
O7 A1LVV C . 2.67 2.16 12.51
O8 A1LVV C . -1.38 1.98 10.19
O9 A1LVV C . -6.35 0.54 5.66
O11 A1LVV C . -8.39 -1.22 3.22
O12 A1LVV C . -9.15 -4.16 3.43
O13 A1LVV C . -7.22 -6.94 2.97
O14 A1LVV C . -6.73 -5.63 1.19
O15 A1LVV C . -6.23 -7.56 -2.43
O16 A1LVV C . -8.38 -4.56 -2.55
O17 A1LVV C . -8.66 -1.68 -2.46
O18 A1LVV C . -9.45 -0.94 -5.93
C19 A1LVV C . -6.37 -1.35 7.13
O19 A1LVV C . -7.54 -3.47 -4.21
O20 A1LVV C . -8.03 -6.70 -0.24
C21 A1LVV C . -7.84 -2.30 3.91
C22 A1LVV C . -9.40 -0.47 3.89
O29 A1LVV C . 0.49 1.63 12.38
C30 A1LVV C . -5.79 -5.51 -3.61
C31 A1LVV C . -8.06 -5.95 -2.58
C32 A1LVV C . -8.76 -4.13 -3.87
C33 A1LVV C . -9.96 -3.20 -3.82
C34 A1LVV C . -9.46 -1.76 -3.64
C35 A1LVV C . -10.65 -0.81 -3.52
C36 A1LVV C . -8.60 -1.36 -4.88
C37 A1LVV C . -7.76 -2.58 -5.31
C38 A1LVV C . -8.38 -3.31 -6.49
C39 A1LVV C . -8.81 -6.67 -1.44
C40 A1LVV C . -10.18 -6.07 -1.19
C41 A1LVV C . -8.18 -4.25 5.50
C42 A1LVV C . -7.31 -3.51 6.44
C43 A1LVV C . -7.08 -4.03 7.74
C44 A1LVV C . -7.42 -5.43 8.04
C45 A1LVV C . -6.50 -3.23 8.71
C46 A1LVV C . -6.15 -1.89 8.43
C47 A1LVV C . -7.06 -3.24 2.87
C48 A1LVV C . -5.55 -3.44 2.90
C49 A1LVV C . -4.73 1.12 10.33
C55 A1LVV C . -5.62 0.87 7.97
C56 A1LVV C . -5.61 -1.07 9.46
C57 A1LVV C . -5.01 3.19 8.95
C58 A1LVV C . -5.42 2.30 7.78
H7 A1LVV C . -4.84 3.14 11.11
H6 A1LVV C . -6.41 2.48 10.47
H9 A1LVV C . -2.63 1.96 11.85
H11 A1LVV C . -2.34 -0.24 12.56
H10 A1LVV C . -2.43 -0.86 10.87
H13 A1LVV C . 1.06 -0.95 13.07
H14 A1LVV C . -0.36 -2.10 12.97
H12 A1LVV C . -0.57 -0.46 13.72
H16 A1LVV C . 1.51 0.40 11.03
H18 A1LVV C . 2.11 2.03 15.16
H19 A1LVV C . 1.99 0.29 14.61
H17 A1LVV C . 0.47 1.29 14.80
H87 A1LVV C . 1.93 2.28 9.59
H88 A1LVV C . 0.78 3.47 10.37
H89 A1LVV C . 0.57 3.03 8.61
H30 A1LVV C . -7.73 -8.94 3.20
H31 A1LVV C . -7.94 -8.24 1.52
H32 A1LVV C . -9.12 -7.79 2.86
H34 A1LVV C . -5.25 -6.16 -0.67
H35 A1LVV C . -5.68 -4.51 -1.29
H20 A1LVV C . -0.14 0.75 9.17
H28 A1LVV C . -9.86 -2.84 4.86
H29 A1LVV C . -8.63 -5.93 1.71
H33 A1LVV C . -7.87 -4.60 -0.26
H63 A1LVV C . -6.64 -2.52 1.10
H3 A1LVV C . -3.62 -2.30 11.60
H98 A1LVV C . -3.58 -2.12 9.78
H2 A1LVV C . -4.48 -3.52 10.54
H5 A1LVV C . -5.06 5.14 8.72
H15 A1LVV C . -0.85 -1.35 9.83
H24 A1LVV C . -6.66 1.46 5.72
H39 A1LVV C . -5.27 -7.69 -2.40
H47 A1LVV C . -8.10 -2.47 -2.40
H49 A1LVV C . -9.30 0.00 -6.11
H27 A1LVV C . -9.15 0.62 3.83
H25 A1LVV C . -9.45 -0.78 4.96
H26 A1LVV C . -10.39 -0.65 3.39
H38 A1LVV C . -4.90 -6.12 -3.89
H36 A1LVV C . -5.46 -4.48 -3.33
H37 A1LVV C . -6.49 -5.44 -4.49
H40 A1LVV C . -8.39 -6.41 -3.56
H41 A1LVV C . -8.97 -4.99 -4.58
H42 A1LVV C . -10.63 -3.46 -2.97
H43 A1LVV C . -10.53 -3.28 -4.79
H45 A1LVV C . -11.13 -0.93 -2.52
H46 A1LVV C . -11.38 -1.02 -4.32
H44 A1LVV C . -10.27 0.25 -3.62
H48 A1LVV C . -7.90 -0.53 -4.59
H50 A1LVV C . -6.72 -2.22 -5.58
H52 A1LVV C . -9.37 -3.74 -6.17
H53 A1LVV C . -7.72 -4.14 -6.82
H51 A1LVV C . -8.56 -2.60 -7.33
H54 A1LVV C . -8.93 -7.77 -1.72
H56 A1LVV C . -10.08 -4.97 -0.98
H57 A1LVV C . -10.65 -6.55 -0.30
H55 A1LVV C . -10.83 -6.20 -2.07
H58 A1LVV C . -8.90 -4.97 5.98
H59 A1LVV C . -6.98 -5.74 9.03
H60 A1LVV C . -7.00 -6.11 7.25
H61 A1LVV C . -8.54 -5.57 8.08
H62 A1LVV C . -6.34 -3.63 9.73
H1 A1LVV C . -5.08 -2.55 2.39
H64 A1LVV C . -5.29 -4.37 2.30
H66 A1LVV C . -4.91 0.64 11.35
H4 A1LVV C . -3.91 3.38 8.87
C14 A1LVV D . 4.47 -8.90 -8.55
C11 A1LVV D . 6.09 -6.15 -7.39
C7 A1LVV D . 4.50 -1.70 -10.84
C9 A1LVV D . 4.98 -4.44 -9.04
C10 A1LVV D . 6.25 -4.96 -8.35
C12 A1LVV D . 7.13 -7.21 -7.71
C13 A1LVV D . 4.68 -6.78 -7.45
C3 A1LVV D . 5.79 -0.89 -8.88
C15 A1LVV D . 5.58 -9.61 -9.26
C17 A1LVV D . 2.23 -6.29 -7.33
C20 A1LVV D . 6.70 2.41 -6.30
C24 A1LVV D . 7.41 4.99 -3.49
C26 A1LVV D . 9.96 5.81 -1.26
C28 A1LVV D . 5.45 6.24 0.65
C16 A1LVV D . 3.62 -5.69 -7.37
C18 A1LVV D . 4.98 1.09 -7.70
C23 A1LVV D . 7.32 5.01 -5.69
C25 A1LVV D . 7.83 5.53 -2.12
C27 A1LVV D . 6.26 6.60 -0.59
C29 A1LVV D . 5.40 7.44 1.61
O10 A1LVV D . 5.63 3.18 -5.87
O21 A1LVV D . 8.30 3.95 -3.89
O22 A1LVV D . 5.05 5.54 -3.29
C1 A1LVV D . 8.36 -2.44 -7.59
O1 A1LVV D . 8.10 -1.57 -8.70
O2 A1LVV D . 2.49 0.62 -8.85
O3 A1LVV D . 2.37 -0.70 -11.29
O4 A1LVV D . 4.93 -3.03 -8.86
O5 A1LVV D . 6.29 -5.66 -6.05
O7 A1LVV D . 3.55 -9.41 -7.91
O8 A1LVV D . 3.72 -4.75 -8.44
O9 A1LVV D . 4.07 2.02 -7.31
O11 A1LVV D . 4.84 5.23 -5.79
O12 A1LVV D . 7.55 5.94 -4.60
O13 A1LVV D . 8.99 4.85 -1.69
O14 A1LVV D . 6.88 5.41 -1.07
O15 A1LVV D . 6.45 7.30 2.57
O16 A1LVV D . 4.61 8.89 -0.21
O17 A1LVV D . 2.45 8.83 -2.10
O18 A1LVV D . 0.23 11.37 -0.78
C19 A1LVV D . 6.34 1.30 -7.14
O19 A1LVV D . 2.66 9.10 0.65
O20 A1LVV D . 7.40 7.38 -0.23
C21 A1LVV D . 5.90 4.45 -5.31
C22 A1LVV D . 4.88 5.59 -7.17
O29 A1LVV D . 4.56 -7.53 -8.66
C30 A1LVV D . 4.07 7.49 2.34
C31 A1LVV D . 5.63 8.74 0.79
C32 A1LVV D . 3.72 9.93 0.19
C33 A1LVV D . 3.31 10.81 -1.01
C34 A1LVV D . 2.12 10.17 -1.71
C35 A1LVV D . 1.76 10.97 -2.94
C36 A1LVV D . 0.91 10.13 -0.73
C37 A1LVV D . 1.42 9.84 0.69
C38 A1LVV D . 1.59 11.12 1.49
C39 A1LVV D . 7.01 8.72 0.10
C40 A1LVV D . 7.05 9.62 -1.12
C41 A1LVV D . 8.38 3.94 -5.34
C42 A1LVV D . 8.01 2.63 -5.93
C43 A1LVV D . 9.02 1.72 -6.32
C44 A1LVV D . 10.42 1.93 -5.86
C45 A1LVV D . 8.70 0.62 -7.10
C46 A1LVV D . 7.37 0.42 -7.52
C47 A1LVV D . 5.91 4.51 -3.71
C48 A1LVV D . 5.63 3.29 -2.83
C49 A1LVV D . 5.49 -2.08 -9.75
C55 A1LVV D . 4.75 0.04 -8.58
C56 A1LVV D . 7.08 -0.70 -8.37
C57 A1LVV D . 3.20 -1.20 -10.24
C58 A1LVV D . 3.44 -0.12 -9.19
H7 A1LVV D . 4.28 -2.59 -11.47
H6 A1LVV D . 4.95 -0.91 -11.49
H9 A1LVV D . 4.95 -4.73 -10.12
H11 A1LVV D . 6.99 -5.23 -9.14
H10 A1LVV D . 6.68 -4.11 -7.76
H13 A1LVV D . 6.81 -8.20 -7.29
H14 A1LVV D . 8.12 -6.93 -7.28
H12 A1LVV D . 7.24 -7.32 -8.82
H16 A1LVV D . 4.57 -7.47 -6.56
H18 A1LVV D . 5.16 -10.50 -9.81
H19 A1LVV D . 6.33 -9.96 -8.50
H17 A1LVV D . 6.06 -8.90 -9.98
H87 A1LVV D . 2.18 -7.09 -6.56
H88 A1LVV D . 1.97 -6.71 -8.34
H89 A1LVV D . 1.48 -5.48 -7.06
H30 A1LVV D . 10.88 5.27 -0.93
H31 A1LVV D . 9.53 6.39 -0.39
H32 A1LVV D . 10.20 6.51 -2.09
H34 A1LVV D . 5.92 5.37 1.16
H35 A1LVV D . 4.41 5.96 0.36
H20 A1LVV D . 3.82 -5.06 -6.45
H28 A1LVV D . 7.42 5.55 -6.63
H29 A1LVV D . 7.96 6.65 -2.21
H33 A1LVV D . 5.65 7.12 -1.37
H63 A1LVV D . 4.29 5.15 -2.81
H3 A1LVV D . 7.47 -2.45 -6.92
H98 A1LVV D . 8.57 -3.47 -7.98
H2 A1LVV D . 9.25 -2.05 -7.03
H5 A1LVV D . 1.51 -1.16 -11.26
H15 A1LVV D . 6.07 -4.72 -6.01
H24 A1LVV D . 3.44 2.16 -8.03
H39 A1LVV D . 6.32 6.49 3.08
H47 A1LVV D . 2.94 8.40 -1.38
H49 A1LVV D . -0.66 11.24 -1.14
H27 A1LVV D . 5.01 4.68 -7.80
H25 A1LVV D . 3.92 6.10 -7.44
H26 A1LVV D . 5.74 6.30 -7.34
H38 A1LVV D . 4.16 6.97 3.32
H36 A1LVV D . 3.27 7.00 1.72
H37 A1LVV D . 3.79 8.56 2.51
H40 A1LVV D . 5.61 9.61 1.50
H41 A1LVV D . 4.11 10.58 1.02
H42 A1LVV D . 4.17 10.88 -1.72
H43 A1LVV D . 3.04 11.82 -0.64
H45 A1LVV D . 2.52 10.78 -3.75
H46 A1LVV D . 1.76 12.07 -2.68
H44 A1LVV D . 0.74 10.67 -3.30
H48 A1LVV D . 0.21 9.29 -1.03
H50 A1LVV D . 0.71 9.13 1.21
H52 A1LVV D . 2.40 11.75 1.03
H53 A1LVV D . 1.88 10.88 2.54
H51 A1LVV D . 0.64 11.70 1.50
H54 A1LVV D . 7.79 9.06 0.84
H56 A1LVV D . 6.24 9.34 -1.84
H57 A1LVV D . 8.03 9.52 -1.65
H55 A1LVV D . 6.91 10.69 -0.82
H58 A1LVV D . 9.43 4.28 -5.60
H59 A1LVV D . 11.03 1.02 -6.08
H60 A1LVV D . 10.44 2.10 -4.75
H61 A1LVV D . 10.88 2.80 -6.37
H62 A1LVV D . 9.49 -0.08 -7.42
H1 A1LVV D . 4.51 3.15 -2.79
H64 A1LVV D . 6.00 3.51 -1.79
H66 A1LVV D . 6.44 -2.49 -10.20
H4 A1LVV D . 2.67 -2.05 -9.73
O5' 3D1 A 1 3.46 7.45 -13.73
C5' 3D1 A 1 2.29 8.23 -13.98
C4' 3D1 A 1 1.02 7.37 -13.93
O4' 3D1 A 1 1.06 6.44 -15.00
C1' 3D1 A 1 1.35 5.13 -14.50
N9 3D1 A 1 2.70 4.75 -14.96
C4 3D1 A 1 2.97 3.84 -15.94
N3 3D1 A 1 2.09 3.27 -16.79
C2 3D1 A 1 2.69 2.44 -17.62
N1 3D1 A 1 3.99 2.15 -17.70
C6 3D1 A 1 4.85 2.73 -16.85
N6 3D1 A 1 6.15 2.43 -16.93
C5 3D1 A 1 4.33 3.63 -15.92
N7 3D1 A 1 4.92 4.40 -14.91
C8 3D1 A 1 3.91 5.04 -14.38
C2' 3D1 A 1 1.21 5.16 -12.97
C3' 3D1 A 1 0.86 6.60 -12.63
O3' 3D1 A 1 -0.51 6.68 -12.22
H5'1 3D1 A 1 2.39 8.69 -14.97
H5'2 3D1 A 1 2.22 9.01 -13.23
H4' 3D1 A 1 0.16 8.02 -14.07
H1' 3D1 A 1 0.63 4.42 -14.91
H2 3D1 A 1 2.05 1.94 -18.34
HN61 3D1 A 1 6.47 1.77 -17.62
HN62 3D1 A 1 6.81 2.86 -16.30
H8 3D1 A 1 4.03 5.73 -13.55
H2'1 3D1 A 1 2.15 4.89 -12.49
H2'2 3D1 A 1 0.40 4.49 -12.65
H3' 3D1 A 1 1.52 6.99 -11.87
HO5' 3D1 A 1 3.91 7.83 -12.98
F GF2 A 5 -2.93 -7.81 3.66
P GF2 A 5 -3.10 -8.13 -2.02
N1 GF2 A 5 0.39 -2.50 2.48
C2 GF2 A 5 0.66 -3.55 3.33
N2 GF2 A 5 1.41 -3.27 4.40
N3 GF2 A 5 0.22 -4.79 3.13
C4 GF2 A 5 -0.52 -4.90 2.01
C5 GF2 A 5 -0.85 -3.91 1.11
C6 GF2 A 5 -0.38 -2.58 1.33
O6 GF2 A 5 -0.56 -1.58 0.63
N7 GF2 A 5 -1.64 -4.42 0.08
C8 GF2 A 5 -1.76 -5.68 0.39
N9 GF2 A 5 -1.12 -6.04 1.54
C1' GF2 A 5 -1.04 -7.36 2.19
OP2 GF2 A 5 -3.80 -6.83 -2.02
C2' GF2 A 5 -2.39 -8.03 2.41
OP1 GF2 A 5 -3.84 -9.38 -2.28
C3' GF2 A 5 -2.09 -9.49 2.14
O3' GF2 A 5 -1.60 -10.12 3.33
C4' GF2 A 5 -0.99 -9.42 1.09
O4' GF2 A 5 -0.26 -8.22 1.35
C5' GF2 A 5 -1.50 -9.41 -0.35
O5' GF2 A 5 -2.33 -8.29 -0.61
HN1 GF2 A 5 0.77 -1.59 2.71
HN2 GF2 A 5 1.75 -2.34 4.55
HN2A GF2 A 5 1.64 -4.01 5.06
H8 GF2 A 5 -2.35 -6.38 -0.21
H1' GF2 A 5 -0.54 -7.25 3.15
H2' GF2 A 5 -3.09 -7.66 1.66
H3' GF2 A 5 -2.96 -10.00 1.74
H4' GF2 A 5 -0.32 -10.27 1.22
H5' GF2 A 5 -0.65 -9.39 -1.02
H5'A GF2 A 5 -2.07 -10.33 -0.53
F GF2 A 6 -4.98 -6.56 8.56
P GF2 A 6 -2.62 -10.61 4.47
N1 GF2 A 6 -4.06 -0.70 6.26
C2 GF2 A 6 -3.52 -1.37 7.33
N2 GF2 A 6 -3.04 -0.60 8.32
N3 GF2 A 6 -3.44 -2.69 7.41
C4 GF2 A 6 -3.96 -3.32 6.32
C5 GF2 A 6 -4.53 -2.72 5.22
C6 GF2 A 6 -4.61 -1.30 5.13
O6 GF2 A 6 -5.08 -0.62 4.22
N7 GF2 A 6 -4.95 -3.70 4.32
C8 GF2 A 6 -4.63 -4.83 4.89
N9 GF2 A 6 -4.02 -4.68 6.11
C1' GF2 A 6 -3.38 -5.70 6.97
OP2 GF2 A 6 -3.94 -10.89 3.85
C2' GF2 A 6 -4.27 -6.90 7.42
OP1 GF2 A 6 -1.96 -11.64 5.29
C3' GF2 A 6 -3.16 -7.92 7.78
O3' GF2 A 6 -2.74 -7.79 9.14
C4' GF2 A 6 -1.98 -7.55 6.90
O4' GF2 A 6 -2.36 -6.34 6.21
C5' GF2 A 6 -1.61 -8.63 5.88
O5' GF2 A 6 -2.77 -9.27 5.35
HN1 GF2 A 6 -4.09 0.31 6.27
HN2 GF2 A 6 -3.11 0.40 8.25
HN2A GF2 A 6 -2.63 -1.03 9.14
H8 GF2 A 6 -4.84 -5.80 4.45
H1' GF2 A 6 -2.92 -5.20 7.82
H2' GF2 A 6 -4.99 -7.26 6.64
H3' GF2 A 6 -3.46 -8.95 7.59
H4' GF2 A 6 -1.12 -7.34 7.52
H5' GF2 A 6 -1.05 -8.18 5.07
H5'A GF2 A 6 -0.98 -9.38 6.38
O5' 3D1 B 1 -13.58 2.88 2.85
C5' 3D1 B 1 -13.76 4.28 2.64
C4' 3D1 B 1 -13.02 5.11 3.69
O4' 3D1 B 1 -13.50 4.82 4.99
C1' 3D1 B 1 -12.44 5.10 5.93
N9 3D1 B 1 -12.48 4.05 6.96
C4 3D1 B 1 -12.04 4.19 8.25
N3 3D1 B 1 -11.66 5.35 8.85
C2 3D1 B 1 -11.29 5.12 10.09
N1 3D1 B 1 -11.25 3.98 10.76
C6 3D1 B 1 -11.62 2.85 10.14
N6 3D1 B 1 -11.58 1.69 10.81
C5 3D1 B 1 -12.05 2.94 8.81
N7 3D1 B 1 -12.48 2.01 7.89
C8 3D1 B 1 -12.73 2.71 6.82
C2' 3D1 B 1 -11.12 5.17 5.17
C3' 3D1 B 1 -11.52 4.85 3.73
O3' 3D1 B 1 -10.86 5.75 2.83
H5'1 3D1 B 1 -14.82 4.52 2.67
H5'2 3D1 B 1 -13.38 4.54 1.64
H4' 3D1 B 1 -13.19 6.16 3.49
H1' 3D1 B 1 -12.64 6.07 6.39
H2 3D1 B 1 -10.97 6.00 10.66
HN61 3D1 B 1 -11.26 1.67 11.77
HN62 3D1 B 1 -11.85 0.83 10.35
H8 3D1 B 1 -13.10 2.27 5.88
H2'1 3D1 B 1 -10.42 4.42 5.54
H2'2 3D1 B 1 -10.69 6.17 5.23
H3' 3D1 B 1 -11.29 3.81 3.49
HO5' 3D1 B 1 -14.40 2.54 3.22
F GF2 B 5 8.84 1.45 0.87
P GF2 B 5 7.01 4.39 5.76
N1 GF2 B 5 3.23 -1.03 -0.35
C2 GF2 B 5 4.41 -1.68 -0.05
N2 GF2 B 5 4.57 -2.89 -0.54
N3 GF2 B 5 5.38 -1.13 0.70
C4 GF2 B 5 5.06 0.11 1.12
C5 GF2 B 5 3.91 0.83 0.87
C6 GF2 B 5 2.89 0.25 0.07
O6 GF2 B 5 1.81 0.73 -0.25
N7 GF2 B 5 3.98 2.08 1.48
C8 GF2 B 5 5.13 2.08 2.07
N9 GF2 B 5 5.85 0.92 1.89
C1' GF2 B 5 7.18 0.56 2.41
OP2 GF2 B 5 6.44 5.42 4.88
C2' GF2 B 5 8.27 1.58 2.12
OP1 GF2 B 5 8.13 4.73 6.68
C3' GF2 B 5 9.23 1.34 3.27
O3' GF2 B 5 10.13 0.28 2.93
C4' GF2 B 5 8.33 0.89 4.42
O4' GF2 B 5 7.09 0.46 3.84
C5' GF2 B 5 8.06 1.99 5.45
O5' GF2 B 5 7.47 3.14 4.85
HN1 GF2 B 5 2.54 -1.51 -0.92
HN2 GF2 B 5 3.84 -3.32 -1.11
HN2A GF2 B 5 5.42 -3.41 -0.35
H8 GF2 B 5 5.52 2.92 2.64
H1' GF2 B 5 7.47 -0.41 2.01
H2' GF2 B 5 7.85 2.59 2.19
H3' GF2 B 5 9.76 2.24 3.54
H4' GF2 B 5 8.79 0.03 4.91
H5' GF2 B 5 7.39 1.59 6.21
H5'A GF2 B 5 9.01 2.27 5.91
F GF2 B 6 10.81 -0.26 -4.22
P GF2 B 6 11.35 0.55 1.92
N1 GF2 B 6 4.63 -0.05 -5.70
C2 GF2 B 6 5.54 -1.07 -5.70
N2 GF2 B 6 5.29 -2.09 -6.53
N3 GF2 B 6 6.65 -1.09 -4.94
C4 GF2 B 6 6.75 0.01 -4.17
C5 GF2 B 6 5.89 1.08 -4.10
C6 GF2 B 6 4.72 1.10 -4.91
O6 GF2 B 6 3.84 1.96 -4.98
N7 GF2 B 6 6.36 2.02 -3.18
C8 GF2 B 6 7.46 1.50 -2.73
N9 GF2 B 6 7.78 0.28 -3.27
C1' GF2 B 6 8.84 -0.66 -2.90
OP2 GF2 B 6 11.66 1.99 1.80
C2' GF2 B 6 10.31 -0.13 -2.95
OP1 GF2 B 6 12.43 -0.39 2.34
C3' GF2 B 6 10.99 -1.17 -2.01
O3' GF2 B 6 11.44 -2.33 -2.73
C4' GF2 B 6 9.88 -1.62 -1.06
O4' GF2 B 6 8.68 -0.99 -1.51
C5' GF2 B 6 10.15 -1.24 0.40
O5' GF2 B 6 10.76 0.04 0.52
HN1 GF2 B 6 3.83 -0.11 -6.30
HN2 GF2 B 6 4.45 -2.07 -7.10
HN2A GF2 B 6 5.92 -2.88 -6.58
H8 GF2 B 6 8.10 2.00 -1.99
H1' GF2 B 6 8.72 -1.57 -3.48
H2' GF2 B 6 10.42 0.94 -2.61
H3' GF2 B 6 11.81 -0.74 -1.44
H4' GF2 B 6 9.77 -2.69 -1.13
H5' GF2 B 6 9.20 -1.23 0.95
H5'A GF2 B 6 10.81 -1.99 0.85
C14 A1LVV C . 1.49 1.55 13.29
C11 A1LVV C . -0.65 -0.59 11.72
C7 A1LVV C . -5.36 2.56 10.25
C9 A1LVV C . -2.44 1.21 11.10
C10 A1LVV C . -2.13 -0.19 11.64
C12 A1LVV C . -0.34 -1.15 13.10
C13 A1LVV C . 0.30 0.59 11.43
C3 A1LVV C . -5.44 0.29 9.23
C15 A1LVV C . 1.31 1.15 14.71
C17 A1LVV C . 0.83 2.42 9.79
C20 A1LVV C . -7.05 -2.18 6.12
C24 A1LVV C . -7.89 -4.61 3.22
C26 A1LVV C . -8.28 -8.02 2.67
C28 A1LVV C . -6.07 -5.68 -1.04
C16 A1LVV C . -0.15 1.32 10.16
C18 A1LVV C . -6.12 0.10 6.90
C23 A1LVV C . -8.99 -3.19 4.48
C25 A1LVV C . -7.76 -5.80 2.28
C27 A1LVV C . -7.28 -5.57 -0.10
C29 A1LVV C . -6.51 -6.30 -2.38
O10 A1LVV C . -7.05 -1.65 4.85
O21 A1LVV C . -7.58 -5.01 4.55
O22 A1LVV C . -7.40 -2.90 1.54
C1 A1LVV C . -4.46 -2.44 10.73
O1 A1LVV C . -5.62 -1.60 10.73
O2 A1LVV C . -5.47 2.80 6.60
O3 A1LVV C . -5.63 4.46 8.82
O4 A1LVV C . -3.44 1.07 10.10
O5 A1LVV C . -0.41 -1.59 10.73
O7 A1LVV C . 2.52 1.91 12.74
O8 A1LVV C . -1.46 1.86 10.29
O9 A1LVV C . -6.34 0.54 5.62
O11 A1LVV C . -8.36 -1.19 3.13
O12 A1LVV C . -9.24 -4.09 3.37
O13 A1LVV C . -7.42 -6.95 3.03
O14 A1LVV C . -6.81 -5.71 1.25
O15 A1LVV C . -6.27 -7.71 -2.33
O16 A1LVV C . -8.29 -4.63 -2.57
O17 A1LVV C . -8.46 -1.74 -2.54
O18 A1LVV C . -9.11 -1.03 -6.03
C19 A1LVV C . -6.48 -1.33 7.12
O19 A1LVV C . -7.35 -3.60 -4.22
O20 A1LVV C . -8.10 -6.73 -0.21
C21 A1LVV C . -7.86 -2.28 3.87
C22 A1LVV C . -9.37 -0.39 3.76
O29 A1LVV C . 0.32 1.47 12.55
C30 A1LVV C . -5.72 -5.69 -3.53
C31 A1LVV C . -8.03 -6.04 -2.56
C32 A1LVV C . -8.61 -4.21 -3.90
C33 A1LVV C . -9.78 -3.22 -3.91
C34 A1LVV C . -9.23 -1.80 -3.74
C35 A1LVV C . -10.37 -0.81 -3.67
C36 A1LVV C . -8.31 -1.46 -4.95
C37 A1LVV C . -7.50 -2.72 -5.34
C38 A1LVV C . -8.13 -3.45 -6.52
C39 A1LVV C . -8.84 -6.70 -1.43
C40 A1LVV C . -10.19 -6.04 -1.24
C41 A1LVV C . -8.35 -4.18 5.47
C42 A1LVV C . -7.49 -3.46 6.44
C43 A1LVV C . -7.31 -3.96 7.74
C44 A1LVV C . -7.72 -5.35 8.07
C45 A1LVV C . -6.74 -3.17 8.72
C46 A1LVV C . -6.32 -1.86 8.43
C47 A1LVV C . -7.10 -3.26 2.88
C48 A1LVV C . -5.59 -3.52 2.95
C49 A1LVV C . -4.84 1.13 10.33
C55 A1LVV C . -5.66 0.88 7.95
C56 A1LVV C . -5.78 -1.03 9.46
C57 A1LVV C . -4.99 3.19 8.91
C58 A1LVV C . -5.40 2.30 7.75
H7 A1LVV C . -4.90 3.17 11.06
H6 A1LVV C . -6.47 2.56 10.39
H9 A1LVV C . -2.76 1.91 11.92
H11 A1LVV C . -2.57 -0.28 12.67
H10 A1LVV C . -2.64 -0.93 10.98
H13 A1LVV C . 0.76 -1.11 13.29
H14 A1LVV C . -0.68 -2.21 13.17
H12 A1LVV C . -0.86 -0.54 13.88
H16 A1LVV C . 1.34 0.17 11.25
H18 A1LVV C . 1.86 1.87 15.37
H19 A1LVV C . 1.70 0.11 14.85
H17 A1LVV C . 0.21 1.18 14.96
H87 A1LVV C . 1.87 2.02 9.80
H88 A1LVV C . 0.75 3.26 10.52
H89 A1LVV C . 0.59 2.79 8.76
H30 A1LVV C . -8.01 -8.93 3.28
H31 A1LVV C . -8.15 -8.26 1.58
H32 A1LVV C . -9.34 -7.73 2.86
H34 A1LVV C . -5.30 -6.32 -0.56
H35 A1LVV C . -5.64 -4.67 -1.22
H20 A1LVV C . -0.24 0.56 9.34
H28 A1LVV C . -9.94 -2.72 4.76
H29 A1LVV C . -8.74 -5.91 1.70
H33 A1LVV C . -7.88 -4.64 -0.26
H63 A1LVV C . -6.59 -2.59 1.11
H3 A1LVV C . -3.91 -2.30 11.70
H98 A1LVV C . -3.80 -2.15 9.87
H2 A1LVV C . -4.78 -3.51 10.62
H5 A1LVV C . -4.96 5.14 8.64
H15 A1LVV C . -1.05 -1.49 10.00
H24 A1LVV C . -6.61 1.47 5.65
H39 A1LVV C . -5.32 -7.87 -2.27
H47 A1LVV C . -7.93 -2.55 -2.45
H49 A1LVV C . -8.91 -0.09 -6.23
H27 A1LVV C . -9.07 0.69 3.70
H25 A1LVV C . -9.46 -0.68 4.83
H26 A1LVV C . -10.34 -0.54 3.23
H38 A1LVV C . -4.85 -6.36 -3.77
H36 A1LVV C . -5.35 -4.68 -3.24
H37 A1LVV C . -6.38 -5.61 -4.43
H40 A1LVV C . -8.34 -6.49 -3.55
H41 A1LVV C . -8.83 -5.06 -4.60
H42 A1LVV C . -10.48 -3.45 -3.07
H43 A1LVV C . -10.32 -3.31 -4.89
H45 A1LVV C . -10.89 -0.89 -2.69
H46 A1LVV C . -11.10 -1.01 -4.50
H44 A1LVV C . -9.96 0.23 -3.78
H48 A1LVV C . -7.59 -0.66 -4.66
H50 A1LVV C . -6.43 -2.41 -5.57
H52 A1LVV C . -9.14 -3.84 -6.23
H53 A1LVV C . -7.48 -4.31 -6.82
H51 A1LVV C . -8.23 -2.75 -7.38
H54 A1LVV C . -9.00 -7.79 -1.70
H56 A1LVV C . -10.06 -4.94 -1.06
H57 A1LVV C . -10.72 -6.49 -0.37
H55 A1LVV C . -10.82 -6.17 -2.16
H58 A1LVV C . -9.10 -4.85 5.95
H59 A1LVV C . -7.32 -5.65 9.07
H60 A1LVV C . -7.30 -6.05 7.29
H61 A1LVV C . -8.83 -5.44 8.06
H62 A1LVV C . -6.61 -3.56 9.75
H1 A1LVV C . -5.08 -2.66 2.44
H64 A1LVV C . -5.36 -4.47 2.37
H66 A1LVV C . -5.07 0.68 11.35
H4 A1LVV C . -3.88 3.33 8.86
C14 A1LVV D . 4.66 -8.83 -8.56
C11 A1LVV D . 6.25 -6.03 -7.44
C7 A1LVV D . 4.37 -1.60 -10.76
C9 A1LVV D . 5.02 -4.35 -9.02
C10 A1LVV D . 6.33 -4.83 -8.39
C12 A1LVV D . 7.31 -7.06 -7.83
C13 A1LVV D . 4.87 -6.70 -7.45
C3 A1LVV D . 5.73 -0.78 -8.85
C15 A1LVV D . 5.76 -9.49 -9.32
C17 A1LVV D . 2.40 -6.30 -7.21
C20 A1LVV D . 6.64 2.53 -6.28
C24 A1LVV D . 7.41 5.10 -3.47
C26 A1LVV D . 10.03 5.97 -1.34
C28 A1LVV D . 5.61 6.25 0.77
C16 A1LVV D . 3.78 -5.65 -7.29
C18 A1LVV D . 4.91 1.17 -7.61
C23 A1LVV D . 7.22 5.13 -5.66
C25 A1LVV D . 7.87 5.64 -2.12
C27 A1LVV D . 6.35 6.64 -0.50
C29 A1LVV D . 5.57 7.43 1.75
O10 A1LVV D . 5.58 3.25 -5.79
O21 A1LVV D . 8.32 4.08 -3.93
O22 A1LVV D . 5.05 5.57 -3.15
C1 A1LVV D . 8.40 -2.25 -7.70
O1 A1LVV D . 8.06 -1.38 -8.79
O2 A1LVV D . 2.38 0.63 -8.65
O3 A1LVV D . 2.19 -0.67 -11.09
O4 A1LVV D . 4.94 -2.95 -8.82
O5 A1LVV D . 6.51 -5.56 -6.12
O7 A1LVV D . 3.80 -9.37 -7.88
O8 A1LVV D . 3.80 -4.70 -8.37
O9 A1LVV D . 3.99 2.05 -7.16
O11 A1LVV D . 4.73 5.28 -5.64
O12 A1LVV D . 7.48 6.06 -4.57
O13 A1LVV D . 9.08 4.99 -1.75
O14 A1LVV D . 6.99 5.47 -1.04
O15 A1LVV D . 6.67 7.32 2.65
O16 A1LVV D . 4.65 8.88 -0.02
O17 A1LVV D . 2.41 8.76 -1.80
O18 A1LVV D . 0.16 11.22 -0.35
C19 A1LVV D . 6.29 1.42 -7.11
O19 A1LVV D . 2.72 9.01 0.94
O20 A1LVV D . 7.49 7.45 -0.20
C21 A1LVV D . 5.84 4.54 -5.23
C22 A1LVV D . 4.70 5.67 -7.02
O29 A1LVV D . 4.71 -7.45 -8.65
C30 A1LVV D . 4.27 7.44 2.53
C31 A1LVV D . 5.72 8.75 0.92
C32 A1LVV D . 3.74 9.88 0.44
C33 A1LVV D . 3.26 10.75 -0.73
C34 A1LVV D . 2.05 10.09 -1.39
C35 A1LVV D . 1.61 10.90 -2.59
C36 A1LVV D . 0.90 10.00 -0.35
C37 A1LVV D . 1.48 9.71 1.04
C38 A1LVV D . 1.65 10.98 1.85
C39 A1LVV D . 7.07 8.77 0.18
C40 A1LVV D . 7.02 9.69 -1.04
C41 A1LVV D . 8.33 4.10 -5.38
C42 A1LVV D . 7.98 2.79 -5.96
C43 A1LVV D . 9.00 1.91 -6.41
C44 A1LVV D . 10.40 2.15 -6.02
C45 A1LVV D . 8.67 0.82 -7.20
C46 A1LVV D . 7.32 0.56 -7.55
C47 A1LVV D . 5.92 4.58 -3.62
C48 A1LVV D . 5.72 3.34 -2.75
C49 A1LVV D . 5.42 -1.96 -9.72
C55 A1LVV D . 4.67 0.12 -8.49
C56 A1LVV D . 7.02 -0.55 -8.41
C57 A1LVV D . 3.08 -1.15 -10.09
C58 A1LVV D . 3.33 -0.07 -9.04
H7 A1LVV D . 4.15 -2.49 -11.39
H6 A1LVV D . 4.76 -0.78 -11.42
H9 A1LVV D . 4.94 -4.62 -10.10
H11 A1LVV D . 7.05 -5.08 -9.22
H10 A1LVV D . 6.77 -3.98 -7.82
H13 A1LVV D . 7.05 -8.06 -7.40
H14 A1LVV D . 8.31 -6.75 -7.43
H12 A1LVV D . 7.38 -7.15 -8.94
H16 A1LVV D . 4.81 -7.40 -6.56
H18 A1LVV D . 5.35 -10.38 -9.86
H19 A1LVV D . 6.56 -9.82 -8.62
H17 A1LVV D . 6.19 -8.76 -10.06
H87 A1LVV D . 2.42 -7.11 -6.44
H88 A1LVV D . 2.11 -6.72 -8.21
H89 A1LVV D . 1.65 -5.52 -6.90
H30 A1LVV D . 11.00 5.46 -1.08
H31 A1LVV D . 9.63 6.52 -0.46
H32 A1LVV D . 10.22 6.69 -2.19
H34 A1LVV D . 6.13 5.38 1.24
H35 A1LVV D . 4.56 5.93 0.52
H20 A1LVV D . 4.00 -5.03 -6.39
H28 A1LVV D . 7.27 5.70 -6.60
H29 A1LVV D . 7.97 6.76 -2.21
H33 A1LVV D . 5.69 7.14 -1.25
H63 A1LVV D . 4.33 5.15 -2.64
H3 A1LVV D . 7.54 -2.30 -6.99
H98 A1LVV D . 8.62 -3.27 -8.11
H2 A1LVV D . 9.30 -1.84 -7.17
H5 A1LVV D . 1.35 -1.15 -11.02
H15 A1LVV D . 6.26 -4.63 -6.05
H24 A1LVV D . 3.31 2.19 -7.86
H39 A1LVV D . 6.59 6.48 3.16
H47 A1LVV D . 2.95 8.34 -1.11
H49 A1LVV D . -0.73 11.06 -0.67
H27 A1LVV D . 4.83 4.75 -7.66
H25 A1LVV D . 3.70 6.14 -7.24
H26 A1LVV D . 5.52 6.39 -7.23
H38 A1LVV D . 4.42 6.90 3.50
H36 A1LVV D . 3.46 6.92 1.95
H37 A1LVV D . 3.97 8.49 2.74
H40 A1LVV D . 5.70 9.61 1.65
H41 A1LVV D . 4.15 10.54 1.25
H42 A1LVV D . 4.07 10.87 -1.48
H43 A1LVV D . 2.97 11.75 -0.33
H45 A1LVV D . 2.33 10.73 -3.43
H46 A1LVV D . 1.58 11.98 -2.32
H44 A1LVV D . 0.59 10.56 -2.91
H48 A1LVV D . 0.21 9.14 -0.63
H50 A1LVV D . 0.80 8.97 1.59
H52 A1LVV D . 2.41 11.65 1.35
H53 A1LVV D . 2.00 10.74 2.89
H51 A1LVV D . 0.67 11.53 1.91
H54 A1LVV D . 7.87 9.14 0.89
H56 A1LVV D . 6.18 9.39 -1.72
H57 A1LVV D . 7.98 9.62 -1.61
H55 A1LVV D . 6.86 10.74 -0.71
H58 A1LVV D . 9.34 4.47 -5.69
H59 A1LVV D . 11.02 1.27 -6.28
H60 A1LVV D . 10.46 2.31 -4.91
H61 A1LVV D . 10.81 3.06 -6.55
H62 A1LVV D . 9.46 0.15 -7.56
H1 A1LVV D . 4.61 3.16 -2.67
H64 A1LVV D . 6.13 3.55 -1.72
H66 A1LVV D . 6.36 -2.34 -10.22
H4 A1LVV D . 2.61 -2.02 -9.57
O5' 3D1 A 1 3.07 9.29 -10.61
C5' 3D1 A 1 1.90 9.48 -11.41
C4' 3D1 A 1 1.56 8.22 -12.20
O4' 3D1 A 1 2.62 7.88 -13.09
C1' 3D1 A 1 2.60 6.46 -13.30
N9 3D1 A 1 3.99 5.98 -13.25
C4 3D1 A 1 4.48 4.87 -13.90
N3 3D1 A 1 3.82 4.14 -14.82
C2 3D1 A 1 4.59 3.14 -15.24
N1 3D1 A 1 5.81 2.82 -14.86
C6 3D1 A 1 6.44 3.57 -13.94
N6 3D1 A 1 7.69 3.25 -13.57
C5 3D1 A 1 5.74 4.67 -13.42
N7 3D1 A 1 6.07 5.63 -12.47
C8 3D1 A 1 5.01 6.38 -12.42
C2' 3D1 A 1 1.70 5.82 -12.25
C3' 3D1 A 1 1.31 6.99 -11.34
O3' 3D1 A 1 -0.08 6.91 -11.01
H5'1 3D1 A 1 2.07 10.31 -12.09
H5'2 3D1 A 1 1.06 9.72 -10.75
H4' 3D1 A 1 0.67 8.41 -12.80
H1' 3D1 A 1 2.20 6.26 -14.29
H2 3D1 A 1 4.13 2.48 -15.98
HN61 3D1 A 1 8.14 2.44 -13.98
HN62 3D1 A 1 8.16 3.81 -12.88
H8 3D1 A 1 4.93 7.25 -11.76
H2'1 3D1 A 1 2.24 5.07 -11.68
H2'2 3D1 A 1 0.81 5.39 -12.72
H3' 3D1 A 1 1.93 7.01 -10.45
HO5' 3D1 A 1 2.80 9.31 -9.69
F GF2 A 5 -2.77 -7.63 3.53
P GF2 A 5 -3.09 -8.03 -2.14
N1 GF2 A 5 0.32 -2.29 2.63
C2 GF2 A 5 0.56 -3.37 3.46
N2 GF2 A 5 1.20 -3.12 4.60
N3 GF2 A 5 0.18 -4.62 3.18
C4 GF2 A 5 -0.46 -4.71 2.00
C5 GF2 A 5 -0.74 -3.69 1.12
C6 GF2 A 5 -0.34 -2.36 1.41
O6 GF2 A 5 -0.49 -1.35 0.74
N7 GF2 A 5 -1.42 -4.19 0.00
C8 GF2 A 5 -1.52 -5.47 0.25
N9 GF2 A 5 -0.96 -5.86 1.44
C1' GF2 A 5 -0.89 -7.20 2.04
OP2 GF2 A 5 -3.79 -6.72 -2.15
C2' GF2 A 5 -2.25 -7.85 2.27
OP1 GF2 A 5 -3.85 -9.28 -2.31
C3' GF2 A 5 -1.95 -9.31 1.99
O3' GF2 A 5 -1.44 -9.94 3.17
C4' GF2 A 5 -0.86 -9.24 0.93
O4' GF2 A 5 -0.14 -8.03 1.16
C5' GF2 A 5 -1.40 -9.25 -0.51
O5' GF2 A 5 -2.26 -8.14 -0.76
HN1 GF2 A 5 0.65 -1.38 2.92
HN2 GF2 A 5 1.49 -2.17 4.82
HN2A GF2 A 5 1.40 -3.87 5.25
H8 GF2 A 5 -2.02 -6.17 -0.42
H1' GF2 A 5 -0.36 -7.12 3.00
H2' GF2 A 5 -2.96 -7.48 1.54
H3' GF2 A 5 -2.84 -9.82 1.62
H4' GF2 A 5 -0.19 -10.09 1.05
H5' GF2 A 5 -0.57 -9.22 -1.20
H5'A GF2 A 5 -1.97 -10.18 -0.67
F GF2 A 6 -4.83 -6.50 8.48
P GF2 A 6 -2.45 -10.46 4.31
N1 GF2 A 6 -4.01 -0.60 6.25
C2 GF2 A 6 -3.44 -1.27 7.31
N2 GF2 A 6 -2.97 -0.52 8.31
N3 GF2 A 6 -3.35 -2.61 7.37
C4 GF2 A 6 -3.87 -3.21 6.28
C5 GF2 A 6 -4.46 -2.61 5.19
C6 GF2 A 6 -4.55 -1.20 5.12
O6 GF2 A 6 -5.04 -0.50 4.23
N7 GF2 A 6 -4.86 -3.58 4.28
C8 GF2 A 6 -4.53 -4.71 4.83
N9 GF2 A 6 -3.91 -4.57 6.06
C1' GF2 A 6 -3.26 -5.59 6.89
OP2 GF2 A 6 -3.76 -10.75 3.69
C2' GF2 A 6 -4.13 -6.81 7.32
OP1 GF2 A 6 -1.77 -11.50 5.12
C3' GF2 A 6 -2.99 -7.83 7.67
O3' GF2 A 6 -2.57 -7.71 9.03
C4' GF2 A 6 -1.83 -7.43 6.77
O4' GF2 A 6 -2.23 -6.22 6.11
C5' GF2 A 6 -1.45 -8.49 5.74
O5' GF2 A 6 -2.60 -9.14 5.21
HN1 GF2 A 6 -4.04 0.42 6.28
HN2 GF2 A 6 -3.04 0.49 8.26
HN2A GF2 A 6 -2.54 -0.95 9.12
H8 GF2 A 6 -4.73 -5.68 4.38
H1' GF2 A 6 -2.80 -5.10 7.75
H2' GF2 A 6 -4.84 -7.18 6.55
H3' GF2 A 6 -3.29 -8.85 7.46
H4' GF2 A 6 -0.97 -7.21 7.40
H5' GF2 A 6 -0.91 -8.01 4.94
H5'A GF2 A 6 -0.82 -9.23 6.22
O5' 3D1 B 1 -13.42 2.67 2.80
C5' 3D1 B 1 -13.67 4.05 2.58
C4' 3D1 B 1 -13.02 4.91 3.67
O4' 3D1 B 1 -13.54 4.58 4.95
C1' 3D1 B 1 -12.55 4.87 5.94
N9 3D1 B 1 -12.55 3.76 6.91
C4 3D1 B 1 -12.17 3.86 8.23
N3 3D1 B 1 -11.91 5.00 8.91
C2 3D1 B 1 -11.58 4.72 10.15
N1 3D1 B 1 -11.48 3.54 10.76
C6 3D1 B 1 -11.74 2.42 10.06
N6 3D1 B 1 -11.64 1.24 10.66
C5 3D1 B 1 -12.11 2.58 8.71
N7 3D1 B 1 -12.46 1.66 7.72
C8 3D1 B 1 -12.70 2.42 6.68
C2' 3D1 B 1 -11.20 5.06 5.24
C3' 3D1 B 1 -11.51 4.74 3.78
O3' 3D1 B 1 -10.87 5.70 2.92
H5'1 3D1 B 1 -14.75 4.23 2.58
H5'2 3D1 B 1 -13.26 4.35 1.62
H4' 3D1 B 1 -13.25 5.96 3.48
H1' 3D1 B 1 -12.82 5.79 6.46
H2 3D1 B 1 -11.34 5.59 10.78
HN61 3D1 B 1 -11.38 1.18 11.63
HN62 3D1 B 1 -11.85 0.40 10.14
H8 3D1 B 1 -13.00 2.01 5.71
H2'1 3D1 B 1 -10.46 4.37 5.63
H2'2 3D1 B 1 -10.86 6.09 5.34
H3' 3D1 B 1 -11.22 3.73 3.53
HO5' 3D1 B 1 -13.91 2.41 3.59
F GF2 B 5 8.64 1.40 0.87
P GF2 B 5 6.90 4.44 5.78
N1 GF2 B 5 3.18 -0.91 -0.75
C2 GF2 B 5 4.35 -1.56 -0.40
N2 GF2 B 5 4.56 -2.75 -0.96
N3 GF2 B 5 5.25 -1.05 0.44
C4 GF2 B 5 4.89 0.17 0.90
C5 GF2 B 5 3.75 0.88 0.61
C6 GF2 B 5 2.80 0.33 -0.28
O6 GF2 B 5 1.73 0.83 -0.65
N7 GF2 B 5 3.76 2.09 1.29
C8 GF2 B 5 4.87 2.08 1.96
N9 GF2 B 5 5.62 0.94 1.77
C1' GF2 B 5 6.91 0.57 2.36
OP2 GF2 B 5 6.36 5.50 4.90
C2' GF2 B 5 8.04 1.57 2.09
OP1 GF2 B 5 8.09 4.73 6.62
C3' GF2 B 5 8.95 1.29 3.28
O3' GF2 B 5 9.83 0.21 2.97
C4' GF2 B 5 8.00 0.88 4.40
O4' GF2 B 5 6.75 0.52 3.78
C5' GF2 B 5 7.77 1.96 5.44
O5' GF2 B 5 7.25 3.16 4.86
HN1 GF2 B 5 2.55 -1.37 -1.39
HN2 GF2 B 5 3.89 -3.14 -1.58
HN2A GF2 B 5 5.41 -3.27 -0.73
H8 GF2 B 5 5.19 2.89 2.61
H1' GF2 B 5 7.20 -0.41 2.00
H2' GF2 B 5 7.65 2.58 2.15
H3' GF2 B 5 9.50 2.18 3.57
H4' GF2 B 5 8.40 -0.01 4.89
H5' GF2 B 5 7.06 1.60 6.18
H5'A GF2 B 5 8.71 2.19 5.93
F GF2 B 6 10.71 -0.39 -4.16
P GF2 B 6 11.10 0.45 2.00
N1 GF2 B 6 4.57 -0.13 -5.79
C2 GF2 B 6 5.48 -1.17 -5.77
N2 GF2 B 6 5.22 -2.18 -6.60
N3 GF2 B 6 6.56 -1.19 -4.98
C4 GF2 B 6 6.65 -0.07 -4.21
C5 GF2 B 6 5.79 1.00 -4.17
C6 GF2 B 6 4.65 1.02 -5.01
O6 GF2 B 6 3.79 1.89 -5.10
N7 GF2 B 6 6.24 1.93 -3.24
C8 GF2 B 6 7.34 1.41 -2.75
N9 GF2 B 6 7.65 0.19 -3.30
C1' GF2 B 6 8.71 -0.76 -2.88
OP2 GF2 B 6 11.41 1.89 1.89
C2' GF2 B 6 10.17 -0.25 -2.89
OP1 GF2 B 6 12.14 -0.50 2.44
C3' GF2 B 6 10.82 -1.29 -1.93
O3' GF2 B 6 11.28 -2.45 -2.63
C4' GF2 B 6 9.69 -1.72 -1.00
O4' GF2 B 6 8.50 -1.10 -1.49
C5' GF2 B 6 9.92 -1.34 0.45
O5' GF2 B 6 10.54 -0.06 0.58
HN1 GF2 B 6 3.77 -0.18 -6.42
HN2 GF2 B 6 4.42 -2.16 -7.19
HN2A GF2 B 6 5.86 -2.97 -6.62
H8 GF2 B 6 7.95 1.90 -2.00
H1' GF2 B 6 8.59 -1.68 -3.47
H2' GF2 B 6 10.28 0.81 -2.56
H3' GF2 B 6 11.63 -0.86 -1.35
H4' GF2 B 6 9.56 -2.80 -1.07
H5' GF2 B 6 8.96 -1.33 0.97
H5'A GF2 B 6 10.56 -2.08 0.93
C14 A1LVV C . 1.57 1.63 13.27
C11 A1LVV C . -0.54 -0.52 11.68
C7 A1LVV C . -5.31 2.58 10.30
C9 A1LVV C . -2.37 1.27 11.10
C10 A1LVV C . -2.03 -0.13 11.63
C12 A1LVV C . -0.22 -1.09 13.05
C13 A1LVV C . 0.39 0.68 11.41
C3 A1LVV C . -5.38 0.34 9.26
C15 A1LVV C . 1.41 1.21 14.69
C17 A1LVV C . 0.87 2.54 9.79
C20 A1LVV C . -6.97 -2.11 6.12
C24 A1LVV C . -7.80 -4.51 3.19
C26 A1LVV C . -8.15 -7.93 2.60
C28 A1LVV C . -6.01 -5.50 -1.10
C16 A1LVV C . -0.08 1.41 10.16
C18 A1LVV C . -6.07 0.16 6.92
C23 A1LVV C . -8.91 -3.12 4.48
C25 A1LVV C . -7.67 -5.69 2.23
C27 A1LVV C . -7.21 -5.43 -0.15
C29 A1LVV C . -6.44 -6.10 -2.44
O10 A1LVV C . -6.99 -1.56 4.85
O21 A1LVV C . -7.48 -4.92 4.51
O22 A1LVV C . -7.35 -2.79 1.53
C1 A1LVV C . -4.35 -2.41 10.70
O1 A1LVV C . -5.51 -1.58 10.72
O2 A1LVV C . -5.46 2.87 6.65
O3 A1LVV C . -5.61 4.50 8.90
O4 A1LVV C . -3.38 1.13 10.11
O5 A1LVV C . -0.31 -1.51 10.69
O7 A1LVV C . 2.60 2.01 12.71
O8 A1LVV C . -1.41 1.93 10.29
O9 A1LVV C . -6.30 0.61 5.66
O11 A1LVV C . -8.31 -1.09 3.16
O12 A1LVV C . -9.17 -4.01 3.36
O13 A1LVV C . -7.31 -6.85 2.97
O14 A1LVV C . -6.73 -5.57 1.20
O15 A1LVV C . -6.20 -7.51 -2.42
O16 A1LVV C . -8.26 -4.46 -2.60
O17 A1LVV C . -8.47 -1.58 -2.52
O18 A1LVV C . -9.15 -0.82 -6.01
C19 A1LVV C . -6.40 -1.28 7.13
O19 A1LVV C . -7.35 -3.39 -4.24
O20 A1LVV C . -8.02 -6.59 -0.26
C21 A1LVV C . -7.81 -2.19 3.88
C22 A1LVV C . -9.33 -0.32 3.80
O29 A1LVV C . 0.39 1.55 12.54
C30 A1LVV C . -5.68 -5.48 -3.59
C31 A1LVV C . -7.98 -5.86 -2.61
C32 A1LVV C . -8.59 -4.02 -3.92
C33 A1LVV C . -9.77 -3.05 -3.91
C34 A1LVV C . -9.24 -1.63 -3.72
C35 A1LVV C . -10.39 -0.65 -3.63
C36 A1LVV C . -8.34 -1.26 -4.94
C37 A1LVV C . -7.51 -2.50 -5.34
C38 A1LVV C . -8.14 -3.23 -6.53
C39 A1LVV C . -8.77 -6.55 -1.48
C40 A1LVV C . -10.13 -5.91 -1.27
C41 A1LVV C . -8.25 -4.12 5.45
C42 A1LVV C . -7.40 -3.40 6.42
C43 A1LVV C . -7.20 -3.92 7.72
C44 A1LVV C . -7.58 -5.32 8.02
C45 A1LVV C . -6.62 -3.13 8.71
C46 A1LVV C . -6.23 -1.81 8.42
C47 A1LVV C . -7.05 -3.16 2.85
C48 A1LVV C . -5.53 -3.39 2.92
C49 A1LVV C . -4.78 1.17 10.35
C55 A1LVV C . -5.61 0.93 7.98
C56 A1LVV C . -5.69 -1.00 9.47
C57 A1LVV C . -4.97 3.24 8.97
C58 A1LVV C . -5.36 2.36 7.79
H7 A1LVV C . -4.85 3.20 11.12
H6 A1LVV C . -6.42 2.58 10.45
H9 A1LVV C . -2.69 1.96 11.93
H11 A1LVV C . -2.47 -0.24 12.65
H10 A1LVV C . -2.54 -0.88 10.96
H13 A1LVV C . 0.89 -1.05 13.24
H14 A1LVV C . -0.55 -2.17 13.12
H12 A1LVV C . -0.74 -0.52 13.86
H16 A1LVV C . 1.42 0.28 11.22
H18 A1LVV C . 1.96 1.91 15.35
H19 A1LVV C . 1.82 0.17 14.81
H17 A1LVV C . 0.31 1.21 14.94
H87 A1LVV C . 1.92 2.15 9.78
H88 A1LVV C . 0.79 3.37 10.54
H89 A1LVV C . 0.62 2.92 8.76
H30 A1LVV C . -7.87 -8.84 3.18
H31 A1LVV C . -8.03 -8.14 1.50
H32 A1LVV C . -9.22 -7.65 2.80
H34 A1LVV C . -5.21 -6.14 -0.63
H35 A1LVV C . -5.59 -4.47 -1.26
H20 A1LVV C . -0.18 0.67 9.31
H28 A1LVV C . -9.87 -2.67 4.78
H29 A1LVV C . -8.65 -5.80 1.67
H33 A1LVV C . -7.81 -4.50 -0.29
H63 A1LVV C . -6.55 -2.44 1.10
H3 A1LVV C . -3.79 -2.28 11.66
H98 A1LVV C . -3.70 -2.10 9.85
H2 A1LVV C . -4.66 -3.47 10.58
H5 A1LVV C . -4.96 5.19 8.72
H15 A1LVV C . -0.95 -1.41 9.97
H24 A1LVV C . -6.59 1.54 5.69
H39 A1LVV C . -5.24 -7.67 -2.36
H47 A1LVV C . -7.93 -2.38 -2.44
H49 A1LVV C . -8.97 0.12 -6.18
H27 A1LVV C . -9.05 0.77 3.75
H25 A1LVV C . -9.42 -0.63 4.87
H26 A1LVV C . -10.31 -0.48 3.28
H38 A1LVV C . -4.80 -6.12 -3.84
H36 A1LVV C . -5.32 -4.46 -3.29
H37 A1LVV C . -6.35 -5.39 -4.48
H40 A1LVV C . -8.29 -6.31 -3.59
H41 A1LVV C . -8.81 -4.87 -4.64
H42 A1LVV C . -10.47 -3.30 -3.06
H43 A1LVV C . -10.31 -3.13 -4.88
H45 A1LVV C . -10.91 -0.76 -2.64
H46 A1LVV C . -11.12 -0.85 -4.45
H44 A1LVV C . -10.00 0.39 -3.73
H48 A1LVV C . -7.62 -0.45 -4.64
H50 A1LVV C . -6.46 -2.17 -5.59
H52 A1LVV C . -9.15 -3.63 -6.24
H53 A1LVV C . -7.48 -4.07 -6.85
H51 A1LVV C . -8.26 -2.52 -7.39
H54 A1LVV C . -8.92 -7.64 -1.77
H56 A1LVV C . -10.01 -4.82 -1.07
H57 A1LVV C . -10.64 -6.37 -0.39
H55 A1LVV C . -10.77 -6.04 -2.17
H58 A1LVV C . -8.99 -4.82 5.93
H59 A1LVV C . -7.18 -5.63 9.02
H60 A1LVV C . -7.17 -6.01 7.24
H61 A1LVV C . -8.70 -5.43 8.03
H62 A1LVV C . -6.50 -3.53 9.72
H1 A1LVV C . -5.03 -2.51 2.41
H64 A1LVV C . -5.29 -4.33 2.33
H66 A1LVV C . -4.99 0.70 11.37
H4 A1LVV C . -3.85 3.40 8.91
C14 A1LVV D . 4.61 -8.92 -8.61
C11 A1LVV D . 6.18 -6.14 -7.46
C7 A1LVV D . 4.43 -1.70 -10.85
C9 A1LVV D . 5.01 -4.45 -9.08
C10 A1LVV D . 6.31 -4.94 -8.42
C12 A1LVV D . 7.24 -7.17 -7.81
C13 A1LVV D . 4.79 -6.80 -7.50
C3 A1LVV D . 5.74 -0.88 -8.91
C15 A1LVV D . 5.72 -9.60 -9.34
C17 A1LVV D . 2.32 -6.36 -7.33
C20 A1LVV D . 6.62 2.43 -6.33
C24 A1LVV D . 7.34 5.00 -3.52
C26 A1LVV D . 9.91 5.86 -1.33
C28 A1LVV D . 5.43 6.19 0.67
C16 A1LVV D . 3.71 -5.73 -7.39
C18 A1LVV D . 4.92 1.08 -7.70
C23 A1LVV D . 7.20 5.03 -5.71
C25 A1LVV D . 7.77 5.55 -2.16
C27 A1LVV D . 6.21 6.56 -0.58
C29 A1LVV D . 5.38 7.37 1.64
O10 A1LVV D . 5.55 3.16 -5.87
O21 A1LVV D . 8.25 3.99 -3.94
O22 A1LVV D . 4.97 5.50 -3.26
C1 A1LVV D . 8.37 -2.37 -7.69
O1 A1LVV D . 8.07 -1.51 -8.78
O2 A1LVV D . 2.41 0.56 -8.81
O3 A1LVV D . 2.27 -0.76 -11.24
O4 A1LVV D . 4.94 -3.04 -8.89
O5 A1LVV D . 6.41 -5.66 -6.13
O7 A1LVV D . 3.71 -9.45 -7.95
O8 A1LVV D . 3.76 -4.79 -8.46
O9 A1LVV D . 3.98 1.97 -7.29
O11 A1LVV D . 4.72 5.20 -5.76
O12 A1LVV D . 7.44 5.96 -4.62
O13 A1LVV D . 8.96 4.89 -1.76
O14 A1LVV D . 6.85 5.39 -1.09
O15 A1LVV D . 6.46 7.25 2.57
O16 A1LVV D . 4.52 8.83 -0.16
O17 A1LVV D . 2.33 8.72 -2.00
O18 A1LVV D . 0.07 11.21 -0.62
C19 A1LVV D . 6.28 1.32 -7.16
O19 A1LVV D . 2.57 8.98 0.74
O20 A1LVV D . 7.35 7.38 -0.25
C21 A1LVV D . 5.81 4.45 -5.32
C22 A1LVV D . 4.72 5.58 -7.14
O29 A1LVV D . 4.67 -7.55 -8.71
C30 A1LVV D . 4.06 7.40 2.39
C31 A1LVV D . 5.56 8.68 0.81
C32 A1LVV D . 3.61 9.84 0.27
C33 A1LVV D . 3.17 10.71 -0.91
C34 A1LVV D . 1.97 10.04 -1.60
C35 A1LVV D . 1.57 10.85 -2.82
C36 A1LVV D . 0.78 9.97 -0.60
C37 A1LVV D . 1.34 9.69 0.82
C38 A1LVV D . 1.49 10.97 1.63
C39 A1LVV D . 6.93 8.70 0.11
C40 A1LVV D . 6.92 9.61 -1.12
C41 A1LVV D . 8.30 3.99 -5.40
C42 A1LVV D . 7.95 2.68 -5.98
C43 A1LVV D . 8.97 1.79 -6.40
C44 A1LVV D . 10.37 2.02 -5.98
C45 A1LVV D . 8.66 0.69 -7.19
C46 A1LVV D . 7.32 0.45 -7.58
C47 A1LVV D . 5.84 4.50 -3.71
C48 A1LVV D . 5.61 3.26 -2.83
C49 A1LVV D . 5.45 -2.07 -9.79
C55 A1LVV D . 4.69 0.03 -8.58
C56 A1LVV D . 7.03 -0.67 -8.43
C57 A1LVV D . 3.13 -1.24 -10.22
C58 A1LVV D . 3.36 -0.16 -9.17
H7 A1LVV D . 4.22 -2.60 -11.49
H6 A1LVV D . 4.85 -0.90 -11.50
H9 A1LVV D . 4.96 -4.73 -10.16
H11 A1LVV D . 7.03 -5.20 -9.23
H10 A1LVV D . 6.73 -4.08 -7.84
H13 A1LVV D . 6.96 -8.17 -7.40
H14 A1LVV D . 8.24 -6.87 -7.40
H12 A1LVV D . 7.34 -7.27 -8.92
H16 A1LVV D . 4.71 -7.49 -6.61
H18 A1LVV D . 5.30 -10.49 -9.89
H19 A1LVV D . 6.49 -9.93 -8.60
H17 A1LVV D . 6.17 -8.88 -10.08
H87 A1LVV D . 2.33 -7.18 -6.56
H88 A1LVV D . 2.07 -6.79 -8.33
H89 A1LVV D . 1.58 -5.58 -7.05
H30 A1LVV D . 10.86 5.35 -1.03
H31 A1LVV D . 9.49 6.42 -0.45
H32 A1LVV D . 10.12 6.57 -2.17
H34 A1LVV D . 5.94 5.32 1.16
H35 A1LVV D . 4.39 5.88 0.39
H20 A1LVV D . 3.92 -5.11 -6.47
H28 A1LVV D . 7.28 5.59 -6.66
H29 A1LVV D . 7.88 6.67 -2.24
H33 A1LVV D . 5.58 7.07 -1.35
H63 A1LVV D . 4.24 5.09 -2.76
H3 A1LVV D . 7.49 -2.41 -7.00
H98 A1LVV D . 8.60 -3.40 -8.08
H2 A1LVV D . 9.27 -1.98 -7.14
H5 A1LVV D . 1.42 -1.23 -11.21
H15 A1LVV D . 6.16 -4.72 -6.08
H24 A1LVV D . 3.33 2.12 -7.99
H39 A1LVV D . 6.35 6.42 3.08
H47 A1LVV D . 2.84 8.30 -1.29
H49 A1LVV D . -0.82 11.06 -0.96
H27 A1LVV D . 4.86 4.66 -7.78
H25 A1LVV D . 3.75 6.06 -7.39
H26 A1LVV D . 5.56 6.29 -7.32
H38 A1LVV D . 4.18 6.86 3.37
H36 A1LVV D . 3.27 6.89 1.79
H37 A1LVV D . 3.76 8.46 2.58
H40 A1LVV D . 5.53 9.55 1.54
H41 A1LVV D . 4.01 10.49 1.09
H42 A1LVV D . 4.00 10.82 -1.65
H43 A1LVV D . 2.87 11.72 -0.52
H45 A1LVV D . 2.31 10.68 -3.64
H46 A1LVV D . 1.54 11.94 -2.55
H44 A1LVV D . 0.55 10.53 -3.16
H48 A1LVV D . 0.10 9.13 -0.89
H50 A1LVV D . 0.64 8.97 1.34
H52 A1LVV D . 2.27 11.62 1.15
H53 A1LVV D . 1.81 10.73 2.67
H51 A1LVV D . 0.52 11.53 1.65
H54 A1LVV D . 7.72 9.05 0.83
H56 A1LVV D . 6.10 9.31 -1.82
H57 A1LVV D . 7.91 9.54 -1.66
H55 A1LVV D . 6.77 10.67 -0.80
H58 A1LVV D . 9.33 4.35 -5.68
H59 A1LVV D . 11.00 1.13 -6.21
H60 A1LVV D . 10.40 2.19 -4.86
H61 A1LVV D . 10.80 2.91 -6.48
H62 A1LVV D . 9.46 0.01 -7.52
H1 A1LVV D . 4.49 3.09 -2.77
H64 A1LVV D . 6.00 3.48 -1.80
H66 A1LVV D . 6.40 -2.46 -10.26
H4 A1LVV D . 2.63 -2.11 -9.70
O5' 3D1 A 1 3.30 9.26 -10.92
C5' 3D1 A 1 2.13 9.46 -11.72
C4' 3D1 A 1 1.75 8.17 -12.46
O4' 3D1 A 1 2.80 7.75 -13.33
C1' 3D1 A 1 2.67 6.34 -13.54
N9 3D1 A 1 4.03 5.77 -13.59
C4 3D1 A 1 4.38 4.61 -14.25
N3 3D1 A 1 3.59 3.90 -15.09
C2 3D1 A 1 4.24 2.84 -15.54
N1 3D1 A 1 5.49 2.45 -15.28
C6 3D1 A 1 6.24 3.17 -14.43
N6 3D1 A 1 7.48 2.77 -14.17
C5 3D1 A 1 5.66 4.33 -13.88
N7 3D1 A 1 6.15 5.29 -13.00
C8 3D1 A 1 5.14 6.11 -12.86
C2' 3D1 A 1 1.81 5.77 -12.40
C3' 3D1 A 1 1.47 6.99 -11.55
O3' 3D1 A 1 0.08 6.97 -11.22
H5'1 3D1 A 1 2.33 10.25 -12.45
H5'2 3D1 A 1 1.30 9.75 -11.09
H4' 3D1 A 1 0.88 8.36 -13.08
H1' 3D1 A 1 2.17 6.16 -14.48
H2 3D1 A 1 3.69 2.22 -16.23
HN61 3D1 A 1 7.84 1.93 -14.59
HN62 3D1 A 1 8.06 3.31 -13.53
H8 3D1 A 1 5.18 6.99 -12.22
H2'1 3D1 A 1 2.38 5.04 -11.81
H2'2 3D1 A 1 0.91 5.31 -12.80
H3' 3D1 A 1 2.10 7.03 -10.66
HO5' 3D1 A 1 3.56 8.34 -11.02
F GF2 A 5 -2.71 -7.61 3.47
P GF2 A 5 -3.09 -8.00 -2.19
N1 GF2 A 5 0.25 -2.22 2.61
C2 GF2 A 5 0.51 -3.30 3.43
N2 GF2 A 5 1.15 -3.04 4.57
N3 GF2 A 5 0.16 -4.55 3.13
C4 GF2 A 5 -0.48 -4.64 1.95
C5 GF2 A 5 -0.79 -3.62 1.07
C6 GF2 A 5 -0.41 -2.29 1.39
O6 GF2 A 5 -0.60 -1.26 0.74
N7 GF2 A 5 -1.47 -4.13 -0.04
C8 GF2 A 5 -1.54 -5.40 0.20
N9 GF2 A 5 -0.97 -5.79 1.38
C1' GF2 A 5 -0.86 -7.14 1.97
OP2 GF2 A 5 -3.81 -6.70 -2.20
C2' GF2 A 5 -2.20 -7.81 2.21
OP1 GF2 A 5 -3.84 -9.26 -2.38
C3' GF2 A 5 -1.89 -9.27 1.91
O3' GF2 A 5 -1.35 -9.89 3.09
C4' GF2 A 5 -0.81 -9.18 0.84
O4' GF2 A 5 -0.11 -7.95 1.06
C5' GF2 A 5 -1.38 -9.20 -0.59
O5' GF2 A 5 -2.25 -8.09 -0.83
HN1 GF2 A 5 0.55 -1.30 2.90
HN2 GF2 A 5 1.42 -2.09 4.79
HN2A GF2 A 5 1.38 -3.80 5.20
H8 GF2 A 5 -2.02 -6.10 -0.49
H1' GF2 A 5 -0.32 -7.07 2.91
H2' GF2 A 5 -2.93 -7.45 1.48
H3' GF2 A 5 -2.76 -9.79 1.55
H4' GF2 A 5 -0.12 -10.01 0.96
H5' GF2 A 5 -0.55 -9.15 -1.29
H5'A GF2 A 5 -1.92 -10.13 -0.74
F GF2 A 6 -4.72 -6.52 8.44
P GF2 A 6 -2.34 -10.44 4.24
N1 GF2 A 6 -4.03 -0.60 6.21
C2 GF2 A 6 -3.43 -1.26 7.27
N2 GF2 A 6 -2.96 -0.50 8.26
N3 GF2 A 6 -3.31 -2.60 7.32
C4 GF2 A 6 -3.85 -3.21 6.24
C5 GF2 A 6 -4.45 -2.62 5.16
C6 GF2 A 6 -4.57 -1.21 5.09
O6 GF2 A 6 -5.08 -0.52 4.21
N7 GF2 A 6 -4.86 -3.59 4.25
C8 GF2 A 6 -4.50 -4.72 4.80
N9 GF2 A 6 -3.87 -4.56 6.02
C1' GF2 A 6 -3.18 -5.58 6.84
OP2 GF2 A 6 -3.65 -10.74 3.64
C2' GF2 A 6 -4.03 -6.81 7.29
OP1 GF2 A 6 -1.63 -11.46 5.03
C3' GF2 A 6 -2.88 -7.81 7.61
O3' GF2 A 6 -2.43 -7.68 8.97
C4' GF2 A 6 -1.73 -7.39 6.69
O4' GF2 A 6 -2.15 -6.18 6.05
C5' GF2 A 6 -1.35 -8.45 5.67
O5' GF2 A 6 -2.50 -9.12 5.15
HN1 GF2 A 6 -4.08 0.41 6.25
HN2 GF2 A 6 -3.05 0.50 8.21
HN2A GF2 A 6 -2.52 -0.93 9.06
H8 GF2 A 6 -4.69 -5.69 4.34
H1' GF2 A 6 -2.73 -5.08 7.69
H2' GF2 A 6 -4.75 -7.18 6.51
H3' GF2 A 6 -3.15 -8.85 7.41
H4' GF2 A 6 -0.86 -7.17 7.31
H5' GF2 A 6 -0.82 -7.97 4.85
H5'A GF2 A 6 -0.69 -9.18 6.14
O5' 3D1 B 1 -13.88 3.81 6.09
C5' 3D1 B 1 -14.34 4.82 5.19
C4' 3D1 B 1 -13.33 5.96 5.08
O4' 3D1 B 1 -13.25 6.62 6.34
C1' 3D1 B 1 -12.02 6.29 7.00
N9 3D1 B 1 -12.35 5.45 8.16
C4 3D1 B 1 -12.32 5.85 9.47
N3 3D1 B 1 -12.15 7.12 9.91
C2 3D1 B 1 -12.17 7.15 11.23
N1 3D1 B 1 -12.31 6.15 12.09
C6 3D1 B 1 -12.48 4.90 11.63
N6 3D1 B 1 -12.62 3.90 12.49
C5 3D1 B 1 -12.48 4.73 10.23
N7 3D1 B 1 -12.62 3.61 9.42
C8 3D1 B 1 -12.54 4.08 8.21
C2' 3D1 B 1 -11.11 5.60 5.98
C3' 3D1 B 1 -11.92 5.52 4.69
O3' 3D1 B 1 -11.40 6.42 3.73
H5'1 3D1 B 1 -15.29 5.21 5.55
H5'2 3D1 B 1 -14.48 4.38 4.20
H4' 3D1 B 1 -13.68 6.68 4.34
H1' 3D1 B 1 -11.54 7.21 7.34
H2 3D1 B 1 -12.04 8.14 11.68
HN61 3D1 B 1 -12.62 4.08 13.48
HN62 3D1 B 1 -12.74 2.95 12.14
H8 3D1 B 1 -12.60 3.46 7.32
H2'1 3D1 B 1 -10.85 4.59 6.32
H2'2 3D1 B 1 -10.21 6.19 5.82
H3' 3D1 B 1 -11.94 4.50 4.32
HO5' 3D1 B 1 -13.43 3.14 5.56
F GF2 B 5 8.58 1.37 0.91
P GF2 B 5 6.84 4.48 5.77
N1 GF2 B 5 3.13 -0.88 -0.76
C2 GF2 B 5 4.29 -1.52 -0.39
N2 GF2 B 5 4.52 -2.71 -0.97
N3 GF2 B 5 5.19 -1.02 0.46
C4 GF2 B 5 4.82 0.18 0.93
C5 GF2 B 5 3.69 0.91 0.63
C6 GF2 B 5 2.73 0.37 -0.28
O6 GF2 B 5 1.67 0.86 -0.66
N7 GF2 B 5 3.68 2.11 1.32
C8 GF2 B 5 4.79 2.08 2.01
N9 GF2 B 5 5.54 0.94 1.82
C1' GF2 B 5 6.82 0.57 2.41
OP2 GF2 B 5 6.29 5.54 4.88
C2' GF2 B 5 7.96 1.55 2.14
OP1 GF2 B 5 8.01 4.77 6.62
C3' GF2 B 5 8.86 1.28 3.33
O3' GF2 B 5 9.74 0.20 3.04
C4' GF2 B 5 7.91 0.89 4.44
O4' GF2 B 5 6.66 0.54 3.84
C5' GF2 B 5 7.68 1.99 5.48
O5' GF2 B 5 7.17 3.19 4.88
HN1 GF2 B 5 2.50 -1.32 -1.40
HN2 GF2 B 5 3.83 -3.09 -1.61
HN2A GF2 B 5 5.35 -3.23 -0.74
H8 GF2 B 5 5.11 2.90 2.67
H1' GF2 B 5 7.10 -0.42 2.06
H2' GF2 B 5 7.59 2.57 2.17
H3' GF2 B 5 9.42 2.18 3.61
H4' GF2 B 5 8.30 0.00 4.95
H5' GF2 B 5 6.97 1.64 6.23
H5'A GF2 B 5 8.62 2.23 5.97
F GF2 B 6 10.69 -0.46 -4.07
P GF2 B 6 11.02 0.40 2.07
N1 GF2 B 6 4.58 -0.10 -5.79
C2 GF2 B 6 5.47 -1.16 -5.75
N2 GF2 B 6 5.21 -2.17 -6.57
N3 GF2 B 6 6.54 -1.19 -4.95
C4 GF2 B 6 6.64 -0.08 -4.17
C5 GF2 B 6 5.80 1.01 -4.15
C6 GF2 B 6 4.67 1.05 -5.01
O6 GF2 B 6 3.81 1.93 -5.11
N7 GF2 B 6 6.26 1.94 -3.23
C8 GF2 B 6 7.33 1.41 -2.73
N9 GF2 B 6 7.63 0.17 -3.25
C1' GF2 B 6 8.66 -0.80 -2.82
OP2 GF2 B 6 11.35 1.83 1.96
C2' GF2 B 6 10.14 -0.31 -2.82
OP1 GF2 B 6 12.04 -0.56 2.55
C3' GF2 B 6 10.76 -1.35 -1.84
O3' GF2 B 6 11.20 -2.52 -2.53
C4' GF2 B 6 9.60 -1.76 -0.93
O4' GF2 B 6 8.43 -1.11 -1.44
C5' GF2 B 6 9.83 -1.37 0.54
O5' GF2 B 6 10.47 -0.10 0.66
HN1 GF2 B 6 3.79 -0.15 -6.42
HN2 GF2 B 6 4.41 -2.14 -7.18
HN2A GF2 B 6 5.82 -2.98 -6.59
H8 GF2 B 6 7.95 1.89 -1.96
H1' GF2 B 6 8.55 -1.71 -3.40
H2' GF2 B 6 10.27 0.76 -2.49
H3' GF2 B 6 11.57 -0.94 -1.26
H4' GF2 B 6 9.46 -2.83 -0.99
H5' GF2 B 6 8.87 -1.34 1.03
H5'A GF2 B 6 10.45 -2.13 1.01
C14 A1LVV C . 1.60 1.71 13.16
C11 A1LVV C . -0.49 -0.46 11.61
C7 A1LVV C . -5.32 2.56 10.29
C9 A1LVV C . -2.35 1.29 11.06
C10 A1LVV C . -1.99 -0.11 11.57
C12 A1LVV C . -0.14 -1.04 12.97
C13 A1LVV C . 0.41 0.74 11.31
C3 A1LVV C . -5.36 0.31 9.24
C15 A1LVV C . 1.47 1.28 14.59
C17 A1LVV C . 0.85 2.61 9.69
C20 A1LVV C . -6.97 -2.16 6.12
C24 A1LVV C . -7.80 -4.57 3.19
C26 A1LVV C . -8.10 -7.99 2.60
C28 A1LVV C . -6.05 -5.52 -1.12
C16 A1LVV C . -0.08 1.48 10.08
C18 A1LVV C . -6.09 0.12 6.91
C23 A1LVV C . -8.92 -3.21 4.51
C25 A1LVV C . -7.66 -5.75 2.23
C27 A1LVV C . -7.22 -5.47 -0.15
C29 A1LVV C . -6.49 -6.13 -2.45
O10 A1LVV C . -7.01 -1.61 4.85
O21 A1LVV C . -7.45 -4.98 4.53
O22 A1LVV C . -7.40 -2.83 1.54
C1 A1LVV C . -4.28 -2.42 10.67
O1 A1LVV C . -5.45 -1.61 10.71
O2 A1LVV C . -5.53 2.85 6.64
O3 A1LVV C . -5.69 4.47 8.90
O4 A1LVV C . -3.38 1.13 10.08
O5 A1LVV C . -0.25 -1.45 10.60
O7 A1LVV C . 2.63 2.11 12.60
O8 A1LVV C . -1.41 1.97 10.23
O9 A1LVV C . -6.35 0.57 5.66
O11 A1LVV C . -8.37 -1.15 3.18
O12 A1LVV C . -9.17 -4.09 3.40
O13 A1LVV C . -7.26 -6.89 2.97
O14 A1LVV C . -6.73 -5.60 1.19
O15 A1LVV C . -6.22 -7.53 -2.43
O16 A1LVV C . -8.33 -4.52 -2.58
O17 A1LVV C . -8.58 -1.64 -2.50
O18 A1LVV C . -9.32 -0.89 -5.97
C19 A1LVV C . -6.40 -1.31 7.13
O19 A1LVV C . -7.46 -3.43 -4.24
O20 A1LVV C . -8.02 -6.65 -0.26
C21 A1LVV C . -7.83 -2.25 3.89
C22 A1LVV C . -9.38 -0.40 3.84
O29 A1LVV C . 0.43 1.61 12.44
C30 A1LVV C . -5.75 -5.49 -3.60
C31 A1LVV C . -8.02 -5.91 -2.60
C32 A1LVV C . -8.69 -4.09 -3.90
C33 A1LVV C . -9.89 -3.14 -3.87
C34 A1LVV C . -9.37 -1.70 -3.68
C35 A1LVV C . -10.54 -0.73 -3.58
C36 A1LVV C . -8.49 -1.32 -4.92
C37 A1LVV C . -7.65 -2.54 -5.34
C38 A1LVV C . -8.28 -3.27 -6.52
C39 A1LVV C . -8.79 -6.62 -1.47
C40 A1LVV C . -10.15 -5.99 -1.23
C41 A1LVV C . -8.22 -4.18 5.47
C42 A1LVV C . -7.36 -3.46 6.42
C43 A1LVV C . -7.14 -3.98 7.73
C44 A1LVV C . -7.50 -5.38 8.02
C45 A1LVV C . -6.57 -3.18 8.71
C46 A1LVV C . -6.20 -1.85 8.41
C47 A1LVV C . -7.07 -3.20 2.86
C48 A1LVV C . -5.54 -3.42 2.91
C49 A1LVV C . -4.76 1.15 10.34
C55 A1LVV C . -5.62 0.91 7.97
C56 A1LVV C . -5.66 -1.03 9.45
C57 A1LVV C . -5.01 3.23 8.96
C58 A1LVV C . -5.41 2.33 7.78
H7 A1LVV C . -4.86 3.17 11.10
H6 A1LVV C . -6.43 2.53 10.45
H9 A1LVV C . -2.68 1.97 11.88
H11 A1LVV C . -2.42 -0.23 12.60
H10 A1LVV C . -2.49 -0.86 10.91
H13 A1LVV C . 0.97 -0.98 13.14
H14 A1LVV C . -0.46 -2.12 13.03
H12 A1LVV C . -0.66 -0.47 13.77
H16 A1LVV C . 1.47 0.36 11.11
H18 A1LVV C . 2.02 2.00 15.24
H19 A1LVV C . 1.91 0.25 14.69
H17 A1LVV C . 0.39 1.27 14.85
H87 A1LVV C . 1.91 2.24 9.68
H88 A1LVV C . 0.77 3.44 10.44
H89 A1LVV C . 0.58 2.99 8.67
H30 A1LVV C . -7.80 -8.89 3.19
H31 A1LVV C . -7.98 -8.19 1.51
H32 A1LVV C . -9.17 -7.73 2.82
H34 A1LVV C . -5.24 -6.15 -0.66
H35 A1LVV C . -5.64 -4.50 -1.28
H20 A1LVV C . -0.18 0.73 9.23
H28 A1LVV C . -9.87 -2.77 4.82
H29 A1LVV C . -8.64 -5.87 1.69
H33 A1LVV C . -7.85 -4.55 -0.28
H63 A1LVV C . -6.60 -2.48 1.09
H3 A1LVV C . -3.71 -2.28 11.63
H98 A1LVV C . -3.64 -2.10 9.80
H2 A1LVV C . -4.57 -3.49 10.56
H5 A1LVV C . -5.04 5.18 8.71
H15 A1LVV C . -0.90 -1.36 9.89
H24 A1LVV C . -6.64 1.50 5.69
H39 A1LVV C . -5.26 -7.68 -2.40
H47 A1LVV C . -8.03 -2.43 -2.43
H49 A1LVV C . -9.16 0.05 -6.15
H27 A1LVV C . -9.12 0.69 3.79
H25 A1LVV C . -9.45 -0.71 4.91
H26 A1LVV C . -10.36 -0.58 3.33
H38 A1LVV C . -4.85 -6.12 -3.88
H36 A1LVV C . -5.40 -4.47 -3.32
H37 A1LVV C . -6.43 -5.42 -4.49
H40 A1LVV C . -8.34 -6.36 -3.58
H41 A1LVV C . -8.90 -4.94 -4.61
H42 A1LVV C . -10.56 -3.39 -3.02
H43 A1LVV C . -10.44 -3.22 -4.84
H45 A1LVV C . -11.03 -0.86 -2.58
H46 A1LVV C . -11.28 -0.95 -4.39
H44 A1LVV C . -10.16 0.31 -3.68
H48 A1LVV C . -7.78 -0.49 -4.62
H50 A1LVV C . -6.60 -2.20 -5.59
H52 A1LVV C . -9.27 -3.69 -6.21
H53 A1LVV C . -7.62 -4.11 -6.84
H51 A1LVV C . -8.43 -2.57 -7.37
H54 A1LVV C . -8.92 -7.71 -1.75
H56 A1LVV C . -10.05 -4.91 -1.03
H57 A1LVV C . -10.65 -6.47 -0.35
H55 A1LVV C . -10.81 -6.13 -2.13
H58 A1LVV C . -8.94 -4.90 5.95
H59 A1LVV C . -7.08 -5.69 9.02
H60 A1LVV C . -7.08 -6.06 7.24
H61 A1LVV C . -8.61 -5.51 8.05
H62 A1LVV C . -6.42 -3.58 9.71
H1 A1LVV C . -5.06 -2.52 2.40
H64 A1LVV C . -5.30 -4.35 2.30
H66 A1LVV C . -4.96 0.67 11.34
H4 A1LVV C . -3.90 3.39 8.89
C14 A1LVV D . 4.50 -8.92 -8.57
C11 A1LVV D . 6.12 -6.15 -7.41
C7 A1LVV D . 4.47 -1.70 -10.84
C9 A1LVV D . 4.98 -4.45 -9.05
C10 A1LVV D . 6.27 -4.96 -8.37
C12 A1LVV D . 7.16 -7.20 -7.75
C13 A1LVV D . 4.71 -6.79 -7.46
C3 A1LVV D . 5.78 -0.90 -8.88
C15 A1LVV D . 5.62 -9.61 -9.28
C17 A1LVV D . 2.25 -6.31 -7.33
C20 A1LVV D . 6.68 2.42 -6.31
C24 A1LVV D . 7.39 4.99 -3.51
C26 A1LVV D . 9.96 5.82 -1.28
C28 A1LVV D . 5.45 6.23 0.65
C16 A1LVV D . 3.65 -5.70 -7.37
C18 A1LVV D . 4.97 1.08 -7.70
C23 A1LVV D . 7.30 5.01 -5.71
C25 A1LVV D . 7.82 5.54 -2.15
C27 A1LVV D . 6.27 6.59 -0.59
C29 A1LVV D . 5.42 7.42 1.61
O10 A1LVV D . 5.61 3.17 -5.87
O21 A1LVV D . 8.30 3.95 -3.92
O22 A1LVV D . 5.04 5.52 -3.28
C1 A1LVV D . 8.37 -2.42 -7.62
O1 A1LVV D . 8.09 -1.56 -8.73
O2 A1LVV D . 2.46 0.60 -8.84
O3 A1LVV D . 2.33 -0.73 -11.27
O4 A1LVV D . 4.94 -3.04 -8.87
O5 A1LVV D . 6.33 -5.67 -6.08
O7 A1LVV D . 3.60 -9.42 -7.91
O8 A1LVV D . 3.73 -4.76 -8.44
O9 A1LVV D . 4.05 2.00 -7.30
O11 A1LVV D . 4.81 5.22 -5.78
O12 A1LVV D . 7.54 5.94 -4.61
O13 A1LVV D . 9.00 4.86 -1.73
O14 A1LVV D . 6.89 5.40 -1.09
O15 A1LVV D . 6.48 7.28 2.56
O16 A1LVV D . 4.61 8.87 -0.20
O17 A1LVV D . 2.44 8.80 -2.07
O18 A1LVV D . 0.20 11.33 -0.73
C19 A1LVV D . 6.34 1.30 -7.14
O19 A1LVV D . 2.65 9.07 0.68
O20 A1LVV D . 7.40 7.38 -0.25
C21 A1LVV D . 5.89 4.44 -5.32
C22 A1LVV D . 4.84 5.59 -7.17
O29 A1LVV D . 4.58 -7.54 -8.66
C30 A1LVV D . 4.09 7.47 2.35
C31 A1LVV D . 5.63 8.72 0.79
C32 A1LVV D . 3.71 9.91 0.21
C33 A1LVV D . 3.28 10.78 -0.98
C34 A1LVV D . 2.10 10.13 -1.68
C35 A1LVV D . 1.72 10.94 -2.91
C36 A1LVV D . 0.89 10.09 -0.69
C37 A1LVV D . 1.42 9.80 0.73
C38 A1LVV D . 1.59 11.07 1.53
C39 A1LVV D . 7.01 8.71 0.09
C40 A1LVV D . 7.03 9.61 -1.14
C41 A1LVV D . 8.37 3.95 -5.37
C42 A1LVV D . 8.01 2.64 -5.96
C43 A1LVV D . 9.02 1.74 -6.35
C44 A1LVV D . 10.42 1.94 -5.91
C45 A1LVV D . 8.69 0.64 -7.13
C46 A1LVV D . 7.36 0.42 -7.54
C47 A1LVV D . 5.90 4.50 -3.71
C48 A1LVV D . 5.64 3.27 -2.84
C49 A1LVV D . 5.48 -2.08 -9.76
C55 A1LVV D . 4.73 0.03 -8.58
C56 A1LVV D . 7.06 -0.69 -8.40
C57 A1LVV D . 3.17 -1.21 -10.23
C58 A1LVV D . 3.41 -0.14 -9.18
H7 A1LVV D . 4.26 -2.60 -11.48
H6 A1LVV D . 4.92 -0.91 -11.50
H9 A1LVV D . 4.94 -4.73 -10.13
H11 A1LVV D . 7.00 -5.23 -9.17
H10 A1LVV D . 6.70 -4.11 -7.79
H13 A1LVV D . 6.86 -8.20 -7.32
H14 A1LVV D . 8.16 -6.92 -7.31
H12 A1LVV D . 7.27 -7.31 -8.86
H16 A1LVV D . 4.61 -7.47 -6.57
H18 A1LVV D . 5.20 -10.50 -9.83
H19 A1LVV D . 6.37 -9.96 -8.54
H17 A1LVV D . 6.08 -8.90 -10.01
H87 A1LVV D . 2.23 -7.13 -6.56
H88 A1LVV D . 2.00 -6.73 -8.33
H89 A1LVV D . 1.51 -5.52 -7.05
H30 A1LVV D . 10.90 5.28 -0.98
H31 A1LVV D . 9.54 6.40 -0.43
H32 A1LVV D . 10.19 6.52 -2.13
H34 A1LVV D . 5.95 5.36 1.16
H35 A1LVV D . 4.42 5.93 0.36
H20 A1LVV D . 3.85 -5.08 -6.45
H28 A1LVV D . 7.39 5.56 -6.65
H29 A1LVV D . 7.95 6.66 -2.24
H33 A1LVV D . 5.65 7.10 -1.38
H63 A1LVV D . 4.29 5.13 -2.79
H3 A1LVV D . 7.47 -2.45 -6.95
H98 A1LVV D . 8.58 -3.45 -8.01
H2 A1LVV D . 9.26 -2.03 -7.06
H5 A1LVV D . 1.47 -1.19 -11.24
H15 A1LVV D . 6.09 -4.73 -6.03
H24 A1LVV D . 3.40 2.14 -8.01
H39 A1LVV D . 6.36 6.46 3.07
H47 A1LVV D . 2.93 8.37 -1.36
H49 A1LVV D . -0.69 11.19 -1.08
H27 A1LVV D . 4.96 4.66 -7.80
H25 A1LVV D . 3.88 6.08 -7.43
H26 A1LVV D . 5.69 6.29 -7.35
H38 A1LVV D . 4.19 6.94 3.33
H36 A1LVV D . 3.30 6.97 1.74
H37 A1LVV D . 3.80 8.53 2.53
H40 A1LVV D . 5.61 9.59 1.51
H41 A1LVV D . 4.10 10.56 1.04
H42 A1LVV D . 4.14 10.86 -1.71
H43 A1LVV D . 3.01 11.79 -0.61
H45 A1LVV D . 2.47 10.75 -3.73
H46 A1LVV D . 1.71 12.02 -2.65
H44 A1LVV D . 0.70 10.63 -3.26
H48 A1LVV D . 0.20 9.25 -0.99
H50 A1LVV D . 0.71 9.09 1.26
H52 A1LVV D . 2.38 11.71 1.06
H53 A1LVV D . 1.89 10.84 2.57
H51 A1LVV D . 0.63 11.65 1.54
H54 A1LVV D . 7.79 9.06 0.83
H56 A1LVV D . 6.21 9.33 -1.85
H57 A1LVV D . 8.02 9.52 -1.67
H55 A1LVV D . 6.88 10.68 -0.83
H58 A1LVV D . 9.40 4.30 -5.63
H59 A1LVV D . 11.03 1.04 -6.14
H60 A1LVV D . 10.43 2.12 -4.80
H61 A1LVV D . 10.86 2.83 -6.42
H62 A1LVV D . 9.48 -0.05 -7.46
H1 A1LVV D . 4.52 3.13 -2.79
H64 A1LVV D . 6.01 3.49 -1.79
H66 A1LVV D . 6.43 -2.49 -10.22
H4 A1LVV D . 2.66 -2.08 -9.71
O5' 3D1 A 1 4.09 7.41 -13.83
C5' 3D1 A 1 2.96 8.24 -14.13
C4' 3D1 A 1 1.66 7.43 -14.13
O4' 3D1 A 1 1.70 6.51 -15.22
C1' 3D1 A 1 1.93 5.19 -14.73
N9 3D1 A 1 3.29 4.78 -15.14
C4 3D1 A 1 3.59 3.90 -16.14
N3 3D1 A 1 2.72 3.38 -17.03
C2 3D1 A 1 3.34 2.56 -17.86
N1 3D1 A 1 4.62 2.22 -17.89
C6 3D1 A 1 5.47 2.74 -16.98
N6 3D1 A 1 6.75 2.40 -17.01
C5 3D1 A 1 4.93 3.63 -16.05
N7 3D1 A 1 5.49 4.35 -15.00
C8 3D1 A 1 4.48 5.00 -14.49
C2' 3D1 A 1 1.72 5.19 -13.20
C3' 3D1 A 1 1.42 6.65 -12.86
O3' 3D1 A 1 0.04 6.77 -12.49
H5'1 3D1 A 1 3.11 8.71 -15.10
H5'2 3D1 A 1 2.88 9.02 -13.37
H4' 3D1 A 1 0.82 8.11 -14.30
H1' 3D1 A 1 1.21 4.51 -15.18
H2 3D1 A 1 2.72 2.10 -18.62
HN61 3D1 A 1 7.09 1.76 -17.71
HN62 3D1 A 1 7.39 2.79 -16.34
H8 3D1 A 1 4.58 5.67 -13.63
H2'1 3D1 A 1 2.64 4.87 -12.70
H2'2 3D1 A 1 0.89 4.56 -12.92
H3' 3D1 A 1 2.08 7.00 -12.06
HO5' 3D1 A 1 4.32 7.56 -12.91
F GF2 A 5 -2.76 -7.63 3.47
P GF2 A 5 -3.12 -7.95 -2.20
N1 GF2 A 5 0.17 -2.20 2.58
C2 GF2 A 5 0.45 -3.28 3.39
N2 GF2 A 5 1.09 -3.02 4.53
N3 GF2 A 5 0.10 -4.54 3.10
C4 GF2 A 5 -0.55 -4.63 1.93
C5 GF2 A 5 -0.88 -3.62 1.06
C6 GF2 A 5 -0.51 -2.28 1.36
O6 GF2 A 5 -0.71 -1.26 0.71
N7 GF2 A 5 -1.55 -4.13 -0.04
C8 GF2 A 5 -1.62 -5.41 0.19
N9 GF2 A 5 -1.04 -5.79 1.38
C1' GF2 A 5 -0.91 -7.13 1.96
OP2 GF2 A 5 -3.85 -6.67 -2.20
C2' GF2 A 5 -2.25 -7.83 2.20
OP1 GF2 A 5 -3.87 -9.22 -2.40
C3' GF2 A 5 -1.92 -9.28 1.89
O3' GF2 A 5 -1.38 -9.89 3.06
C4' GF2 A 5 -0.85 -9.16 0.82
O4' GF2 A 5 -0.16 -7.94 1.05
C5' GF2 A 5 -1.41 -9.18 -0.60
O5' GF2 A 5 -2.29 -8.06 -0.83
HN1 GF2 A 5 0.46 -1.28 2.87
HN2 GF2 A 5 1.36 -2.07 4.75
HN2A GF2 A 5 1.33 -3.77 5.17
H8 GF2 A 5 -2.10 -6.12 -0.48
H1' GF2 A 5 -0.38 -7.06 2.91
H2' GF2 A 5 -2.98 -7.46 1.48
H3' GF2 A 5 -2.79 -9.81 1.53
H4' GF2 A 5 -0.16 -10.00 0.93
H5' GF2 A 5 -0.59 -9.13 -1.31
H5'A GF2 A 5 -1.97 -10.10 -0.76
F GF2 A 6 -4.72 -6.54 8.45
P GF2 A 6 -2.36 -10.45 4.22
N1 GF2 A 6 -4.05 -0.61 6.23
C2 GF2 A 6 -3.45 -1.28 7.27
N2 GF2 A 6 -2.98 -0.53 8.26
N3 GF2 A 6 -3.33 -2.61 7.32
C4 GF2 A 6 -3.86 -3.22 6.24
C5 GF2 A 6 -4.48 -2.64 5.17
C6 GF2 A 6 -4.61 -1.22 5.11
O6 GF2 A 6 -5.12 -0.54 4.22
N7 GF2 A 6 -4.90 -3.61 4.26
C8 GF2 A 6 -4.53 -4.73 4.81
N9 GF2 A 6 -3.89 -4.58 6.01
C1' GF2 A 6 -3.20 -5.61 6.83
OP2 GF2 A 6 -3.68 -10.76 3.63
C2' GF2 A 6 -4.04 -6.83 7.28
OP1 GF2 A 6 -1.65 -11.48 5.02
C3' GF2 A 6 -2.88 -7.83 7.60
O3' GF2 A 6 -2.44 -7.71 8.95
C4' GF2 A 6 -1.74 -7.41 6.68
O4' GF2 A 6 -2.18 -6.20 6.03
C5' GF2 A 6 -1.37 -8.46 5.65
O5' GF2 A 6 -2.52 -9.13 5.14
HN1 GF2 A 6 -4.11 0.40 6.26
HN2 GF2 A 6 -3.07 0.49 8.22
HN2A GF2 A 6 -2.53 -0.96 9.06
H8 GF2 A 6 -4.72 -5.71 4.35
H1' GF2 A 6 -2.73 -5.10 7.68
H2' GF2 A 6 -4.76 -7.20 6.51
H3' GF2 A 6 -3.16 -8.86 7.39
H4' GF2 A 6 -0.88 -7.18 7.29
H5' GF2 A 6 -0.85 -7.98 4.82
H5'A GF2 A 6 -0.70 -9.19 6.10
O5' 3D1 B 1 -13.63 2.54 3.09
C5' 3D1 B 1 -13.90 3.92 2.90
C4' 3D1 B 1 -13.22 4.79 3.96
O4' 3D1 B 1 -13.67 4.44 5.26
C1' 3D1 B 1 -12.65 4.79 6.20
N9 3D1 B 1 -12.60 3.73 7.21
C4 3D1 B 1 -12.18 3.88 8.52
N3 3D1 B 1 -11.90 5.06 9.13
C2 3D1 B 1 -11.51 4.85 10.37
N1 3D1 B 1 -11.38 3.69 11.03
C6 3D1 B 1 -11.66 2.54 10.39
N6 3D1 B 1 -11.53 1.39 11.04
C5 3D1 B 1 -12.09 2.64 9.05
N7 3D1 B 1 -12.46 1.67 8.12
C8 3D1 B 1 -12.75 2.37 7.06
C2' 3D1 B 1 -11.33 4.96 5.43
C3' 3D1 B 1 -11.71 4.64 3.99
O3' 3D1 B 1 -11.11 5.60 3.11
H5'1 3D1 B 1 -14.98 4.08 2.94
H5'2 3D1 B 1 -13.54 4.23 1.92
H4' 3D1 B 1 -13.46 5.83 3.78
H1' 3D1 B 1 -12.91 5.73 6.68
H2 3D1 B 1 -11.25 5.73 10.94
HN61 3D1 B 1 -11.23 1.38 12.00
HN62 3D1 B 1 -11.75 0.52 10.57
H8 3D1 B 1 -13.08 1.92 6.12
H2'1 3D1 B 1 -10.58 4.26 5.80
H2'2 3D1 B 1 -10.97 5.99 5.52
H3' 3D1 B 1 -11.40 3.62 3.74
HO5' 3D1 B 1 -14.31 2.18 3.65
F GF2 B 5 8.60 1.36 0.93
P GF2 B 5 6.80 4.52 5.75
N1 GF2 B 5 3.13 -0.83 -0.73
C2 GF2 B 5 4.28 -1.49 -0.38
N2 GF2 B 5 4.48 -2.68 -0.93
N3 GF2 B 5 5.18 -0.99 0.48
C4 GF2 B 5 4.83 0.23 0.94
C5 GF2 B 5 3.70 0.96 0.64
C6 GF2 B 5 2.75 0.43 -0.27
O6 GF2 B 5 1.69 0.94 -0.64
N7 GF2 B 5 3.71 2.17 1.33
C8 GF2 B 5 4.82 2.14 2.01
N9 GF2 B 5 5.55 0.98 1.82
C1' GF2 B 5 6.84 0.60 2.43
OP2 GF2 B 5 6.26 5.55 4.84
C2' GF2 B 5 7.98 1.57 2.15
OP1 GF2 B 5 7.96 4.84 6.62
C3' GF2 B 5 8.88 1.31 3.36
O3' GF2 B 5 9.74 0.21 3.07
C4' GF2 B 5 7.91 0.93 4.46
O4' GF2 B 5 6.66 0.57 3.85
C5' GF2 B 5 7.68 2.03 5.48
O5' GF2 B 5 7.17 3.22 4.86
HN1 GF2 B 5 2.49 -1.27 -1.39
HN2 GF2 B 5 3.81 -3.06 -1.57
HN2A GF2 B 5 5.31 -3.20 -0.70
H8 GF2 B 5 5.14 2.95 2.66
H1' GF2 B 5 7.10 -0.39 2.08
H2' GF2 B 5 7.62 2.59 2.18
H3' GF2 B 5 9.44 2.20 3.62
H4' GF2 B 5 8.30 0.05 4.97
H5' GF2 B 5 6.96 1.69 6.23
H5'A GF2 B 5 8.62 2.28 5.97
F GF2 B 6 10.72 -0.49 -4.03
P GF2 B 6 11.03 0.40 2.13
N1 GF2 B 6 4.62 -0.07 -5.76
C2 GF2 B 6 5.49 -1.14 -5.72
N2 GF2 B 6 5.23 -2.16 -6.54
N3 GF2 B 6 6.55 -1.18 -4.91
C4 GF2 B 6 6.67 -0.06 -4.15
C5 GF2 B 6 5.85 1.04 -4.14
C6 GF2 B 6 4.71 1.08 -5.00
O6 GF2 B 6 3.88 1.98 -5.11
N7 GF2 B 6 6.31 1.97 -3.21
C8 GF2 B 6 7.38 1.43 -2.70
N9 GF2 B 6 7.66 0.18 -3.22
C1' GF2 B 6 8.68 -0.80 -2.79
OP2 GF2 B 6 11.39 1.83 1.99
C2' GF2 B 6 10.16 -0.33 -2.78
OP1 GF2 B 6 12.04 -0.57 2.60
C3' GF2 B 6 10.77 -1.38 -1.80
O3' GF2 B 6 11.20 -2.54 -2.48
C4' GF2 B 6 9.61 -1.76 -0.88
O4' GF2 B 6 8.45 -1.10 -1.40
C5' GF2 B 6 9.82 -1.37 0.58
O5' GF2 B 6 10.49 -0.10 0.70
HN1 GF2 B 6 3.83 -0.11 -6.40
HN2 GF2 B 6 4.42 -2.12 -7.15
HN2A GF2 B 6 5.84 -2.96 -6.55
H8 GF2 B 6 7.99 1.90 -1.95
H1' GF2 B 6 8.55 -1.71 -3.36
H2' GF2 B 6 10.31 0.74 -2.45
H3' GF2 B 6 11.58 -0.97 -1.21
H4' GF2 B 6 9.46 -2.83 -0.95
H5' GF2 B 6 8.86 -1.32 1.08
H5'A GF2 B 6 10.44 -2.13 1.06
C14 A1LVV C . 1.61 1.69 13.15
C11 A1LVV C . -0.49 -0.49 11.59
C7 A1LVV C . -5.33 2.53 10.31
C9 A1LVV C . -2.35 1.26 11.06
C10 A1LVV C . -1.99 -0.14 11.57
C12 A1LVV C . -0.13 -1.07 12.95
C13 A1LVV C . 0.41 0.71 11.30
C3 A1LVV C . -5.37 0.28 9.26
C15 A1LVV C . 1.48 1.25 14.56
C17 A1LVV C . 0.85 2.59 9.68
C20 A1LVV C . -6.99 -2.19 6.14
C24 A1LVV C . -7.84 -4.58 3.21
C26 A1LVV C . -8.14 -8.01 2.62
C28 A1LVV C . -6.10 -5.53 -1.11
C16 A1LVV C . -0.09 1.46 10.06
C18 A1LVV C . -6.11 0.11 6.93
C23 A1LVV C . -8.95 -3.22 4.54
C25 A1LVV C . -7.70 -5.76 2.25
C27 A1LVV C . -7.28 -5.48 -0.13
C29 A1LVV C . -6.56 -6.14 -2.44
O10 A1LVV C . -7.05 -1.63 4.88
O21 A1LVV C . -7.48 -5.00 4.54
O22 A1LVV C . -7.44 -2.84 1.57
C1 A1LVV C . -4.27 -2.45 10.67
O1 A1LVV C . -5.46 -1.64 10.72
O2 A1LVV C . -5.55 2.83 6.67
O3 A1LVV C . -5.70 4.44 8.93
O4 A1LVV C . -3.38 1.10 10.08
O5 A1LVV C . -0.25 -1.48 10.59
O7 A1LVV C . 2.63 2.09 12.58
O8 A1LVV C . -1.41 1.94 10.23
O9 A1LVV C . -6.37 0.56 5.68
O11 A1LVV C . -8.41 -1.18 3.21
O12 A1LVV C . -9.20 -4.11 3.42
O13 A1LVV C . -7.29 -6.91 2.98
O14 A1LVV C . -6.77 -5.61 1.20
O15 A1LVV C . -6.28 -7.54 -2.43
O16 A1LVV C . -8.40 -4.52 -2.56
O17 A1LVV C . -8.65 -1.65 -2.46
O18 A1LVV C . -9.41 -0.89 -5.94
C19 A1LVV C . -6.41 -1.34 7.15
O19 A1LVV C . -7.53 -3.44 -4.21
O20 A1LVV C . -8.08 -6.66 -0.24
C21 A1LVV C . -7.87 -2.27 3.92
C22 A1LVV C . -9.42 -0.41 3.88
O29 A1LVV C . 0.44 1.58 12.44
C30 A1LVV C . -5.82 -5.49 -3.60
C31 A1LVV C . -8.08 -5.91 -2.58
C32 A1LVV C . -8.76 -4.09 -3.88
C33 A1LVV C . -9.96 -3.13 -3.83
C34 A1LVV C . -9.45 -1.71 -3.65
C35 A1LVV C . -10.61 -0.75 -3.53
C36 A1LVV C . -8.57 -1.32 -4.88
C37 A1LVV C . -7.73 -2.54 -5.32
C38 A1LVV C . -8.37 -3.27 -6.48
C39 A1LVV C . -8.84 -6.63 -1.44
C40 A1LVV C . -10.21 -6.01 -1.20
C41 A1LVV C . -8.24 -4.21 5.49
C42 A1LVV C . -7.38 -3.47 6.45
C43 A1LVV C . -7.16 -4.00 7.74
C44 A1LVV C . -7.51 -5.41 8.04
C45 A1LVV C . -6.58 -3.21 8.72
C46 A1LVV C . -6.21 -1.87 8.43
C47 A1LVV C . -7.10 -3.21 2.88
C48 A1LVV C . -5.58 -3.43 2.91
C49 A1LVV C . -4.77 1.12 10.36
C55 A1LVV C . -5.65 0.88 7.99
C56 A1LVV C . -5.67 -1.05 9.48
C57 A1LVV C . -5.02 3.20 8.98
C58 A1LVV C . -5.43 2.32 7.80
H7 A1LVV C . -4.87 3.14 11.13
H6 A1LVV C . -6.43 2.50 10.48
H9 A1LVV C . -2.67 1.93 11.89
H11 A1LVV C . -2.40 -0.27 12.59
H10 A1LVV C . -2.49 -0.89 10.91
H13 A1LVV C . 0.98 -1.01 13.12
H14 A1LVV C . -0.44 -2.15 13.02
H12 A1LVV C . -0.65 -0.51 13.77
H16 A1LVV C . 1.46 0.34 11.09
H18 A1LVV C . 2.04 1.97 15.22
H19 A1LVV C . 1.92 0.22 14.67
H17 A1LVV C . 0.40 1.24 14.85
H87 A1LVV C . 1.90 2.21 9.66
H88 A1LVV C . 0.75 3.41 10.43
H89 A1LVV C . 0.56 2.97 8.67
H30 A1LVV C . -7.83 -8.91 3.20
H31 A1LVV C . -8.03 -8.21 1.53
H32 A1LVV C . -9.20 -7.74 2.85
H34 A1LVV C . -5.29 -6.16 -0.66
H35 A1LVV C . -5.70 -4.50 -1.27
H20 A1LVV C . -0.19 0.71 9.23
H28 A1LVV C . -9.90 -2.78 4.85
H29 A1LVV C . -8.68 -5.89 1.71
H33 A1LVV C . -7.91 -4.56 -0.26
H63 A1LVV C . -6.65 -2.49 1.12
H3 A1LVV C . -3.70 -2.31 11.63
H98 A1LVV C . -3.65 -2.13 9.80
H2 A1LVV C . -4.57 -3.52 10.56
H5 A1LVV C . -5.05 5.15 8.74
H15 A1LVV C . -0.91 -1.39 9.88
H24 A1LVV C . -6.67 1.48 5.72
H39 A1LVV C . -5.32 -7.68 -2.38
H47 A1LVV C . -8.10 -2.43 -2.40
H49 A1LVV C . -9.25 0.05 -6.12
H27 A1LVV C . -9.15 0.67 3.82
H25 A1LVV C . -9.48 -0.74 4.95
H26 A1LVV C . -10.40 -0.60 3.38
H38 A1LVV C . -4.93 -6.12 -3.87
H36 A1LVV C . -5.47 -4.47 -3.31
H37 A1LVV C . -6.50 -5.41 -4.48
H40 A1LVV C . -8.41 -6.37 -3.56
H41 A1LVV C . -8.98 -4.94 -4.58
H42 A1LVV C . -10.63 -3.40 -2.98
H43 A1LVV C . -10.52 -3.22 -4.80
H45 A1LVV C . -11.10 -0.86 -2.54
H46 A1LVV C . -11.35 -0.96 -4.34
H44 A1LVV C . -10.24 0.31 -3.64
H48 A1LVV C . -7.86 -0.49 -4.58
H50 A1LVV C . -6.69 -2.19 -5.57
H52 A1LVV C . -9.36 -3.69 -6.18
H53 A1LVV C . -7.70 -4.11 -6.81
H51 A1LVV C . -8.52 -2.56 -7.34
H54 A1LVV C . -8.98 -7.72 -1.73
H56 A1LVV C . -10.10 -4.91 -0.99
H57 A1LVV C . -10.71 -6.49 -0.31
H55 A1LVV C . -10.87 -6.14 -2.09
H58 A1LVV C . -8.97 -4.91 5.98
H59 A1LVV C . -7.08 -5.72 9.04
H60 A1LVV C . -7.09 -6.09 7.26
H61 A1LVV C . -8.62 -5.54 8.08
H62 A1LVV C . -6.42 -3.62 9.73
H1 A1LVV C . -5.11 -2.54 2.40
H64 A1LVV C . -5.34 -4.36 2.32
H66 A1LVV C . -4.96 0.64 11.36
H4 A1LVV C . -3.91 3.37 8.90
C14 A1LVV D . 4.45 -8.89 -8.50
C11 A1LVV D . 6.09 -6.14 -7.35
C7 A1LVV D . 4.52 -1.70 -10.82
C9 A1LVV D . 4.98 -4.44 -9.01
C10 A1LVV D . 6.26 -4.96 -8.32
C12 A1LVV D . 7.12 -7.20 -7.68
C13 A1LVV D . 4.68 -6.76 -7.41
C3 A1LVV D . 5.82 -0.89 -8.87
C15 A1LVV D . 5.55 -9.61 -9.21
C17 A1LVV D . 2.22 -6.26 -7.28
C20 A1LVV D . 6.75 2.43 -6.30
C24 A1LVV D . 7.48 5.00 -3.51
C26 A1LVV D . 10.05 5.81 -1.28
C28 A1LVV D . 5.55 6.29 0.64
C16 A1LVV D . 3.62 -5.67 -7.32
C18 A1LVV D . 5.03 1.10 -7.68
C23 A1LVV D . 7.40 5.02 -5.70
C25 A1LVV D . 7.91 5.55 -2.14
C27 A1LVV D . 6.37 6.62 -0.60
C29 A1LVV D . 5.51 7.48 1.60
O10 A1LVV D . 5.69 3.19 -5.87
O21 A1LVV D . 8.38 3.95 -3.90
O22 A1LVV D . 5.14 5.57 -3.29
C1 A1LVV D . 8.38 -2.44 -7.58
O1 A1LVV D . 8.13 -1.58 -8.68
O2 A1LVV D . 2.52 0.64 -8.83
O3 A1LVV D . 2.39 -0.70 -11.26
O4 A1LVV D . 4.95 -3.03 -8.83
O5 A1LVV D . 6.31 -5.66 -6.02
O7 A1LVV D . 3.53 -9.39 -7.85
O8 A1LVV D . 3.72 -4.73 -8.39
O9 A1LVV D . 4.11 2.03 -7.30
O11 A1LVV D . 4.91 5.24 -5.79
O12 A1LVV D . 7.64 5.94 -4.61
O13 A1LVV D . 9.08 4.86 -1.72
O14 A1LVV D . 6.98 5.43 -1.09
O15 A1LVV D . 6.57 7.34 2.56
O16 A1LVV D . 4.73 8.94 -0.22
O17 A1LVV D . 2.57 8.87 -2.10
O18 A1LVV D . 0.36 11.44 -0.79
C19 A1LVV D . 6.39 1.31 -7.13
O19 A1LVV D . 2.77 9.15 0.64
O20 A1LVV D . 7.51 7.40 -0.26
C21 A1LVV D . 5.98 4.46 -5.32
C22 A1LVV D . 4.95 5.61 -7.17
O29 A1LVV D . 4.54 -7.52 -8.61
C30 A1LVV D . 4.19 7.55 2.33
C31 A1LVV D . 5.75 8.78 0.76
C32 A1LVV D . 3.84 9.98 0.17
C33 A1LVV D . 3.44 10.85 -1.03
C34 A1LVV D . 2.23 10.21 -1.72
C35 A1LVV D . 1.88 11.02 -2.96
C36 A1LVV D . 1.03 10.18 -0.74
C37 A1LVV D . 1.55 9.89 0.69
C38 A1LVV D . 1.73 11.18 1.48
C39 A1LVV D . 7.13 8.74 0.07
C40 A1LVV D . 7.17 9.64 -1.16
C41 A1LVV D . 8.46 3.94 -5.35
C42 A1LVV D . 8.07 2.63 -5.94
C43 A1LVV D . 9.08 1.72 -6.32
C44 A1LVV D . 10.47 1.91 -5.88
C45 A1LVV D . 8.75 0.61 -7.10
C46 A1LVV D . 7.41 0.41 -7.51
C47 A1LVV D . 5.99 4.53 -3.72
C48 A1LVV D . 5.70 3.31 -2.83
C49 A1LVV D . 5.50 -2.08 -9.73
C55 A1LVV D . 4.78 0.05 -8.56
C56 A1LVV D . 7.11 -0.71 -8.36
C57 A1LVV D . 3.22 -1.18 -10.21
C58 A1LVV D . 3.46 -0.11 -9.17
H7 A1LVV D . 4.29 -2.58 -11.44
H6 A1LVV D . 4.97 -0.91 -11.47
H9 A1LVV D . 4.94 -4.73 -10.09
H11 A1LVV D . 7.00 -5.25 -9.11
H10 A1LVV D . 6.69 -4.11 -7.74
H13 A1LVV D . 6.81 -8.20 -7.25
H14 A1LVV D . 8.12 -6.94 -7.24
H12 A1LVV D . 7.24 -7.32 -8.78
H16 A1LVV D . 4.57 -7.45 -6.52
H18 A1LVV D . 5.12 -10.49 -9.75
H19 A1LVV D . 6.31 -9.96 -8.45
H17 A1LVV D . 6.04 -8.91 -9.93
H87 A1LVV D . 2.18 -7.06 -6.51
H88 A1LVV D . 1.96 -6.68 -8.28
H89 A1LVV D . 1.49 -5.45 -7.02
H30 A1LVV D . 10.98 5.27 -0.95
H31 A1LVV D . 9.63 6.40 -0.42
H32 A1LVV D . 10.29 6.51 -2.13
H34 A1LVV D . 6.02 5.41 1.15
H35 A1LVV D . 4.51 6.01 0.35
H20 A1LVV D . 3.83 -5.04 -6.41
H28 A1LVV D . 7.50 5.56 -6.64
H29 A1LVV D . 8.06 6.67 -2.23
H33 A1LVV D . 5.75 7.15 -1.39
H63 A1LVV D . 4.38 5.18 -2.80
H3 A1LVV D . 7.49 -2.46 -6.90
H98 A1LVV D . 8.58 -3.48 -7.96
H2 A1LVV D . 9.28 -2.07 -7.02
H5 A1LVV D . 1.52 -1.14 -11.22
H15 A1LVV D . 6.09 -4.72 -5.98
H24 A1LVV D . 3.48 2.18 -8.01
H39 A1LVV D . 6.44 6.53 3.07
H47 A1LVV D . 3.05 8.44 -1.38
H49 A1LVV D . -0.54 11.31 -1.13
H27 A1LVV D . 5.07 4.68 -7.80
H25 A1LVV D . 3.99 6.12 -7.45
H26 A1LVV D . 5.81 6.30 -7.35
H38 A1LVV D . 4.28 7.03 3.32
H36 A1LVV D . 3.39 7.06 1.71
H37 A1LVV D . 3.91 8.61 2.51
H40 A1LVV D . 5.73 9.65 1.47
H41 A1LVV D . 4.24 10.64 1.00
H42 A1LVV D . 4.29 10.92 -1.75
H43 A1LVV D . 3.16 11.87 -0.65
H45 A1LVV D . 2.62 10.83 -3.76
H46 A1LVV D . 1.88 12.11 -2.71
H44 A1LVV D . 0.85 10.72 -3.31
H48 A1LVV D . 0.33 9.36 -1.04
H50 A1LVV D . 0.82 9.20 1.21
H52 A1LVV D . 2.53 11.80 1.01
H53 A1LVV D . 2.02 10.94 2.53
H51 A1LVV D . 0.78 11.76 1.49
H54 A1LVV D . 7.91 9.09 0.81
H56 A1LVV D . 6.35 9.36 -1.86
H57 A1LVV D . 8.15 9.53 -1.67
H55 A1LVV D . 7.03 10.71 -0.85
H58 A1LVV D . 9.50 4.27 -5.62
H59 A1LVV D . 11.08 0.99 -6.10
H60 A1LVV D . 10.50 2.09 -4.77
H61 A1LVV D . 10.94 2.78 -6.39
H62 A1LVV D . 9.53 -0.09 -7.43
H1 A1LVV D . 4.59 3.18 -2.79
H64 A1LVV D . 6.08 3.53 -1.78
H66 A1LVV D . 6.45 -2.50 -10.17
H4 A1LVV D . 2.69 -2.04 -9.69
O5' 3D1 A 1 3.24 9.32 -10.61
C5' 3D1 A 1 2.09 9.51 -11.44
C4' 3D1 A 1 1.76 8.26 -12.24
O4' 3D1 A 1 2.83 7.92 -13.10
C1' 3D1 A 1 2.82 6.50 -13.32
N9 3D1 A 1 4.21 6.01 -13.23
C4 3D1 A 1 4.71 4.90 -13.87
N3 3D1 A 1 4.07 4.18 -14.81
C2 3D1 A 1 4.84 3.17 -15.22
N1 3D1 A 1 6.06 2.84 -14.82
C6 3D1 A 1 6.66 3.59 -13.88
N6 3D1 A 1 7.88 3.26 -13.46
C5 3D1 A 1 5.95 4.69 -13.36
N7 3D1 A 1 6.26 5.65 -12.41
C8 3D1 A 1 5.20 6.40 -12.37
C2' 3D1 A 1 1.88 5.87 -12.30
C3' 3D1 A 1 1.49 7.03 -11.39
O3' 3D1 A 1 0.10 6.96 -11.08
H5'1 3D1 A 1 2.29 10.35 -12.12
H5'2 3D1 A 1 1.24 9.76 -10.81
H4' 3D1 A 1 0.89 8.46 -12.86
H1' 3D1 A 1 2.44 6.30 -14.32
H2 3D1 A 1 4.41 2.53 -15.98
HN61 3D1 A 1 8.35 2.46 -13.87
HN62 3D1 A 1 8.35 3.82 -12.76
H8 3D1 A 1 5.11 7.26 -11.71
H2'1 3D1 A 1 2.40 5.10 -11.72
H2'2 3D1 A 1 1.00 5.44 -12.78
H3' 3D1 A 1 2.09 7.04 -10.49
HO5' 3D1 A 1 2.94 9.01 -9.76
F GF2 A 5 -2.74 -7.60 3.46
P GF2 A 5 -3.15 -7.98 -2.21
N1 GF2 A 5 0.21 -2.19 2.60
C2 GF2 A 5 0.48 -3.28 3.40
N2 GF2 A 5 1.13 -3.02 4.54
N3 GF2 A 5 0.13 -4.53 3.11
C4 GF2 A 5 -0.53 -4.62 1.93
C5 GF2 A 5 -0.84 -3.60 1.06
C6 GF2 A 5 -0.47 -2.26 1.38
O6 GF2 A 5 -0.66 -1.24 0.72
N7 GF2 A 5 -1.53 -4.09 -0.04
C8 GF2 A 5 -1.59 -5.38 0.19
N9 GF2 A 5 -1.01 -5.77 1.37
C1' GF2 A 5 -0.90 -7.11 1.95
OP2 GF2 A 5 -3.87 -6.69 -2.22
C2' GF2 A 5 -2.24 -7.79 2.19
OP1 GF2 A 5 -3.90 -9.24 -2.39
C3' GF2 A 5 -1.92 -9.25 1.89
O3' GF2 A 5 -1.39 -9.88 3.06
C4' GF2 A 5 -0.85 -9.15 0.81
O4' GF2 A 5 -0.15 -7.92 1.03
C5' GF2 A 5 -1.42 -9.18 -0.61
O5' GF2 A 5 -2.30 -8.07 -0.84
HN1 GF2 A 5 0.50 -1.28 2.89
HN2 GF2 A 5 1.39 -2.08 4.77
HN2A GF2 A 5 1.35 -3.78 5.18
H8 GF2 A 5 -2.09 -6.08 -0.49
H1' GF2 A 5 -0.36 -7.04 2.89
H2' GF2 A 5 -2.97 -7.44 1.47
H3' GF2 A 5 -2.80 -9.78 1.52
H4' GF2 A 5 -0.16 -9.98 0.93
H5' GF2 A 5 -0.59 -9.12 -1.32
H5'A GF2 A 5 -1.96 -10.11 -0.77
F GF2 A 6 -4.71 -6.51 8.44
P GF2 A 6 -2.36 -10.42 4.21
N1 GF2 A 6 -4.02 -0.58 6.23
C2 GF2 A 6 -3.42 -1.26 7.27
N2 GF2 A 6 -2.96 -0.50 8.27
N3 GF2 A 6 -3.31 -2.59 7.33
C4 GF2 A 6 -3.85 -3.20 6.25
C5 GF2 A 6 -4.46 -2.61 5.16
C6 GF2 A 6 -4.58 -1.19 5.11
O6 GF2 A 6 -5.09 -0.50 4.22
N7 GF2 A 6 -4.87 -3.58 4.26
C8 GF2 A 6 -4.51 -4.71 4.80
N9 GF2 A 6 -3.88 -4.56 6.01
C1' GF2 A 6 -3.19 -5.58 6.83
OP2 GF2 A 6 -3.67 -10.73 3.62
C2' GF2 A 6 -4.03 -6.81 7.28
OP1 GF2 A 6 -1.65 -11.45 5.00
C3' GF2 A 6 -2.88 -7.81 7.59
O3' GF2 A 6 -2.43 -7.69 8.94
C4' GF2 A 6 -1.73 -7.39 6.68
O4' GF2 A 6 -2.17 -6.18 6.03
C5' GF2 A 6 -1.37 -8.44 5.64
O5' GF2 A 6 -2.51 -9.11 5.13
HN1 GF2 A 6 -4.07 0.42 6.25
HN2 GF2 A 6 -3.03 0.51 8.22
HN2A GF2 A 6 -2.50 -0.93 9.06
H8 GF2 A 6 -4.70 -5.67 4.35
H1' GF2 A 6 -2.72 -5.08 7.68
H2' GF2 A 6 -4.76 -7.18 6.50
H3' GF2 A 6 -3.16 -8.84 7.38
H4' GF2 A 6 -0.87 -7.16 7.28
H5' GF2 A 6 -0.84 -7.96 4.82
H5'A GF2 A 6 -0.71 -9.18 6.10
O5' 3D1 B 1 -13.47 2.50 2.88
C5' 3D1 B 1 -13.76 3.88 2.67
C4' 3D1 B 1 -13.13 4.75 3.76
O4' 3D1 B 1 -13.63 4.40 5.04
C1' 3D1 B 1 -12.65 4.73 6.02
N9 3D1 B 1 -12.61 3.62 7.01
C4 3D1 B 1 -12.23 3.74 8.32
N3 3D1 B 1 -11.98 4.88 8.98
C2 3D1 B 1 -11.62 4.62 10.23
N1 3D1 B 1 -11.50 3.45 10.84
C6 3D1 B 1 -11.74 2.33 10.15
N6 3D1 B 1 -11.61 1.14 10.75
C5 3D1 B 1 -12.13 2.46 8.81
N7 3D1 B 1 -12.46 1.54 7.82
C8 3D1 B 1 -12.73 2.27 6.78
C2' 3D1 B 1 -11.31 4.96 5.32
C3' 3D1 B 1 -11.61 4.63 3.86
O3' 3D1 B 1 -11.00 5.59 3.01
H5'1 3D1 B 1 -14.85 4.02 2.67
H5'2 3D1 B 1 -13.36 4.18 1.71
H4' 3D1 B 1 -13.39 5.80 3.57
H1' 3D1 B 1 -12.94 5.64 6.54
H2 3D1 B 1 -11.41 5.50 10.84
HN61 3D1 B 1 -11.33 1.10 11.72
HN62 3D1 B 1 -11.80 0.29 10.24
H8 3D1 B 1 -13.03 1.85 5.81
H2'1 3D1 B 1 -10.54 4.28 5.71
H2'2 3D1 B 1 -11.00 6.00 5.41
H3' 3D1 B 1 -11.30 3.61 3.62
HO5' 3D1 B 1 -13.17 2.14 2.05
F GF2 B 5 8.55 1.35 0.92
P GF2 B 5 6.82 4.47 5.78
N1 GF2 B 5 3.09 -0.90 -0.74
C2 GF2 B 5 4.25 -1.55 -0.38
N2 GF2 B 5 4.47 -2.75 -0.93
N3 GF2 B 5 5.15 -1.04 0.48
C4 GF2 B 5 4.79 0.18 0.93
C5 GF2 B 5 3.66 0.89 0.62
C6 GF2 B 5 2.71 0.35 -0.29
O6 GF2 B 5 1.65 0.85 -0.67
N7 GF2 B 5 3.67 2.11 1.30
C8 GF2 B 5 4.77 2.08 1.98
N9 GF2 B 5 5.51 0.94 1.81
C1' GF2 B 5 6.80 0.56 2.41
OP2 GF2 B 5 6.29 5.52 4.90
C2' GF2 B 5 7.94 1.54 2.14
OP1 GF2 B 5 7.98 4.74 6.65
C3' GF2 B 5 8.83 1.27 3.34
O3' GF2 B 5 9.71 0.18 3.05
C4' GF2 B 5 7.87 0.87 4.45
O4' GF2 B 5 6.62 0.53 3.83
C5' GF2 B 5 7.64 1.97 5.48
O5' GF2 B 5 7.15 3.17 4.89
HN1 GF2 B 5 2.46 -1.35 -1.39
HN2 GF2 B 5 3.79 -3.13 -1.57
HN2A GF2 B 5 5.30 -3.27 -0.70
H8 GF2 B 5 5.09 2.90 2.64
H1' GF2 B 5 7.07 -0.43 2.06
H2' GF2 B 5 7.56 2.56 2.17
H3' GF2 B 5 9.39 2.17 3.62
H4' GF2 B 5 8.27 -0.01 4.95
H5' GF2 B 5 6.92 1.62 6.22
H5'A GF2 B 5 8.59 2.19 5.98
F GF2 B 6 10.69 -0.46 -4.06
P GF2 B 6 10.99 0.41 2.09
N1 GF2 B 6 4.58 -0.11 -5.79
C2 GF2 B 6 5.47 -1.17 -5.76
N2 GF2 B 6 5.22 -2.18 -6.57
N3 GF2 B 6 6.54 -1.20 -4.94
C4 GF2 B 6 6.63 -0.09 -4.18
C5 GF2 B 6 5.79 0.99 -4.16
C6 GF2 B 6 4.66 1.03 -5.01
O6 GF2 B 6 3.81 1.91 -5.12
N7 GF2 B 6 6.24 1.93 -3.22
C8 GF2 B 6 7.33 1.40 -2.72
N9 GF2 B 6 7.62 0.16 -3.25
C1' GF2 B 6 8.66 -0.80 -2.82
OP2 GF2 B 6 11.33 1.84 1.98
C2' GF2 B 6 10.13 -0.31 -2.81
OP1 GF2 B 6 12.02 -0.56 2.56
C3' GF2 B 6 10.75 -1.35 -1.83
O3' GF2 B 6 11.20 -2.51 -2.53
C4' GF2 B 6 9.60 -1.76 -0.93
O4' GF2 B 6 8.42 -1.12 -1.43
C5' GF2 B 6 9.81 -1.38 0.54
O5' GF2 B 6 10.45 -0.10 0.66
HN1 GF2 B 6 3.79 -0.16 -6.43
HN2 GF2 B 6 4.42 -2.15 -7.19
HN2A GF2 B 6 5.84 -2.98 -6.60
H8 GF2 B 6 7.93 1.89 -1.96
H1' GF2 B 6 8.55 -1.71 -3.40
H2' GF2 B 6 10.25 0.76 -2.47
H3' GF2 B 6 11.56 -0.93 -1.24
H4' GF2 B 6 9.47 -2.84 -0.98
H5' GF2 B 6 8.85 -1.35 1.04
H5'A GF2 B 6 10.44 -2.13 1.02
C14 A1LVV C . 1.64 1.69 13.15
C11 A1LVV C . -0.47 -0.48 11.60
C7 A1LVV C . -5.29 2.56 10.31
C9 A1LVV C . -2.33 1.29 11.06
C10 A1LVV C . -1.96 -0.12 11.57
C12 A1LVV C . -0.10 -1.06 12.96
C13 A1LVV C . 0.44 0.73 11.30
C3 A1LVV C . -5.34 0.31 9.25
C15 A1LVV C . 1.51 1.25 14.57
C17 A1LVV C . 0.87 2.60 9.69
C20 A1LVV C . -6.96 -2.15 6.14
C24 A1LVV C . -7.82 -4.54 3.21
C26 A1LVV C . -8.13 -7.96 2.61
C28 A1LVV C . -6.09 -5.50 -1.11
C16 A1LVV C . -0.06 1.47 10.08
C18 A1LVV C . -6.08 0.13 6.93
C23 A1LVV C . -8.92 -3.18 4.54
C25 A1LVV C . -7.68 -5.72 2.24
C27 A1LVV C . -7.26 -5.44 -0.13
C29 A1LVV C . -6.54 -6.10 -2.44
O10 A1LVV C . -7.03 -1.59 4.87
O21 A1LVV C . -7.46 -4.96 4.53
O22 A1LVV C . -7.42 -2.81 1.57
C1 A1LVV C . -4.25 -2.42 10.68
O1 A1LVV C . -5.43 -1.61 10.72
O2 A1LVV C . -5.51 2.86 6.67
O3 A1LVV C . -5.66 4.47 8.92
O4 A1LVV C . -3.35 1.13 10.09
O5 A1LVV C . -0.23 -1.46 10.58
O7 A1LVV C . 2.66 2.10 12.58
O8 A1LVV C . -1.38 1.96 10.24
O9 A1LVV C . -6.34 0.59 5.68
O11 A1LVV C . -8.38 -1.14 3.21
O12 A1LVV C . -9.18 -4.06 3.42
O13 A1LVV C . -7.28 -6.87 2.97
O14 A1LVV C . -6.75 -5.57 1.19
O15 A1LVV C . -6.26 -7.50 -2.44
O16 A1LVV C . -8.38 -4.48 -2.57
O17 A1LVV C . -8.62 -1.60 -2.47
O18 A1LVV C . -9.38 -0.84 -5.94
C19 A1LVV C . -6.39 -1.31 7.14
O19 A1LVV C . -7.51 -3.39 -4.21
O20 A1LVV C . -8.07 -6.62 -0.25
C21 A1LVV C . -7.85 -2.23 3.91
C22 A1LVV C . -9.39 -0.38 3.87
O29 A1LVV C . 0.47 1.59 12.44
C30 A1LVV C . -5.80 -5.45 -3.60
C31 A1LVV C . -8.06 -5.87 -2.59
C32 A1LVV C . -8.74 -4.04 -3.88
C33 A1LVV C . -9.93 -3.08 -3.84
C34 A1LVV C . -9.41 -1.66 -3.65
C35 A1LVV C . -10.58 -0.69 -3.54
C36 A1LVV C . -8.54 -1.28 -4.88
C37 A1LVV C . -7.70 -2.50 -5.31
C38 A1LVV C . -8.35 -3.22 -6.49
C39 A1LVV C . -8.83 -6.59 -1.45
C40 A1LVV C . -10.20 -5.96 -1.20
C41 A1LVV C . -8.23 -4.16 5.49
C42 A1LVV C . -7.36 -3.44 6.43
C43 A1LVV C . -7.14 -3.97 7.74
C44 A1LVV C . -7.50 -5.37 8.04
C45 A1LVV C . -6.55 -3.17 8.72
C46 A1LVV C . -6.19 -1.85 8.43
C47 A1LVV C . -7.08 -3.17 2.87
C48 A1LVV C . -5.56 -3.39 2.91
C49 A1LVV C . -4.74 1.15 10.36
C55 A1LVV C . -5.61 0.92 7.99
C56 A1LVV C . -5.64 -1.03 9.47
C57 A1LVV C . -4.99 3.22 8.98
C58 A1LVV C . -5.39 2.35 7.80
H7 A1LVV C . -4.83 3.17 11.13
H6 A1LVV C . -6.40 2.53 10.48
H9 A1LVV C . -2.64 1.95 11.89
H11 A1LVV C . -2.38 -0.24 12.59
H10 A1LVV C . -2.47 -0.86 10.91
H13 A1LVV C . 1.00 -1.00 13.13
H14 A1LVV C . -0.42 -2.14 13.02
H12 A1LVV C . -0.62 -0.49 13.77
H16 A1LVV C . 1.48 0.35 11.09
H18 A1LVV C . 2.07 1.98 15.22
H19 A1LVV C . 1.95 0.23 14.67
H17 A1LVV C . 0.43 1.25 14.84
H87 A1LVV C . 1.93 2.22 9.66
H88 A1LVV C . 0.79 3.43 10.44
H89 A1LVV C . 0.60 2.98 8.67
H30 A1LVV C . -7.82 -8.87 3.20
H31 A1LVV C . -8.02 -8.17 1.52
H32 A1LVV C . -9.20 -7.71 2.84
H34 A1LVV C . -5.27 -6.12 -0.67
H35 A1LVV C . -5.68 -4.46 -1.27
H20 A1LVV C . -0.15 0.73 9.23
H28 A1LVV C . -9.88 -2.74 4.85
H29 A1LVV C . -8.67 -5.84 1.70
H33 A1LVV C . -7.89 -4.52 -0.26
H63 A1LVV C . -6.63 -2.45 1.11
H3 A1LVV C . -3.68 -2.29 11.63
H98 A1LVV C . -3.63 -2.10 9.81
H2 A1LVV C . -4.55 -3.50 10.56
H5 A1LVV C . -5.01 5.17 8.74
H15 A1LVV C . -0.89 -1.37 9.88
H24 A1LVV C . -6.63 1.52 5.72
H39 A1LVV C . -5.31 -7.64 -2.39
H47 A1LVV C . -8.06 -2.39 -2.41
H49 A1LVV C . -9.22 0.10 -6.12
H27 A1LVV C . -9.12 0.72 3.82
H25 A1LVV C . -9.45 -0.69 4.95
H26 A1LVV C . -10.38 -0.55 3.37
H38 A1LVV C . -4.91 -6.08 -3.88
H36 A1LVV C . -5.45 -4.43 -3.32
H37 A1LVV C . -6.48 -5.38 -4.48
H40 A1LVV C . -8.40 -6.32 -3.57
H41 A1LVV C . -8.95 -4.89 -4.59
H42 A1LVV C . -10.61 -3.35 -2.98
H43 A1LVV C . -10.50 -3.17 -4.81
H45 A1LVV C . -11.08 -0.81 -2.54
H46 A1LVV C . -11.32 -0.90 -4.35
H44 A1LVV C . -10.20 0.36 -3.64
H48 A1LVV C . -7.83 -0.45 -4.59
H50 A1LVV C . -6.66 -2.16 -5.57
H52 A1LVV C . -9.34 -3.64 -6.18
H53 A1LVV C . -7.67 -4.06 -6.82
H51 A1LVV C . -8.49 -2.51 -7.34
H54 A1LVV C . -8.97 -7.67 -1.73
H56 A1LVV C . -10.09 -4.86 -1.00
H57 A1LVV C . -10.69 -6.44 -0.33
H55 A1LVV C . -10.86 -6.09 -2.10
H58 A1LVV C . -8.95 -4.87 5.97
H59 A1LVV C . -7.07 -5.68 9.02
H60 A1LVV C . -7.08 -6.05 7.25
H61 A1LVV C . -8.61 -5.50 8.07
H62 A1LVV C . -6.41 -3.58 9.73
H1 A1LVV C . -5.08 -2.50 2.40
H64 A1LVV C . -5.32 -4.32 2.31
H66 A1LVV C . -4.93 0.67 11.36
H4 A1LVV C . -3.87 3.40 8.91
C14 A1LVV D . 4.55 -8.92 -8.58
C11 A1LVV D . 6.14 -6.16 -7.41
C7 A1LVV D . 4.49 -1.71 -10.85
C9 A1LVV D . 5.00 -4.46 -9.06
C10 A1LVV D . 6.28 -4.96 -8.38
C12 A1LVV D . 7.20 -7.20 -7.75
C13 A1LVV D . 4.75 -6.80 -7.47
C3 A1LVV D . 5.79 -0.90 -8.88
C15 A1LVV D . 5.65 -9.62 -9.29
C17 A1LVV D . 2.28 -6.33 -7.34
C20 A1LVV D . 6.68 2.41 -6.31
C24 A1LVV D . 7.37 4.99 -3.50
C26 A1LVV D . 9.93 5.82 -1.27
C28 A1LVV D . 5.42 6.22 0.66
C16 A1LVV D . 3.67 -5.72 -7.39
C18 A1LVV D . 4.97 1.08 -7.70
C23 A1LVV D . 7.28 5.00 -5.69
C25 A1LVV D . 7.79 5.53 -2.13
C27 A1LVV D . 6.23 6.57 -0.59
C29 A1LVV D . 5.38 7.40 1.62
O10 A1LVV D . 5.60 3.16 -5.87
O21 A1LVV D . 8.28 3.95 -3.91
O22 A1LVV D . 5.01 5.51 -3.27
C1 A1LVV D . 8.38 -2.42 -7.62
O1 A1LVV D . 8.11 -1.55 -8.73
O2 A1LVV D . 2.47 0.59 -8.84
O3 A1LVV D . 2.35 -0.74 -11.28
O4 A1LVV D . 4.95 -3.05 -8.87
O5 A1LVV D . 6.35 -5.68 -6.08
O7 A1LVV D . 3.63 -9.44 -7.93
O8 A1LVV D . 3.75 -4.77 -8.45
O9 A1LVV D . 4.04 1.98 -7.30
O11 A1LVV D . 4.79 5.20 -5.78
O12 A1LVV D . 7.50 5.93 -4.60
O13 A1LVV D . 8.97 4.85 -1.71
O14 A1LVV D . 6.87 5.39 -1.08
O15 A1LVV D . 6.44 7.27 2.57
O16 A1LVV D . 4.56 8.86 -0.20
O17 A1LVV D . 2.40 8.77 -2.07
O18 A1LVV D . 0.15 11.29 -0.74
C19 A1LVV D . 6.33 1.30 -7.14
O19 A1LVV D . 2.60 9.04 0.69
O20 A1LVV D . 7.37 7.38 -0.24
C21 A1LVV D . 5.87 4.44 -5.31
C22 A1LVV D . 4.83 5.58 -7.16
O29 A1LVV D . 4.61 -7.55 -8.68
C30 A1LVV D . 4.04 7.45 2.35
C31 A1LVV D . 5.59 8.70 0.79
C32 A1LVV D . 3.65 9.89 0.21
C33 A1LVV D . 3.25 10.76 -0.97
C34 A1LVV D . 2.05 10.10 -1.68
C35 A1LVV D . 1.67 10.91 -2.90
C36 A1LVV D . 0.84 10.06 -0.68
C37 A1LVV D . 1.37 9.77 0.73
C38 A1LVV D . 1.53 11.05 1.53
C39 A1LVV D . 6.96 8.70 0.10
C40 A1LVV D . 6.99 9.60 -1.12
C41 A1LVV D . 8.36 3.95 -5.36
C42 A1LVV D . 7.99 2.64 -5.94
C43 A1LVV D . 9.01 1.74 -6.34
C44 A1LVV D . 10.41 1.95 -5.89
C45 A1LVV D . 8.70 0.64 -7.12
C46 A1LVV D . 7.36 0.41 -7.53
C47 A1LVV D . 5.88 4.49 -3.71
C48 A1LVV D . 5.62 3.26 -2.83
C49 A1LVV D . 5.49 -2.09 -9.77
C55 A1LVV D . 4.74 0.02 -8.58
C56 A1LVV D . 7.07 -0.70 -8.40
C57 A1LVV D . 3.19 -1.22 -10.24
C58 A1LVV D . 3.43 -0.14 -9.19
H7 A1LVV D . 4.28 -2.61 -11.48
H6 A1LVV D . 4.93 -0.91 -11.50
H9 A1LVV D . 4.97 -4.74 -10.14
H11 A1LVV D . 7.03 -5.23 -9.17
H10 A1LVV D . 6.72 -4.11 -7.79
H13 A1LVV D . 6.89 -8.20 -7.33
H14 A1LVV D . 8.18 -6.92 -7.32
H12 A1LVV D . 7.30 -7.31 -8.86
H16 A1LVV D . 4.64 -7.49 -6.59
H18 A1LVV D . 5.24 -10.50 -9.84
H19 A1LVV D . 6.41 -9.96 -8.54
H17 A1LVV D . 6.13 -8.90 -10.02
H87 A1LVV D . 2.25 -7.15 -6.57
H88 A1LVV D . 2.02 -6.75 -8.34
H89 A1LVV D . 1.53 -5.53 -7.07
H30 A1LVV D . 10.86 5.29 -0.95
H31 A1LVV D . 9.50 6.39 -0.40
H32 A1LVV D . 10.16 6.52 -2.11
H34 A1LVV D . 5.92 5.34 1.16
H35 A1LVV D . 4.38 5.92 0.37
H20 A1LVV D . 3.87 -5.09 -6.46
H28 A1LVV D . 7.38 5.56 -6.64
H29 A1LVV D . 7.92 6.65 -2.22
H33 A1LVV D . 5.61 7.09 -1.37
H63 A1LVV D . 4.27 5.11 -2.79
H3 A1LVV D . 7.49 -2.45 -6.95
H98 A1LVV D . 8.60 -3.45 -8.00
H2 A1LVV D . 9.27 -2.03 -7.06
H5 A1LVV D . 1.50 -1.20 -11.24
H15 A1LVV D . 6.11 -4.73 -6.03
H24 A1LVV D . 3.41 2.13 -8.02
H39 A1LVV D . 6.31 6.45 3.08
H47 A1LVV D . 2.89 8.35 -1.35
H49 A1LVV D . -0.74 11.15 -1.08
H27 A1LVV D . 4.96 4.66 -7.79
H25 A1LVV D . 3.86 6.08 -7.42
H26 A1LVV D . 5.67 6.28 -7.34
H38 A1LVV D . 4.15 6.92 3.34
H36 A1LVV D . 3.25 6.95 1.75
H37 A1LVV D . 3.75 8.52 2.53
H40 A1LVV D . 5.56 9.58 1.52
H41 A1LVV D . 4.05 10.54 1.05
H42 A1LVV D . 4.08 10.84 -1.70
H43 A1LVV D . 2.96 11.77 -0.60
H45 A1LVV D . 2.43 10.73 -3.72
H46 A1LVV D . 1.66 12.01 -2.65
H44 A1LVV D . 0.66 10.60 -3.27
H48 A1LVV D . 0.15 9.22 -1.00
H50 A1LVV D . 0.66 9.05 1.25
H52 A1LVV D . 2.33 11.69 1.07
H53 A1LVV D . 1.83 10.80 2.58
H51 A1LVV D . 0.56 11.61 1.55
H54 A1LVV D . 7.74 9.05 0.84
H56 A1LVV D . 6.17 9.31 -1.83
H57 A1LVV D . 7.98 9.52 -1.64
H55 A1LVV D . 6.84 10.67 -0.81
H58 A1LVV D . 9.40 4.30 -5.62
H59 A1LVV D . 11.03 1.05 -6.11
H60 A1LVV D . 10.42 2.13 -4.79
H61 A1LVV D . 10.86 2.84 -6.41
H62 A1LVV D . 9.49 -0.05 -7.45
H1 A1LVV D . 4.50 3.12 -2.79
H64 A1LVV D . 5.99 3.48 -1.79
H66 A1LVV D . 6.44 -2.48 -10.22
H4 A1LVV D . 2.68 -2.09 -9.72
O5' 3D1 A 1 3.28 9.30 -10.86
C5' 3D1 A 1 2.11 9.50 -11.63
C4' 3D1 A 1 1.72 8.22 -12.38
O4' 3D1 A 1 2.75 7.80 -13.26
C1' 3D1 A 1 2.62 6.39 -13.46
N9 3D1 A 1 3.97 5.81 -13.52
C4 3D1 A 1 4.33 4.67 -14.19
N3 3D1 A 1 3.54 3.97 -15.03
C2 3D1 A 1 4.20 2.90 -15.48
N1 3D1 A 1 5.43 2.50 -15.22
C6 3D1 A 1 6.19 3.23 -14.37
N6 3D1 A 1 7.43 2.83 -14.11
C5 3D1 A 1 5.61 4.38 -13.82
N7 3D1 A 1 6.09 5.34 -12.93
C8 3D1 A 1 5.09 6.16 -12.79
C2' 3D1 A 1 1.76 5.82 -12.32
C3' 3D1 A 1 1.44 7.04 -11.46
O3' 3D1 A 1 0.07 7.02 -11.10
H5'1 3D1 A 1 2.29 10.30 -12.36
H5'2 3D1 A 1 1.29 9.79 -10.99
H4' 3D1 A 1 0.82 8.42 -12.97
H1' 3D1 A 1 2.12 6.21 -14.41
H2 3D1 A 1 3.64 2.27 -16.17
HN61 3D1 A 1 7.80 1.99 -14.54
HN62 3D1 A 1 8.00 3.37 -13.47
H8 3D1 A 1 5.12 7.04 -12.14
H2'1 3D1 A 1 2.33 5.08 -11.75
H2'2 3D1 A 1 0.85 5.37 -12.72
H3' 3D1 A 1 2.08 7.07 -10.59
HO5' 3D1 A 1 3.01 9.05 -9.98
F GF2 A 5 -2.91 -7.77 3.59
P GF2 A 5 -3.17 -8.06 -2.09
N1 GF2 A 5 0.26 -2.39 2.40
C2 GF2 A 5 0.57 -3.44 3.22
N2 GF2 A 5 1.33 -3.16 4.29
N3 GF2 A 5 0.15 -4.69 3.02
C4 GF2 A 5 -0.61 -4.80 1.92
C5 GF2 A 5 -0.97 -3.81 1.03
C6 GF2 A 5 -0.51 -2.48 1.25
O6 GF2 A 5 -0.74 -1.47 0.57
N7 GF2 A 5 -1.77 -4.33 0.02
C8 GF2 A 5 -1.86 -5.60 0.32
N9 GF2 A 5 -1.19 -5.95 1.45
C1' GF2 A 5 -1.07 -7.27 2.09
OP2 GF2 A 5 -3.90 -6.77 -2.08
C2' GF2 A 5 -2.40 -7.98 2.33
OP1 GF2 A 5 -3.90 -9.31 -2.35
C3' GF2 A 5 -2.07 -9.43 2.04
O3' GF2 A 5 -1.54 -10.04 3.22
C4' GF2 A 5 -0.98 -9.33 0.97
O4' GF2 A 5 -0.28 -8.10 1.22
C5' GF2 A 5 -1.52 -9.32 -0.45
O5' GF2 A 5 -2.39 -8.21 -0.69
HN1 GF2 A 5 0.62 -1.47 2.62
HN2 GF2 A 5 1.65 -2.21 4.44
HN2A GF2 A 5 1.59 -3.89 4.93
H8 GF2 A 5 -2.43 -6.31 -0.28
H1' GF2 A 5 -0.55 -7.16 3.04
H2' GF2 A 5 -3.13 -7.61 1.60
H3' GF2 A 5 -2.94 -9.96 1.66
H4' GF2 A 5 -0.30 -10.16 1.10
H5' GF2 A 5 -0.69 -9.28 -1.14
H5'A GF2 A 5 -2.08 -10.24 -0.62
F GF2 A 6 -4.87 -6.57 8.53
P GF2 A 6 -2.54 -10.56 4.38
N1 GF2 A 6 -4.10 -0.68 6.24
C2 GF2 A 6 -3.52 -1.35 7.29
N2 GF2 A 6 -3.03 -0.57 8.28
N3 GF2 A 6 -3.41 -2.67 7.37
C4 GF2 A 6 -3.95 -3.29 6.29
C5 GF2 A 6 -4.55 -2.71 5.19
C6 GF2 A 6 -4.65 -1.29 5.12
O6 GF2 A 6 -5.15 -0.61 4.22
N7 GF2 A 6 -4.97 -3.69 4.30
C8 GF2 A 6 -4.63 -4.81 4.87
N9 GF2 A 6 -4.00 -4.65 6.07
C1' GF2 A 6 -3.32 -5.67 6.91
OP2 GF2 A 6 -3.86 -10.86 3.78
C2' GF2 A 6 -4.19 -6.89 7.38
OP1 GF2 A 6 -1.85 -11.59 5.18
C3' GF2 A 6 -3.05 -7.89 7.71
O3' GF2 A 6 -2.61 -7.76 9.06
C4' GF2 A 6 -1.89 -7.50 6.80
O4' GF2 A 6 -2.30 -6.30 6.13
C5' GF2 A 6 -1.53 -8.57 5.78
O5' GF2 A 6 -2.69 -9.23 5.27
HN1 GF2 A 6 -4.13 0.33 6.25
HN2 GF2 A 6 -3.11 0.43 8.22
HN2A GF2 A 6 -2.60 -1.01 9.08
H8 GF2 A 6 -4.82 -5.79 4.42
H1' GF2 A 6 -2.86 -5.16 7.75
H2' GF2 A 6 -4.91 -7.26 6.60
H3' GF2 A 6 -3.34 -8.92 7.52
H4' GF2 A 6 -1.03 -7.28 7.41
H5' GF2 A 6 -0.99 -8.11 4.95
H5'A GF2 A 6 -0.88 -9.31 6.25
O5' 3D1 B 1 -13.56 2.53 2.84
C5' 3D1 B 1 -13.81 3.92 2.63
C4' 3D1 B 1 -13.15 4.79 3.70
O4' 3D1 B 1 -13.65 4.45 4.98
C1' 3D1 B 1 -12.65 4.76 5.96
N9 3D1 B 1 -12.64 3.65 6.94
C4 3D1 B 1 -12.25 3.78 8.25
N3 3D1 B 1 -12.00 4.92 8.92
C2 3D1 B 1 -11.65 4.66 10.17
N1 3D1 B 1 -11.54 3.49 10.78
C6 3D1 B 1 -11.81 2.37 10.10
N6 3D1 B 1 -11.69 1.18 10.71
C5 3D1 B 1 -12.18 2.50 8.75
N7 3D1 B 1 -12.52 1.57 7.77
C8 3D1 B 1 -12.77 2.31 6.72
C2' 3D1 B 1 -11.32 4.95 5.24
C3' 3D1 B 1 -11.65 4.62 3.78
O3' 3D1 B 1 -11.02 5.57 2.92
H5'1 3D1 B 1 -14.89 4.09 2.63
H5'2 3D1 B 1 -13.42 4.21 1.65
H4' 3D1 B 1 -13.39 5.83 3.51
H1' 3D1 B 1 -12.92 5.68 6.46
H2 3D1 B 1 -11.43 5.53 10.78
HN61 3D1 B 1 -11.41 1.14 11.68
HN62 3D1 B 1 -11.88 0.34 10.20
H8 3D1 B 1 -13.07 1.89 5.76
H2'1 3D1 B 1 -10.57 4.26 5.62
H2'2 3D1 B 1 -10.98 5.98 5.33
H3' 3D1 B 1 -11.35 3.60 3.54
HO5' 3D1 B 1 -14.40 2.11 3.05
F GF2 B 5 8.80 1.44 0.82
P GF2 B 5 6.87 4.54 5.57
N1 GF2 B 5 3.13 -0.94 -0.37
C2 GF2 B 5 4.29 -1.60 -0.04
N2 GF2 B 5 4.42 -2.84 -0.51
N3 GF2 B 5 5.27 -1.06 0.70
C4 GF2 B 5 4.97 0.20 1.08
C5 GF2 B 5 3.85 0.93 0.80
C6 GF2 B 5 2.81 0.36 0.02
O6 GF2 B 5 1.75 0.86 -0.33
N7 GF2 B 5 3.94 2.21 1.37
C8 GF2 B 5 5.10 2.19 1.98
N9 GF2 B 5 5.78 1.01 1.84
C1' GF2 B 5 7.10 0.64 2.37
OP2 GF2 B 5 6.28 5.54 4.63
C2' GF2 B 5 8.22 1.63 2.05
OP1 GF2 B 5 7.99 4.95 6.46
C3' GF2 B 5 9.15 1.41 3.22
O3' GF2 B 5 10.04 0.33 2.92
C4' GF2 B 5 8.23 1.00 4.37
O4' GF2 B 5 7.00 0.57 3.79
C5' GF2 B 5 7.95 2.14 5.36
O5' GF2 B 5 7.35 3.27 4.71
HN1 GF2 B 5 2.43 -1.42 -0.93
HN2 GF2 B 5 3.69 -3.25 -1.06
HN2A GF2 B 5 5.26 -3.37 -0.29
H8 GF2 B 5 5.49 3.04 2.52
H1' GF2 B 5 7.38 -0.35 1.98
H2' GF2 B 5 7.81 2.64 2.08
H3' GF2 B 5 9.70 2.31 3.47
H4' GF2 B 5 8.68 0.17 4.91
H5' GF2 B 5 7.29 1.78 6.14
H5'A GF2 B 5 8.89 2.46 5.81
F GF2 B 6 10.81 -0.38 -4.20
P GF2 B 6 11.30 0.54 1.94
N1 GF2 B 6 4.66 -0.02 -5.76
C2 GF2 B 6 5.54 -1.07 -5.73
N2 GF2 B 6 5.26 -2.11 -6.54
N3 GF2 B 6 6.64 -1.11 -4.96
C4 GF2 B 6 6.76 0.01 -4.20
C5 GF2 B 6 5.92 1.11 -4.16
C6 GF2 B 6 4.77 1.13 -4.99
O6 GF2 B 6 3.92 2.02 -5.09
N7 GF2 B 6 6.41 2.04 -3.27
C8 GF2 B 6 7.49 1.51 -2.78
N9 GF2 B 6 7.78 0.27 -3.30
C1' GF2 B 6 8.81 -0.70 -2.88
OP2 GF2 B 6 11.63 1.98 1.79
C2' GF2 B 6 10.29 -0.21 -2.93
OP1 GF2 B 6 12.33 -0.41 2.39
C3' GF2 B 6 10.94 -1.24 -1.96
O3' GF2 B 6 11.36 -2.42 -2.66
C4' GF2 B 6 9.81 -1.64 -1.01
O4' GF2 B 6 8.63 -1.00 -1.50
C5' GF2 B 6 10.06 -1.24 0.43
O5' GF2 B 6 10.71 0.03 0.54
HN1 GF2 B 6 3.85 -0.07 -6.37
HN2 GF2 B 6 4.45 -2.07 -7.13
HN2A GF2 B 6 5.89 -2.90 -6.57
H8 GF2 B 6 8.13 2.00 -2.04
H1' GF2 B 6 8.68 -1.61 -3.47
H2' GF2 B 6 10.43 0.86 -2.61
H3' GF2 B 6 11.76 -0.82 -1.40
H4' GF2 B 6 9.66 -2.71 -1.06
H5' GF2 B 6 9.12 -1.19 0.97
H5'A GF2 B 6 10.70 -1.99 0.91
C14 A1LVV C . 1.55 1.63 13.16
C11 A1LVV C . -0.57 -0.53 11.63
C7 A1LVV C . -5.36 2.54 10.26
C9 A1LVV C . -2.41 1.24 11.05
C10 A1LVV C . -2.06 -0.16 11.58
C12 A1LVV C . -0.23 -1.10 13.00
C13 A1LVV C . 0.35 0.66 11.32
C3 A1LVV C . -5.43 0.28 9.24
C15 A1LVV C . 1.41 1.22 14.58
C17 A1LVV C . 0.82 2.50 9.68
C20 A1LVV C . -7.06 -2.21 6.15
C24 A1LVV C . -7.92 -4.63 3.25
C26 A1LVV C . -8.27 -8.06 2.70
C28 A1LVV C . -6.17 -5.67 -1.04
C16 A1LVV C . -0.14 1.38 10.07
C18 A1LVV C . -6.15 0.08 6.91
C23 A1LVV C . -9.01 -3.24 4.55
C25 A1LVV C . -7.79 -5.83 2.31
C27 A1LVV C . -7.35 -5.59 -0.08
C29 A1LVV C . -6.62 -6.28 -2.37
O10 A1LVV C . -7.09 -1.67 4.88
O21 A1LVV C . -7.57 -5.04 4.58
O22 A1LVV C . -7.49 -2.92 1.58
C1 A1LVV C . -4.38 -2.44 10.71
O1 A1LVV C . -5.55 -1.62 10.73
O2 A1LVV C . -5.55 2.80 6.62
O3 A1LVV C . -5.68 4.43 8.85
O4 A1LVV C . -3.43 1.08 10.07
O5 A1LVV C . -0.34 -1.53 10.63
O7 A1LVV C . 2.58 2.01 12.59
O8 A1LVV C . -1.45 1.90 10.22
O9 A1LVV C . -6.40 0.52 5.65
O11 A1LVV C . -8.44 -1.22 3.20
O12 A1LVV C . -9.28 -4.14 3.44
O13 A1LVV C . -7.42 -6.96 3.05
O14 A1LVV C . -6.85 -5.71 1.26
O15 A1LVV C . -6.36 -7.69 -2.33
O16 A1LVV C . -8.45 -4.64 -2.53
O17 A1LVV C . -8.64 -1.76 -2.48
O18 A1LVV C . -9.38 -1.04 -5.96
C19 A1LVV C . -6.48 -1.35 7.14
O19 A1LVV C . -7.55 -3.59 -4.18
O20 A1LVV C . -8.17 -6.75 -0.18
C21 A1LVV C . -7.92 -2.31 3.92
C22 A1LVV C . -9.45 -0.44 3.85
O29 A1LVV C . 0.38 1.53 12.44
C30 A1LVV C . -5.87 -5.67 -3.54
C31 A1LVV C . -8.15 -6.05 -2.53
C32 A1LVV C . -8.79 -4.22 -3.85
C33 A1LVV C . -9.97 -3.25 -3.83
C34 A1LVV C . -9.44 -1.83 -3.66
C35 A1LVV C . -10.60 -0.84 -3.57
C36 A1LVV C . -8.55 -1.47 -4.89
C37 A1LVV C . -7.73 -2.71 -5.31
C38 A1LVV C . -8.37 -3.45 -6.47
C39 A1LVV C . -8.93 -6.73 -1.39
C40 A1LVV C . -10.29 -6.08 -1.16
C41 A1LVV C . -8.34 -4.22 5.52
C42 A1LVV C . -7.47 -3.50 6.47
C43 A1LVV C . -7.26 -4.00 7.77
C44 A1LVV C . -7.64 -5.40 8.10
C45 A1LVV C . -6.69 -3.20 8.74
C46 A1LVV C . -6.29 -1.88 8.45
C47 A1LVV C . -7.16 -3.29 2.90
C48 A1LVV C . -5.65 -3.52 2.94
C49 A1LVV C . -4.82 1.12 10.33
C55 A1LVV C . -5.68 0.87 7.97
C56 A1LVV C . -5.74 -1.06 9.47
C57 A1LVV C . -5.03 3.18 8.93
C58 A1LVV C . -5.45 2.29 7.76
H7 A1LVV C . -4.89 3.16 11.08
H6 A1LVV C . -6.47 2.53 10.43
H9 A1LVV C . -2.72 1.93 11.87
H11 A1LVV C . -2.49 -0.26 12.61
H10 A1LVV C . -2.58 -0.91 10.92
H13 A1LVV C . 0.88 -1.05 13.17
H14 A1LVV C . -0.56 -2.17 13.07
H12 A1LVV C . -0.75 -0.52 13.79
H16 A1LVV C . 1.39 0.26 11.13
H18 A1LVV C . 1.97 1.94 15.24
H19 A1LVV C . 1.83 0.19 14.71
H17 A1LVV C . 0.32 1.23 14.86
H87 A1LVV C . 1.87 2.11 9.67
H88 A1LVV C . 0.74 3.33 10.42
H89 A1LVV C . 0.56 2.87 8.66
H30 A1LVV C . -7.98 -8.96 3.30
H31 A1LVV C . -8.15 -8.28 1.60
H32 A1LVV C . -9.33 -7.79 2.91
H34 A1LVV C . -5.37 -6.30 -0.58
H35 A1LVV C . -5.75 -4.64 -1.22
H20 A1LVV C . -0.23 0.63 9.23
H28 A1LVV C . -9.97 -2.78 4.85
H29 A1LVV C . -8.78 -5.94 1.76
H33 A1LVV C . -7.98 -4.66 -0.22
H63 A1LVV C . -6.70 -2.58 1.13
H3 A1LVV C . -3.81 -2.31 11.66
H98 A1LVV C . -3.73 -2.15 9.84
H2 A1LVV C . -4.69 -3.52 10.60
H5 A1LVV C . -5.04 5.13 8.66
H15 A1LVV C . -1.00 -1.44 9.92
H24 A1LVV C . -6.68 1.45 5.68
H39 A1LVV C . -5.40 -7.84 -2.29
H47 A1LVV C . -8.11 -2.56 -2.40
H49 A1LVV C . -9.20 -0.11 -6.16
H27 A1LVV C . -9.17 0.65 3.78
H25 A1LVV C . -9.52 -0.75 4.93
H26 A1LVV C . -10.43 -0.61 3.34
H38 A1LVV C . -4.99 -6.31 -3.80
H36 A1LVV C . -5.51 -4.64 -3.25
H37 A1LVV C . -6.55 -5.59 -4.42
H40 A1LVV C . -8.48 -6.51 -3.51
H41 A1LVV C . -9.01 -5.07 -4.55
H42 A1LVV C . -10.66 -3.49 -2.98
H43 A1LVV C . -10.53 -3.35 -4.81
H45 A1LVV C . -11.09 -0.94 -2.57
H46 A1LVV C . -11.34 -1.05 -4.38
H44 A1LVV C . -10.20 0.19 -3.69
H48 A1LVV C . -7.83 -0.65 -4.60
H50 A1LVV C . -6.67 -2.39 -5.55
H52 A1LVV C . -9.37 -3.85 -6.16
H53 A1LVV C . -7.71 -4.30 -6.79
H51 A1LVV C . -8.50 -2.74 -7.33
H54 A1LVV C . -9.08 -7.82 -1.65
H56 A1LVV C . -10.17 -4.99 -0.98
H57 A1LVV C . -10.80 -6.55 -0.28
H55 A1LVV C . -10.94 -6.22 -2.06
H58 A1LVV C . -9.08 -4.91 6.01
H59 A1LVV C . -7.23 -5.70 9.09
H60 A1LVV C . -7.22 -6.09 7.31
H61 A1LVV C . -8.76 -5.51 8.12
H62 A1LVV C . -6.53 -3.59 9.76
H1 A1LVV C . -5.15 -2.63 2.43
H64 A1LVV C . -5.41 -4.46 2.36
H66 A1LVV C . -5.03 0.66 11.35
H4 A1LVV C . -3.92 3.34 8.85
C14 A1LVV D . 4.50 -8.86 -8.45
C11 A1LVV D . 6.15 -6.08 -7.36
C7 A1LVV D . 4.43 -1.67 -10.79
C9 A1LVV D . 4.97 -4.41 -8.99
C10 A1LVV D . 6.27 -4.90 -8.34
C12 A1LVV D . 7.18 -7.15 -7.71
C13 A1LVV D . 4.74 -6.73 -7.37
C3 A1LVV D . 5.77 -0.85 -8.88
C15 A1LVV D . 5.59 -9.57 -9.18
C17 A1LVV D . 2.28 -6.24 -7.17
C20 A1LVV D . 6.75 2.49 -6.37
C24 A1LVV D . 7.55 5.09 -3.60
C26 A1LVV D . 10.16 5.93 -1.45
C28 A1LVV D . 5.72 6.37 0.60
C16 A1LVV D . 3.67 -5.64 -7.27
C18 A1LVV D . 5.00 1.15 -7.69
C23 A1LVV D . 7.39 5.09 -5.79
C25 A1LVV D . 8.00 5.65 -2.25
C27 A1LVV D . 6.49 6.72 -0.68
C29 A1LVV D . 5.70 7.57 1.54
O10 A1LVV D . 5.70 3.25 -5.90
O21 A1LVV D . 8.43 4.04 -4.02
O22 A1LVV D . 5.19 5.63 -3.31
C1 A1LVV D . 8.39 -2.37 -7.67
O1 A1LVV D . 8.09 -1.51 -8.78
O2 A1LVV D . 2.46 0.66 -8.76
O3 A1LVV D . 2.27 -0.69 -11.18
O4 A1LVV D . 4.93 -2.99 -8.82
O5 A1LVV D . 6.39 -5.59 -6.04
O7 A1LVV D . 3.60 -9.36 -7.77
O8 A1LVV D . 3.73 -4.71 -8.34
O9 A1LVV D . 4.09 2.06 -7.28
O11 A1LVV D . 4.90 5.30 -5.81
O12 A1LVV D . 7.65 6.02 -4.72
O13 A1LVV D . 9.19 4.98 -1.86
O14 A1LVV D . 7.10 5.52 -1.18
O15 A1LVV D . 6.79 7.45 2.47
O16 A1LVV D . 4.85 9.01 -0.26
O17 A1LVV D . 2.63 8.92 -2.07
O18 A1LVV D . 0.43 11.46 -0.70
C19 A1LVV D . 6.38 1.37 -7.17
O19 A1LVV D . 2.91 9.21 0.67
O20 A1LVV D . 7.64 7.51 -0.36
C21 A1LVV D . 5.98 4.53 -5.37
C22 A1LVV D . 4.90 5.65 -7.20
O29 A1LVV D . 4.57 -7.49 -8.56
C30 A1LVV D . 4.39 7.63 2.31
C31 A1LVV D . 5.90 8.86 0.70
C32 A1LVV D . 3.95 10.05 0.16
C33 A1LVV D . 3.51 10.91 -1.03
C34 A1LVV D . 2.29 10.25 -1.69
C35 A1LVV D . 1.89 11.06 -2.92
C36 A1LVV D . 1.12 10.22 -0.66
C37 A1LVV D . 1.68 9.94 0.75
C38 A1LVV D . 1.88 11.24 1.52
C39 A1LVV D . 7.25 8.84 -0.03
C40 A1LVV D . 7.25 9.73 -1.27
C41 A1LVV D . 8.46 4.03 -5.48
C42 A1LVV D . 8.08 2.71 -6.04
C43 A1LVV D . 9.08 1.80 -6.45
C44 A1LVV D . 10.49 2.01 -6.04
C45 A1LVV D . 8.74 0.70 -7.22
C46 A1LVV D . 7.39 0.47 -7.59
C47 A1LVV D . 6.04 4.60 -3.76
C48 A1LVV D . 5.80 3.39 -2.87
C49 A1LVV D . 5.44 -2.04 -9.73
C55 A1LVV D . 4.74 0.08 -8.55
C56 A1LVV D . 7.07 -0.64 -8.42
C57 A1LVV D . 3.14 -1.18 -10.15
C58 A1LVV D . 3.40 -0.08 -9.12
H7 A1LVV D . 4.18 -2.57 -11.41
H6 A1LVV D . 4.85 -0.88 -11.47
H9 A1LVV D . 4.90 -4.69 -10.07
H11 A1LVV D . 6.98 -5.19 -9.15
H10 A1LVV D . 6.71 -4.05 -7.77
H13 A1LVV D . 6.89 -8.13 -7.27
H14 A1LVV D . 8.18 -6.86 -7.31
H12 A1LVV D . 7.26 -7.27 -8.82
H16 A1LVV D . 4.66 -7.40 -6.47
H18 A1LVV D . 5.15 -10.45 -9.70
H19 A1LVV D . 6.36 -9.91 -8.44
H17 A1LVV D . 6.04 -8.87 -9.93
H87 A1LVV D . 2.28 -7.04 -6.39
H88 A1LVV D . 2.00 -6.67 -8.17
H89 A1LVV D . 1.55 -5.44 -6.89
H30 A1LVV D . 11.10 5.40 -1.16
H31 A1LVV D . 9.76 6.52 -0.59
H32 A1LVV D . 10.37 6.63 -2.31
H34 A1LVV D . 6.21 5.50 1.09
H35 A1LVV D . 4.67 6.08 0.33
H20 A1LVV D . 3.90 -5.00 -6.35
H28 A1LVV D . 7.46 5.63 -6.75
H29 A1LVV D . 8.13 6.76 -2.36
H33 A1LVV D . 5.85 7.23 -1.45
H63 A1LVV D . 4.46 5.24 -2.81
H3 A1LVV D . 7.52 -2.38 -6.97
H98 A1LVV D . 8.60 -3.40 -8.04
H2 A1LVV D . 9.30 -1.97 -7.14
H5 A1LVV D . 1.41 -1.15 -11.12
H15 A1LVV D . 6.16 -4.66 -6.00
H24 A1LVV D . 3.43 2.20 -7.98
H39 A1LVV D . 6.67 6.64 2.98
H47 A1LVV D . 3.14 8.49 -1.37
H49 A1LVV D . -0.47 11.32 -1.03
H27 A1LVV D . 5.01 4.73 -7.82
H25 A1LVV D . 3.93 6.15 -7.44
H26 A1LVV D . 5.75 6.35 -7.40
H38 A1LVV D . 4.51 7.11 3.30
H36 A1LVV D . 3.58 7.13 1.74
H37 A1LVV D . 4.11 8.70 2.49
H40 A1LVV D . 5.89 9.74 1.41
H41 A1LVV D . 4.38 10.71 0.97
H42 A1LVV D . 4.34 10.98 -1.78
H43 A1LVV D . 3.24 11.93 -0.64
H45 A1LVV D . 2.62 10.86 -3.74
H46 A1LVV D . 1.89 12.14 -2.67
H44 A1LVV D . 0.86 10.75 -3.24
H48 A1LVV D . 0.41 9.39 -0.94
H50 A1LVV D . 0.98 9.25 1.28
H52 A1LVV D . 2.66 11.87 1.03
H53 A1LVV D . 2.20 11.01 2.57
H51 A1LVV D . 0.92 11.81 1.56
H54 A1LVV D . 8.06 9.20 0.69
H56 A1LVV D . 6.41 9.44 -1.94
H57 A1LVV D . 8.22 9.64 -1.82
H55 A1LVV D . 7.11 10.81 -0.96
H58 A1LVV D . 9.49 4.37 -5.77
H59 A1LVV D . 11.10 1.10 -6.27
H60 A1LVV D . 10.54 2.20 -4.95
H61 A1LVV D . 10.93 2.90 -6.58
H62 A1LVV D . 9.52 0.00 -7.55
H1 A1LVV D . 4.68 3.24 -2.79
H64 A1LVV D . 6.21 3.61 -1.83
H66 A1LVV D . 6.39 -2.45 -10.21
H4 A1LVV D . 2.64 -2.03 -9.61
O5' 3D1 A 1 3.84 7.34 -13.97
C5' 3D1 A 1 2.68 8.14 -14.26
C4' 3D1 A 1 1.40 7.30 -14.23
O4' 3D1 A 1 1.45 6.36 -15.30
C1' 3D1 A 1 1.70 5.05 -14.79
N9 3D1 A 1 3.06 4.66 -15.21
C4 3D1 A 1 3.36 3.75 -16.20
N3 3D1 A 1 2.48 3.21 -17.07
C2 3D1 A 1 3.12 2.37 -17.89
N1 3D1 A 1 4.40 2.05 -17.93
C6 3D1 A 1 5.25 2.62 -17.05
N6 3D1 A 1 6.55 2.30 -17.09
C5 3D1 A 1 4.71 3.52 -16.12
N7 3D1 A 1 5.27 4.27 -15.10
C8 3D1 A 1 4.26 4.92 -14.59
C2' 3D1 A 1 1.52 5.09 -13.27
C3' 3D1 A 1 1.18 6.54 -12.94
O3' 3D1 A 1 -0.18 6.64 -12.56
H5'1 3D1 A 1 2.81 8.59 -15.25
H5'2 3D1 A 1 2.60 8.93 -13.52
H4' 3D1 A 1 0.55 7.95 -14.40
H1' 3D1 A 1 0.99 4.36 -15.22
H2 3D1 A 1 2.48 1.88 -18.62
HN61 3D1 A 1 6.88 1.64 -17.77
HN62 3D1 A 1 7.18 2.72 -16.43
H8 3D1 A 1 4.36 5.61 -13.75
H2'1 3D1 A 1 2.44 4.80 -12.77
H2'2 3D1 A 1 0.70 4.43 -12.97
H3' 3D1 A 1 1.85 6.92 -12.16
HO5' 3D1 A 1 4.33 7.25 -14.78
F GF2 A 5 -2.74 -7.62 3.51
P GF2 A 5 -3.10 -7.99 -2.16
N1 GF2 A 5 0.28 -2.25 2.61
C2 GF2 A 5 0.54 -3.33 3.44
N2 GF2 A 5 1.19 -3.06 4.57
N3 GF2 A 5 0.17 -4.57 3.15
C4 GF2 A 5 -0.48 -4.66 1.97
C5 GF2 A 5 -0.77 -3.65 1.09
C6 GF2 A 5 -0.38 -2.31 1.40
O6 GF2 A 5 -0.56 -1.30 0.73
N7 GF2 A 5 -1.46 -4.15 -0.02
C8 GF2 A 5 -1.55 -5.43 0.23
N9 GF2 A 5 -0.98 -5.81 1.42
C1' GF2 A 5 -0.88 -7.15 2.01
OP2 GF2 A 5 -3.80 -6.69 -2.16
C2' GF2 A 5 -2.23 -7.82 2.24
OP1 GF2 A 5 -3.86 -9.25 -2.34
C3' GF2 A 5 -1.92 -9.29 1.95
O3' GF2 A 5 -1.40 -9.91 3.13
C4' GF2 A 5 -0.84 -9.19 0.89
O4' GF2 A 5 -0.14 -7.98 1.11
C5' GF2 A 5 -1.40 -9.21 -0.55
O5' GF2 A 5 -2.26 -8.10 -0.79
HN1 GF2 A 5 0.59 -1.33 2.90
HN2 GF2 A 5 1.46 -2.12 4.80
HN2A GF2 A 5 1.39 -3.82 5.22
H8 GF2 A 5 -2.03 -6.13 -0.45
H1' GF2 A 5 -0.35 -7.08 2.96
H2' GF2 A 5 -2.95 -7.45 1.52
H3' GF2 A 5 -2.81 -9.80 1.59
H4' GF2 A 5 -0.16 -10.03 1.00
H5' GF2 A 5 -0.56 -9.17 -1.25
H5'A GF2 A 5 -1.95 -10.13 -0.71
F GF2 A 6 -4.77 -6.52 8.47
P GF2 A 6 -2.40 -10.45 4.28
N1 GF2 A 6 -4.03 -0.59 6.27
C2 GF2 A 6 -3.45 -1.27 7.33
N2 GF2 A 6 -2.98 -0.53 8.32
N3 GF2 A 6 -3.34 -2.61 7.38
C4 GF2 A 6 -3.87 -3.21 6.28
C5 GF2 A 6 -4.46 -2.62 5.20
C6 GF2 A 6 -4.58 -1.20 5.14
O6 GF2 A 6 -5.07 -0.51 4.26
N7 GF2 A 6 -4.88 -3.59 4.30
C8 GF2 A 6 -4.52 -4.72 4.84
N9 GF2 A 6 -3.90 -4.57 6.05
C1' GF2 A 6 -3.23 -5.59 6.88
OP2 GF2 A 6 -3.71 -10.74 3.66
C2' GF2 A 6 -4.08 -6.83 7.32
OP1 GF2 A 6 -1.70 -11.48 5.07
C3' GF2 A 6 -2.94 -7.83 7.65
O3' GF2 A 6 -2.51 -7.71 9.01
C4' GF2 A 6 -1.78 -7.41 6.75
O4' GF2 A 6 -2.19 -6.21 6.09
C5' GF2 A 6 -1.40 -8.46 5.71
O5' GF2 A 6 -2.55 -9.13 5.19
HN1 GF2 A 6 -4.07 0.40 6.30
HN2 GF2 A 6 -3.06 0.48 8.29
HN2A GF2 A 6 -2.54 -0.96 9.13
H8 GF2 A 6 -4.71 -5.69 4.38
H1' GF2 A 6 -2.77 -5.10 7.73
H2' GF2 A 6 -4.80 -7.19 6.54
H3' GF2 A 6 -3.22 -8.85 7.44
H4' GF2 A 6 -0.92 -7.19 7.36
H5' GF2 A 6 -0.87 -7.99 4.90
H5'A GF2 A 6 -0.75 -9.21 6.18
O5' 3D1 B 1 -13.49 2.60 2.89
C5' 3D1 B 1 -13.75 3.99 2.69
C4' 3D1 B 1 -13.10 4.84 3.79
O4' 3D1 B 1 -13.60 4.48 5.06
C1' 3D1 B 1 -12.61 4.80 6.04
N9 3D1 B 1 -12.59 3.70 7.03
C4 3D1 B 1 -12.20 3.81 8.34
N3 3D1 B 1 -11.93 4.96 9.00
C2 3D1 B 1 -11.58 4.71 10.25
N1 3D1 B 1 -11.47 3.53 10.86
C6 3D1 B 1 -11.75 2.41 10.18
N6 3D1 B 1 -11.63 1.22 10.79
C5 3D1 B 1 -12.13 2.55 8.83
N7 3D1 B 1 -12.47 1.62 7.86
C8 3D1 B 1 -12.74 2.35 6.81
C2' 3D1 B 1 -11.27 5.01 5.32
C3' 3D1 B 1 -11.60 4.69 3.87
O3' 3D1 B 1 -10.97 5.66 3.02
H5'1 3D1 B 1 -14.83 4.15 2.70
H5'2 3D1 B 1 -13.35 4.29 1.72
H4' 3D1 B 1 -13.34 5.89 3.61
H1' 3D1 B 1 -12.89 5.72 6.55
H2 3D1 B 1 -11.35 5.58 10.86
HN61 3D1 B 1 -11.34 1.18 11.76
HN62 3D1 B 1 -11.83 0.37 10.28
H8 3D1 B 1 -13.04 1.94 5.85
H2'1 3D1 B 1 -10.52 4.31 5.71
H2'2 3D1 B 1 -10.93 6.04 5.44
H3' 3D1 B 1 -11.29 3.68 3.62
HO5' 3D1 B 1 -14.00 2.32 3.65
F GF2 B 5 8.60 1.40 0.88
P GF2 B 5 6.85 4.51 5.75
N1 GF2 B 5 3.14 -0.89 -0.73
C2 GF2 B 5 4.31 -1.53 -0.38
N2 GF2 B 5 4.53 -2.73 -0.93
N3 GF2 B 5 5.21 -1.02 0.46
C4 GF2 B 5 4.84 0.20 0.92
C5 GF2 B 5 3.70 0.90 0.62
C6 GF2 B 5 2.75 0.35 -0.28
O6 GF2 B 5 1.69 0.84 -0.65
N7 GF2 B 5 3.70 2.12 1.30
C8 GF2 B 5 4.82 2.10 1.98
N9 GF2 B 5 5.56 0.97 1.80
C1' GF2 B 5 6.86 0.60 2.38
OP2 GF2 B 5 6.29 5.54 4.85
C2' GF2 B 5 7.99 1.59 2.10
OP1 GF2 B 5 8.03 4.81 6.59
C3' GF2 B 5 8.89 1.33 3.29
O3' GF2 B 5 9.78 0.24 2.99
C4' GF2 B 5 7.95 0.93 4.41
O4' GF2 B 5 6.70 0.56 3.81
C5' GF2 B 5 7.72 2.02 5.44
O5' GF2 B 5 7.20 3.21 4.85
HN1 GF2 B 5 2.51 -1.35 -1.38
HN2 GF2 B 5 3.85 -3.12 -1.57
HN2A GF2 B 5 5.37 -3.24 -0.72
H8 GF2 B 5 5.14 2.92 2.63
H1' GF2 B 5 7.14 -0.39 2.03
H2' GF2 B 5 7.61 2.60 2.14
H3' GF2 B 5 9.45 2.23 3.56
H4' GF2 B 5 8.35 0.04 4.92
H5' GF2 B 5 7.01 1.67 6.19
H5'A GF2 B 5 8.67 2.26 5.93
F GF2 B 6 10.70 -0.41 -4.12
P GF2 B 6 11.05 0.45 2.03
N1 GF2 B 6 4.57 -0.10 -5.81
C2 GF2 B 6 5.48 -1.15 -5.77
N2 GF2 B 6 5.23 -2.17 -6.60
N3 GF2 B 6 6.55 -1.18 -4.98
C4 GF2 B 6 6.64 -0.06 -4.21
C5 GF2 B 6 5.80 1.02 -4.18
C6 GF2 B 6 4.66 1.05 -5.03
O6 GF2 B 6 3.81 1.92 -5.13
N7 GF2 B 6 6.25 1.96 -3.26
C8 GF2 B 6 7.34 1.42 -2.76
N9 GF2 B 6 7.64 0.20 -3.28
C1' GF2 B 6 8.68 -0.77 -2.87
OP2 GF2 B 6 11.37 1.89 1.91
C2' GF2 B 6 10.16 -0.26 -2.86
OP1 GF2 B 6 12.08 -0.50 2.49
C3' GF2 B 6 10.79 -1.30 -1.89
O3' GF2 B 6 11.24 -2.46 -2.58
C4' GF2 B 6 9.64 -1.72 -0.97
O4' GF2 B 6 8.47 -1.08 -1.48
C5' GF2 B 6 9.87 -1.33 0.49
O5' GF2 B 6 10.49 -0.05 0.61
HN1 GF2 B 6 3.79 -0.15 -6.44
HN2 GF2 B 6 4.41 -2.15 -7.20
HN2A GF2 B 6 5.85 -2.96 -6.62
H8 GF2 B 6 7.95 1.92 -2.00
H1' GF2 B 6 8.57 -1.68 -3.44
H2' GF2 B 6 10.27 0.81 -2.53
H3' GF2 B 6 11.60 -0.88 -1.31
H4' GF2 B 6 9.51 -2.79 -1.04
H5' GF2 B 6 8.91 -1.31 1.00
H5'A GF2 B 6 10.50 -2.08 0.97
C14 A1LVV C . 1.57 1.65 13.25
C11 A1LVV C . -0.53 -0.52 11.68
C7 A1LVV C . -5.33 2.55 10.35
C9 A1LVV C . -2.37 1.25 11.12
C10 A1LVV C . -2.02 -0.15 11.64
C12 A1LVV C . -0.19 -1.10 13.04
C13 A1LVV C . 0.38 0.69 11.40
C3 A1LVV C . -5.37 0.30 9.29
C15 A1LVV C . 1.43 1.21 14.68
C17 A1LVV C . 0.85 2.56 9.79
C20 A1LVV C . -6.98 -2.15 6.15
C24 A1LVV C . -7.81 -4.54 3.22
C26 A1LVV C . -8.13 -7.96 2.61
C28 A1LVV C . -6.04 -5.49 -1.09
C16 A1LVV C . -0.09 1.43 10.16
C18 A1LVV C . -6.09 0.13 6.96
C23 A1LVV C . -8.93 -3.17 4.52
C25 A1LVV C . -7.68 -5.71 2.25
C27 A1LVV C . -7.23 -5.44 -0.13
C29 A1LVV C . -6.48 -6.09 -2.43
O10 A1LVV C . -7.02 -1.59 4.89
O21 A1LVV C . -7.47 -4.96 4.54
O22 A1LVV C . -7.39 -2.80 1.57
C1 A1LVV C . -4.32 -2.43 10.72
O1 A1LVV C . -5.50 -1.63 10.75
O2 A1LVV C . -5.51 2.86 6.70
O3 A1LVV C . -5.67 4.47 8.95
O4 A1LVV C . -3.39 1.11 10.13
O5 A1LVV C . -0.29 -1.50 10.67
O7 A1LVV C . 2.60 2.04 12.70
O8 A1LVV C . -1.42 1.94 10.30
O9 A1LVV C . -6.33 0.59 5.70
O11 A1LVV C . -8.36 -1.13 3.20
O12 A1LVV C . -9.18 -4.05 3.41
O13 A1LVV C . -7.29 -6.87 2.98
O14 A1LVV C . -6.73 -5.58 1.22
O15 A1LVV C . -6.21 -7.50 -2.42
O16 A1LVV C . -8.31 -4.46 -2.56
O17 A1LVV C . -8.54 -1.58 -2.47
O18 A1LVV C . -9.26 -0.82 -5.95
C19 A1LVV C . -6.41 -1.31 7.16
O19 A1LVV C . -7.42 -3.38 -4.21
O20 A1LVV C . -8.03 -6.61 -0.24
C21 A1LVV C . -7.84 -2.22 3.92
C22 A1LVV C . -9.37 -0.36 3.87
O29 A1LVV C . 0.41 1.55 12.54
C30 A1LVV C . -5.73 -5.45 -3.58
C31 A1LVV C . -8.01 -5.86 -2.58
C32 A1LVV C . -8.66 -4.03 -3.88
C33 A1LVV C . -9.85 -3.07 -3.86
C34 A1LVV C . -9.32 -1.64 -3.67
C35 A1LVV C . -10.48 -0.66 -3.57
C36 A1LVV C . -8.43 -1.27 -4.89
C37 A1LVV C . -7.60 -2.49 -5.31
C38 A1LVV C . -8.22 -3.21 -6.49
C39 A1LVV C . -8.79 -6.57 -1.46
C40 A1LVV C . -10.15 -5.94 -1.23
C41 A1LVV C . -8.24 -4.17 5.49
C42 A1LVV C . -7.38 -3.44 6.45
C43 A1LVV C . -7.18 -3.97 7.75
C44 A1LVV C . -7.55 -5.37 8.04
C45 A1LVV C . -6.60 -3.18 8.74
C46 A1LVV C . -6.22 -1.85 8.45
C47 A1LVV C . -7.06 -3.18 2.89
C48 A1LVV C . -5.55 -3.40 2.94
C49 A1LVV C . -4.78 1.13 10.39
C55 A1LVV C . -5.63 0.90 8.01
C56 A1LVV C . -5.68 -1.04 9.50
C57 A1LVV C . -5.01 3.21 9.02
C58 A1LVV C . -5.40 2.34 7.83
H7 A1LVV C . -4.87 3.16 11.16
H6 A1LVV C . -6.44 2.52 10.50
H9 A1LVV C . -2.70 1.94 11.95
H11 A1LVV C . -2.45 -0.27 12.66
H10 A1LVV C . -2.52 -0.89 10.97
H13 A1LVV C . 0.91 -1.04 13.22
H14 A1LVV C . -0.51 -2.17 13.10
H12 A1LVV C . -0.71 -0.53 13.85
H16 A1LVV C . 1.43 0.30 11.20
H18 A1LVV C . 1.98 1.92 15.34
H19 A1LVV C . 1.85 0.18 14.78
H17 A1LVV C . 0.34 1.21 14.94
H87 A1LVV C . 1.90 2.18 9.77
H88 A1LVV C . 0.76 3.39 10.53
H89 A1LVV C . 0.58 2.95 8.77
H30 A1LVV C . -7.84 -8.86 3.19
H31 A1LVV C . -8.01 -8.16 1.51
H32 A1LVV C . -9.20 -7.69 2.83
H34 A1LVV C . -5.24 -6.13 -0.63
H35 A1LVV C . -5.63 -4.47 -1.25
H20 A1LVV C . -0.19 0.68 9.31
H28 A1LVV C . -9.88 -2.72 4.83
H29 A1LVV C . -8.65 -5.83 1.70
H33 A1LVV C . -7.85 -4.51 -0.26
H63 A1LVV C . -6.59 -2.45 1.12
H3 A1LVV C . -3.76 -2.31 11.67
H98 A1LVV C . -3.68 -2.12 9.85
H2 A1LVV C . -4.62 -3.51 10.59
H5 A1LVV C . -5.02 5.16 8.78
H15 A1LVV C . -0.94 -1.40 9.96
H24 A1LVV C . -6.63 1.51 5.74
H39 A1LVV C . -5.25 -7.65 -2.37
H47 A1LVV C . -7.99 -2.38 -2.41
H49 A1LVV C . -9.08 0.12 -6.13
H27 A1LVV C . -9.10 0.72 3.82
H25 A1LVV C . -9.45 -0.69 4.93
H26 A1LVV C . -10.35 -0.53 3.34
H38 A1LVV C . -4.84 -6.09 -3.85
H36 A1LVV C . -5.37 -4.43 -3.29
H37 A1LVV C . -6.40 -5.37 -4.46
H40 A1LVV C . -8.33 -6.31 -3.57
H41 A1LVV C . -8.87 -4.88 -4.60
H42 A1LVV C . -10.53 -3.32 -3.01
H43 A1LVV C . -10.39 -3.15 -4.83
H45 A1LVV C . -10.98 -0.79 -2.57
H46 A1LVV C . -11.22 -0.87 -4.38
H44 A1LVV C . -10.09 0.38 -3.66
H48 A1LVV C . -7.72 -0.44 -4.59
H50 A1LVV C . -6.54 -2.15 -5.56
H52 A1LVV C . -9.22 -3.62 -6.20
H53 A1LVV C . -7.56 -4.05 -6.81
H51 A1LVV C . -8.36 -2.50 -7.35
H54 A1LVV C . -8.93 -7.66 -1.75
H56 A1LVV C . -10.04 -4.83 -1.03
H57 A1LVV C . -10.66 -6.41 -0.36
H55 A1LVV C . -10.80 -6.07 -2.14
H58 A1LVV C . -8.98 -4.87 5.96
H59 A1LVV C . -7.13 -5.68 9.04
H60 A1LVV C . -7.13 -6.05 7.26
H61 A1LVV C . -8.66 -5.50 8.07
H62 A1LVV C . -6.47 -3.59 9.75
H1 A1LVV C . -5.06 -2.51 2.43
H64 A1LVV C . -5.30 -4.33 2.34
H66 A1LVV C . -4.99 0.65 11.40
H4 A1LVV C . -3.89 3.38 8.95
C14 A1LVV D . 4.57 -8.91 -8.58
C11 A1LVV D . 6.17 -6.13 -7.43
C7 A1LVV D . 4.47 -1.70 -10.86
C9 A1LVV D . 5.01 -4.45 -9.07
C10 A1LVV D . 6.29 -4.94 -8.40
C12 A1LVV D . 7.22 -7.18 -7.78
C13 A1LVV D . 4.77 -6.78 -7.48
C3 A1LVV D . 5.77 -0.88 -8.92
C15 A1LVV D . 5.68 -9.60 -9.30
C17 A1LVV D . 2.30 -6.33 -7.34
C20 A1LVV D . 6.66 2.43 -6.34
C24 A1LVV D . 7.37 5.02 -3.54
C26 A1LVV D . 9.93 5.87 -1.33
C28 A1LVV D . 5.43 6.23 0.63
C16 A1LVV D . 3.69 -5.71 -7.39
C18 A1LVV D . 4.95 1.09 -7.72
C23 A1LVV D . 7.25 5.03 -5.73
C25 A1LVV D . 7.79 5.56 -2.18
C27 A1LVV D . 6.23 6.59 -0.63
C29 A1LVV D . 5.39 7.43 1.59
O10 A1LVV D . 5.58 3.18 -5.89
O21 A1LVV D . 8.27 3.99 -3.96
O22 A1LVV D . 5.00 5.53 -3.30
C1 A1LVV D . 8.38 -2.39 -7.66
O1 A1LVV D . 8.10 -1.52 -8.77
O2 A1LVV D . 2.44 0.58 -8.84
O3 A1LVV D . 2.32 -0.74 -11.28
O4 A1LVV D . 4.95 -3.04 -8.88
O5 A1LVV D . 6.38 -5.65 -6.12
O7 A1LVV D . 3.67 -9.43 -7.93
O8 A1LVV D . 3.76 -4.77 -8.46
O9 A1LVV D . 4.02 1.99 -7.31
O11 A1LVV D . 4.77 5.21 -5.80
O12 A1LVV D . 7.49 5.97 -4.64
O13 A1LVV D . 8.97 4.90 -1.76
O14 A1LVV D . 6.87 5.42 -1.12
O15 A1LVV D . 6.45 7.30 2.53
O16 A1LVV D . 4.56 8.87 -0.22
O17 A1LVV D . 2.38 8.78 -2.08
O18 A1LVV D . 0.13 11.29 -0.73
C19 A1LVV D . 6.31 1.32 -7.17
O19 A1LVV D . 2.60 9.06 0.67
O20 A1LVV D . 7.37 7.40 -0.28
C21 A1LVV D . 5.85 4.45 -5.34
C22 A1LVV D . 4.79 5.59 -7.19
O29 A1LVV D . 4.63 -7.53 -8.69
C30 A1LVV D . 4.06 7.47 2.34
C31 A1LVV D . 5.59 8.73 0.77
C32 A1LVV D . 3.64 9.90 0.20
C33 A1LVV D . 3.22 10.77 -0.99
C34 A1LVV D . 2.03 10.11 -1.69
C35 A1LVV D . 1.64 10.92 -2.92
C36 A1LVV D . 0.83 10.05 -0.69
C37 A1LVV D . 1.37 9.77 0.73
C38 A1LVV D . 1.53 11.05 1.53
C39 A1LVV D . 6.96 8.73 0.06
C40 A1LVV D . 6.98 9.63 -1.16
C41 A1LVV D . 8.34 3.98 -5.40
C42 A1LVV D . 7.99 2.67 -5.99
C43 A1LVV D . 8.99 1.77 -6.39
C44 A1LVV D . 10.39 1.99 -5.95
C45 A1LVV D . 8.68 0.68 -7.18
C46 A1LVV D . 7.35 0.44 -7.58
C47 A1LVV D . 5.88 4.52 -3.74
C48 A1LVV D . 5.62 3.29 -2.86
C49 A1LVV D . 5.47 -2.07 -9.79
C55 A1LVV D . 4.72 0.03 -8.59
C56 A1LVV D . 7.05 -0.67 -8.43
C57 A1LVV D . 3.16 -1.22 -10.24
C58 A1LVV D . 3.40 -0.14 -9.20
H7 A1LVV D . 4.26 -2.60 -11.50
H6 A1LVV D . 4.90 -0.90 -11.52
H9 A1LVV D . 4.96 -4.73 -10.16
H11 A1LVV D . 7.03 -5.21 -9.20
H10 A1LVV D . 6.72 -4.09 -7.82
H13 A1LVV D . 6.92 -8.17 -7.35
H14 A1LVV D . 8.20 -6.88 -7.35
H12 A1LVV D . 7.31 -7.28 -8.89
H16 A1LVV D . 4.66 -7.48 -6.60
H18 A1LVV D . 5.26 -10.49 -9.86
H19 A1LVV D . 6.45 -9.94 -8.56
H17 A1LVV D . 6.15 -8.89 -10.03
H87 A1LVV D . 2.28 -7.14 -6.57
H88 A1LVV D . 2.04 -6.75 -8.34
H89 A1LVV D . 1.55 -5.53 -7.06
H30 A1LVV D . 10.87 5.34 -1.02
H31 A1LVV D . 9.51 6.43 -0.46
H32 A1LVV D . 10.15 6.57 -2.17
H34 A1LVV D . 5.93 5.36 1.13
H35 A1LVV D . 4.40 5.93 0.34
H20 A1LVV D . 3.89 -5.09 -6.48
H28 A1LVV D . 7.34 5.59 -6.68
H29 A1LVV D . 7.91 6.68 -2.28
H33 A1LVV D . 5.61 7.12 -1.40
H63 A1LVV D . 4.27 5.13 -2.82
H3 A1LVV D . 7.49 -2.41 -6.99
H98 A1LVV D . 8.59 -3.42 -8.05
H2 A1LVV D . 9.26 -1.99 -7.11
H5 A1LVV D . 1.47 -1.21 -11.24
H15 A1LVV D . 6.14 -4.72 -6.06
H24 A1LVV D . 3.38 2.14 -8.03
H39 A1LVV D . 6.34 6.48 3.05
H47 A1LVV D . 2.88 8.35 -1.37
H49 A1LVV D . -0.77 11.14 -1.08
H27 A1LVV D . 4.92 4.67 -7.81
H25 A1LVV D . 3.81 6.08 -7.45
H26 A1LVV D . 5.63 6.29 -7.37
H38 A1LVV D . 4.17 6.94 3.31
H36 A1LVV D . 3.28 6.95 1.73
H37 A1LVV D . 3.77 8.53 2.51
H40 A1LVV D . 5.56 9.60 1.48
H41 A1LVV D . 4.05 10.55 1.02
H42 A1LVV D . 4.07 10.86 -1.72
H43 A1LVV D . 2.94 11.78 -0.61
H45 A1LVV D . 2.38 10.73 -3.73
H46 A1LVV D . 1.62 12.01 -2.66
H44 A1LVV D . 0.62 10.59 -3.26
H48 A1LVV D . 0.14 9.21 -0.99
H50 A1LVV D . 0.66 9.05 1.25
H52 A1LVV D . 2.32 11.69 1.05
H53 A1LVV D . 1.83 10.81 2.58
H51 A1LVV D . 0.56 11.61 1.55
H54 A1LVV D . 7.75 9.08 0.80
H56 A1LVV D . 6.16 9.34 -1.87
H57 A1LVV D . 7.95 9.56 -1.70
H55 A1LVV D . 6.82 10.70 -0.86
H58 A1LVV D . 9.37 4.34 -5.67
H59 A1LVV D . 11.02 1.09 -6.18
H60 A1LVV D . 10.42 2.16 -4.84
H61 A1LVV D . 10.84 2.88 -6.47
H62 A1LVV D . 9.48 -0.01 -7.50
H1 A1LVV D . 4.51 3.12 -2.81
H64 A1LVV D . 6.01 3.50 -1.82
H66 A1LVV D . 6.43 -2.47 -10.24
H4 A1LVV D . 2.66 -2.09 -9.73
O5' 3D1 A 1 3.80 7.49 -13.69
C5' 3D1 A 1 2.66 8.30 -13.96
C4' 3D1 A 1 1.37 7.47 -13.97
O4' 3D1 A 1 1.42 6.56 -15.07
C1' 3D1 A 1 1.66 5.24 -14.59
N9 3D1 A 1 3.02 4.84 -15.02
C4 3D1 A 1 3.32 3.97 -16.03
N3 3D1 A 1 2.44 3.45 -16.92
C2 3D1 A 1 3.07 2.64 -17.75
N1 3D1 A 1 4.36 2.31 -17.80
C6 3D1 A 1 5.21 2.85 -16.90
N6 3D1 A 1 6.49 2.53 -16.95
C5 3D1 A 1 4.66 3.73 -15.97
N7 3D1 A 1 5.23 4.45 -14.91
C8 3D1 A 1 4.22 5.09 -14.39
C2' 3D1 A 1 1.47 5.22 -13.07
C3' 3D1 A 1 1.15 6.67 -12.70
O3' 3D1 A 1 -0.22 6.77 -12.32
H5'1 3D1 A 1 2.79 8.78 -14.94
H5'2 3D1 A 1 2.58 9.07 -13.20
H4' 3D1 A 1 0.53 8.14 -14.12
H1' 3D1 A 1 0.94 4.55 -15.05
H2 3D1 A 1 2.44 2.16 -18.50
HN61 3D1 A 1 6.84 1.88 -17.66
HN62 3D1 A 1 7.14 2.92 -16.28
H8 3D1 A 1 4.32 5.76 -13.53
H2'1 3D1 A 1 2.39 4.91 -12.57
H2'2 3D1 A 1 0.65 4.57 -12.80
H3' 3D1 A 1 1.81 7.02 -11.91
HO5' 3D1 A 1 4.50 7.77 -14.28
F GF2 A 5 -2.77 -7.65 3.52
P GF2 A 5 -3.09 -8.02 -2.14
N1 GF2 A 5 0.28 -2.29 2.59
C2 GF2 A 5 0.55 -3.37 3.41
N2 GF2 A 5 1.21 -3.10 4.54
N3 GF2 A 5 0.17 -4.62 3.14
C4 GF2 A 5 -0.49 -4.71 1.96
C5 GF2 A 5 -0.80 -3.70 1.08
C6 GF2 A 5 -0.39 -2.37 1.38
O6 GF2 A 5 -0.57 -1.35 0.70
N7 GF2 A 5 -1.50 -4.20 0.00
C8 GF2 A 5 -1.59 -5.49 0.25
N9 GF2 A 5 -1.00 -5.86 1.42
C1' GF2 A 5 -0.90 -7.20 2.03
OP2 GF2 A 5 -3.81 -6.72 -2.14
C2' GF2 A 5 -2.25 -7.88 2.27
OP1 GF2 A 5 -3.84 -9.27 -2.35
C3' GF2 A 5 -1.94 -9.33 1.97
O3' GF2 A 5 -1.42 -9.95 3.15
C4' GF2 A 5 -0.86 -9.24 0.90
O4' GF2 A 5 -0.15 -8.02 1.14
C5' GF2 A 5 -1.41 -9.26 -0.52
O5' GF2 A 5 -2.28 -8.14 -0.77
HN1 GF2 A 5 0.61 -1.37 2.86
HN2 GF2 A 5 1.50 -2.15 4.75
HN2A GF2 A 5 1.42 -3.85 5.18
H8 GF2 A 5 -2.09 -6.19 -0.42
H1' GF2 A 5 -0.37 -7.12 2.98
H2' GF2 A 5 -2.97 -7.50 1.53
H3' GF2 A 5 -2.82 -9.85 1.60
H4' GF2 A 5 -0.18 -10.08 1.03
H5' GF2 A 5 -0.58 -9.21 -1.22
H5'A GF2 A 5 -1.97 -10.17 -0.68
F GF2 A 6 -4.79 -6.53 8.48
P GF2 A 6 -2.42 -10.48 4.30
N1 GF2 A 6 -4.04 -0.62 6.24
C2 GF2 A 6 -3.46 -1.29 7.29
N2 GF2 A 6 -2.98 -0.54 8.29
N3 GF2 A 6 -3.35 -2.63 7.36
C4 GF2 A 6 -3.88 -3.23 6.27
C5 GF2 A 6 -4.48 -2.65 5.18
C6 GF2 A 6 -4.59 -1.23 5.12
O6 GF2 A 6 -5.09 -0.55 4.23
N7 GF2 A 6 -4.89 -3.62 4.28
C8 GF2 A 6 -4.54 -4.75 4.83
N9 GF2 A 6 -3.91 -4.60 6.04
C1' GF2 A 6 -3.24 -5.62 6.88
OP2 GF2 A 6 -3.74 -10.79 3.69
C2' GF2 A 6 -4.10 -6.84 7.32
OP1 GF2 A 6 -1.72 -11.51 5.10
C3' GF2 A 6 -2.95 -7.84 7.66
O3' GF2 A 6 -2.52 -7.72 9.02
C4' GF2 A 6 -1.81 -7.43 6.75
O4' GF2 A 6 -2.22 -6.23 6.09
C5' GF2 A 6 -1.42 -8.50 5.72
O5' GF2 A 6 -2.58 -9.16 5.20
HN1 GF2 A 6 -4.08 0.38 6.27
HN2 GF2 A 6 -3.07 0.47 8.24
HN2A GF2 A 6 -2.55 -0.96 9.08
H8 GF2 A 6 -4.73 -5.72 4.38
H1' GF2 A 6 -2.78 -5.11 7.73
H2' GF2 A 6 -4.82 -7.21 6.55
H3' GF2 A 6 -3.24 -8.87 7.45
H4' GF2 A 6 -0.93 -7.21 7.36
H5' GF2 A 6 -0.89 -8.03 4.91
H5'A GF2 A 6 -0.78 -9.24 6.20
O5' 3D1 B 1 -13.37 2.44 2.83
C5' 3D1 B 1 -13.68 3.82 2.59
C4' 3D1 B 1 -13.07 4.71 3.68
O4' 3D1 B 1 -13.58 4.36 4.96
C1' 3D1 B 1 -12.61 4.73 5.95
N9 3D1 B 1 -12.58 3.66 6.97
C4 3D1 B 1 -12.22 3.83 8.28
N3 3D1 B 1 -12.00 5.00 8.91
C2 3D1 B 1 -11.66 4.78 10.17
N1 3D1 B 1 -11.53 3.64 10.82
C6 3D1 B 1 -11.76 2.49 10.17
N6 3D1 B 1 -11.62 1.33 10.82
C5 3D1 B 1 -12.12 2.57 8.81
N7 3D1 B 1 -12.42 1.61 7.86
C8 3D1 B 1 -12.68 2.31 6.78
C2' 3D1 B 1 -11.27 4.96 5.25
C3' 3D1 B 1 -11.56 4.60 3.79
O3' 3D1 B 1 -10.94 5.57 2.94
H5'1 3D1 B 1 -14.77 3.95 2.59
H5'2 3D1 B 1 -13.28 4.12 1.63
H4' 3D1 B 1 -13.34 5.74 3.48
H1' 3D1 B 1 -12.92 5.66 6.43
H2 3D1 B 1 -11.47 5.68 10.76
HN61 3D1 B 1 -11.35 1.32 11.79
HN62 3D1 B 1 -11.78 0.46 10.33
H8 3D1 B 1 -12.95 1.85 5.83
H2'1 3D1 B 1 -10.51 4.28 5.66
H2'2 3D1 B 1 -10.95 5.99 5.34
H3' 3D1 B 1 -11.22 3.60 3.56
HO5' 3D1 B 1 -13.55 2.26 3.74
F GF2 B 5 8.65 1.42 0.89
P GF2 B 5 6.87 4.49 5.75
N1 GF2 B 5 3.16 -0.88 -0.68
C2 GF2 B 5 4.33 -1.53 -0.34
N2 GF2 B 5 4.52 -2.73 -0.89
N3 GF2 B 5 5.24 -1.02 0.49
C4 GF2 B 5 4.89 0.20 0.95
C5 GF2 B 5 3.75 0.92 0.66
C6 GF2 B 5 2.78 0.38 -0.23
O6 GF2 B 5 1.72 0.87 -0.59
N7 GF2 B 5 3.77 2.14 1.33
C8 GF2 B 5 4.89 2.12 1.99
N9 GF2 B 5 5.62 0.98 1.81
C1' GF2 B 5 6.92 0.61 2.39
OP2 GF2 B 5 6.31 5.53 4.85
C2' GF2 B 5 8.05 1.59 2.12
OP1 GF2 B 5 8.03 4.81 6.61
C3' GF2 B 5 8.96 1.32 3.30
O3' GF2 B 5 9.84 0.24 2.99
C4' GF2 B 5 8.02 0.91 4.42
O4' GF2 B 5 6.77 0.55 3.82
C5' GF2 B 5 7.77 2.02 5.44
O5' GF2 B 5 7.24 3.20 4.85
HN1 GF2 B 5 2.52 -1.34 -1.32
HN2 GF2 B 5 3.84 -3.12 -1.51
HN2A GF2 B 5 5.36 -3.24 -0.67
H8 GF2 B 5 5.21 2.94 2.63
H1' GF2 B 5 7.20 -0.39 2.03
H2' GF2 B 5 7.66 2.61 2.17
H3' GF2 B 5 9.51 2.22 3.57
H4' GF2 B 5 8.42 0.04 4.92
H5' GF2 B 5 7.07 1.66 6.19
H5'A GF2 B 5 8.72 2.27 5.93
F GF2 B 6 10.71 -0.40 -4.13
P GF2 B 6 11.10 0.46 2.02
N1 GF2 B 6 4.57 -0.06 -5.77
C2 GF2 B 6 5.47 -1.11 -5.74
N2 GF2 B 6 5.21 -2.13 -6.56
N3 GF2 B 6 6.54 -1.14 -4.95
C4 GF2 B 6 6.66 -0.02 -4.19
C5 GF2 B 6 5.82 1.05 -4.15
C6 GF2 B 6 4.67 1.09 -4.99
O6 GF2 B 6 3.82 1.97 -5.08
N7 GF2 B 6 6.28 1.99 -3.23
C8 GF2 B 6 7.37 1.46 -2.74
N9 GF2 B 6 7.66 0.22 -3.27
C1' GF2 B 6 8.69 -0.75 -2.85
OP2 GF2 B 6 11.44 1.90 1.90
C2' GF2 B 6 10.18 -0.25 -2.86
OP1 GF2 B 6 12.13 -0.50 2.47
C3' GF2 B 6 10.81 -1.29 -1.89
O3' GF2 B 6 11.25 -2.46 -2.60
C4' GF2 B 6 9.67 -1.70 -0.97
O4' GF2 B 6 8.48 -1.06 -1.47
C5' GF2 B 6 9.90 -1.32 0.49
O5' GF2 B 6 10.54 -0.04 0.60
HN1 GF2 B 6 3.79 -0.10 -6.39
HN2 GF2 B 6 4.39 -2.10 -7.16
HN2A GF2 B 6 5.83 -2.93 -6.59
H8 GF2 B 6 7.99 1.94 -1.99
H1' GF2 B 6 8.58 -1.65 -3.44
H2' GF2 B 6 10.31 0.82 -2.53
H3' GF2 B 6 11.63 -0.88 -1.32
H4' GF2 B 6 9.53 -2.78 -1.03
H5' GF2 B 6 8.95 -1.29 1.01
H5'A GF2 B 6 10.53 -2.08 0.95
C14 A1LVV C . 1.58 1.66 13.20
C11 A1LVV C . -0.53 -0.51 11.64
C7 A1LVV C . -5.34 2.56 10.29
C9 A1LVV C . -2.38 1.25 11.07
C10 A1LVV C . -2.02 -0.15 11.60
C12 A1LVV C . -0.19 -1.08 13.01
C13 A1LVV C . 0.38 0.69 11.34
C3 A1LVV C . -5.39 0.30 9.25
C15 A1LVV C . 1.43 1.24 14.62
C17 A1LVV C . 0.85 2.55 9.73
C20 A1LVV C . -6.99 -2.17 6.13
C24 A1LVV C . -7.83 -4.57 3.21
C26 A1LVV C . -8.15 -8.00 2.63
C28 A1LVV C . -6.07 -5.57 -1.09
C16 A1LVV C . -0.10 1.42 10.11
C18 A1LVV C . -6.10 0.11 6.92
C23 A1LVV C . -8.94 -3.20 4.51
C25 A1LVV C . -7.70 -5.76 2.25
C27 A1LVV C . -7.25 -5.50 -0.13
C29 A1LVV C . -6.50 -6.18 -2.42
O10 A1LVV C . -7.03 -1.63 4.86
O21 A1LVV C . -7.49 -4.99 4.54
O22 A1LVV C . -7.40 -2.85 1.56
C1 A1LVV C . -4.33 -2.43 10.69
O1 A1LVV C . -5.50 -1.61 10.72
O2 A1LVV C . -5.52 2.84 6.64
O3 A1LVV C . -5.66 4.46 8.89
O4 A1LVV C . -3.39 1.10 10.09
O5 A1LVV C . -0.29 -1.50 10.64
O7 A1LVV C . 2.60 2.05 12.64
O8 A1LVV C . -1.42 1.94 10.25
O9 A1LVV C . -6.35 0.57 5.66
O11 A1LVV C . -8.37 -1.17 3.18
O12 A1LVV C . -9.20 -4.09 3.40
O13 A1LVV C . -7.31 -6.91 2.99
O14 A1LVV C . -6.76 -5.63 1.21
O15 A1LVV C . -6.24 -7.58 -2.41
O16 A1LVV C . -8.34 -4.54 -2.57
O17 A1LVV C . -8.57 -1.66 -2.49
O18 A1LVV C . -9.29 -0.91 -5.98
C19 A1LVV C . -6.42 -1.32 7.13
O19 A1LVV C . -7.44 -3.47 -4.23
O20 A1LVV C . -8.06 -6.67 -0.24
C21 A1LVV C . -7.85 -2.26 3.89
C22 A1LVV C . -9.38 -0.39 3.83
O29 A1LVV C . 0.40 1.56 12.48
C30 A1LVV C . -5.75 -5.54 -3.58
C31 A1LVV C . -8.03 -5.94 -2.58
C32 A1LVV C . -8.68 -4.11 -3.89
C33 A1LVV C . -9.87 -3.15 -3.87
C34 A1LVV C . -9.34 -1.72 -3.70
C35 A1LVV C . -10.50 -0.74 -3.59
C36 A1LVV C . -8.46 -1.36 -4.91
C37 A1LVV C . -7.62 -2.58 -5.33
C38 A1LVV C . -8.25 -3.31 -6.51
C39 A1LVV C . -8.81 -6.64 -1.45
C40 A1LVV C . -10.17 -6.00 -1.23
C41 A1LVV C . -8.26 -4.19 5.48
C42 A1LVV C . -7.40 -3.46 6.44
C43 A1LVV C . -7.19 -3.98 7.74
C44 A1LVV C . -7.56 -5.37 8.04
C45 A1LVV C . -6.62 -3.18 8.72
C46 A1LVV C . -6.24 -1.86 8.42
C47 A1LVV C . -7.08 -3.22 2.88
C48 A1LVV C . -5.57 -3.45 2.92
C49 A1LVV C . -4.78 1.14 10.35
C55 A1LVV C . -5.63 0.90 7.98
C56 A1LVV C . -5.68 -1.04 9.47
C57 A1LVV C . -5.00 3.21 8.96
C58 A1LVV C . -5.41 2.33 7.79
H7 A1LVV C . -4.87 3.16 11.11
H6 A1LVV C . -6.44 2.53 10.45
H9 A1LVV C . -2.70 1.94 11.90
H11 A1LVV C . -2.46 -0.25 12.62
H10 A1LVV C . -2.53 -0.88 10.93
H13 A1LVV C . 0.91 -1.04 13.19
H14 A1LVV C . -0.51 -2.16 13.07
H12 A1LVV C . -0.71 -0.51 13.81
H16 A1LVV C . 1.43 0.30 11.15
H18 A1LVV C . 1.98 1.94 15.28
H19 A1LVV C . 1.85 0.20 14.74
H17 A1LVV C . 0.34 1.23 14.89
H87 A1LVV C . 1.90 2.16 9.71
H88 A1LVV C . 0.76 3.38 10.47
H89 A1LVV C . 0.58 2.93 8.71
H30 A1LVV C . -7.86 -8.90 3.22
H31 A1LVV C . -8.03 -8.21 1.53
H32 A1LVV C . -9.22 -7.73 2.84
H34 A1LVV C . -5.26 -6.19 -0.63
H35 A1LVV C . -5.66 -4.54 -1.26
H20 A1LVV C . -0.19 0.68 9.27
H28 A1LVV C . -9.89 -2.75 4.82
H29 A1LVV C . -8.67 -5.88 1.70
H33 A1LVV C . -7.87 -4.58 -0.27
H63 A1LVV C . -6.61 -2.51 1.11
H3 A1LVV C . -3.76 -2.30 11.65
H98 A1LVV C . -3.69 -2.12 9.83
H2 A1LVV C . -4.63 -3.50 10.58
H5 A1LVV C . -5.01 5.16 8.71
H15 A1LVV C . -0.95 -1.40 9.92
H24 A1LVV C . -6.63 1.49 5.69
H39 A1LVV C . -5.28 -7.72 -2.36
H47 A1LVV C . -8.01 -2.46 -2.42
H49 A1LVV C . -9.11 0.03 -6.16
H27 A1LVV C . -9.11 0.69 3.78
H25 A1LVV C . -9.45 -0.71 4.91
H26 A1LVV C . -10.37 -0.57 3.32
H38 A1LVV C . -4.87 -6.17 -3.84
H36 A1LVV C . -5.40 -4.52 -3.29
H37 A1LVV C . -6.43 -5.46 -4.46
H40 A1LVV C . -8.35 -6.39 -3.56
H41 A1LVV C . -8.90 -4.97 -4.60
H42 A1LVV C . -10.55 -3.40 -3.02
H43 A1LVV C . -10.42 -3.23 -4.84
H45 A1LVV C . -11.01 -0.86 -2.59
H46 A1LVV C . -11.24 -0.95 -4.41
H44 A1LVV C . -10.12 0.30 -3.69
H48 A1LVV C . -7.75 -0.52 -4.62
H50 A1LVV C . -6.57 -2.25 -5.58
H52 A1LVV C . -9.25 -3.72 -6.20
H53 A1LVV C . -7.59 -4.16 -6.83
H51 A1LVV C . -8.39 -2.60 -7.37
H54 A1LVV C . -8.96 -7.73 -1.73
H56 A1LVV C . -10.06 -4.91 -1.03
H57 A1LVV C . -10.68 -6.47 -0.34
H55 A1LVV C . -10.82 -6.14 -2.12
H58 A1LVV C . -8.99 -4.89 5.96
H59 A1LVV C . -7.15 -5.68 9.04
H60 A1LVV C . -7.14 -6.07 7.27
H61 A1LVV C . -8.68 -5.50 8.07
H62 A1LVV C . -6.48 -3.59 9.74
H1 A1LVV C . -5.08 -2.56 2.42
H64 A1LVV C . -5.32 -4.38 2.33
H66 A1LVV C . -4.99 0.67 11.35
H4 A1LVV C . -3.89 3.36 8.89
C14 A1LVV D . 4.50 -8.87 -8.55
C11 A1LVV D . 6.11 -6.10 -7.41
C7 A1LVV D . 4.42 -1.65 -10.82
C9 A1LVV D . 4.95 -4.40 -9.04
C10 A1LVV D . 6.25 -4.91 -8.37
C12 A1LVV D . 7.16 -7.15 -7.75
C13 A1LVV D . 4.71 -6.74 -7.45
C3 A1LVV D . 5.73 -0.84 -8.88
C15 A1LVV D . 5.60 -9.56 -9.28
C17 A1LVV D . 2.26 -6.27 -7.28
C20 A1LVV D . 6.67 2.46 -6.32
C24 A1LVV D . 7.41 5.05 -3.52
C26 A1LVV D . 9.99 5.88 -1.33
C28 A1LVV D . 5.52 6.28 0.66
C16 A1LVV D . 3.64 -5.67 -7.35
C18 A1LVV D . 4.94 1.13 -7.69
C23 A1LVV D . 7.28 5.07 -5.71
C25 A1LVV D . 7.85 5.59 -2.16
C27 A1LVV D . 6.30 6.63 -0.60
C29 A1LVV D . 5.47 7.46 1.63
O10 A1LVV D . 5.60 3.21 -5.86
O21 A1LVV D . 8.31 4.01 -3.94
O22 A1LVV D . 5.05 5.58 -3.26
C1 A1LVV D . 8.35 -2.36 -7.65
O1 A1LVV D . 8.07 -1.50 -8.75
O2 A1LVV D . 2.42 0.64 -8.79
O3 A1LVV D . 2.27 -0.68 -11.22
O4 A1LVV D . 4.90 -3.00 -8.85
O5 A1LVV D . 6.34 -5.62 -6.08
O7 A1LVV D . 3.60 -9.38 -7.89
O8 A1LVV D . 3.72 -4.72 -8.41
O9 A1LVV D . 4.02 2.04 -7.27
O11 A1LVV D . 4.78 5.26 -5.76
O12 A1LVV D . 7.53 5.99 -4.63
O13 A1LVV D . 9.02 4.92 -1.75
O14 A1LVV D . 6.93 5.45 -1.09
O15 A1LVV D . 6.55 7.33 2.56
O16 A1LVV D . 4.65 8.92 -0.18
O17 A1LVV D . 2.45 8.83 -2.02
O18 A1LVV D . 0.23 11.35 -0.65
C19 A1LVV D . 6.31 1.36 -7.15
O19 A1LVV D . 2.69 9.10 0.73
O20 A1LVV D . 7.44 7.43 -0.26
C21 A1LVV D . 5.87 4.49 -5.30
C22 A1LVV D . 4.80 5.63 -7.15
O29 A1LVV D . 4.57 -7.50 -8.66
C30 A1LVV D . 4.16 7.50 2.38
C31 A1LVV D . 5.68 8.77 0.80
C32 A1LVV D . 3.73 9.94 0.24
C33 A1LVV D . 3.31 10.82 -0.94
C34 A1LVV D . 2.11 10.16 -1.63
C35 A1LVV D . 1.72 10.97 -2.85
C36 A1LVV D . 0.92 10.11 -0.62
C37 A1LVV D . 1.46 9.83 0.80
C38 A1LVV D . 1.64 11.11 1.59
C39 A1LVV D . 7.04 8.76 0.09
C40 A1LVV D . 7.05 9.66 -1.14
C41 A1LVV D . 8.36 4.01 -5.39
C42 A1LVV D . 7.99 2.70 -5.98
C43 A1LVV D . 9.00 1.79 -6.39
C44 A1LVV D . 10.40 2.01 -5.95
C45 A1LVV D . 8.67 0.69 -7.17
C46 A1LVV D . 7.34 0.47 -7.55
C47 A1LVV D . 5.91 4.55 -3.70
C48 A1LVV D . 5.65 3.32 -2.82
C49 A1LVV D . 5.43 -2.03 -9.76
C55 A1LVV D . 4.70 0.08 -8.56
C56 A1LVV D . 7.03 -0.64 -8.41
C57 A1LVV D . 3.12 -1.17 -10.19
C58 A1LVV D . 3.37 -0.09 -9.15
H7 A1LVV D . 4.19 -2.55 -11.46
H6 A1LVV D . 4.85 -0.86 -11.48
H9 A1LVV D . 4.90 -4.69 -10.12
H11 A1LVV D . 6.98 -5.17 -9.18
H10 A1LVV D . 6.68 -4.06 -7.79
H13 A1LVV D . 6.87 -8.14 -7.33
H14 A1LVV D . 8.15 -6.86 -7.34
H12 A1LVV D . 7.25 -7.25 -8.86
H16 A1LVV D . 4.62 -7.44 -6.56
H18 A1LVV D . 5.18 -10.45 -9.83
H19 A1LVV D . 6.37 -9.90 -8.54
H17 A1LVV D . 6.06 -8.85 -10.01
H87 A1LVV D . 2.24 -7.08 -6.51
H88 A1LVV D . 1.98 -6.70 -8.28
H89 A1LVV D . 1.52 -5.48 -7.00
H30 A1LVV D . 10.93 5.35 -1.02
H31 A1LVV D . 9.58 6.45 -0.46
H32 A1LVV D . 10.21 6.58 -2.17
H34 A1LVV D . 6.01 5.40 1.16
H35 A1LVV D . 4.47 5.98 0.39
H20 A1LVV D . 3.85 -5.04 -6.44
H28 A1LVV D . 7.36 5.61 -6.66
H29 A1LVV D . 7.97 6.71 -2.25
H33 A1LVV D . 5.67 7.15 -1.36
H63 A1LVV D . 4.31 5.17 -2.77
H3 A1LVV D . 7.47 -2.40 -6.97
H98 A1LVV D . 8.56 -3.40 -8.04
H2 A1LVV D . 9.24 -1.97 -7.10
H5 A1LVV D . 1.41 -1.15 -11.18
H15 A1LVV D . 6.11 -4.68 -6.03
H24 A1LVV D . 3.37 2.18 -7.98
H39 A1LVV D . 6.44 6.51 3.07
H47 A1LVV D . 2.96 8.40 -1.31
H49 A1LVV D . -0.67 11.21 -0.99
H27 A1LVV D . 4.93 4.71 -7.77
H25 A1LVV D . 3.83 6.12 -7.40
H26 A1LVV D . 5.65 6.34 -7.34
H38 A1LVV D . 4.27 6.98 3.36
H36 A1LVV D . 3.36 7.00 1.78
H37 A1LVV D . 3.87 8.58 2.57
H40 A1LVV D . 5.66 9.64 1.52
H41 A1LVV D . 4.14 10.60 1.07
H42 A1LVV D . 4.14 10.90 -1.68
H43 A1LVV D . 3.03 11.83 -0.55
H45 A1LVV D . 2.45 10.79 -3.67
H46 A1LVV D . 1.70 12.06 -2.59
H44 A1LVV D . 0.69 10.66 -3.20
H48 A1LVV D . 0.22 9.28 -0.91
H50 A1LVV D . 0.76 9.12 1.33
H52 A1LVV D . 2.42 11.75 1.11
H53 A1LVV D . 1.95 10.86 2.64
H51 A1LVV D . 0.68 11.67 1.62
H54 A1LVV D . 7.84 9.11 0.81
H56 A1LVV D . 6.23 9.38 -1.84
H57 A1LVV D . 8.04 9.58 -1.68
H55 A1LVV D . 6.91 10.73 -0.84
H58 A1LVV D . 9.38 4.35 -5.67
H59 A1LVV D . 11.02 1.10 -6.19
H60 A1LVV D . 10.44 2.18 -4.85
H61 A1LVV D . 10.84 2.89 -6.47
H62 A1LVV D . 9.46 0.00 -7.50
H1 A1LVV D . 4.54 3.17 -2.76
H64 A1LVV D . 6.05 3.54 -1.79
H66 A1LVV D . 6.38 -2.43 -10.22
H4 A1LVV D . 2.61 -2.04 -9.67
O5' 3D1 A 1 3.16 9.30 -10.68
C5' 3D1 A 1 1.99 9.49 -11.49
C4' 3D1 A 1 1.65 8.23 -12.27
O4' 3D1 A 1 2.71 7.87 -13.14
C1' 3D1 A 1 2.67 6.45 -13.36
N9 3D1 A 1 4.06 5.96 -13.30
C4 3D1 A 1 4.52 4.84 -13.96
N3 3D1 A 1 3.86 4.11 -14.87
C2 3D1 A 1 4.61 3.10 -15.28
N1 3D1 A 1 5.84 2.76 -14.92
C6 3D1 A 1 6.48 3.51 -14.01
N6 3D1 A 1 7.71 3.18 -13.64
C5 3D1 A 1 5.79 4.62 -13.48
N7 3D1 A 1 6.14 5.58 -12.54
C8 3D1 A 1 5.08 6.35 -12.48
C2' 3D1 A 1 1.76 5.82 -12.30
C3' 3D1 A 1 1.39 7.01 -11.40
O3' 3D1 A 1 0.00 6.93 -11.07
H5'1 3D1 A 1 2.16 10.31 -12.18
H5'2 3D1 A 1 1.15 9.74 -10.84
H4' 3D1 A 1 0.77 8.42 -12.87
H1' 3D1 A 1 2.26 6.25 -14.34
H2 3D1 A 1 4.15 2.45 -16.03
HN61 3D1 A 1 8.16 2.37 -14.04
HN62 3D1 A 1 8.21 3.73 -12.95
H8 3D1 A 1 5.02 7.22 -11.83
H2'1 3D1 A 1 2.30 5.06 -11.72
H2'2 3D1 A 1 0.87 5.40 -12.75
H3' 3D1 A 1 2.01 7.03 -10.51
HO5' 3D1 A 1 3.01 9.75 -9.85
F GF2 A 5 -2.78 -7.63 3.51
P GF2 A 5 -3.11 -8.01 -2.16
N1 GF2 A 5 0.26 -2.27 2.63
C2 GF2 A 5 0.51 -3.34 3.45
N2 GF2 A 5 1.15 -3.09 4.59
N3 GF2 A 5 0.14 -4.59 3.16
C4 GF2 A 5 -0.51 -4.68 1.97
C5 GF2 A 5 -0.79 -3.67 1.09
C6 GF2 A 5 -0.40 -2.34 1.40
O6 GF2 A 5 -0.57 -1.32 0.74
N7 GF2 A 5 -1.47 -4.17 -0.01
C8 GF2 A 5 -1.56 -5.45 0.23
N9 GF2 A 5 -1.00 -5.83 1.42
C1' GF2 A 5 -0.91 -7.18 2.02
OP2 GF2 A 5 -3.82 -6.71 -2.17
C2' GF2 A 5 -2.26 -7.84 2.25
OP1 GF2 A 5 -3.88 -9.26 -2.34
C3' GF2 A 5 -1.96 -9.30 1.95
O3' GF2 A 5 -1.45 -9.92 3.13
C4' GF2 A 5 -0.88 -9.22 0.89
O4' GF2 A 5 -0.16 -8.00 1.11
C5' GF2 A 5 -1.42 -9.23 -0.54
O5' GF2 A 5 -2.28 -8.12 -0.79
HN1 GF2 A 5 0.57 -1.35 2.91
HN2 GF2 A 5 1.43 -2.15 4.81
HN2A GF2 A 5 1.35 -3.84 5.23
H8 GF2 A 5 -2.04 -6.15 -0.45
H1' GF2 A 5 -0.38 -7.11 2.96
H2' GF2 A 5 -2.97 -7.46 1.52
H3' GF2 A 5 -2.84 -9.82 1.58
H4' GF2 A 5 -0.19 -10.06 1.02
H5' GF2 A 5 -0.59 -9.19 -1.23
H5'A GF2 A 5 -1.98 -10.15 -0.70
F GF2 A 6 -4.81 -6.51 8.46
P GF2 A 6 -2.45 -10.44 4.28
N1 GF2 A 6 -4.04 -0.60 6.24
C2 GF2 A 6 -3.46 -1.27 7.30
N2 GF2 A 6 -2.99 -0.52 8.31
N3 GF2 A 6 -3.35 -2.60 7.36
C4 GF2 A 6 -3.88 -3.21 6.27
C5 GF2 A 6 -4.48 -2.61 5.18
C6 GF2 A 6 -4.58 -1.19 5.12
O6 GF2 A 6 -5.07 -0.50 4.23
N7 GF2 A 6 -4.88 -3.58 4.27
C8 GF2 A 6 -4.54 -4.71 4.82
N9 GF2 A 6 -3.93 -4.56 6.05
C1' GF2 A 6 -3.26 -5.59 6.87
OP2 GF2 A 6 -3.75 -10.75 3.67
C2' GF2 A 6 -4.12 -6.81 7.31
OP1 GF2 A 6 -1.76 -11.49 5.09
C3' GF2 A 6 -2.99 -7.82 7.65
O3' GF2 A 6 -2.55 -7.70 9.00
C4' GF2 A 6 -1.82 -7.42 6.75
O4' GF2 A 6 -2.23 -6.20 6.09
C5' GF2 A 6 -1.45 -8.48 5.72
O5' GF2 A 6 -2.60 -9.14 5.19
HN1 GF2 A 6 -4.07 0.42 6.28
HN2 GF2 A 6 -3.06 0.49 8.26
HN2A GF2 A 6 -2.56 -0.95 9.10
H8 GF2 A 6 -4.74 -5.69 4.36
H1' GF2 A 6 -2.80 -5.09 7.73
H2' GF2 A 6 -4.84 -7.18 6.53
H3' GF2 A 6 -3.27 -8.85 7.44
H4' GF2 A 6 -0.95 -7.20 7.36
H5' GF2 A 6 -0.91 -8.00 4.90
H5'A GF2 A 6 -0.80 -9.22 6.19
O5' 3D1 B 1 -13.93 4.23 6.49
C5' 3D1 B 1 -14.38 5.27 5.62
C4' 3D1 B 1 -13.33 6.37 5.46
O4' 3D1 B 1 -13.15 7.02 6.73
C1' 3D1 B 1 -11.92 6.62 7.32
N9 3D1 B 1 -12.24 5.79 8.50
C4 3D1 B 1 -12.12 6.18 9.80
N3 3D1 B 1 -11.87 7.44 10.24
C2 3D1 B 1 -11.82 7.47 11.56
N1 3D1 B 1 -11.98 6.47 12.43
C6 3D1 B 1 -12.22 5.23 11.96
N6 3D1 B 1 -12.37 4.22 12.82
C5 3D1 B 1 -12.30 5.06 10.57
N7 3D1 B 1 -12.53 3.95 9.76
C8 3D1 B 1 -12.48 4.43 8.55
C2' 3D1 B 1 -11.09 5.89 6.26
C3' 3D1 B 1 -11.97 5.86 5.01
O3' 3D1 B 1 -11.45 6.76 4.04
H5'1 3D1 B 1 -15.30 5.70 6.03
H5'2 3D1 B 1 -14.59 4.85 4.64
H4' 3D1 B 1 -13.68 7.11 4.76
H1' 3D1 B 1 -11.38 7.50 7.65
H2 3D1 B 1 -11.63 8.44 12.01
HN61 3D1 B 1 -12.30 4.40 13.82
HN62 3D1 B 1 -12.56 3.29 12.49
H8 3D1 B 1 -12.62 3.82 7.66
H2'1 3D1 B 1 -10.87 4.87 6.58
H2'2 3D1 B 1 -10.16 6.43 6.05
H3' 3D1 B 1 -12.06 4.85 4.62
HO5' 3D1 B 1 -14.63 3.58 6.54
F GF2 B 5 8.63 1.39 0.87
P GF2 B 5 6.87 4.47 5.73
N1 GF2 B 5 3.15 -0.92 -0.72
C2 GF2 B 5 4.32 -1.57 -0.36
N2 GF2 B 5 4.51 -2.77 -0.90
N3 GF2 B 5 5.22 -1.05 0.47
C4 GF2 B 5 4.87 0.18 0.92
C5 GF2 B 5 3.74 0.89 0.62
C6 GF2 B 5 2.77 0.33 -0.26
O6 GF2 B 5 1.70 0.84 -0.64
N7 GF2 B 5 3.74 2.11 1.29
C8 GF2 B 5 4.86 2.09 1.96
N9 GF2 B 5 5.60 0.95 1.79
C1' GF2 B 5 6.90 0.58 2.37
OP2 GF2 B 5 6.30 5.51 4.84
C2' GF2 B 5 8.02 1.56 2.09
OP1 GF2 B 5 8.04 4.78 6.58
C3' GF2 B 5 8.93 1.31 3.28
O3' GF2 B 5 9.82 0.22 2.99
C4' GF2 B 5 7.98 0.90 4.40
O4' GF2 B 5 6.73 0.53 3.80
C5' GF2 B 5 7.75 1.99 5.44
O5' GF2 B 5 7.21 3.18 4.84
HN1 GF2 B 5 2.52 -1.38 -1.35
HN2 GF2 B 5 3.83 -3.16 -1.53
HN2A GF2 B 5 5.36 -3.28 -0.68
H8 GF2 B 5 5.18 2.92 2.60
H1' GF2 B 5 7.18 -0.41 2.02
H2' GF2 B 5 7.63 2.59 2.14
H3' GF2 B 5 9.48 2.20 3.56
H4' GF2 B 5 8.39 0.01 4.90
H5' GF2 B 5 7.04 1.63 6.18
H5'A GF2 B 5 8.70 2.23 5.92
F GF2 B 6 10.72 -0.41 -4.13
P GF2 B 6 11.08 0.44 2.02
N1 GF2 B 6 4.58 -0.12 -5.80
C2 GF2 B 6 5.49 -1.16 -5.77
N2 GF2 B 6 5.23 -2.18 -6.59
N3 GF2 B 6 6.56 -1.19 -4.97
C4 GF2 B 6 6.66 -0.07 -4.20
C5 GF2 B 6 5.81 1.01 -4.18
C6 GF2 B 6 4.67 1.03 -5.02
O6 GF2 B 6 3.82 1.91 -5.12
N7 GF2 B 6 6.27 1.94 -3.26
C8 GF2 B 6 7.36 1.42 -2.76
N9 GF2 B 6 7.66 0.19 -3.29
C1' GF2 B 6 8.71 -0.77 -2.87
OP2 GF2 B 6 11.41 1.89 1.89
C2' GF2 B 6 10.18 -0.26 -2.87
OP1 GF2 B 6 12.12 -0.50 2.47
C3' GF2 B 6 10.81 -1.30 -1.91
O3' GF2 B 6 11.26 -2.47 -2.60
C4' GF2 B 6 9.67 -1.72 -0.98
O4' GF2 B 6 8.49 -1.09 -1.48
C5' GF2 B 6 9.90 -1.34 0.48
O5' GF2 B 6 10.52 -0.06 0.60
HN1 GF2 B 6 3.80 -0.17 -6.43
HN2 GF2 B 6 4.43 -2.16 -7.19
HN2A GF2 B 6 5.86 -2.97 -6.62
H8 GF2 B 6 7.97 1.91 -2.01
H1' GF2 B 6 8.59 -1.69 -3.45
H2' GF2 B 6 10.30 0.79 -2.54
H3' GF2 B 6 11.63 -0.89 -1.32
H4' GF2 B 6 9.54 -2.80 -1.05
H5' GF2 B 6 8.94 -1.31 0.99
H5'A GF2 B 6 10.54 -2.09 0.95
C14 A1LVV C . 1.56 1.64 13.25
C11 A1LVV C . -0.55 -0.51 11.66
C7 A1LVV C . -5.33 2.57 10.31
C9 A1LVV C . -2.39 1.27 11.10
C10 A1LVV C . -2.03 -0.14 11.61
C12 A1LVV C . -0.22 -1.09 13.03
C13 A1LVV C . 0.38 0.68 11.38
C3 A1LVV C . -5.38 0.32 9.26
C15 A1LVV C . 1.40 1.22 14.66
C17 A1LVV C . 0.85 2.55 9.77
C20 A1LVV C . -6.99 -2.12 6.12
C24 A1LVV C . -7.83 -4.51 3.19
C26 A1LVV C . -8.17 -7.94 2.59
C28 A1LVV C . -6.05 -5.50 -1.10
C16 A1LVV C . -0.10 1.43 10.14
C18 A1LVV C . -6.09 0.15 6.92
C23 A1LVV C . -8.93 -3.14 4.49
C25 A1LVV C . -7.70 -5.70 2.23
C27 A1LVV C . -7.23 -5.43 -0.15
C29 A1LVV C . -6.49 -6.10 -2.44
O10 A1LVV C . -7.02 -1.58 4.86
O21 A1LVV C . -7.49 -4.94 4.52
O22 A1LVV C . -7.38 -2.78 1.53
C1 A1LVV C . -4.35 -2.41 10.70
O1 A1LVV C . -5.52 -1.59 10.72
O2 A1LVV C . -5.49 2.87 6.66
O3 A1LVV C . -5.66 4.49 8.92
O4 A1LVV C . -3.40 1.12 10.11
O5 A1LVV C . -0.31 -1.50 10.66
O7 A1LVV C . 2.58 2.03 12.68
O8 A1LVV C . -1.42 1.94 10.28
O9 A1LVV C . -6.34 0.61 5.67
O11 A1LVV C . -8.35 -1.11 3.17
O12 A1LVV C . -9.19 -4.02 3.37
O13 A1LVV C . -7.31 -6.85 2.95
O14 A1LVV C . -6.75 -5.57 1.19
O15 A1LVV C . -6.23 -7.50 -2.42
O16 A1LVV C . -8.30 -4.46 -2.59
O17 A1LVV C . -8.52 -1.57 -2.51
O18 A1LVV C . -9.22 -0.81 -6.00
C19 A1LVV C . -6.42 -1.29 7.14
O19 A1LVV C . -7.40 -3.39 -4.24
O20 A1LVV C . -8.05 -6.60 -0.27
C21 A1LVV C . -7.84 -2.20 3.88
C22 A1LVV C . -9.37 -0.33 3.82
O29 A1LVV C . 0.39 1.55 12.52
C30 A1LVV C . -5.72 -5.46 -3.59
C31 A1LVV C . -8.02 -5.86 -2.61
C32 A1LVV C . -8.64 -4.02 -3.92
C33 A1LVV C . -9.83 -3.05 -3.90
C34 A1LVV C . -9.30 -1.63 -3.71
C35 A1LVV C . -10.46 -0.66 -3.61
C36 A1LVV C . -8.40 -1.26 -4.93
C37 A1LVV C . -7.57 -2.49 -5.34
C38 A1LVV C . -8.20 -3.22 -6.52
C39 A1LVV C . -8.80 -6.56 -1.49
C40 A1LVV C . -10.16 -5.92 -1.26
C41 A1LVV C . -8.26 -4.13 5.46
C42 A1LVV C . -7.40 -3.41 6.42
C43 A1LVV C . -7.20 -3.94 7.72
C44 A1LVV C . -7.58 -5.34 8.02
C45 A1LVV C . -6.63 -3.15 8.72
C46 A1LVV C . -6.24 -1.82 8.43
C47 A1LVV C . -7.07 -3.17 2.86
C48 A1LVV C . -5.55 -3.40 2.91
C49 A1LVV C . -4.79 1.15 10.36
C55 A1LVV C . -5.63 0.92 7.98
C56 A1LVV C . -5.70 -1.01 9.47
C57 A1LVV C . -5.00 3.23 8.98
C58 A1LVV C . -5.40 2.36 7.80
H7 A1LVV C . -4.88 3.18 11.13
H6 A1LVV C . -6.44 2.56 10.46
H9 A1LVV C . -2.70 1.95 11.93
H11 A1LVV C . -2.48 -0.25 12.64
H10 A1LVV C . -2.55 -0.88 10.95
H13 A1LVV C . 0.89 -1.05 13.22
H14 A1LVV C . -0.54 -2.16 13.09
H12 A1LVV C . -0.74 -0.51 13.84
H16 A1LVV C . 1.42 0.29 11.19
H18 A1LVV C . 1.96 1.92 15.32
H19 A1LVV C . 1.82 0.18 14.78
H17 A1LVV C . 0.32 1.22 14.93
H87 A1LVV C . 1.90 2.16 9.76
H88 A1LVV C . 0.76 3.37 10.52
H89 A1LVV C . 0.59 2.94 8.75
H30 A1LVV C . -7.88 -8.84 3.19
H31 A1LVV C . -8.03 -8.14 1.50
H32 A1LVV C . -9.23 -7.66 2.80
H34 A1LVV C . -5.24 -6.13 -0.64
H35 A1LVV C . -5.63 -4.46 -1.27
H20 A1LVV C . -0.20 0.68 9.30
H28 A1LVV C . -9.89 -2.69 4.79
H29 A1LVV C . -8.67 -5.82 1.66
H33 A1LVV C . -7.85 -4.50 -0.29
H63 A1LVV C . -6.58 -2.44 1.10
H3 A1LVV C . -3.78 -2.28 11.65
H98 A1LVV C . -3.70 -2.10 9.83
H2 A1LVV C . -4.65 -3.49 10.57
H5 A1LVV C . -4.99 5.18 8.73
H15 A1LVV C . -0.96 -1.40 9.95
H24 A1LVV C . -6.62 1.54 5.70
H39 A1LVV C . -5.26 -7.66 -2.38
H47 A1LVV C . -7.97 -2.38 -2.44
H49 A1LVV C . -9.04 0.12 -6.17
H27 A1LVV C . -9.09 0.75 3.76
H25 A1LVV C . -9.44 -0.65 4.89
H26 A1LVV C . -10.35 -0.49 3.30
H38 A1LVV C . -4.84 -6.10 -3.86
H36 A1LVV C . -5.37 -4.45 -3.30
H37 A1LVV C . -6.39 -5.38 -4.48
H40 A1LVV C . -8.32 -6.30 -3.59
H41 A1LVV C . -8.85 -4.87 -4.63
H42 A1LVV C . -10.51 -3.30 -3.05
H43 A1LVV C . -10.38 -3.14 -4.87
H45 A1LVV C . -10.97 -0.77 -2.62
H46 A1LVV C . -11.18 -0.86 -4.43
H44 A1LVV C . -10.06 0.39 -3.71
H48 A1LVV C . -7.69 -0.44 -4.62
H50 A1LVV C . -6.52 -2.16 -5.59
H52 A1LVV C . -9.20 -3.62 -6.24
H53 A1LVV C . -7.54 -4.06 -6.84
H51 A1LVV C . -8.33 -2.50 -7.38
H54 A1LVV C . -8.94 -7.65 -1.76
H56 A1LVV C . -10.04 -4.82 -1.05
H57 A1LVV C . -10.67 -6.39 -0.38
H55 A1LVV C . -10.81 -6.04 -2.16
H58 A1LVV C . -9.00 -4.84 5.93
H59 A1LVV C . -7.17 -5.64 9.02
H60 A1LVV C . -7.16 -6.02 7.24
H61 A1LVV C . -8.70 -5.45 8.04
H62 A1LVV C . -6.49 -3.56 9.72
H1 A1LVV C . -5.06 -2.51 2.42
H64 A1LVV C . -5.32 -4.33 2.32
H66 A1LVV C . -5.00 0.69 11.36
H4 A1LVV C . -3.88 3.39 8.92
C14 A1LVV D . 4.58 -8.92 -8.59
C11 A1LVV D . 6.18 -6.14 -7.43
C7 A1LVV D . 4.47 -1.72 -10.86
C9 A1LVV D . 5.01 -4.46 -9.07
C10 A1LVV D . 6.30 -4.95 -8.40
C12 A1LVV D . 7.23 -7.19 -7.78
C13 A1LVV D . 4.78 -6.80 -7.48
C3 A1LVV D . 5.77 -0.89 -8.91
C15 A1LVV D . 5.69 -9.61 -9.31
C17 A1LVV D . 2.31 -6.34 -7.32
C20 A1LVV D . 6.67 2.43 -6.34
C24 A1LVV D . 7.38 5.00 -3.54
C26 A1LVV D . 9.95 5.86 -1.34
C28 A1LVV D . 5.46 6.22 0.63
C16 A1LVV D . 3.70 -5.73 -7.37
C18 A1LVV D . 4.95 1.07 -7.72
C23 A1LVV D . 7.26 5.03 -5.73
C25 A1LVV D . 7.81 5.55 -2.18
C27 A1LVV D . 6.26 6.59 -0.61
C29 A1LVV D . 5.42 7.41 1.60
O10 A1LVV D . 5.59 3.17 -5.89
O21 A1LVV D . 8.28 3.98 -3.96
O22 A1LVV D . 5.02 5.52 -3.30
C1 A1LVV D . 8.39 -2.40 -7.67
O1 A1LVV D . 8.10 -1.53 -8.77
O2 A1LVV D . 2.44 0.57 -8.83
O3 A1LVV D . 2.31 -0.75 -11.27
O4 A1LVV D . 4.95 -3.05 -8.88
O5 A1LVV D . 6.40 -5.67 -6.11
O7 A1LVV D . 3.68 -9.44 -7.93
O8 A1LVV D . 3.77 -4.79 -8.45
O9 A1LVV D . 4.02 1.98 -7.30
O11 A1LVV D . 4.78 5.21 -5.80
O12 A1LVV D . 7.49 5.96 -4.65
O13 A1LVV D . 9.00 4.88 -1.77
O14 A1LVV D . 6.89 5.41 -1.12
O15 A1LVV D . 6.48 7.29 2.54
O16 A1LVV D . 4.58 8.86 -0.21
O17 A1LVV D . 2.39 8.76 -2.06
O18 A1LVV D . 0.14 11.27 -0.70
C19 A1LVV D . 6.32 1.31 -7.17
O19 A1LVV D . 2.62 9.03 0.69
O20 A1LVV D . 7.39 7.39 -0.28
C21 A1LVV D . 5.86 4.45 -5.33
C22 A1LVV D . 4.79 5.58 -7.18
O29 A1LVV D . 4.64 -7.55 -8.68
C30 A1LVV D . 4.10 7.45 2.35
C31 A1LVV D . 5.61 8.72 0.77
C32 A1LVV D . 3.67 9.88 0.21
C33 A1LVV D . 3.23 10.75 -0.98
C34 A1LVV D . 2.04 10.09 -1.66
C35 A1LVV D . 1.64 10.90 -2.89
C36 A1LVV D . 0.84 10.04 -0.66
C37 A1LVV D . 1.38 9.75 0.75
C38 A1LVV D . 1.55 11.03 1.55
C39 A1LVV D . 6.98 8.72 0.07
C40 A1LVV D . 6.99 9.62 -1.16
C41 A1LVV D . 8.34 3.98 -5.41
C42 A1LVV D . 7.99 2.67 -5.99
C43 A1LVV D . 9.00 1.76 -6.40
C44 A1LVV D . 10.41 1.99 -5.96
C45 A1LVV D . 8.69 0.67 -7.18
C46 A1LVV D . 7.35 0.44 -7.58
C47 A1LVV D . 5.89 4.50 -3.73
C48 A1LVV D . 5.64 3.28 -2.85
C49 A1LVV D . 5.48 -2.08 -9.78
C55 A1LVV D . 4.73 0.02 -8.59
C56 A1LVV D . 7.06 -0.68 -8.43
C57 A1LVV D . 3.16 -1.23 -10.23
C58 A1LVV D . 3.39 -0.15 -9.19
H7 A1LVV D . 4.24 -2.61 -11.49
H6 A1LVV D . 4.89 -0.91 -11.51
H9 A1LVV D . 4.97 -4.74 -10.15
H11 A1LVV D . 7.04 -5.22 -9.21
H10 A1LVV D . 6.73 -4.10 -7.82
H13 A1LVV D . 6.94 -8.19 -7.36
H14 A1LVV D . 8.22 -6.89 -7.36
H12 A1LVV D . 7.32 -7.29 -8.89
H16 A1LVV D . 4.68 -7.49 -6.59
H18 A1LVV D . 5.28 -10.50 -9.85
H19 A1LVV D . 6.46 -9.95 -8.56
H17 A1LVV D . 6.16 -8.90 -10.03
H87 A1LVV D . 2.30 -7.16 -6.55
H88 A1LVV D . 2.05 -6.77 -8.33
H89 A1LVV D . 1.57 -5.56 -7.05
H30 A1LVV D . 10.89 5.33 -1.03
H31 A1LVV D . 9.52 6.42 -0.47
H32 A1LVV D . 10.16 6.56 -2.18
H34 A1LVV D . 5.96 5.35 1.14
H35 A1LVV D . 4.42 5.91 0.35
H20 A1LVV D . 3.90 -5.10 -6.46
H28 A1LVV D . 7.34 5.58 -6.68
H29 A1LVV D . 7.93 6.67 -2.27
H33 A1LVV D . 5.62 7.10 -1.39
H63 A1LVV D . 4.28 5.11 -2.81
H3 A1LVV D . 7.50 -2.43 -6.99
H98 A1LVV D . 8.61 -3.43 -8.06
H2 A1LVV D . 9.28 -2.00 -7.11
H5 A1LVV D . 1.46 -1.22 -11.22
H15 A1LVV D . 6.15 -4.73 -6.06
H24 A1LVV D . 3.38 2.13 -8.02
H39 A1LVV D . 6.37 6.47 3.05
H47 A1LVV D . 2.90 8.34 -1.35
H49 A1LVV D . -0.76 11.12 -1.04
H27 A1LVV D . 4.92 4.66 -7.81
H25 A1LVV D . 3.81 6.07 -7.43
H26 A1LVV D . 5.64 6.29 -7.36
H38 A1LVV D . 4.21 6.92 3.33
H36 A1LVV D . 3.30 6.94 1.74
H37 A1LVV D . 3.80 8.50 2.53
H40 A1LVV D . 5.58 9.59 1.49
H41 A1LVV D . 4.06 10.54 1.04
H42 A1LVV D . 4.08 10.84 -1.71
H43 A1LVV D . 2.95 11.76 -0.60
H45 A1LVV D . 2.39 10.71 -3.71
H46 A1LVV D . 1.63 11.99 -2.64
H44 A1LVV D . 0.63 10.58 -3.24
H48 A1LVV D . 0.16 9.19 -0.97
H50 A1LVV D . 0.68 9.03 1.28
H52 A1LVV D . 2.33 11.68 1.08
H53 A1LVV D . 1.86 10.79 2.60
H51 A1LVV D . 0.57 11.59 1.57
H54 A1LVV D . 7.77 9.07 0.80
H56 A1LVV D . 6.17 9.33 -1.86
H57 A1LVV D . 7.97 9.55 -1.69
H55 A1LVV D . 6.84 10.69 -0.85
H58 A1LVV D . 9.37 4.34 -5.68
H59 A1LVV D . 11.03 1.09 -6.19
H60 A1LVV D . 10.43 2.16 -4.85
H61 A1LVV D . 10.85 2.88 -6.48
H62 A1LVV D . 9.49 -0.02 -7.51
H1 A1LVV D . 4.52 3.12 -2.80
H64 A1LVV D . 6.03 3.49 -1.82
H66 A1LVV D . 6.43 -2.48 -10.25
H4 A1LVV D . 2.67 -2.11 -9.71
O5' 3D1 A 1 2.99 9.29 -10.71
C5' 3D1 A 1 1.82 9.45 -11.52
C4' 3D1 A 1 1.51 8.17 -12.28
O4' 3D1 A 1 2.57 7.83 -13.16
C1' 3D1 A 1 2.55 6.40 -13.36
N9 3D1 A 1 3.95 5.93 -13.33
C4 3D1 A 1 4.42 4.81 -13.97
N3 3D1 A 1 3.75 4.06 -14.87
C2 3D1 A 1 4.51 3.06 -15.28
N1 3D1 A 1 5.75 2.74 -14.93
C6 3D1 A 1 6.39 3.51 -14.03
N6 3D1 A 1 7.63 3.20 -13.68
C5 3D1 A 1 5.69 4.61 -13.52
N7 3D1 A 1 6.04 5.59 -12.59
C8 3D1 A 1 4.98 6.34 -12.52
C2' 3D1 A 1 1.67 5.77 -12.29
C3' 3D1 A 1 1.27 6.95 -11.41
O3' 3D1 A 1 -0.12 6.87 -11.07
H5'1 3D1 A 1 1.99 10.27 -12.21
H5'2 3D1 A 1 0.99 9.70 -10.87
H4' 3D1 A 1 0.62 8.34 -12.89
H1' 3D1 A 1 2.13 6.19 -14.35
H2 3D1 A 1 4.04 2.39 -16.01
HN61 3D1 A 1 8.09 2.38 -14.08
HN62 3D1 A 1 8.13 3.76 -13.00
H8 3D1 A 1 4.91 7.22 -11.87
H2'1 3D1 A 1 2.23 5.04 -11.70
H2'2 3D1 A 1 0.79 5.32 -12.74
H3' 3D1 A 1 1.90 7.00 -10.51
HO5' 3D1 A 1 2.72 9.31 -9.79
F GF2 A 5 -2.85 -7.64 3.55
P GF2 A 5 -3.11 -8.04 -2.12
N1 GF2 A 5 0.32 -2.33 2.62
C2 GF2 A 5 0.55 -3.41 3.45
N2 GF2 A 5 1.21 -3.15 4.59
N3 GF2 A 5 0.16 -4.65 3.18
C4 GF2 A 5 -0.49 -4.73 2.00
C5 GF2 A 5 -0.77 -3.73 1.12
C6 GF2 A 5 -0.35 -2.40 1.41
O6 GF2 A 5 -0.51 -1.39 0.73
N7 GF2 A 5 -1.47 -4.22 0.02
C8 GF2 A 5 -1.58 -5.50 0.27
N9 GF2 A 5 -1.02 -5.88 1.46
C1' GF2 A 5 -0.95 -7.22 2.08
OP2 GF2 A 5 -3.81 -6.72 -2.14
C2' GF2 A 5 -2.32 -7.87 2.29
OP1 GF2 A 5 -3.89 -9.28 -2.32
C3' GF2 A 5 -2.02 -9.33 2.01
O3' GF2 A 5 -1.53 -9.96 3.20
C4' GF2 A 5 -0.93 -9.27 0.96
O4' GF2 A 5 -0.20 -8.06 1.19
C5' GF2 A 5 -1.46 -9.28 -0.48
O5' GF2 A 5 -2.31 -8.16 -0.74
HN1 GF2 A 5 0.66 -1.42 2.90
HN2 GF2 A 5 1.50 -2.21 4.80
HN2A GF2 A 5 1.40 -3.90 5.24
H8 GF2 A 5 -2.09 -6.20 -0.39
H1' GF2 A 5 -0.43 -7.15 3.03
H2' GF2 A 5 -3.02 -7.48 1.55
H3' GF2 A 5 -2.91 -9.84 1.63
H4' GF2 A 5 -0.27 -10.12 1.10
H5' GF2 A 5 -0.62 -9.25 -1.17
H5'A GF2 A 5 -2.03 -10.20 -0.64
F GF2 A 6 -4.93 -6.48 8.48
P GF2 A 6 -2.55 -10.47 4.34
N1 GF2 A 6 -4.05 -0.59 6.24
C2 GF2 A 6 -3.49 -1.27 7.31
N2 GF2 A 6 -3.02 -0.51 8.31
N3 GF2 A 6 -3.40 -2.60 7.38
C4 GF2 A 6 -3.93 -3.20 6.28
C5 GF2 A 6 -4.50 -2.60 5.18
C6 GF2 A 6 -4.59 -1.19 5.12
O6 GF2 A 6 -5.06 -0.49 4.22
N7 GF2 A 6 -4.92 -3.57 4.27
C8 GF2 A 6 -4.59 -4.70 4.83
N9 GF2 A 6 -3.99 -4.56 6.06
C1' GF2 A 6 -3.34 -5.59 6.91
OP2 GF2 A 6 -3.86 -10.75 3.71
C2' GF2 A 6 -4.22 -6.79 7.34
OP1 GF2 A 6 -1.89 -11.51 5.15
C3' GF2 A 6 -3.11 -7.82 7.69
O3' GF2 A 6 -2.68 -7.70 9.05
C4' GF2 A 6 -1.92 -7.43 6.79
O4' GF2 A 6 -2.31 -6.22 6.13
C5' GF2 A 6 -1.55 -8.51 5.78
O5' GF2 A 6 -2.70 -9.15 5.24
HN1 GF2 A 6 -4.07 0.42 6.27
HN2 GF2 A 6 -3.09 0.50 8.26
HN2A GF2 A 6 -2.60 -0.95 9.11
H8 GF2 A 6 -4.79 -5.67 4.38
H1' GF2 A 6 -2.88 -5.09 7.75
H2' GF2 A 6 -4.93 -7.16 6.55
H3' GF2 A 6 -3.40 -8.84 7.48
H4' GF2 A 6 -1.06 -7.22 7.43
H5' GF2 A 6 -1.00 -8.04 4.97
H5'A GF2 A 6 -0.91 -9.25 6.26
O5' 3D1 B 1 -13.90 4.47 6.53
C5' 3D1 B 1 -14.34 5.50 5.65
C4' 3D1 B 1 -13.26 6.58 5.49
O4' 3D1 B 1 -13.06 7.24 6.75
C1' 3D1 B 1 -11.83 6.80 7.34
N9 3D1 B 1 -12.15 6.00 8.52
C4 3D1 B 1 -12.02 6.40 9.83
N3 3D1 B 1 -11.74 7.65 10.25
C2 3D1 B 1 -11.67 7.68 11.57
N1 3D1 B 1 -11.84 6.70 12.44
C6 3D1 B 1 -12.13 5.46 11.99
N6 3D1 B 1 -12.30 4.47 12.86
C5 3D1 B 1 -12.22 5.29 10.60
N7 3D1 B 1 -12.48 4.18 9.80
C8 3D1 B 1 -12.43 4.65 8.59
C2' 3D1 B 1 -11.03 6.04 6.27
C3' 3D1 B 1 -11.91 6.04 5.03
O3' 3D1 B 1 -11.37 6.92 4.05
H5'1 3D1 B 1 -15.24 5.96 6.07
H5'2 3D1 B 1 -14.56 5.08 4.68
H4' 3D1 B 1 -13.60 7.32 4.78
H1' 3D1 B 1 -11.26 7.68 7.65
H2 3D1 B 1 -11.44 8.66 12.00
HN61 3D1 B 1 -12.22 4.65 13.85
HN62 3D1 B 1 -12.51 3.54 12.54
H8 3D1 B 1 -12.60 4.03 7.71
H2'1 3D1 B 1 -10.84 5.02 6.60
H2'2 3D1 B 1 -10.09 6.56 6.06
H3' 3D1 B 1 -12.02 5.03 4.63
HO5' 3D1 B 1 -14.58 4.34 7.19
F GF2 B 5 8.71 1.42 0.83
P GF2 B 5 6.92 4.43 5.73
N1 GF2 B 5 3.21 -0.95 -0.69
C2 GF2 B 5 4.37 -1.59 -0.34
N2 GF2 B 5 4.56 -2.81 -0.87
N3 GF2 B 5 5.29 -1.07 0.47
C4 GF2 B 5 4.95 0.16 0.92
C5 GF2 B 5 3.81 0.88 0.62
C6 GF2 B 5 2.83 0.32 -0.24
O6 GF2 B 5 1.76 0.81 -0.62
N7 GF2 B 5 3.83 2.10 1.27
C8 GF2 B 5 4.95 2.09 1.93
N9 GF2 B 5 5.68 0.94 1.76
C1' GF2 B 5 6.99 0.58 2.33
OP2 GF2 B 5 6.35 5.48 4.85
C2' GF2 B 5 8.11 1.57 2.07
OP1 GF2 B 5 8.09 4.75 6.58
C3' GF2 B 5 9.02 1.31 3.25
O3' GF2 B 5 9.91 0.24 2.94
C4' GF2 B 5 8.08 0.89 4.36
O4' GF2 B 5 6.83 0.51 3.76
C5' GF2 B 5 7.83 1.98 5.40
O5' GF2 B 5 7.28 3.16 4.81
HN1 GF2 B 5 2.55 -1.41 -1.31
HN2 GF2 B 5 3.87 -3.20 -1.48
HN2A GF2 B 5 5.41 -3.32 -0.65
H8 GF2 B 5 5.29 2.92 2.55
H1' GF2 B 5 7.28 -0.40 1.96
H2' GF2 B 5 7.71 2.59 2.13
H3' GF2 B 5 9.57 2.20 3.53
H4' GF2 B 5 8.49 0.01 4.86
H5' GF2 B 5 7.13 1.60 6.15
H5'A GF2 B 5 8.78 2.23 5.89
F GF2 B 6 10.76 -0.37 -4.19
P GF2 B 6 11.18 0.48 1.96
N1 GF2 B 6 4.61 -0.12 -5.80
C2 GF2 B 6 5.52 -1.16 -5.78
N2 GF2 B 6 5.28 -2.18 -6.60
N3 GF2 B 6 6.60 -1.18 -4.99
C4 GF2 B 6 6.70 -0.07 -4.23
C5 GF2 B 6 5.84 1.01 -4.18
C6 GF2 B 6 4.69 1.02 -5.02
O6 GF2 B 6 3.83 1.88 -5.10
N7 GF2 B 6 6.29 1.94 -3.26
C8 GF2 B 6 7.39 1.42 -2.77
N9 GF2 B 6 7.70 0.20 -3.31
C1' GF2 B 6 8.76 -0.75 -2.90
OP2 GF2 B 6 11.48 1.92 1.84
C2' GF2 B 6 10.23 -0.23 -2.92
OP1 GF2 B 6 12.22 -0.46 2.40
C3' GF2 B 6 10.88 -1.27 -1.97
O3' GF2 B 6 11.34 -2.43 -2.67
C4' GF2 B 6 9.76 -1.70 -1.03
O4' GF2 B 6 8.56 -1.08 -1.51
C5' GF2 B 6 9.99 -1.32 0.43
O5' GF2 B 6 10.61 -0.03 0.55
HN1 GF2 B 6 3.81 -0.19 -6.42
HN2 GF2 B 6 4.45 -2.17 -7.19
HN2A GF2 B 6 5.90 -2.97 -6.63
H8 GF2 B 6 8.01 1.92 -2.03
H1' GF2 B 6 8.65 -1.67 -3.49
H2' GF2 B 6 10.34 0.84 -2.59
H3' GF2 B 6 11.69 -0.84 -1.39
H4' GF2 B 6 9.64 -2.78 -1.10
H5' GF2 B 6 9.04 -1.30 0.94
H5'A GF2 B 6 10.64 -2.06 0.89
C14 A1LVV C . 1.50 1.61 13.30
C11 A1LVV C . -0.62 -0.52 11.70
C7 A1LVV C . -5.34 2.62 10.28
C9 A1LVV C . -2.43 1.28 11.11
C10 A1LVV C . -2.10 -0.13 11.63
C12 A1LVV C . -0.31 -1.10 13.07
C13 A1LVV C . 0.32 0.66 11.42
C3 A1LVV C . -5.42 0.36 9.24
C15 A1LVV C . 1.32 1.20 14.71
C17 A1LVV C . 0.85 2.52 9.81
C20 A1LVV C . -7.02 -2.08 6.10
C24 A1LVV C . -7.85 -4.48 3.16
C26 A1LVV C . -8.23 -7.89 2.57
C28 A1LVV C . -6.04 -5.50 -1.11
C16 A1LVV C . -0.13 1.41 10.17
C18 A1LVV C . -6.10 0.19 6.89
C23 A1LVV C . -8.96 -3.08 4.45
C25 A1LVV C . -7.72 -5.66 2.21
C27 A1LVV C . -7.24 -5.41 -0.16
C29 A1LVV C . -6.46 -6.09 -2.45
O10 A1LVV C . -7.03 -1.53 4.82
O21 A1LVV C . -7.54 -4.90 4.50
O22 A1LVV C . -7.37 -2.76 1.51
C1 A1LVV C . -4.43 -2.38 10.69
O1 A1LVV C . -5.59 -1.55 10.71
O2 A1LVV C . -5.47 2.90 6.63
O3 A1LVV C . -5.63 4.53 8.87
O4 A1LVV C . -3.42 1.14 10.11
O5 A1LVV C . -0.39 -1.52 10.70
O7 A1LVV C . 2.53 1.99 12.75
O8 A1LVV C . -1.44 1.93 10.30
O9 A1LVV C . -6.32 0.64 5.63
O11 A1LVV C . -8.33 -1.06 3.12
O12 A1LVV C . -9.22 -3.97 3.33
O13 A1LVV C . -7.36 -6.82 2.95
O14 A1LVV C . -6.76 -5.55 1.18
O15 A1LVV C . -6.23 -7.50 -2.42
O16 A1LVV C . -8.27 -4.44 -2.62
O17 A1LVV C . -8.44 -1.55 -2.55
O18 A1LVV C . -9.11 -0.80 -6.05
C19 A1LVV C . -6.45 -1.25 7.10
O19 A1LVV C . -7.33 -3.38 -4.26
O20 A1LVV C . -8.06 -6.57 -0.28
C21 A1LVV C . -7.84 -2.16 3.85
C22 A1LVV C . -9.35 -0.27 3.76
O29 A1LVV C . 0.34 1.53 12.55
C30 A1LVV C . -5.69 -5.48 -3.60
C31 A1LVV C . -7.99 -5.84 -2.63
C32 A1LVV C . -8.59 -4.01 -3.95
C33 A1LVV C . -9.76 -3.02 -3.95
C34 A1LVV C . -9.22 -1.61 -3.76
C35 A1LVV C . -10.36 -0.61 -3.68
C36 A1LVV C . -8.30 -1.25 -4.97
C37 A1LVV C . -7.49 -2.49 -5.38
C38 A1LVV C . -8.11 -3.22 -6.56
C39 A1LVV C . -8.81 -6.53 -1.51
C40 A1LVV C . -10.15 -5.87 -1.31
C41 A1LVV C . -8.31 -4.09 5.43
C42 A1LVV C . -7.45 -3.37 6.40
C43 A1LVV C . -7.28 -3.89 7.70
C44 A1LVV C . -7.67 -5.28 8.00
C45 A1LVV C . -6.70 -3.10 8.69
C46 A1LVV C . -6.30 -1.78 8.40
C47 A1LVV C . -7.07 -3.13 2.83
C48 A1LVV C . -5.56 -3.38 2.91
C49 A1LVV C . -4.83 1.19 10.34
C55 A1LVV C . -5.65 0.95 7.95
C56 A1LVV C . -5.75 -0.97 9.45
C57 A1LVV C . -4.99 3.26 8.95
C58 A1LVV C . -5.39 2.39 7.77
H7 A1LVV C . -4.89 3.22 11.10
H6 A1LVV C . -6.46 2.61 10.42
H9 A1LVV C . -2.74 1.97 11.92
H11 A1LVV C . -2.55 -0.24 12.65
H10 A1LVV C . -2.62 -0.87 10.96
H13 A1LVV C . 0.79 -1.06 13.27
H14 A1LVV C . -0.64 -2.17 13.14
H12 A1LVV C . -0.83 -0.52 13.88
H16 A1LVV C . 1.37 0.26 11.25
H18 A1LVV C . 1.88 1.90 15.37
H19 A1LVV C . 1.73 0.16 14.84
H17 A1LVV C . 0.24 1.20 14.97
H87 A1LVV C . 1.88 2.11 9.81
H88 A1LVV C . 0.75 3.34 10.55
H89 A1LVV C . 0.60 2.90 8.78
H30 A1LVV C . -7.95 -8.80 3.17
H31 A1LVV C . -8.09 -8.11 1.49
H32 A1LVV C . -9.29 -7.60 2.77
H34 A1LVV C . -5.25 -6.14 -0.64
H35 A1LVV C . -5.61 -4.47 -1.27
H20 A1LVV C . -0.23 0.65 9.33
H28 A1LVV C . -9.91 -2.62 4.74
H29 A1LVV C . -8.70 -5.77 1.64
H33 A1LVV C . -7.84 -4.48 -0.31
H63 A1LVV C . -6.56 -2.43 1.08
H3 A1LVV C . -3.87 -2.26 11.66
H98 A1LVV C . -3.77 -2.08 9.83
H2 A1LVV C . -4.75 -3.45 10.58
H5 A1LVV C . -4.97 5.21 8.70
H15 A1LVV C . -1.03 -1.41 9.98
H24 A1LVV C . -6.60 1.57 5.66
H39 A1LVV C . -5.27 -7.67 -2.37
H47 A1LVV C . -7.92 -2.36 -2.47
H49 A1LVV C . -8.92 0.14 -6.23
H27 A1LVV C . -9.05 0.81 3.71
H25 A1LVV C . -9.44 -0.59 4.84
H26 A1LVV C . -10.32 -0.42 3.23
H38 A1LVV C . -4.81 -6.13 -3.84
H36 A1LVV C . -5.32 -4.46 -3.30
H37 A1LVV C . -6.36 -5.39 -4.49
H40 A1LVV C . -8.30 -6.29 -3.62
H41 A1LVV C . -8.81 -4.85 -4.66
H42 A1LVV C . -10.46 -3.26 -3.11
H43 A1LVV C . -10.30 -3.10 -4.93
H45 A1LVV C . -10.88 -0.71 -2.69
H46 A1LVV C . -11.09 -0.81 -4.50
H44 A1LVV C . -9.96 0.43 -3.78
H48 A1LVV C . -7.58 -0.43 -4.65
H50 A1LVV C . -6.42 -2.17 -5.60
H52 A1LVV C . -9.11 -3.61 -6.28
H53 A1LVV C . -7.45 -4.07 -6.87
H51 A1LVV C . -8.22 -2.50 -7.42
H54 A1LVV C . -8.95 -7.62 -1.78
H56 A1LVV C . -10.02 -4.77 -1.11
H57 A1LVV C . -10.68 -6.34 -0.43
H55 A1LVV C . -10.79 -5.99 -2.22
H58 A1LVV C . -9.06 -4.76 5.90
H59 A1LVV C . -7.28 -5.59 9.00
H60 A1LVV C . -7.25 -5.98 7.23
H61 A1LVV C . -8.78 -5.38 8.01
H62 A1LVV C . -6.58 -3.50 9.71
H1 A1LVV C . -5.05 -2.51 2.41
H64 A1LVV C . -5.33 -4.32 2.32
H66 A1LVV C . -5.06 0.73 11.35
H4 A1LVV C . -3.87 3.41 8.89
C14 A1LVV D . 4.67 -8.93 -8.61
C11 A1LVV D . 6.24 -6.14 -7.47
C7 A1LVV D . 4.45 -1.71 -10.85
C9 A1LVV D . 5.05 -4.46 -9.08
C10 A1LVV D . 6.35 -4.94 -8.43
C12 A1LVV D . 7.30 -7.17 -7.82
C13 A1LVV D . 4.86 -6.80 -7.50
C3 A1LVV D . 5.77 -0.88 -8.92
C15 A1LVV D . 5.78 -9.61 -9.34
C17 A1LVV D . 2.38 -6.38 -7.32
C20 A1LVV D . 6.65 2.43 -6.35
C24 A1LVV D . 7.37 5.01 -3.55
C26 A1LVV D . 9.95 5.89 -1.36
C28 A1LVV D . 5.48 6.19 0.65
C16 A1LVV D . 3.77 -5.75 -7.39
C18 A1LVV D . 4.95 1.07 -7.71
C23 A1LVV D . 7.23 5.04 -5.74
C25 A1LVV D . 7.80 5.56 -2.19
C27 A1LVV D . 6.25 6.58 -0.62
C29 A1LVV D . 5.42 7.39 1.62
O10 A1LVV D . 5.58 3.17 -5.89
O21 A1LVV D . 8.28 4.00 -3.98
O22 A1LVV D . 5.00 5.50 -3.28
C1 A1LVV D . 8.41 -2.36 -7.71
O1 A1LVV D . 8.11 -1.50 -8.81
O2 A1LVV D . 2.43 0.54 -8.80
O3 A1LVV D . 2.29 -0.78 -11.25
O4 A1LVV D . 4.98 -3.05 -8.89
O5 A1LVV D . 6.48 -5.66 -6.14
O7 A1LVV D . 3.78 -9.45 -7.94
O8 A1LVV D . 3.81 -4.80 -8.45
O9 A1LVV D . 4.01 1.97 -7.29
O11 A1LVV D . 4.74 5.19 -5.77
O12 A1LVV D . 7.46 5.97 -4.65
O13 A1LVV D . 9.00 4.91 -1.79
O14 A1LVV D . 6.90 5.40 -1.12
O15 A1LVV D . 6.51 7.26 2.55
O16 A1LVV D . 4.56 8.82 -0.18
O17 A1LVV D . 2.36 8.72 -2.01
O18 A1LVV D . 0.09 11.19 -0.62
C19 A1LVV D . 6.31 1.32 -7.17
O19 A1LVV D . 2.61 8.98 0.74
O20 A1LVV D . 7.39 7.39 -0.28
C21 A1LVV D . 5.84 4.44 -5.33
C22 A1LVV D . 4.73 5.57 -7.16
O29 A1LVV D . 4.72 -7.55 -8.71
C30 A1LVV D . 4.11 7.40 2.38
C31 A1LVV D . 5.60 8.69 0.79
C32 A1LVV D . 3.63 9.83 0.25
C33 A1LVV D . 3.19 10.70 -0.93
C34 A1LVV D . 1.99 10.04 -1.60
C35 A1LVV D . 1.57 10.84 -2.83
C36 A1LVV D . 0.81 9.96 -0.59
C37 A1LVV D . 1.36 9.68 0.82
C38 A1LVV D . 1.52 10.96 1.61
C39 A1LVV D . 6.96 8.71 0.07
C40 A1LVV D . 6.95 9.62 -1.15
C41 A1LVV D . 8.33 4.01 -5.43
C42 A1LVV D . 7.98 2.68 -6.01
C43 A1LVV D . 9.00 1.80 -6.43
C44 A1LVV D . 10.40 2.04 -6.01
C45 A1LVV D . 8.70 0.70 -7.21
C46 A1LVV D . 7.35 0.46 -7.60
C47 A1LVV D . 5.88 4.49 -3.73
C48 A1LVV D . 5.65 3.26 -2.84
C49 A1LVV D . 5.48 -2.08 -9.80
C55 A1LVV D . 4.72 0.02 -8.60
C56 A1LVV D . 7.06 -0.66 -8.45
C57 A1LVV D . 3.16 -1.25 -10.22
C58 A1LVV D . 3.39 -0.17 -9.17
H7 A1LVV D . 4.24 -2.61 -11.49
H6 A1LVV D . 4.87 -0.91 -11.51
H9 A1LVV D . 5.00 -4.74 -10.17
H11 A1LVV D . 7.08 -5.20 -9.25
H10 A1LVV D . 6.78 -4.09 -7.85
H13 A1LVV D . 7.04 -8.16 -7.40
H14 A1LVV D . 8.30 -6.87 -7.41
H12 A1LVV D . 7.39 -7.27 -8.94
H16 A1LVV D . 4.77 -7.50 -6.61
H18 A1LVV D . 5.37 -10.49 -9.89
H19 A1LVV D . 6.56 -9.94 -8.61
H17 A1LVV D . 6.23 -8.88 -10.07
H87 A1LVV D . 2.39 -7.20 -6.55
H88 A1LVV D . 2.12 -6.80 -8.32
H89 A1LVV D . 1.63 -5.60 -7.03
H30 A1LVV D . 10.90 5.37 -1.07
H31 A1LVV D . 9.53 6.44 -0.49
H32 A1LVV D . 10.15 6.60 -2.21
H34 A1LVV D . 5.99 5.33 1.14
H35 A1LVV D . 4.44 5.88 0.38
H20 A1LVV D . 3.98 -5.12 -6.47
H28 A1LVV D . 7.29 5.59 -6.68
H29 A1LVV D . 7.91 6.68 -2.28
H33 A1LVV D . 5.62 7.08 -1.38
H63 A1LVV D . 4.27 5.09 -2.78
H3 A1LVV D . 7.53 -2.41 -7.03
H98 A1LVV D . 8.64 -3.39 -8.10
H2 A1LVV D . 9.30 -1.96 -7.16
H5 A1LVV D . 1.44 -1.25 -11.19
H15 A1LVV D . 6.22 -4.72 -6.09
H24 A1LVV D . 3.35 2.10 -8.00
H39 A1LVV D . 6.41 6.45 3.06
H47 A1LVV D . 2.87 8.29 -1.30
H49 A1LVV D . -0.80 11.04 -0.96
H27 A1LVV D . 4.88 4.65 -7.79
H25 A1LVV D . 3.75 6.05 -7.40
H26 A1LVV D . 5.58 6.29 -7.35
H38 A1LVV D . 4.24 6.88 3.35
H36 A1LVV D . 3.32 6.89 1.78
H37 A1LVV D . 3.81 8.46 2.57
H40 A1LVV D . 5.57 9.56 1.51
H41 A1LVV D . 4.04 10.50 1.08
H42 A1LVV D . 4.02 10.81 -1.67
H43 A1LVV D . 2.89 11.72 -0.55
H45 A1LVV D . 2.32 10.67 -3.66
H46 A1LVV D . 1.55 11.93 -2.56
H44 A1LVV D . 0.56 10.51 -3.16
H48 A1LVV D . 0.12 9.11 -0.89
H50 A1LVV D . 0.67 8.96 1.34
H52 A1LVV D . 2.29 11.61 1.13
H53 A1LVV D . 1.84 10.72 2.66
H51 A1LVV D . 0.55 11.51 1.65
H54 A1LVV D . 7.76 9.07 0.80
H56 A1LVV D . 6.13 9.31 -1.84
H57 A1LVV D . 7.93 9.55 -1.70
H55 A1LVV D . 6.79 10.69 -0.84
H58 A1LVV D . 9.35 4.37 -5.70
H59 A1LVV D . 11.03 1.14 -6.25
H60 A1LVV D . 10.45 2.21 -4.90
H61 A1LVV D . 10.82 2.93 -6.53
H62 A1LVV D . 9.49 0.03 -7.55
H1 A1LVV D . 4.54 3.10 -2.78
H64 A1LVV D . 6.05 3.48 -1.81
H66 A1LVV D . 6.43 -2.46 -10.27
H4 A1LVV D . 2.67 -2.13 -9.70
O5' 3D1 A 1 3.83 7.32 -14.00
C5' 3D1 A 1 2.68 8.14 -14.28
C4' 3D1 A 1 1.38 7.32 -14.23
O4' 3D1 A 1 1.41 6.37 -15.30
C1' 3D1 A 1 1.67 5.06 -14.79
N9 3D1 A 1 3.01 4.65 -15.21
C4 3D1 A 1 3.28 3.74 -16.21
N3 3D1 A 1 2.39 3.19 -17.07
C2 3D1 A 1 2.99 2.35 -17.89
N1 3D1 A 1 4.27 2.02 -17.94
C6 3D1 A 1 5.14 2.58 -17.08
N6 3D1 A 1 6.43 2.24 -17.14
C5 3D1 A 1 4.63 3.49 -16.15
N7 3D1 A 1 5.22 4.25 -15.14
C8 3D1 A 1 4.22 4.90 -14.62
C2' 3D1 A 1 1.51 5.10 -13.26
C3' 3D1 A 1 1.18 6.56 -12.94
O3' 3D1 A 1 -0.19 6.67 -12.54
H5'1 3D1 A 1 2.80 8.58 -15.27
H5'2 3D1 A 1 2.61 8.93 -13.53
H4' 3D1 A 1 0.54 7.98 -14.39
H1' 3D1 A 1 0.94 4.36 -15.19
H2 3D1 A 1 2.35 1.86 -18.61
HN61 3D1 A 1 6.75 1.57 -17.83
HN62 3D1 A 1 7.09 2.66 -16.50
H8 3D1 A 1 4.34 5.60 -13.78
H2'1 3D1 A 1 2.43 4.81 -12.76
H2'2 3D1 A 1 0.68 4.46 -12.93
H3' 3D1 A 1 1.84 6.94 -12.16
HO5' 3D1 A 1 4.58 7.76 -14.38
F GF2 A 5 -2.80 -7.68 3.53
P GF2 A 5 -3.11 -8.03 -2.14
N1 GF2 A 5 0.28 -2.32 2.57
C2 GF2 A 5 0.55 -3.39 3.40
N2 GF2 A 5 1.22 -3.12 4.52
N3 GF2 A 5 0.17 -4.63 3.13
C4 GF2 A 5 -0.51 -4.73 1.97
C5 GF2 A 5 -0.82 -3.72 1.08
C6 GF2 A 5 -0.41 -2.39 1.37
O6 GF2 A 5 -0.59 -1.37 0.70
N7 GF2 A 5 -1.53 -4.23 0.00
C8 GF2 A 5 -1.63 -5.51 0.26
N9 GF2 A 5 -1.03 -5.88 1.43
C1' GF2 A 5 -0.93 -7.22 2.04
OP2 GF2 A 5 -3.82 -6.73 -2.14
C2' GF2 A 5 -2.29 -7.89 2.27
OP1 GF2 A 5 -3.86 -9.28 -2.34
C3' GF2 A 5 -1.97 -9.35 1.99
O3' GF2 A 5 -1.46 -9.97 3.16
C4' GF2 A 5 -0.89 -9.26 0.92
O4' GF2 A 5 -0.18 -8.04 1.15
C5' GF2 A 5 -1.43 -9.27 -0.51
O5' GF2 A 5 -2.29 -8.15 -0.76
HN1 GF2 A 5 0.61 -1.39 2.84
HN2 GF2 A 5 1.51 -2.18 4.72
HN2A GF2 A 5 1.44 -3.87 5.16
H8 GF2 A 5 -2.13 -6.22 -0.40
H1' GF2 A 5 -0.41 -7.14 2.99
H2' GF2 A 5 -3.00 -7.52 1.54
H3' GF2 A 5 -2.85 -9.88 1.61
H4' GF2 A 5 -0.20 -10.10 1.05
H5' GF2 A 5 -0.60 -9.24 -1.20
H5'A GF2 A 5 -2.00 -10.19 -0.67
F GF2 A 6 -4.83 -6.54 8.48
P GF2 A 6 -2.46 -10.50 4.32
N1 GF2 A 6 -4.06 -0.63 6.23
C2 GF2 A 6 -3.48 -1.30 7.30
N2 GF2 A 6 -3.01 -0.54 8.28
N3 GF2 A 6 -3.38 -2.63 7.36
C4 GF2 A 6 -3.91 -3.24 6.27
C5 GF2 A 6 -4.50 -2.65 5.18
C6 GF2 A 6 -4.60 -1.24 5.12
O6 GF2 A 6 -5.10 -0.56 4.22
N7 GF2 A 6 -4.91 -3.64 4.28
C8 GF2 A 6 -4.57 -4.75 4.83
N9 GF2 A 6 -3.95 -4.61 6.05
C1' GF2 A 6 -3.27 -5.63 6.88
OP2 GF2 A 6 -3.77 -10.80 3.70
C2' GF2 A 6 -4.14 -6.85 7.33
OP1 GF2 A 6 -1.77 -11.52 5.12
C3' GF2 A 6 -2.99 -7.85 7.67
O3' GF2 A 6 -2.56 -7.73 9.03
C4' GF2 A 6 -1.83 -7.45 6.76
O4' GF2 A 6 -2.24 -6.24 6.10
C5' GF2 A 6 -1.46 -8.51 5.73
O5' GF2 A 6 -2.62 -9.18 5.22
HN1 GF2 A 6 -4.10 0.38 6.26
HN2 GF2 A 6 -3.08 0.47 8.24
HN2A GF2 A 6 -2.57 -0.98 9.09
H8 GF2 A 6 -4.76 -5.73 4.38
H1' GF2 A 6 -2.81 -5.13 7.73
H2' GF2 A 6 -4.85 -7.21 6.56
H3' GF2 A 6 -3.28 -8.88 7.47
H4' GF2 A 6 -0.96 -7.23 7.38
H5' GF2 A 6 -0.92 -8.04 4.91
H5'A GF2 A 6 -0.80 -9.25 6.21
O5' 3D1 B 1 -13.86 3.92 6.11
C5' 3D1 B 1 -14.32 4.93 5.20
C4' 3D1 B 1 -13.30 6.05 5.06
O4' 3D1 B 1 -13.20 6.74 6.31
C1' 3D1 B 1 -11.97 6.39 6.96
N9 3D1 B 1 -12.30 5.58 8.15
C4 3D1 B 1 -12.25 6.01 9.45
N3 3D1 B 1 -12.05 7.29 9.86
C2 3D1 B 1 -12.05 7.35 11.19
N1 3D1 B 1 -12.21 6.37 12.07
C6 3D1 B 1 -12.40 5.11 11.63
N6 3D1 B 1 -12.55 4.13 12.51
C5 3D1 B 1 -12.42 4.92 10.24
N7 3D1 B 1 -12.59 3.78 9.45
C8 3D1 B 1 -12.51 4.23 8.23
C2' 3D1 B 1 -11.08 5.67 5.95
C3' 3D1 B 1 -11.90 5.59 4.68
O3' 3D1 B 1 -11.37 6.47 3.70
H5'1 3D1 B 1 -15.27 5.33 5.56
H5'2 3D1 B 1 -14.48 4.47 4.22
H4' 3D1 B 1 -13.64 6.76 4.31
H1' 3D1 B 1 -11.47 7.30 7.29
H2 3D1 B 1 -11.89 8.34 11.60
HN61 3D1 B 1 -12.53 4.33 13.50
HN62 3D1 B 1 -12.69 3.18 12.19
H8 3D1 B 1 -12.60 3.58 7.35
H2'1 3D1 B 1 -10.84 4.66 6.31
H2'2 3D1 B 1 -10.16 6.24 5.78
H3' 3D1 B 1 -11.94 4.56 4.31
HO5' 3D1 B 1 -14.56 3.78 6.76
F GF2 B 5 8.67 1.40 0.87
P GF2 B 5 6.87 4.49 5.72
N1 GF2 B 5 3.15 -0.95 -0.60
C2 GF2 B 5 4.32 -1.59 -0.26
N2 GF2 B 5 4.52 -2.79 -0.79
N3 GF2 B 5 5.24 -1.06 0.55
C4 GF2 B 5 4.91 0.16 0.99
C5 GF2 B 5 3.76 0.88 0.71
C6 GF2 B 5 2.77 0.31 -0.15
O6 GF2 B 5 1.71 0.80 -0.51
N7 GF2 B 5 3.78 2.11 1.36
C8 GF2 B 5 4.92 2.10 2.00
N9 GF2 B 5 5.65 0.95 1.83
C1' GF2 B 5 6.96 0.59 2.40
OP2 GF2 B 5 6.30 5.52 4.81
C2' GF2 B 5 8.08 1.58 2.10
OP1 GF2 B 5 8.03 4.83 6.58
C3' GF2 B 5 8.99 1.34 3.28
O3' GF2 B 5 9.89 0.26 2.98
C4' GF2 B 5 8.06 0.93 4.41
O4' GF2 B 5 6.81 0.54 3.82
C5' GF2 B 5 7.82 2.03 5.43
O5' GF2 B 5 7.26 3.21 4.83
HN1 GF2 B 5 2.50 -1.41 -1.22
HN2 GF2 B 5 3.83 -3.19 -1.40
HN2A GF2 B 5 5.36 -3.31 -0.57
H8 GF2 B 5 5.26 2.93 2.62
H1' GF2 B 5 7.23 -0.40 2.03
H2' GF2 B 5 7.68 2.60 2.15
H3' GF2 B 5 9.55 2.24 3.55
H4' GF2 B 5 8.48 0.06 4.92
H5' GF2 B 5 7.13 1.67 6.20
H5'A GF2 B 5 8.77 2.30 5.91
F GF2 B 6 10.75 -0.38 -4.14
P GF2 B 6 11.15 0.48 2.01
N1 GF2 B 6 4.60 -0.06 -5.77
C2 GF2 B 6 5.50 -1.10 -5.74
N2 GF2 B 6 5.23 -2.13 -6.57
N3 GF2 B 6 6.57 -1.14 -4.95
C4 GF2 B 6 6.68 -0.02 -4.19
C5 GF2 B 6 5.84 1.06 -4.15
C6 GF2 B 6 4.69 1.09 -5.00
O6 GF2 B 6 3.84 1.97 -5.09
N7 GF2 B 6 6.30 2.00 -3.23
C8 GF2 B 6 7.40 1.46 -2.75
N9 GF2 B 6 7.69 0.23 -3.27
C1' GF2 B 6 8.73 -0.73 -2.86
OP2 GF2 B 6 11.48 1.92 1.88
C2' GF2 B 6 10.21 -0.22 -2.87
OP1 GF2 B 6 12.18 -0.47 2.45
C3' GF2 B 6 10.84 -1.27 -1.92
O3' GF2 B 6 11.29 -2.43 -2.62
C4' GF2 B 6 9.71 -1.68 -0.98
O4' GF2 B 6 8.53 -1.05 -1.48
C5' GF2 B 6 9.94 -1.30 0.48
O5' GF2 B 6 10.58 -0.02 0.59
HN1 GF2 B 6 3.81 -0.11 -6.39
HN2 GF2 B 6 4.42 -2.11 -7.16
HN2A GF2 B 6 5.86 -2.93 -6.59
H8 GF2 B 6 8.01 1.96 -2.00
H1' GF2 B 6 8.61 -1.65 -3.45
H2' GF2 B 6 10.34 0.84 -2.55
H3' GF2 B 6 11.66 -0.85 -1.34
H4' GF2 B 6 9.58 -2.76 -1.05
H5' GF2 B 6 8.99 -1.26 0.99
H5'A GF2 B 6 10.58 -2.05 0.94
C14 A1LVV C . 1.55 1.66 13.21
C11 A1LVV C . -0.56 -0.52 11.65
C7 A1LVV C . -5.36 2.55 10.28
C9 A1LVV C . -2.40 1.26 11.07
C10 A1LVV C . -2.05 -0.14 11.60
C12 A1LVV C . -0.22 -1.09 13.02
C13 A1LVV C . 0.36 0.68 11.35
C3 A1LVV C . -5.41 0.30 9.25
C15 A1LVV C . 1.39 1.22 14.62
C17 A1LVV C . 0.83 2.54 9.73
C20 A1LVV C . -7.01 -2.17 6.12
C24 A1LVV C . -7.86 -4.58 3.21
C26 A1LVV C . -8.18 -8.00 2.63
C28 A1LVV C . -6.08 -5.57 -1.09
C16 A1LVV C . -0.13 1.42 10.11
C18 A1LVV C . -6.12 0.11 6.91
C23 A1LVV C . -8.96 -3.20 4.50
C25 A1LVV C . -7.71 -5.76 2.25
C27 A1LVV C . -7.26 -5.50 -0.13
C29 A1LVV C . -6.52 -6.19 -2.43
O10 A1LVV C . -7.05 -1.63 4.86
O21 A1LVV C . -7.51 -4.99 4.54
O22 A1LVV C . -7.42 -2.85 1.54
C1 A1LVV C . -4.36 -2.44 10.69
O1 A1LVV C . -5.53 -1.61 10.72
O2 A1LVV C . -5.53 2.83 6.64
O3 A1LVV C . -5.68 4.46 8.88
O4 A1LVV C . -3.41 1.10 10.09
O5 A1LVV C . -0.33 -1.51 10.64
O7 A1LVV C . 2.57 2.03 12.65
O8 A1LVV C . -1.45 1.93 10.25
O9 A1LVV C . -6.36 0.56 5.65
O11 A1LVV C . -8.39 -1.16 3.17
O12 A1LVV C . -9.21 -4.09 3.39
O13 A1LVV C . -7.34 -6.91 2.99
O14 A1LVV C . -6.78 -5.64 1.21
O15 A1LVV C . -6.25 -7.59 -2.40
O16 A1LVV C . -8.35 -4.55 -2.57
O17 A1LVV C . -8.56 -1.67 -2.50
O18 A1LVV C . -9.28 -0.93 -6.00
C19 A1LVV C . -6.44 -1.33 7.13
O19 A1LVV C . -7.45 -3.48 -4.23
O20 A1LVV C . -8.07 -6.68 -0.24
C21 A1LVV C . -7.87 -2.26 3.89
C22 A1LVV C . -9.40 -0.40 3.82
O29 A1LVV C . 0.38 1.55 12.49
C30 A1LVV C . -5.76 -5.56 -3.58
C31 A1LVV C . -8.05 -5.95 -2.58
C32 A1LVV C . -8.69 -4.12 -3.89
C33 A1LVV C . -9.88 -3.15 -3.88
C34 A1LVV C . -9.34 -1.73 -3.70
C35 A1LVV C . -10.50 -0.76 -3.61
C36 A1LVV C . -8.45 -1.36 -4.92
C37 A1LVV C . -7.62 -2.59 -5.33
C38 A1LVV C . -8.26 -3.33 -6.51
C39 A1LVV C . -8.83 -6.65 -1.46
C40 A1LVV C . -10.19 -6.01 -1.23
C41 A1LVV C . -8.28 -4.19 5.47
C42 A1LVV C . -7.42 -3.46 6.44
C43 A1LVV C . -7.22 -3.98 7.73
C44 A1LVV C . -7.59 -5.38 8.04
C45 A1LVV C . -6.65 -3.18 8.72
C46 A1LVV C . -6.26 -1.86 8.42
C47 A1LVV C . -7.10 -3.23 2.87
C48 A1LVV C . -5.58 -3.45 2.92
C49 A1LVV C . -4.81 1.14 10.34
C55 A1LVV C . -5.65 0.89 7.96
C56 A1LVV C . -5.72 -1.04 9.46
C57 A1LVV C . -5.02 3.20 8.95
C58 A1LVV C . -5.42 2.32 7.77
H7 A1LVV C . -4.89 3.16 11.10
H6 A1LVV C . -6.46 2.53 10.44
H9 A1LVV C . -2.72 1.94 11.90
H11 A1LVV C . -2.48 -0.26 12.62
H10 A1LVV C . -2.57 -0.89 10.94
H13 A1LVV C . 0.88 -1.04 13.20
H14 A1LVV C . -0.54 -2.16 13.08
H12 A1LVV C . -0.75 -0.51 13.82
H16 A1LVV C . 1.40 0.29 11.16
H18 A1LVV C . 1.95 1.94 15.29
H19 A1LVV C . 1.82 0.19 14.75
H17 A1LVV C . 0.31 1.22 14.90
H87 A1LVV C . 1.88 2.15 9.72
H88 A1LVV C . 0.74 3.37 10.47
H89 A1LVV C . 0.56 2.92 8.71
H30 A1LVV C . -7.89 -8.90 3.22
H31 A1LVV C . -8.06 -8.22 1.53
H32 A1LVV C . -9.25 -7.74 2.84
H34 A1LVV C . -5.28 -6.20 -0.64
H35 A1LVV C . -5.66 -4.55 -1.26
H20 A1LVV C . -0.22 0.67 9.27
H28 A1LVV C . -9.92 -2.75 4.80
H29 A1LVV C . -8.69 -5.88 1.70
H33 A1LVV C . -7.88 -4.58 -0.27
H63 A1LVV C . -6.62 -2.51 1.11
H3 A1LVV C . -3.80 -2.29 11.65
H98 A1LVV C . -3.72 -2.13 9.82
H2 A1LVV C . -4.66 -3.51 10.58
H5 A1LVV C . -5.03 5.15 8.69
H15 A1LVV C . -0.97 -1.41 9.94
H24 A1LVV C . -6.65 1.49 5.69
H39 A1LVV C . -5.30 -7.74 -2.35
H47 A1LVV C . -8.02 -2.47 -2.43
H49 A1LVV C . -9.11 0.02 -6.17
H27 A1LVV C . -9.13 0.69 3.76
H25 A1LVV C . -9.47 -0.71 4.89
H26 A1LVV C . -10.38 -0.56 3.31
H38 A1LVV C . -4.88 -6.19 -3.84
H36 A1LVV C . -5.40 -4.53 -3.29
H37 A1LVV C . -6.44 -5.47 -4.47
H40 A1LVV C . -8.37 -6.40 -3.57
H41 A1LVV C . -8.89 -4.98 -4.61
H42 A1LVV C . -10.56 -3.41 -3.04
H43 A1LVV C . -10.42 -3.25 -4.85
H45 A1LVV C . -11.01 -0.86 -2.61
H46 A1LVV C . -11.24 -0.97 -4.42
H44 A1LVV C . -10.11 0.29 -3.71
H48 A1LVV C . -7.74 -0.53 -4.63
H50 A1LVV C . -6.57 -2.27 -5.58
H52 A1LVV C . -9.25 -3.73 -6.21
H53 A1LVV C . -7.59 -4.17 -6.83
H51 A1LVV C . -8.38 -2.62 -7.37
H54 A1LVV C . -8.97 -7.73 -1.73
H56 A1LVV C . -10.08 -4.91 -1.03
H57 A1LVV C . -10.70 -6.48 -0.35
H55 A1LVV C . -10.84 -6.14 -2.13
H58 A1LVV C . -9.02 -4.89 5.95
H59 A1LVV C . -7.18 -5.68 9.04
H60 A1LVV C . -7.18 -6.06 7.27
H61 A1LVV C . -8.71 -5.49 8.06
H62 A1LVV C . -6.51 -3.58 9.73
H1 A1LVV C . -5.09 -2.57 2.41
H64 A1LVV C . -5.34 -4.39 2.34
H66 A1LVV C . -5.01 0.67 11.35
H4 A1LVV C . -3.90 3.37 8.88
C14 A1LVV D . 4.54 -8.87 -8.54
C11 A1LVV D . 6.16 -6.09 -7.42
C7 A1LVV D . 4.44 -1.66 -10.82
C9 A1LVV D . 4.99 -4.41 -9.04
C10 A1LVV D . 6.28 -4.90 -8.38
C12 A1LVV D . 7.21 -7.14 -7.76
C13 A1LVV D . 4.76 -6.75 -7.45
C3 A1LVV D . 5.76 -0.84 -8.89
C15 A1LVV D . 5.65 -9.56 -9.28
C17 A1LVV D . 2.30 -6.28 -7.27
C20 A1LVV D . 6.68 2.48 -6.33
C24 A1LVV D . 7.42 5.05 -3.54
C26 A1LVV D . 10.01 5.90 -1.34
C28 A1LVV D . 5.54 6.28 0.65
C16 A1LVV D . 3.69 -5.67 -7.34
C18 A1LVV D . 4.95 1.13 -7.69
C23 A1LVV D . 7.29 5.07 -5.72
C25 A1LVV D . 7.86 5.60 -2.17
C27 A1LVV D . 6.32 6.64 -0.60
C29 A1LVV D . 5.49 7.46 1.61
O10 A1LVV D . 5.62 3.22 -5.86
O21 A1LVV D . 8.32 4.03 -3.95
O22 A1LVV D . 5.06 5.57 -3.27
C1 A1LVV D . 8.38 -2.36 -7.66
O1 A1LVV D . 8.09 -1.49 -8.76
O2 A1LVV D . 2.44 0.62 -8.78
O3 A1LVV D . 2.29 -0.70 -11.23
O4 A1LVV D . 4.93 -3.00 -8.86
O5 A1LVV D . 6.39 -5.61 -6.09
O7 A1LVV D . 3.65 -9.39 -7.89
O8 A1LVV D . 3.75 -4.73 -8.41
O9 A1LVV D . 4.04 2.04 -7.27
O11 A1LVV D . 4.80 5.26 -5.77
O12 A1LVV D . 7.53 6.00 -4.64
O13 A1LVV D . 9.04 4.93 -1.77
O14 A1LVV D . 6.95 5.46 -1.11
O15 A1LVV D . 6.57 7.35 2.55
O16 A1LVV D . 4.66 8.92 -0.18
O17 A1LVV D . 2.45 8.82 -2.02
O18 A1LVV D . 0.22 11.34 -0.65
C19 A1LVV D . 6.33 1.35 -7.15
O19 A1LVV D . 2.70 9.10 0.73
O20 A1LVV D . 7.46 7.43 -0.28
C21 A1LVV D . 5.89 4.50 -5.32
C22 A1LVV D . 4.81 5.63 -7.16
O29 A1LVV D . 4.61 -7.50 -8.65
C30 A1LVV D . 4.18 7.51 2.37
C31 A1LVV D . 5.70 8.78 0.79
C32 A1LVV D . 3.75 9.94 0.24
C33 A1LVV D . 3.31 10.81 -0.95
C34 A1LVV D . 2.11 10.16 -1.63
C35 A1LVV D . 1.71 10.96 -2.85
C36 A1LVV D . 0.93 10.10 -0.62
C37 A1LVV D . 1.47 9.82 0.79
C38 A1LVV D . 1.65 11.10 1.59
C39 A1LVV D . 7.06 8.77 0.07
C40 A1LVV D . 7.06 9.67 -1.15
C41 A1LVV D . 8.37 4.02 -5.40
C42 A1LVV D . 8.01 2.71 -5.98
C43 A1LVV D . 9.02 1.81 -6.40
C44 A1LVV D . 10.42 2.03 -5.97
C45 A1LVV D . 8.70 0.71 -7.18
C46 A1LVV D . 7.36 0.48 -7.56
C47 A1LVV D . 5.93 4.55 -3.71
C48 A1LVV D . 5.68 3.32 -2.83
C49 A1LVV D . 5.45 -2.04 -9.76
C55 A1LVV D . 4.72 0.08 -8.57
C56 A1LVV D . 7.05 -0.63 -8.41
C57 A1LVV D . 3.14 -1.18 -10.19
C58 A1LVV D . 3.39 -0.10 -9.16
H7 A1LVV D . 4.22 -2.55 -11.45
H6 A1LVV D . 4.86 -0.86 -11.49
H9 A1LVV D . 4.94 -4.69 -10.12
H11 A1LVV D . 7.01 -5.17 -9.19
H10 A1LVV D . 6.72 -4.05 -7.80
H13 A1LVV D . 6.92 -8.14 -7.33
H14 A1LVV D . 8.20 -6.84 -7.35
H12 A1LVV D . 7.30 -7.25 -8.87
H16 A1LVV D . 4.67 -7.43 -6.56
H18 A1LVV D . 5.23 -10.45 -9.82
H19 A1LVV D . 6.42 -9.90 -8.54
H17 A1LVV D . 6.10 -8.85 -10.01
H87 A1LVV D . 2.28 -7.09 -6.50
H88 A1LVV D . 2.03 -6.71 -8.28
H89 A1LVV D . 1.56 -5.49 -6.99
H30 A1LVV D . 10.95 5.37 -1.04
H31 A1LVV D . 9.59 6.47 -0.47
H32 A1LVV D . 10.22 6.60 -2.19
H34 A1LVV D . 6.04 5.41 1.15
H35 A1LVV D . 4.49 5.98 0.38
H20 A1LVV D . 3.90 -5.05 -6.43
H28 A1LVV D . 7.37 5.63 -6.67
H29 A1LVV D . 7.98 6.72 -2.26
H33 A1LVV D . 5.69 7.15 -1.37
H63 A1LVV D . 4.32 5.17 -2.78
H3 A1LVV D . 7.50 -2.38 -6.98
H98 A1LVV D . 8.59 -3.38 -8.05
H2 A1LVV D . 9.27 -1.96 -7.11
H5 A1LVV D . 1.43 -1.16 -11.17
H15 A1LVV D . 6.15 -4.68 -6.04
H24 A1LVV D . 3.39 2.18 -7.99
H39 A1LVV D . 6.46 6.52 3.07
H47 A1LVV D . 2.96 8.40 -1.31
H49 A1LVV D . -0.68 11.20 -0.99
H27 A1LVV D . 4.93 4.71 -7.78
H25 A1LVV D . 3.84 6.13 -7.40
H26 A1LVV D . 5.66 6.34 -7.34
H38 A1LVV D . 4.30 6.98 3.36
H36 A1LVV D . 3.38 7.00 1.77
H37 A1LVV D . 3.88 8.57 2.56
H40 A1LVV D . 5.67 9.65 1.51
H41 A1LVV D . 4.16 10.60 1.06
H42 A1LVV D . 4.15 10.90 -1.69
H43 A1LVV D . 3.03 11.83 -0.57
H45 A1LVV D . 2.45 10.78 -3.67
H46 A1LVV D . 1.70 12.05 -2.59
H44 A1LVV D . 0.69 10.65 -3.19
H48 A1LVV D . 0.23 9.27 -0.91
H50 A1LVV D . 0.77 9.11 1.33
H52 A1LVV D . 2.43 11.74 1.11
H53 A1LVV D . 1.96 10.86 2.63
H51 A1LVV D . 0.68 11.67 1.61
H54 A1LVV D . 7.85 9.12 0.80
H56 A1LVV D . 6.24 9.38 -1.85
H57 A1LVV D . 8.04 9.59 -1.69
H55 A1LVV D . 6.91 10.74 -0.84
H58 A1LVV D . 9.40 4.37 -5.68
H59 A1LVV D . 11.04 1.12 -6.20
H60 A1LVV D . 10.45 2.20 -4.87
H61 A1LVV D . 10.86 2.92 -6.49
H62 A1LVV D . 9.48 0.02 -7.51
H1 A1LVV D . 4.56 3.18 -2.77
H64 A1LVV D . 6.07 3.55 -1.79
H66 A1LVV D . 6.40 -2.43 -10.22
H4 A1LVV D . 2.65 -2.05 -9.67
O5' 3D1 A 1 3.36 9.36 -10.82
C5' 3D1 A 1 2.18 9.55 -11.62
C4' 3D1 A 1 1.80 8.27 -12.37
O4' 3D1 A 1 2.85 7.87 -13.23
C1' 3D1 A 1 2.78 6.46 -13.42
N9 3D1 A 1 4.15 5.92 -13.39
C4 3D1 A 1 4.58 4.78 -14.01
N3 3D1 A 1 3.87 4.04 -14.89
C2 3D1 A 1 4.58 2.99 -15.29
N1 3D1 A 1 5.81 2.63 -14.95
C6 3D1 A 1 6.50 3.40 -14.08
N6 3D1 A 1 7.73 3.05 -13.73
C5 3D1 A 1 5.85 4.54 -13.57
N7 3D1 A 1 6.24 5.53 -12.67
C8 3D1 A 1 5.20 6.31 -12.60
C2' 3D1 A 1 1.88 5.87 -12.33
C3' 3D1 A 1 1.54 7.08 -11.46
O3' 3D1 A 1 0.15 7.06 -11.11
H5'1 3D1 A 1 2.37 10.35 -12.34
H5'2 3D1 A 1 1.36 9.84 -10.98
H4' 3D1 A 1 0.92 8.47 -12.97
H1' 3D1 A 1 2.34 6.23 -14.39
H2 3D1 A 1 4.08 2.34 -16.01
HN61 3D1 A 1 8.14 2.22 -14.12
HN62 3D1 A 1 8.24 3.61 -13.06
H8 3D1 A 1 5.18 7.20 -11.97
H2'1 3D1 A 1 2.41 5.12 -11.74
H2'2 3D1 A 1 0.97 5.44 -12.76
H3' 3D1 A 1 2.17 7.12 -10.58
HO5' 3D1 A 1 3.95 10.10 -11.00
F GF2 A 5 -2.78 -7.66 3.50
P GF2 A 5 -3.13 -7.99 -2.18
N1 GF2 A 5 0.20 -2.25 2.58
C2 GF2 A 5 0.47 -3.33 3.41
N2 GF2 A 5 1.13 -3.06 4.53
N3 GF2 A 5 0.11 -4.57 3.12
C4 GF2 A 5 -0.54 -4.67 1.95
C5 GF2 A 5 -0.86 -3.67 1.07
C6 GF2 A 5 -0.47 -2.32 1.37
O6 GF2 A 5 -0.68 -1.31 0.71
N7 GF2 A 5 -1.55 -4.17 -0.03
C8 GF2 A 5 -1.63 -5.46 0.22
N9 GF2 A 5 -1.04 -5.83 1.39
C1' GF2 A 5 -0.93 -7.17 1.99
OP2 GF2 A 5 -3.86 -6.70 -2.17
C2' GF2 A 5 -2.27 -7.86 2.23
OP1 GF2 A 5 -3.88 -9.26 -2.38
C3' GF2 A 5 -1.95 -9.31 1.93
O3' GF2 A 5 -1.41 -9.93 3.11
C4' GF2 A 5 -0.87 -9.21 0.87
O4' GF2 A 5 -0.17 -7.98 1.09
C5' GF2 A 5 -1.43 -9.22 -0.56
O5' GF2 A 5 -2.30 -8.11 -0.80
HN1 GF2 A 5 0.50 -1.33 2.86
HN2 GF2 A 5 1.40 -2.12 4.75
HN2A GF2 A 5 1.36 -3.81 5.17
H8 GF2 A 5 -2.12 -6.16 -0.46
H1' GF2 A 5 -0.39 -7.09 2.93
H2' GF2 A 5 -2.99 -7.49 1.51
H3' GF2 A 5 -2.82 -9.84 1.56
H4' GF2 A 5 -0.18 -10.04 0.97
H5' GF2 A 5 -0.61 -9.18 -1.27
H5'A GF2 A 5 -1.99 -10.14 -0.72
F GF2 A 6 -4.75 -6.55 8.47
P GF2 A 6 -2.40 -10.47 4.27
N1 GF2 A 6 -4.06 -0.63 6.24
C2 GF2 A 6 -3.47 -1.29 7.28
N2 GF2 A 6 -2.99 -0.54 8.27
N3 GF2 A 6 -3.35 -2.62 7.34
C4 GF2 A 6 -3.88 -3.23 6.26
C5 GF2 A 6 -4.49 -2.65 5.18
C6 GF2 A 6 -4.61 -1.23 5.11
O6 GF2 A 6 -5.12 -0.55 4.23
N7 GF2 A 6 -4.91 -3.63 4.27
C8 GF2 A 6 -4.55 -4.75 4.82
N9 GF2 A 6 -3.91 -4.60 6.03
C1' GF2 A 6 -3.22 -5.62 6.86
OP2 GF2 A 6 -3.71 -10.78 3.66
C2' GF2 A 6 -4.07 -6.85 7.31
OP1 GF2 A 6 -1.69 -11.50 5.06
C3' GF2 A 6 -2.92 -7.84 7.63
O3' GF2 A 6 -2.47 -7.72 8.98
C4' GF2 A 6 -1.78 -7.42 6.72
O4' GF2 A 6 -2.20 -6.22 6.06
C5' GF2 A 6 -1.40 -8.49 5.68
O5' GF2 A 6 -2.55 -9.15 5.17
HN1 GF2 A 6 -4.10 0.38 6.26
HN2 GF2 A 6 -3.08 0.47 8.23
HN2A GF2 A 6 -2.54 -0.96 9.07
H8 GF2 A 6 -4.73 -5.73 4.37
H1' GF2 A 6 -2.77 -5.12 7.70
H2' GF2 A 6 -4.80 -7.22 6.53
H3' GF2 A 6 -3.21 -8.88 7.43
H4' GF2 A 6 -0.90 -7.21 7.32
H5' GF2 A 6 -0.87 -8.00 4.86
H5'A GF2 A 6 -0.74 -9.21 6.15
O5' 3D1 B 1 -13.58 2.50 3.02
C5' 3D1 B 1 -13.86 3.88 2.80
C4' 3D1 B 1 -13.20 4.75 3.87
O4' 3D1 B 1 -13.66 4.42 5.16
C1' 3D1 B 1 -12.64 4.77 6.12
N9 3D1 B 1 -12.60 3.71 7.14
C4 3D1 B 1 -12.19 3.88 8.44
N3 3D1 B 1 -11.92 5.06 9.05
C2 3D1 B 1 -11.54 4.85 10.30
N1 3D1 B 1 -11.41 3.71 10.95
C6 3D1 B 1 -11.69 2.55 10.33
N6 3D1 B 1 -11.55 1.40 10.98
C5 3D1 B 1 -12.10 2.64 8.98
N7 3D1 B 1 -12.46 1.67 8.05
C8 3D1 B 1 -12.74 2.36 6.98
C2' 3D1 B 1 -11.32 4.96 5.36
C3' 3D1 B 1 -11.69 4.62 3.92
O3' 3D1 B 1 -11.09 5.57 3.04
H5'1 3D1 B 1 -14.95 4.03 2.83
H5'2 3D1 B 1 -13.50 4.18 1.82
H4' 3D1 B 1 -13.44 5.79 3.68
H1' 3D1 B 1 -12.92 5.72 6.59
H2 3D1 B 1 -11.31 5.75 10.86
HN61 3D1 B 1 -11.26 1.40 11.94
HN62 3D1 B 1 -11.77 0.53 10.51
H8 3D1 B 1 -13.06 1.91 6.05
H2'1 3D1 B 1 -10.57 4.27 5.74
H2'2 3D1 B 1 -10.98 5.99 5.45
H3' 3D1 B 1 -11.38 3.60 3.68
HO5' 3D1 B 1 -13.63 2.33 3.96
F GF2 B 5 8.63 1.38 0.89
P GF2 B 5 6.83 4.51 5.71
N1 GF2 B 5 3.12 -0.90 -0.65
C2 GF2 B 5 4.29 -1.54 -0.30
N2 GF2 B 5 4.48 -2.75 -0.84
N3 GF2 B 5 5.20 -1.03 0.52
C4 GF2 B 5 4.86 0.20 0.97
C5 GF2 B 5 3.73 0.91 0.68
C6 GF2 B 5 2.75 0.36 -0.20
O6 GF2 B 5 1.68 0.86 -0.57
N7 GF2 B 5 3.75 2.14 1.34
C8 GF2 B 5 4.87 2.12 2.00
N9 GF2 B 5 5.60 0.96 1.83
C1' GF2 B 5 6.90 0.59 2.40
OP2 GF2 B 5 6.27 5.54 4.79
C2' GF2 B 5 8.03 1.58 2.11
OP1 GF2 B 5 7.99 4.84 6.57
C3' GF2 B 5 8.94 1.33 3.30
O3' GF2 B 5 9.83 0.24 3.02
C4' GF2 B 5 7.99 0.93 4.43
O4' GF2 B 5 6.74 0.55 3.83
C5' GF2 B 5 7.75 2.04 5.45
O5' GF2 B 5 7.20 3.22 4.83
HN1 GF2 B 5 2.47 -1.35 -1.27
HN2 GF2 B 5 3.79 -3.14 -1.46
HN2A GF2 B 5 5.32 -3.27 -0.62
H8 GF2 B 5 5.21 2.94 2.63
H1' GF2 B 5 7.17 -0.40 2.05
H2' GF2 B 5 7.64 2.59 2.15
H3' GF2 B 5 9.50 2.22 3.57
H4' GF2 B 5 8.40 0.06 4.94
H5' GF2 B 5 7.05 1.69 6.20
H5'A GF2 B 5 8.70 2.31 5.92
F GF2 B 6 10.73 -0.43 -4.09
P GF2 B 6 11.09 0.45 2.05
N1 GF2 B 6 4.60 -0.05 -5.77
C2 GF2 B 6 5.48 -1.11 -5.74
N2 GF2 B 6 5.22 -2.12 -6.56
N3 GF2 B 6 6.56 -1.14 -4.94
C4 GF2 B 6 6.67 -0.03 -4.17
C5 GF2 B 6 5.84 1.06 -4.15
C6 GF2 B 6 4.70 1.10 -5.00
O6 GF2 B 6 3.86 1.99 -5.11
N7 GF2 B 6 6.31 2.00 -3.23
C8 GF2 B 6 7.39 1.46 -2.74
N9 GF2 B 6 7.67 0.21 -3.26
C1' GF2 B 6 8.70 -0.75 -2.83
OP2 GF2 B 6 11.44 1.88 1.92
C2' GF2 B 6 10.19 -0.27 -2.83
OP1 GF2 B 6 12.12 -0.51 2.52
C3' GF2 B 6 10.80 -1.31 -1.87
O3' GF2 B 6 11.24 -2.49 -2.56
C4' GF2 B 6 9.66 -1.71 -0.94
O4' GF2 B 6 8.48 -1.06 -1.45
C5' GF2 B 6 9.89 -1.32 0.52
O5' GF2 B 6 10.53 -0.06 0.63
HN1 GF2 B 6 3.81 -0.09 -6.40
HN2 GF2 B 6 4.41 -2.09 -7.15
HN2A GF2 B 6 5.83 -2.93 -6.58
H8 GF2 B 6 8.01 1.94 -1.98
H1' GF2 B 6 8.58 -1.66 -3.41
H2' GF2 B 6 10.32 0.80 -2.51
H3' GF2 B 6 11.62 -0.90 -1.29
H4' GF2 B 6 9.51 -2.79 -1.00
H5' GF2 B 6 8.93 -1.29 1.03
H5'A GF2 B 6 10.51 -2.08 1.00
C14 A1LVV C . 1.60 1.68 13.16
C11 A1LVV C . -0.51 -0.50 11.61
C7 A1LVV C . -5.34 2.53 10.30
C9 A1LVV C . -2.37 1.25 11.06
C10 A1LVV C . -2.01 -0.15 11.57
C12 A1LVV C . -0.16 -1.08 12.97
C13 A1LVV C . 0.40 0.70 11.31
C3 A1LVV C . -5.38 0.28 9.26
C15 A1LVV C . 1.46 1.24 14.58
C17 A1LVV C . 0.84 2.57 9.69
C20 A1LVV C . -7.00 -2.19 6.14
C24 A1LVV C . -7.85 -4.59 3.22
C26 A1LVV C . -8.16 -8.02 2.64
C28 A1LVV C . -6.11 -5.56 -1.09
C16 A1LVV C . -0.10 1.45 10.07
C18 A1LVV C . -6.12 0.09 6.93
C23 A1LVV C . -8.95 -3.22 4.54
C25 A1LVV C . -7.72 -5.78 2.26
C27 A1LVV C . -7.28 -5.50 -0.12
C29 A1LVV C . -6.56 -6.17 -2.42
O10 A1LVV C . -7.06 -1.64 4.88
O21 A1LVV C . -7.49 -5.01 4.56
O22 A1LVV C . -7.44 -2.86 1.57
C1 A1LVV C . -4.30 -2.44 10.69
O1 A1LVV C . -5.48 -1.64 10.73
O2 A1LVV C . -5.55 2.82 6.66
O3 A1LVV C . -5.70 4.44 8.91
O4 A1LVV C . -3.40 1.10 10.09
O5 A1LVV C . -0.28 -1.49 10.60
O7 A1LVV C . 2.62 2.07 12.59
O8 A1LVV C . -1.43 1.94 10.23
O9 A1LVV C . -6.38 0.55 5.67
O11 A1LVV C . -8.41 -1.19 3.21
O12 A1LVV C . -9.21 -4.12 3.43
O13 A1LVV C . -7.32 -6.92 3.00
O14 A1LVV C . -6.78 -5.64 1.22
O15 A1LVV C . -6.28 -7.58 -2.40
O16 A1LVV C . -8.39 -4.55 -2.55
O17 A1LVV C . -8.64 -1.67 -2.47
O18 A1LVV C . -9.39 -0.92 -5.94
C19 A1LVV C . -6.43 -1.34 7.15
O19 A1LVV C . -7.52 -3.47 -4.20
O20 A1LVV C . -8.09 -6.69 -0.22
C21 A1LVV C . -7.88 -2.27 3.92
C22 A1LVV C . -9.42 -0.42 3.87
O29 A1LVV C . 0.42 1.57 12.44
C30 A1LVV C . -5.82 -5.53 -3.59
C31 A1LVV C . -8.09 -5.94 -2.57
C32 A1LVV C . -8.75 -4.12 -3.87
C33 A1LVV C . -9.95 -3.16 -3.84
C34 A1LVV C . -9.43 -1.74 -3.66
C35 A1LVV C . -10.60 -0.77 -3.54
C36 A1LVV C . -8.55 -1.35 -4.89
C37 A1LVV C . -7.71 -2.58 -5.31
C38 A1LVV C . -8.36 -3.31 -6.49
C39 A1LVV C . -8.86 -6.65 -1.43
C40 A1LVV C . -10.22 -6.02 -1.19
C41 A1LVV C . -8.26 -4.21 5.50
C42 A1LVV C . -7.40 -3.48 6.45
C43 A1LVV C . -7.18 -4.00 7.75
C44 A1LVV C . -7.54 -5.41 8.06
C45 A1LVV C . -6.60 -3.21 8.73
C46 A1LVV C . -6.23 -1.88 8.44
C47 A1LVV C . -7.11 -3.23 2.88
C48 A1LVV C . -5.59 -3.45 2.92
C49 A1LVV C . -4.78 1.12 10.35
C55 A1LVV C . -5.65 0.88 7.99
C56 A1LVV C . -5.68 -1.06 9.47
C57 A1LVV C . -5.03 3.19 8.97
C58 A1LVV C . -5.44 2.31 7.79
H7 A1LVV C . -4.87 3.14 11.12
H6 A1LVV C . -6.45 2.51 10.47
H9 A1LVV C . -2.69 1.94 11.89
H11 A1LVV C . -2.42 -0.26 12.61
H10 A1LVV C . -2.51 -0.89 10.91
H13 A1LVV C . 0.95 -1.01 13.15
H14 A1LVV C . -0.47 -2.15 13.03
H12 A1LVV C . -0.67 -0.50 13.79
H16 A1LVV C . 1.44 0.32 11.11
H18 A1LVV C . 2.01 1.96 15.23
H19 A1LVV C . 1.89 0.21 14.69
H17 A1LVV C . 0.38 1.23 14.86
H87 A1LVV C . 1.88 2.19 9.68
H88 A1LVV C . 0.74 3.41 10.44
H89 A1LVV C . 0.56 2.95 8.68
H30 A1LVV C . -7.86 -8.92 3.22
H31 A1LVV C . -8.04 -8.22 1.54
H32 A1LVV C . -9.22 -7.75 2.87
H34 A1LVV C . -5.29 -6.19 -0.64
H35 A1LVV C . -5.71 -4.52 -1.26
H20 A1LVV C . -0.20 0.69 9.24
H28 A1LVV C . -9.91 -2.79 4.85
H29 A1LVV C . -8.70 -5.90 1.72
H33 A1LVV C . -7.91 -4.59 -0.25
H63 A1LVV C . -6.66 -2.51 1.12
H3 A1LVV C . -3.73 -2.31 11.64
H98 A1LVV C . -3.67 -2.13 9.81
H2 A1LVV C . -4.60 -3.52 10.58
H5 A1LVV C . -5.05 5.15 8.72
H15 A1LVV C . -0.93 -1.39 9.90
H24 A1LVV C . -6.67 1.47 5.72
H39 A1LVV C . -5.33 -7.72 -2.37
H47 A1LVV C . -8.08 -2.47 -2.40
H49 A1LVV C . -9.23 0.02 -6.12
H27 A1LVV C . -9.16 0.66 3.81
H25 A1LVV C . -9.49 -0.74 4.95
H26 A1LVV C . -10.40 -0.60 3.36
H38 A1LVV C . -4.93 -6.16 -3.85
H36 A1LVV C . -5.47 -4.51 -3.30
H37 A1LVV C . -6.50 -5.45 -4.46
H40 A1LVV C . -8.41 -6.40 -3.55
H41 A1LVV C . -8.97 -4.97 -4.58
H42 A1LVV C . -10.63 -3.42 -2.98
H43 A1LVV C . -10.51 -3.25 -4.80
H45 A1LVV C . -11.09 -0.88 -2.55
H46 A1LVV C . -11.34 -0.98 -4.36
H44 A1LVV C . -10.22 0.28 -3.65
H48 A1LVV C . -7.85 -0.53 -4.59
H50 A1LVV C . -6.67 -2.24 -5.57
H52 A1LVV C . -9.35 -3.73 -6.18
H53 A1LVV C . -7.69 -4.15 -6.81
H51 A1LVV C . -8.50 -2.60 -7.34
H54 A1LVV C . -8.99 -7.74 -1.71
H56 A1LVV C . -10.11 -4.93 -0.99
H57 A1LVV C . -10.71 -6.50 -0.31
H55 A1LVV C . -10.87 -6.16 -2.09
H58 A1LVV C . -8.98 -4.92 5.98
H59 A1LVV C . -7.11 -5.71 9.05
H60 A1LVV C . -7.12 -6.08 7.27
H61 A1LVV C . -8.66 -5.53 8.09
H62 A1LVV C . -6.45 -3.61 9.75
H1 A1LVV C . -5.11 -2.56 2.41
H64 A1LVV C . -5.35 -4.39 2.33
H66 A1LVV C . -4.98 0.65 11.36
H4 A1LVV C . -3.91 3.36 8.89
C14 A1LVV D . 4.48 -8.87 -8.52
C11 A1LVV D . 6.10 -6.11 -7.38
C7 A1LVV D . 4.46 -1.67 -10.83
C9 A1LVV D . 4.96 -4.41 -9.02
C10 A1LVV D . 6.25 -4.92 -8.34
C12 A1LVV D . 7.14 -7.17 -7.72
C13 A1LVV D . 4.70 -6.74 -7.43
C3 A1LVV D . 5.77 -0.85 -8.87
C15 A1LVV D . 5.56 -9.58 -9.24
C17 A1LVV D . 2.24 -6.25 -7.28
C20 A1LVV D . 6.72 2.46 -6.32
C24 A1LVV D . 7.46 5.04 -3.53
C26 A1LVV D . 10.04 5.86 -1.32
C28 A1LVV D . 5.56 6.30 0.64
C16 A1LVV D . 3.63 -5.66 -7.33
C18 A1LVV D . 4.99 1.13 -7.69
C23 A1LVV D . 7.35 5.05 -5.72
C25 A1LVV D . 7.91 5.58 -2.17
C27 A1LVV D . 6.36 6.65 -0.62
C29 A1LVV D . 5.53 7.49 1.60
O10 A1LVV D . 5.65 3.22 -5.87
O21 A1LVV D . 8.36 4.00 -3.94
O22 A1LVV D . 5.10 5.58 -3.29
C1 A1LVV D . 8.37 -2.39 -7.62
O1 A1LVV D . 8.10 -1.53 -8.73
O2 A1LVV D . 2.47 0.65 -8.81
O3 A1LVV D . 2.32 -0.68 -11.24
O4 A1LVV D . 4.92 -3.00 -8.85
O5 A1LVV D . 6.33 -5.62 -6.06
O7 A1LVV D . 3.56 -9.37 -7.86
O8 A1LVV D . 3.71 -4.72 -8.40
O9 A1LVV D . 4.07 2.05 -7.28
O11 A1LVV D . 4.86 5.27 -5.79
O12 A1LVV D . 7.59 5.98 -4.63
O13 A1LVV D . 9.08 4.91 -1.76
O14 A1LVV D . 6.98 5.46 -1.11
O15 A1LVV D . 6.59 7.35 2.55
O16 A1LVV D . 4.72 8.95 -0.22
O17 A1LVV D . 2.53 8.87 -2.07
O18 A1LVV D . 0.31 11.42 -0.72
C19 A1LVV D . 6.36 1.34 -7.15
O19 A1LVV D . 2.76 9.15 0.68
O20 A1LVV D . 7.51 7.43 -0.28
C21 A1LVV D . 5.94 4.50 -5.32
C22 A1LVV D . 4.89 5.63 -7.17
O29 A1LVV D . 4.55 -7.49 -8.62
C30 A1LVV D . 4.21 7.55 2.34
C31 A1LVV D . 5.75 8.79 0.77
C32 A1LVV D . 3.81 9.99 0.19
C33 A1LVV D . 3.40 10.85 -0.99
C34 A1LVV D . 2.20 10.21 -1.68
C35 A1LVV D . 1.82 11.02 -2.91
C36 A1LVV D . 1.00 10.18 -0.68
C37 A1LVV D . 1.53 9.88 0.74
C38 A1LVV D . 1.72 11.17 1.53
C39 A1LVV D . 7.12 8.78 0.07
C40 A1LVV D . 7.14 9.67 -1.16
C41 A1LVV D . 8.42 4.00 -5.40
C42 A1LVV D . 8.04 2.68 -5.97
C43 A1LVV D . 9.05 1.77 -6.38
C44 A1LVV D . 10.45 1.97 -5.93
C45 A1LVV D . 8.71 0.67 -7.15
C46 A1LVV D . 7.38 0.46 -7.54
C47 A1LVV D . 5.97 4.56 -3.72
C48 A1LVV D . 5.70 3.33 -2.83
C49 A1LVV D . 5.47 -2.05 -9.75
C55 A1LVV D . 4.74 0.08 -8.56
C56 A1LVV D . 7.07 -0.66 -8.39
C57 A1LVV D . 3.17 -1.16 -10.20
C58 A1LVV D . 3.42 -0.08 -9.16
H7 A1LVV D . 4.23 -2.56 -11.45
H6 A1LVV D . 4.90 -0.87 -11.49
H9 A1LVV D . 4.92 -4.69 -10.11
H11 A1LVV D . 6.98 -5.20 -9.15
H10 A1LVV D . 6.69 -4.07 -7.77
H13 A1LVV D . 6.83 -8.15 -7.29
H14 A1LVV D . 8.14 -6.89 -7.30
H12 A1LVV D . 7.24 -7.27 -8.83
H16 A1LVV D . 4.59 -7.42 -6.54
H18 A1LVV D . 5.14 -10.46 -9.78
H19 A1LVV D . 6.33 -9.92 -8.50
H17 A1LVV D . 6.04 -8.88 -9.97
H87 A1LVV D . 2.21 -7.06 -6.50
H88 A1LVV D . 1.97 -6.68 -8.27
H89 A1LVV D . 1.50 -5.45 -7.00
H30 A1LVV D . 10.98 5.32 -1.01
H31 A1LVV D . 9.63 6.44 -0.46
H32 A1LVV D . 10.27 6.56 -2.17
H34 A1LVV D . 6.04 5.43 1.14
H35 A1LVV D . 4.52 6.01 0.36
H20 A1LVV D . 3.84 -5.03 -6.42
H28 A1LVV D . 7.44 5.61 -6.67
H29 A1LVV D . 8.03 6.70 -2.27
H33 A1LVV D . 5.74 7.17 -1.39
H63 A1LVV D . 4.37 5.20 -2.80
H3 A1LVV D . 7.48 -2.41 -6.95
H98 A1LVV D . 8.58 -3.42 -8.01
H2 A1LVV D . 9.26 -2.01 -7.08
H5 A1LVV D . 1.46 -1.13 -11.19
H15 A1LVV D . 6.10 -4.68 -6.02
H24 A1LVV D . 3.43 2.19 -8.00
H39 A1LVV D . 6.47 6.54 3.05
H47 A1LVV D . 3.03 8.45 -1.36
H49 A1LVV D . -0.58 11.28 -1.07
H27 A1LVV D . 5.01 4.71 -7.79
H25 A1LVV D . 3.92 6.14 -7.43
H26 A1LVV D . 5.74 6.33 -7.35
H38 A1LVV D . 4.31 7.03 3.33
H36 A1LVV D . 3.41 7.05 1.74
H37 A1LVV D . 3.93 8.62 2.52
H40 A1LVV D . 5.73 9.66 1.48
H41 A1LVV D . 4.22 10.64 1.02
H42 A1LVV D . 4.24 10.93 -1.72
H43 A1LVV D . 3.13 11.87 -0.61
H45 A1LVV D . 2.56 10.82 -3.73
H46 A1LVV D . 1.82 12.11 -2.65
H44 A1LVV D . 0.79 10.71 -3.25
H48 A1LVV D . 0.30 9.33 -0.98
H50 A1LVV D . 0.82 9.18 1.26
H52 A1LVV D . 2.52 11.80 1.05
H53 A1LVV D . 2.02 10.93 2.58
H51 A1LVV D . 0.76 11.75 1.55
H54 A1LVV D . 7.90 9.12 0.80
H56 A1LVV D . 6.32 9.39 -1.87
H57 A1LVV D . 8.12 9.58 -1.70
H55 A1LVV D . 7.00 10.74 -0.87
H58 A1LVV D . 9.45 4.33 -5.66
H59 A1LVV D . 11.05 1.06 -6.16
H60 A1LVV D . 10.48 2.15 -4.83
H61 A1LVV D . 10.90 2.85 -6.46
H62 A1LVV D . 9.50 -0.03 -7.48
H1 A1LVV D . 4.58 3.19 -2.78
H64 A1LVV D . 6.09 3.56 -1.80
H66 A1LVV D . 6.41 -2.45 -10.20
H4 A1LVV D . 2.65 -2.03 -9.68
O5' 3D1 A 1 3.93 7.39 -13.80
C5' 3D1 A 1 2.80 8.21 -14.10
C4' 3D1 A 1 1.50 7.40 -14.09
O4' 3D1 A 1 1.55 6.47 -15.17
C1' 3D1 A 1 1.79 5.14 -14.66
N9 3D1 A 1 3.13 4.73 -15.07
C4 3D1 A 1 3.43 3.82 -16.05
N3 3D1 A 1 2.54 3.27 -16.92
C2 3D1 A 1 3.17 2.42 -17.73
N1 3D1 A 1 4.44 2.08 -17.77
C6 3D1 A 1 5.30 2.64 -16.89
N6 3D1 A 1 6.59 2.30 -16.92
C5 3D1 A 1 4.77 3.56 -15.97
N7 3D1 A 1 5.34 4.31 -14.95
C8 3D1 A 1 4.34 4.98 -14.45
C2' 3D1 A 1 1.59 5.17 -13.14
C3' 3D1 A 1 1.28 6.62 -12.81
O3' 3D1 A 1 -0.10 6.74 -12.44
H5'1 3D1 A 1 2.93 8.67 -15.08
H5'2 3D1 A 1 2.72 9.00 -13.35
H4' 3D1 A 1 0.66 8.06 -14.26
H1' 3D1 A 1 1.06 4.46 -15.09
H2 3D1 A 1 2.53 1.93 -18.47
HN61 3D1 A 1 6.92 1.64 -17.60
HN62 3D1 A 1 7.23 2.72 -16.26
H8 3D1 A 1 4.43 5.66 -13.61
H2'1 3D1 A 1 2.50 4.86 -12.63
H2'2 3D1 A 1 0.75 4.52 -12.85
H3' 3D1 A 1 1.93 6.99 -12.02
HO5' 3D1 A 1 4.21 7.60 -12.91
F GF2 A 5 -2.75 -7.64 3.49
P GF2 A 5 -3.11 -8.00 -2.18
N1 GF2 A 5 0.24 -2.26 2.58
C2 GF2 A 5 0.51 -3.33 3.41
N2 GF2 A 5 1.18 -3.07 4.53
N3 GF2 A 5 0.15 -4.58 3.12
C4 GF2 A 5 -0.51 -4.67 1.95
C5 GF2 A 5 -0.82 -3.66 1.08
C6 GF2 A 5 -0.42 -2.33 1.37
O6 GF2 A 5 -0.62 -1.31 0.70
N7 GF2 A 5 -1.50 -4.17 -0.03
C8 GF2 A 5 -1.59 -5.45 0.22
N9 GF2 A 5 -1.00 -5.82 1.39
C1' GF2 A 5 -0.90 -7.16 1.99
OP2 GF2 A 5 -3.83 -6.71 -2.18
C2' GF2 A 5 -2.24 -7.85 2.22
OP1 GF2 A 5 -3.85 -9.27 -2.38
C3' GF2 A 5 -1.92 -9.31 1.92
O3' GF2 A 5 -1.40 -9.92 3.11
C4' GF2 A 5 -0.85 -9.21 0.86
O4' GF2 A 5 -0.15 -7.99 1.09
C5' GF2 A 5 -1.40 -9.22 -0.57
O5' GF2 A 5 -2.27 -8.11 -0.81
HN1 GF2 A 5 0.56 -1.34 2.87
HN2 GF2 A 5 1.45 -2.12 4.76
HN2A GF2 A 5 1.39 -3.83 5.17
H8 GF2 A 5 -2.08 -6.15 -0.46
H1' GF2 A 5 -0.36 -7.09 2.94
H2' GF2 A 5 -2.97 -7.48 1.50
H3' GF2 A 5 -2.80 -9.83 1.56
H4' GF2 A 5 -0.15 -10.04 0.98
H5' GF2 A 5 -0.58 -9.17 -1.27
H5'A GF2 A 5 -1.96 -10.14 -0.73
F GF2 A 6 -4.75 -6.54 8.45
P GF2 A 6 -2.38 -10.46 4.26
N1 GF2 A 6 -4.05 -0.63 6.23
C2 GF2 A 6 -3.46 -1.29 7.28
N2 GF2 A 6 -2.99 -0.53 8.28
N3 GF2 A 6 -3.34 -2.62 7.34
C4 GF2 A 6 -3.87 -3.24 6.25
C5 GF2 A 6 -4.48 -2.65 5.16
C6 GF2 A 6 -4.61 -1.23 5.11
O6 GF2 A 6 -5.11 -0.54 4.22
N7 GF2 A 6 -4.89 -3.62 4.26
C8 GF2 A 6 -4.53 -4.74 4.82
N9 GF2 A 6 -3.90 -4.59 6.02
C1' GF2 A 6 -3.22 -5.62 6.85
OP2 GF2 A 6 -3.70 -10.78 3.66
C2' GF2 A 6 -4.07 -6.84 7.30
OP1 GF2 A 6 -1.67 -11.50 5.06
C3' GF2 A 6 -2.92 -7.84 7.63
O3' GF2 A 6 -2.48 -7.71 8.98
C4' GF2 A 6 -1.77 -7.42 6.71
O4' GF2 A 6 -2.19 -6.22 6.06
C5' GF2 A 6 -1.39 -8.48 5.69
O5' GF2 A 6 -2.54 -9.15 5.16
HN1 GF2 A 6 -4.10 0.39 6.25
HN2 GF2 A 6 -3.07 0.48 8.23
HN2A GF2 A 6 -2.54 -0.96 9.07
H8 GF2 A 6 -4.72 -5.71 4.36
H1' GF2 A 6 -2.76 -5.11 7.70
H2' GF2 A 6 -4.78 -7.21 6.52
H3' GF2 A 6 -3.19 -8.87 7.42
H4' GF2 A 6 -0.90 -7.19 7.33
H5' GF2 A 6 -0.86 -8.00 4.86
H5'A GF2 A 6 -0.73 -9.21 6.15
O5' 3D1 B 1 -14.00 4.05 6.38
C5' 3D1 B 1 -14.45 5.09 5.51
C4' 3D1 B 1 -13.40 6.19 5.38
O4' 3D1 B 1 -13.25 6.84 6.64
C1' 3D1 B 1 -12.01 6.44 7.24
N9 3D1 B 1 -12.33 5.59 8.41
C4 3D1 B 1 -12.24 5.99 9.72
N3 3D1 B 1 -12.02 7.24 10.17
C2 3D1 B 1 -12.00 7.25 11.49
N1 3D1 B 1 -12.14 6.25 12.35
C6 3D1 B 1 -12.36 5.01 11.87
N6 3D1 B 1 -12.51 3.99 12.72
C5 3D1 B 1 -12.41 4.86 10.47
N7 3D1 B 1 -12.61 3.75 9.65
C8 3D1 B 1 -12.55 4.24 8.45
C2' 3D1 B 1 -11.16 5.73 6.18
C3' 3D1 B 1 -12.04 5.69 4.93
O3' 3D1 B 1 -11.52 6.59 3.95
H5'1 3D1 B 1 -15.38 5.51 5.92
H5'2 3D1 B 1 -14.66 4.66 4.54
H4' 3D1 B 1 -13.76 6.93 4.66
H1' 3D1 B 1 -11.48 7.33 7.59
H2 3D1 B 1 -11.82 8.23 11.95
HN61 3D1 B 1 -12.45 4.16 13.72
HN62 3D1 B 1 -12.66 3.06 12.38
H8 3D1 B 1 -12.66 3.63 7.55
H2'1 3D1 B 1 -10.93 4.72 6.50
H2'2 3D1 B 1 -10.26 6.30 5.98
H3' 3D1 B 1 -12.11 4.68 4.55
HO5' 3D1 B 1 -13.65 3.35 5.83
F GF2 B 5 8.62 1.38 0.90
P GF2 B 5 6.83 4.50 5.74
N1 GF2 B 5 3.13 -0.88 -0.71
C2 GF2 B 5 4.30 -1.53 -0.35
N2 GF2 B 5 4.50 -2.72 -0.90
N3 GF2 B 5 5.21 -1.02 0.48
C4 GF2 B 5 4.86 0.20 0.94
C5 GF2 B 5 3.72 0.92 0.65
C6 GF2 B 5 2.76 0.38 -0.26
O6 GF2 B 5 1.69 0.87 -0.62
N7 GF2 B 5 3.73 2.14 1.32
C8 GF2 B 5 4.85 2.11 1.99
N9 GF2 B 5 5.58 0.97 1.81
C1' GF2 B 5 6.88 0.59 2.41
OP2 GF2 B 5 6.27 5.54 4.84
C2' GF2 B 5 8.01 1.57 2.12
OP1 GF2 B 5 7.99 4.82 6.60
C3' GF2 B 5 8.91 1.32 3.32
O3' GF2 B 5 9.78 0.23 3.03
C4' GF2 B 5 7.96 0.92 4.43
O4' GF2 B 5 6.71 0.55 3.83
C5' GF2 B 5 7.72 2.02 5.46
O5' GF2 B 5 7.19 3.21 4.85
HN1 GF2 B 5 2.50 -1.33 -1.35
HN2 GF2 B 5 3.82 -3.11 -1.54
HN2A GF2 B 5 5.34 -3.24 -0.68
H8 GF2 B 5 5.17 2.93 2.64
H1' GF2 B 5 7.14 -0.40 2.04
H2' GF2 B 5 7.62 2.60 2.17
H3' GF2 B 5 9.46 2.21 3.60
H4' GF2 B 5 8.36 0.04 4.94
H5' GF2 B 5 7.01 1.67 6.21
H5'A GF2 B 5 8.66 2.27 5.94
F GF2 B 6 10.71 -0.44 -4.08
P GF2 B 6 11.06 0.44 2.07
N1 GF2 B 6 4.59 -0.08 -5.76
C2 GF2 B 6 5.48 -1.13 -5.73
N2 GF2 B 6 5.22 -2.15 -6.55
N3 GF2 B 6 6.55 -1.16 -4.93
C4 GF2 B 6 6.66 -0.05 -4.17
C5 GF2 B 6 5.83 1.03 -4.14
C6 GF2 B 6 4.68 1.07 -5.00
O6 GF2 B 6 3.84 1.96 -5.10
N7 GF2 B 6 6.29 1.97 -3.22
C8 GF2 B 6 7.37 1.43 -2.73
N9 GF2 B 6 7.66 0.20 -3.25
C1' GF2 B 6 8.69 -0.77 -2.83
OP2 GF2 B 6 11.40 1.87 1.95
C2' GF2 B 6 10.17 -0.28 -2.83
OP1 GF2 B 6 12.09 -0.52 2.53
C3' GF2 B 6 10.78 -1.32 -1.85
O3' GF2 B 6 11.23 -2.49 -2.55
C4' GF2 B 6 9.64 -1.73 -0.93
O4' GF2 B 6 8.47 -1.08 -1.43
C5' GF2 B 6 9.86 -1.34 0.53
O5' GF2 B 6 10.51 -0.07 0.65
HN1 GF2 B 6 3.80 -0.13 -6.40
HN2 GF2 B 6 4.41 -2.13 -7.16
HN2A GF2 B 6 5.83 -2.95 -6.57
H8 GF2 B 6 7.98 1.92 -1.97
H1' GF2 B 6 8.57 -1.68 -3.41
H2' GF2 B 6 10.29 0.78 -2.50
H3' GF2 B 6 11.60 -0.91 -1.26
H4' GF2 B 6 9.50 -2.80 -0.99
H5' GF2 B 6 8.90 -1.30 1.04
H5'A GF2 B 6 10.49 -2.09 1.00
C14 A1LVV C . 1.59 1.68 13.16
C11 A1LVV C . -0.51 -0.50 11.62
C7 A1LVV C . -5.35 2.54 10.30
C9 A1LVV C . -2.38 1.26 11.06
C10 A1LVV C . -2.01 -0.14 11.58
C12 A1LVV C . -0.17 -1.08 12.98
C13 A1LVV C . 0.40 0.71 11.32
C3 A1LVV C . -5.39 0.29 9.25
C15 A1LVV C . 1.45 1.25 14.59
C17 A1LVV C . 0.84 2.58 9.70
C20 A1LVV C . -6.99 -2.18 6.12
C24 A1LVV C . -7.83 -4.59 3.21
C26 A1LVV C . -8.14 -8.01 2.62
C28 A1LVV C . -6.08 -5.55 -1.11
C16 A1LVV C . -0.10 1.45 10.09
C18 A1LVV C . -6.11 0.11 6.92
C23 A1LVV C . -8.94 -3.22 4.52
C25 A1LVV C . -7.70 -5.77 2.24
C27 A1LVV C . -7.26 -5.49 -0.13
C29 A1LVV C . -6.51 -6.16 -2.44
O10 A1LVV C . -7.05 -1.63 4.86
O21 A1LVV C . -7.48 -4.99 4.53
O22 A1LVV C . -7.42 -2.85 1.55
C1 A1LVV C . -4.30 -2.44 10.68
O1 A1LVV C . -5.48 -1.64 10.72
O2 A1LVV C . -5.54 2.83 6.65
O3 A1LVV C . -5.69 4.45 8.90
O4 A1LVV C . -3.39 1.11 10.08
O5 A1LVV C . -0.28 -1.48 10.61
O7 A1LVV C . 2.61 2.07 12.60
O8 A1LVV C . -1.43 1.94 10.23
O9 A1LVV C . -6.36 0.55 5.67
O11 A1LVV C . -8.39 -1.18 3.19
O12 A1LVV C . -9.19 -4.11 3.40
O13 A1LVV C . -7.30 -6.91 2.98
O14 A1LVV C . -6.76 -5.63 1.21
O15 A1LVV C . -6.25 -7.56 -2.42
O16 A1LVV C . -8.37 -4.54 -2.57
O17 A1LVV C . -8.61 -1.66 -2.49
O18 A1LVV C . -9.35 -0.90 -5.96
C19 A1LVV C . -6.42 -1.34 7.13
O19 A1LVV C . -7.48 -3.46 -4.22
O20 A1LVV C . -8.05 -6.67 -0.25
C21 A1LVV C . -7.85 -2.27 3.89
C22 A1LVV C . -9.41 -0.42 3.85
O29 A1LVV C . 0.41 1.57 12.46
C30 A1LVV C . -5.78 -5.52 -3.60
C31 A1LVV C . -8.05 -5.94 -2.59
C32 A1LVV C . -8.71 -4.11 -3.89
C33 A1LVV C . -9.91 -3.15 -3.86
C34 A1LVV C . -9.39 -1.72 -3.68
C35 A1LVV C . -10.56 -0.75 -3.57
C36 A1LVV C . -8.51 -1.34 -4.90
C37 A1LVV C . -7.67 -2.57 -5.32
C38 A1LVV C . -8.30 -3.29 -6.50
C39 A1LVV C . -8.83 -6.64 -1.45
C40 A1LVV C . -10.19 -6.02 -1.22
C41 A1LVV C . -8.25 -4.21 5.48
C42 A1LVV C . -7.39 -3.48 6.43
C43 A1LVV C . -7.17 -3.99 7.73
C44 A1LVV C . -7.54 -5.40 8.04
C45 A1LVV C . -6.60 -3.20 8.72
C46 A1LVV C . -6.23 -1.87 8.42
C47 A1LVV C . -7.08 -3.23 2.87
C48 A1LVV C . -5.57 -3.44 2.91
C49 A1LVV C . -4.79 1.13 10.35
C55 A1LVV C . -5.65 0.88 7.97
C56 A1LVV C . -5.68 -1.05 9.46
C57 A1LVV C . -5.02 3.20 8.97
C58 A1LVV C . -5.43 2.32 7.79
H7 A1LVV C . -4.87 3.15 11.11
H6 A1LVV C . -6.45 2.51 10.45
H9 A1LVV C . -2.69 1.94 11.89
H11 A1LVV C . -2.43 -0.26 12.61
H10 A1LVV C . -2.52 -0.88 10.91
H13 A1LVV C . 0.94 -1.01 13.15
H14 A1LVV C . -0.48 -2.15 13.04
H12 A1LVV C . -0.69 -0.50 13.79
H16 A1LVV C . 1.44 0.33 11.12
H18 A1LVV C . 2.00 1.96 15.24
H19 A1LVV C . 1.88 0.23 14.70
H17 A1LVV C . 0.36 1.24 14.86
H87 A1LVV C . 1.89 2.20 9.69
H88 A1LVV C . 0.74 3.40 10.45
H89 A1LVV C . 0.56 2.96 8.68
H30 A1LVV C . -7.84 -8.92 3.20
H31 A1LVV C . -8.02 -8.21 1.52
H32 A1LVV C . -9.20 -7.75 2.84
H34 A1LVV C . -5.27 -6.18 -0.65
H35 A1LVV C . -5.67 -4.52 -1.27
H20 A1LVV C . -0.20 0.69 9.24
H28 A1LVV C . -9.90 -2.78 4.83
H29 A1LVV C . -8.67 -5.89 1.70
H33 A1LVV C . -7.88 -4.58 -0.27
H63 A1LVV C . -6.63 -2.50 1.11
H3 A1LVV C . -3.74 -2.30 11.63
H98 A1LVV C . -3.67 -2.13 9.81
H2 A1LVV C . -4.59 -3.51 10.56
H5 A1LVV C . -5.05 5.16 8.72
H15 A1LVV C . -0.93 -1.39 9.90
H24 A1LVV C . -6.66 1.48 5.71
H39 A1LVV C . -5.29 -7.70 -2.38
H47 A1LVV C . -8.05 -2.45 -2.42
H49 A1LVV C . -9.17 0.03 -6.15
H27 A1LVV C . -9.14 0.67 3.79
H25 A1LVV C . -9.47 -0.74 4.92
H26 A1LVV C . -10.38 -0.59 3.34
H38 A1LVV C . -4.89 -6.15 -3.87
H36 A1LVV C . -5.43 -4.50 -3.31
H37 A1LVV C . -6.46 -5.44 -4.48
H40 A1LVV C . -8.37 -6.39 -3.58
H41 A1LVV C . -8.93 -4.95 -4.60
H42 A1LVV C . -10.59 -3.41 -3.01
H43 A1LVV C . -10.47 -3.23 -4.83
H45 A1LVV C . -11.05 -0.87 -2.57
H46 A1LVV C . -11.29 -0.97 -4.39
H44 A1LVV C . -10.18 0.29 -3.67
H48 A1LVV C . -7.80 -0.52 -4.61
H50 A1LVV C . -6.63 -2.23 -5.58
H52 A1LVV C . -9.30 -3.72 -6.20
H53 A1LVV C . -7.63 -4.14 -6.83
H51 A1LVV C . -8.45 -2.59 -7.35
H54 A1LVV C . -8.95 -7.73 -1.73
H56 A1LVV C . -10.08 -4.92 -1.02
H57 A1LVV C . -10.69 -6.49 -0.34
H55 A1LVV C . -10.84 -6.15 -2.12
H58 A1LVV C . -8.97 -4.91 5.96
H59 A1LVV C . -7.11 -5.71 9.03
H60 A1LVV C . -7.11 -6.08 7.26
H61 A1LVV C . -8.65 -5.52 8.07
H62 A1LVV C . -6.45 -3.61 9.73
H1 A1LVV C . -5.09 -2.55 2.40
H64 A1LVV C . -5.33 -4.37 2.32
H66 A1LVV C . -4.98 0.66 11.35
H4 A1LVV C . -3.91 3.37 8.90
C14 A1LVV D . 4.50 -8.90 -8.53
C11 A1LVV D . 6.12 -6.13 -7.39
C7 A1LVV D . 4.47 -1.69 -10.83
C9 A1LVV D . 4.98 -4.44 -9.03
C10 A1LVV D . 6.26 -4.94 -8.35
C12 A1LVV D . 7.16 -7.19 -7.72
C13 A1LVV D . 4.71 -6.76 -7.43
C3 A1LVV D . 5.78 -0.88 -8.88
C15 A1LVV D . 5.60 -9.60 -9.24
C17 A1LVV D . 2.25 -6.29 -7.28
C20 A1LVV D . 6.69 2.44 -6.31
C24 A1LVV D . 7.42 5.02 -3.52
C26 A1LVV D . 10.00 5.85 -1.31
C28 A1LVV D . 5.51 6.27 0.65
C16 A1LVV D . 3.64 -5.68 -7.33
C18 A1LVV D . 4.97 1.10 -7.68
C23 A1LVV D . 7.32 5.03 -5.71
C25 A1LVV D . 7.86 5.57 -2.15
C27 A1LVV D . 6.31 6.62 -0.60
C29 A1LVV D . 5.47 7.46 1.61
O10 A1LVV D . 5.63 3.20 -5.87
O21 A1LVV D . 8.33 3.98 -3.93
O22 A1LVV D . 5.07 5.56 -3.28
C1 A1LVV D . 8.37 -2.41 -7.62
O1 A1LVV D . 8.09 -1.55 -8.72
O2 A1LVV D . 2.46 0.62 -8.81
O3 A1LVV D . 2.32 -0.72 -11.24
O4 A1LVV D . 4.93 -3.03 -8.84
O5 A1LVV D . 6.34 -5.65 -6.06
O7 A1LVV D . 3.59 -9.40 -7.87
O8 A1LVV D . 3.73 -4.75 -8.41
O9 A1LVV D . 4.05 2.02 -7.29
O11 A1LVV D . 4.83 5.24 -5.79
O12 A1LVV D . 7.55 5.97 -4.62
O13 A1LVV D . 9.03 4.89 -1.74
O14 A1LVV D . 6.94 5.43 -1.10
O15 A1LVV D . 6.53 7.33 2.56
O16 A1LVV D . 4.66 8.92 -0.20
O17 A1LVV D . 2.48 8.83 -2.06
O18 A1LVV D . 0.26 11.36 -0.72
C19 A1LVV D . 6.34 1.32 -7.14
O19 A1LVV D . 2.70 9.11 0.68
O20 A1LVV D . 7.46 7.41 -0.27
C21 A1LVV D . 5.91 4.47 -5.31
C22 A1LVV D . 4.86 5.61 -7.17
O29 A1LVV D . 4.58 -7.53 -8.63
C30 A1LVV D . 4.15 7.51 2.35
C31 A1LVV D . 5.69 8.76 0.78
C32 A1LVV D . 3.75 9.95 0.21
C33 A1LVV D . 3.34 10.81 -0.99
C34 A1LVV D . 2.13 10.17 -1.67
C35 A1LVV D . 1.76 10.97 -2.91
C36 A1LVV D . 0.94 10.12 -0.68
C37 A1LVV D . 1.46 9.84 0.74
C38 A1LVV D . 1.64 11.12 1.54
C39 A1LVV D . 7.06 8.75 0.08
C40 A1LVV D . 7.08 9.65 -1.14
C41 A1LVV D . 8.39 3.98 -5.38
C42 A1LVV D . 8.02 2.66 -5.96
C43 A1LVV D . 9.03 1.76 -6.35
C44 A1LVV D . 10.42 1.96 -5.92
C45 A1LVV D . 8.70 0.66 -7.14
C46 A1LVV D . 7.37 0.44 -7.54
C47 A1LVV D . 5.94 4.53 -3.72
C48 A1LVV D . 5.66 3.30 -2.83
C49 A1LVV D . 5.47 -2.06 -9.74
C55 A1LVV D . 4.73 0.05 -8.56
C56 A1LVV D . 7.06 -0.68 -8.39
C57 A1LVV D . 3.17 -1.20 -10.20
C58 A1LVV D . 3.41 -0.11 -9.16
H7 A1LVV D . 4.24 -2.59 -11.45
H6 A1LVV D . 4.90 -0.90 -11.48
H9 A1LVV D . 4.93 -4.72 -10.10
H11 A1LVV D . 7.00 -5.22 -9.16
H10 A1LVV D . 6.70 -4.09 -7.77
H13 A1LVV D . 6.86 -8.18 -7.29
H14 A1LVV D . 8.16 -6.90 -7.30
H12 A1LVV D . 7.26 -7.30 -8.83
H16 A1LVV D . 4.61 -7.46 -6.54
H18 A1LVV D . 5.18 -10.48 -9.79
H19 A1LVV D . 6.36 -9.94 -8.50
H17 A1LVV D . 6.07 -8.89 -9.97
H87 A1LVV D . 2.23 -7.10 -6.51
H88 A1LVV D . 1.99 -6.71 -8.29
H89 A1LVV D . 1.52 -5.49 -7.01
H30 A1LVV D . 10.94 5.31 -0.99
H31 A1LVV D . 9.58 6.42 -0.44
H32 A1LVV D . 10.22 6.55 -2.15
H34 A1LVV D . 6.00 5.40 1.15
H35 A1LVV D . 4.46 5.98 0.37
H20 A1LVV D . 3.86 -5.06 -6.41
H28 A1LVV D . 7.40 5.59 -6.66
H29 A1LVV D . 7.99 6.69 -2.26
H33 A1LVV D . 5.69 7.13 -1.38
H63 A1LVV D . 4.32 5.16 -2.79
H3 A1LVV D . 7.48 -2.43 -6.94
H98 A1LVV D . 8.58 -3.44 -8.01
H2 A1LVV D . 9.26 -2.02 -7.06
H5 A1LVV D . 1.47 -1.17 -11.20
H15 A1LVV D . 6.11 -4.71 -6.01
H24 A1LVV D . 3.41 2.16 -8.00
H39 A1LVV D . 6.42 6.51 3.06
H47 A1LVV D . 2.98 8.40 -1.35
H49 A1LVV D . -0.64 11.23 -1.07
H27 A1LVV D . 4.98 4.69 -7.79
H25 A1LVV D . 3.88 6.11 -7.43
H26 A1LVV D . 5.70 6.31 -7.35
H38 A1LVV D . 4.25 6.99 3.34
H36 A1LVV D . 3.35 7.01 1.75
H37 A1LVV D . 3.87 8.58 2.53
H40 A1LVV D . 5.66 9.64 1.49
H41 A1LVV D . 4.15 10.60 1.03
H42 A1LVV D . 4.18 10.90 -1.72
H43 A1LVV D . 3.06 11.83 -0.61
H45 A1LVV D . 2.50 10.78 -3.72
H46 A1LVV D . 1.75 12.06 -2.65
H44 A1LVV D . 0.74 10.67 -3.25
H48 A1LVV D . 0.24 9.29 -0.98
H50 A1LVV D . 0.76 9.13 1.27
H52 A1LVV D . 2.44 11.76 1.06
H53 A1LVV D . 1.95 10.88 2.59
H51 A1LVV D . 0.68 11.70 1.55
H54 A1LVV D . 7.85 9.09 0.81
H56 A1LVV D . 6.26 9.36 -1.85
H57 A1LVV D . 8.06 9.55 -1.68
H55 A1LVV D . 6.93 10.72 -0.84
H58 A1LVV D . 9.42 4.32 -5.65
H59 A1LVV D . 11.04 1.05 -6.15
H60 A1LVV D . 10.46 2.14 -4.81
H61 A1LVV D . 10.88 2.85 -6.44
H62 A1LVV D . 9.49 -0.03 -7.47
H1 A1LVV D . 4.55 3.16 -2.78
H64 A1LVV D . 6.05 3.53 -1.79
H66 A1LVV D . 6.41 -2.48 -10.21
H4 A1LVV D . 2.66 -2.05 -9.68
#